data_1FH3
#
_entry.id   1FH3
#
_cell.length_a   1.000
_cell.length_b   1.000
_cell.length_c   1.000
_cell.angle_alpha   90.00
_cell.angle_beta   90.00
_cell.angle_gamma   90.00
#
_symmetry.space_group_name_H-M   'P 1'
#
_entity_poly.entity_id   1
_entity_poly.type   'polypeptide(L)'
_entity_poly.pdbx_seq_one_letter_code
;VRDGYIAQPENCVYHCFPGSSGCDTLCKEKGGTSGHCGFKVGHGLACWCNALPDNVGIIVEGEKCHS(NH2)
;
_entity_poly.pdbx_strand_id   A
#
# COMPACT_ATOMS: atom_id res chain seq x y z
N VAL A 1 9.96 -10.97 1.48
CA VAL A 1 9.22 -9.88 0.80
C VAL A 1 8.07 -10.43 0.00
N ARG A 2 7.20 -9.55 -0.54
CA ARG A 2 6.08 -9.94 -1.36
C ARG A 2 5.97 -8.77 -2.29
N ASP A 3 4.98 -8.78 -3.20
CA ASP A 3 4.64 -7.66 -4.04
C ASP A 3 3.17 -7.60 -3.77
N GLY A 4 2.61 -6.40 -3.47
CA GLY A 4 1.25 -6.32 -3.02
C GLY A 4 0.75 -4.93 -3.19
N TYR A 5 -0.55 -4.73 -2.90
CA TYR A 5 -1.15 -3.43 -2.72
C TYR A 5 -0.76 -2.99 -1.35
N ILE A 6 -0.18 -1.78 -1.19
CA ILE A 6 0.14 -1.30 0.13
C ILE A 6 -1.07 -0.54 0.61
N ALA A 7 -1.35 -0.74 1.91
CA ALA A 7 -2.29 0.01 2.66
C ALA A 7 -1.51 0.98 3.53
N GLN A 8 -1.85 0.96 4.83
CA GLN A 8 -1.31 1.71 5.89
C GLN A 8 -1.45 0.63 6.92
N PRO A 9 -0.68 0.58 8.00
CA PRO A 9 -0.83 -0.45 9.02
C PRO A 9 -2.12 -0.25 9.79
N GLU A 10 -3.15 -1.11 9.66
CA GLU A 10 -3.21 -2.34 8.92
C GLU A 10 -4.64 -2.26 8.50
N ASN A 11 -5.03 -3.05 7.46
CA ASN A 11 -6.41 -3.38 7.18
C ASN A 11 -7.07 -2.17 6.53
N CYS A 12 -6.26 -1.35 5.85
CA CYS A 12 -6.67 -0.09 5.27
C CYS A 12 -6.44 -0.20 3.79
N VAL A 13 -6.31 0.94 3.10
CA VAL A 13 -5.73 1.10 1.80
C VAL A 13 -4.99 2.36 2.13
N TYR A 14 -4.06 2.81 1.26
CA TYR A 14 -3.57 4.18 1.25
C TYR A 14 -4.42 4.77 0.16
N HIS A 15 -4.16 5.99 -0.31
CA HIS A 15 -4.82 6.49 -1.47
C HIS A 15 -3.61 6.97 -2.17
N CYS A 16 -3.66 6.99 -3.52
CA CYS A 16 -2.53 7.27 -4.35
C CYS A 16 -2.96 8.50 -5.01
N PHE A 17 -1.98 9.19 -5.60
CA PHE A 17 -2.15 10.41 -6.31
C PHE A 17 -1.78 9.90 -7.68
N PRO A 18 -2.68 9.82 -8.67
CA PRO A 18 -2.37 9.20 -9.94
C PRO A 18 -1.19 9.85 -10.62
N GLY A 19 -0.22 9.04 -11.08
CA GLY A 19 1.09 9.52 -11.41
C GLY A 19 1.96 8.54 -10.73
N SER A 20 1.76 8.40 -9.39
CA SER A 20 2.41 7.51 -8.45
C SER A 20 3.08 8.36 -7.43
N SER A 21 3.40 9.62 -7.81
CA SER A 21 4.44 10.46 -7.28
C SER A 21 4.65 10.38 -5.79
N GLY A 22 3.60 10.75 -5.01
CA GLY A 22 3.75 10.80 -3.57
C GLY A 22 3.82 9.43 -2.97
N CYS A 23 3.02 8.47 -3.49
CA CYS A 23 2.82 7.19 -2.84
C CYS A 23 4.01 6.31 -3.09
N ASP A 24 4.68 6.53 -4.25
CA ASP A 24 5.95 5.92 -4.59
C ASP A 24 6.98 6.30 -3.55
N THR A 25 7.11 7.60 -3.22
CA THR A 25 8.02 8.04 -2.18
C THR A 25 7.64 7.49 -0.82
N LEU A 26 6.32 7.32 -0.52
CA LEU A 26 5.88 6.74 0.74
C LEU A 26 6.30 5.29 0.83
N CYS A 27 6.19 4.56 -0.30
CA CYS A 27 6.60 3.18 -0.39
C CYS A 27 8.08 3.04 -0.10
N LYS A 28 8.91 3.95 -0.67
CA LYS A 28 10.35 3.89 -0.51
C LYS A 28 10.80 4.21 0.88
N GLU A 29 10.11 5.12 1.61
CA GLU A 29 10.50 5.45 2.98
C GLU A 29 10.07 4.36 3.94
N LYS A 30 9.07 3.53 3.58
CA LYS A 30 8.67 2.40 4.39
C LYS A 30 9.56 1.22 4.10
N GLY A 31 9.88 1.00 2.80
CA GLY A 31 10.96 0.14 2.43
C GLY A 31 10.55 -0.81 1.34
N GLY A 32 9.90 -0.29 0.28
CA GLY A 32 9.59 -1.05 -0.90
C GLY A 32 10.35 -0.39 -1.98
N THR A 33 10.99 -1.20 -2.87
CA THR A 33 11.96 -0.75 -3.84
C THR A 33 11.28 -0.32 -5.12
N SER A 34 9.95 -0.41 -5.20
CA SER A 34 9.20 0.21 -6.25
C SER A 34 7.86 0.27 -5.63
N GLY A 35 6.95 1.09 -6.19
CA GLY A 35 5.65 1.32 -5.68
C GLY A 35 5.04 1.91 -6.88
N HIS A 36 3.71 2.10 -6.91
CA HIS A 36 2.98 2.55 -8.07
C HIS A 36 1.69 2.94 -7.42
N CYS A 37 0.64 3.26 -8.21
CA CYS A 37 -0.72 3.39 -7.74
C CYS A 37 -1.38 2.09 -8.08
N GLY A 38 -2.64 1.89 -7.65
CA GLY A 38 -3.41 0.79 -8.12
C GLY A 38 -4.74 1.06 -7.52
N PHE A 39 -5.72 0.16 -7.73
CA PHE A 39 -7.04 0.27 -7.19
C PHE A 39 -7.21 -1.15 -6.74
N LYS A 40 -7.86 -1.36 -5.57
CA LYS A 40 -8.20 -2.68 -5.11
C LYS A 40 -9.67 -2.59 -4.86
N VAL A 41 -10.49 -3.23 -5.73
CA VAL A 41 -11.92 -3.18 -5.61
C VAL A 41 -12.28 -3.99 -4.40
N GLY A 42 -13.01 -3.37 -3.47
CA GLY A 42 -13.15 -3.89 -2.15
C GLY A 42 -13.18 -2.63 -1.35
N HIS A 43 -12.00 -2.05 -1.07
CA HIS A 43 -11.91 -0.81 -0.32
C HIS A 43 -12.02 0.32 -1.30
N GLY A 44 -11.11 0.41 -2.28
CA GLY A 44 -11.13 1.53 -3.17
C GLY A 44 -9.77 1.70 -3.73
N LEU A 45 -9.35 2.99 -3.86
CA LEU A 45 -8.08 3.43 -4.36
C LEU A 45 -7.04 2.96 -3.38
N ALA A 46 -5.83 2.55 -3.82
CA ALA A 46 -4.85 2.03 -2.92
C ALA A 46 -3.55 2.36 -3.56
N CYS A 47 -2.41 1.90 -3.00
CA CYS A 47 -1.14 2.11 -3.66
C CYS A 47 -0.60 0.72 -3.76
N TRP A 48 0.60 0.55 -4.35
CA TRP A 48 1.17 -0.74 -4.58
C TRP A 48 2.57 -0.60 -4.08
N CYS A 49 3.19 -1.72 -3.60
CA CYS A 49 4.57 -1.76 -3.21
C CYS A 49 5.12 -3.08 -3.68
N ASN A 50 6.34 -3.03 -4.26
CA ASN A 50 7.11 -4.19 -4.63
C ASN A 50 8.18 -4.23 -3.60
N ALA A 51 8.45 -5.45 -3.05
CA ALA A 51 9.57 -5.75 -2.20
C ALA A 51 9.50 -5.03 -0.88
N LEU A 52 8.26 -4.98 -0.34
CA LEU A 52 8.03 -4.61 1.03
C LEU A 52 8.26 -5.85 1.85
N PRO A 53 8.91 -5.80 3.00
CA PRO A 53 8.97 -6.94 3.90
C PRO A 53 7.62 -7.22 4.53
N ASP A 54 7.47 -8.39 5.13
CA ASP A 54 6.21 -8.87 5.68
C ASP A 54 5.96 -8.27 7.04
N ASN A 55 6.96 -7.52 7.58
CA ASN A 55 6.83 -6.75 8.78
C ASN A 55 6.39 -5.34 8.45
N VAL A 56 5.86 -5.13 7.22
CA VAL A 56 5.22 -3.92 6.81
C VAL A 56 4.00 -4.61 6.24
N GLY A 57 2.86 -3.94 6.01
CA GLY A 57 1.72 -4.74 5.69
C GLY A 57 0.71 -3.87 5.08
N ILE A 58 -0.46 -4.47 4.76
CA ILE A 58 -1.17 -4.16 3.56
C ILE A 58 -2.67 -4.16 3.81
N ILE A 59 -3.44 -4.46 2.73
CA ILE A 59 -4.88 -4.53 2.71
C ILE A 59 -5.20 -5.83 3.40
N VAL A 60 -6.14 -5.83 4.35
CA VAL A 60 -6.53 -6.99 5.08
C VAL A 60 -7.97 -6.57 5.20
N GLU A 61 -8.89 -7.50 5.49
CA GLU A 61 -10.17 -7.16 6.00
C GLU A 61 -10.34 -8.29 6.94
N GLY A 62 -11.09 -8.06 8.02
CA GLY A 62 -11.15 -8.91 9.17
C GLY A 62 -11.49 -7.96 10.26
N GLU A 63 -10.83 -6.77 10.25
CA GLU A 63 -11.05 -5.77 11.25
C GLU A 63 -11.88 -4.67 10.64
N LYS A 64 -11.22 -3.62 10.11
CA LYS A 64 -11.72 -2.39 9.59
C LYS A 64 -10.40 -1.69 9.55
N CYS A 65 -10.33 -0.43 9.06
CA CYS A 65 -9.08 0.25 8.91
C CYS A 65 -8.67 0.80 10.25
N HIS A 66 -7.35 0.95 10.44
CA HIS A 66 -6.72 1.44 11.62
C HIS A 66 -6.16 2.78 11.24
N SER A 67 -4.89 3.01 11.60
CA SER A 67 -4.05 4.09 11.22
C SER A 67 -3.86 4.09 9.67
N VAL A 1 10.48 -10.49 2.25
CA VAL A 1 9.43 -9.54 1.79
C VAL A 1 8.21 -10.34 1.38
N ARG A 2 7.22 -9.68 0.78
CA ARG A 2 6.09 -10.27 0.15
C ARG A 2 5.73 -9.09 -0.69
N ASP A 3 4.72 -9.19 -1.57
CA ASP A 3 4.36 -8.14 -2.47
C ASP A 3 2.93 -8.02 -2.11
N GLY A 4 2.35 -6.80 -2.06
CA GLY A 4 0.97 -6.72 -1.71
C GLY A 4 0.57 -5.38 -2.18
N TYR A 5 -0.72 -5.06 -2.00
CA TYR A 5 -1.21 -3.71 -2.16
C TYR A 5 -0.86 -3.04 -0.87
N ILE A 6 -0.22 -1.86 -0.92
CA ILE A 6 0.27 -1.22 0.28
C ILE A 6 -0.91 -0.55 0.93
N ALA A 7 -1.01 -0.87 2.24
CA ALA A 7 -1.95 -0.33 3.18
C ALA A 7 -1.19 0.51 4.14
N GLN A 8 -1.87 0.93 5.22
CA GLN A 8 -1.25 1.51 6.37
C GLN A 8 -1.23 0.32 7.27
N PRO A 9 -0.30 0.17 8.22
CA PRO A 9 -0.46 -0.77 9.31
C PRO A 9 -1.66 -0.29 10.12
N GLU A 10 -2.55 -1.15 10.64
CA GLU A 10 -2.39 -2.58 10.75
C GLU A 10 -2.95 -3.23 9.53
N ASN A 11 -4.13 -2.73 9.10
CA ASN A 11 -4.82 -3.16 7.94
C ASN A 11 -5.46 -1.84 7.73
N CYS A 12 -5.61 -1.44 6.47
CA CYS A 12 -6.23 -0.22 6.00
C CYS A 12 -6.07 -0.41 4.53
N VAL A 13 -6.05 0.69 3.75
CA VAL A 13 -5.51 0.77 2.43
C VAL A 13 -4.69 2.01 2.64
N TYR A 14 -3.79 2.36 1.70
CA TYR A 14 -3.23 3.69 1.64
C TYR A 14 -4.07 4.38 0.59
N HIS A 15 -3.64 5.55 0.09
CA HIS A 15 -4.30 6.20 -1.02
C HIS A 15 -3.09 6.48 -1.84
N CYS A 16 -3.29 6.84 -3.10
CA CYS A 16 -2.26 7.03 -4.07
C CYS A 16 -2.96 8.06 -4.88
N PHE A 17 -2.23 8.73 -5.78
CA PHE A 17 -2.77 9.82 -6.54
C PHE A 17 -2.38 9.38 -7.91
N PRO A 18 -3.24 9.32 -8.94
CA PRO A 18 -2.87 8.85 -10.26
C PRO A 18 -1.67 9.58 -10.82
N GLY A 19 -0.61 8.84 -11.20
CA GLY A 19 0.67 9.42 -11.47
C GLY A 19 1.60 8.63 -10.62
N SER A 20 1.21 8.44 -9.33
CA SER A 20 1.80 7.57 -8.34
C SER A 20 2.83 8.25 -7.50
N SER A 21 3.09 9.56 -7.74
CA SER A 21 4.18 10.33 -7.20
C SER A 21 4.21 10.33 -5.68
N GLY A 22 3.03 10.51 -5.06
CA GLY A 22 2.93 10.55 -3.63
C GLY A 22 3.14 9.21 -3.02
N CYS A 23 2.52 8.14 -3.56
CA CYS A 23 2.61 6.86 -2.91
C CYS A 23 3.93 6.19 -3.24
N ASP A 24 4.59 6.57 -4.37
CA ASP A 24 5.98 6.22 -4.63
C ASP A 24 6.84 6.66 -3.47
N THR A 25 6.60 7.86 -2.94
CA THR A 25 7.32 8.39 -1.80
C THR A 25 7.08 7.51 -0.58
N LEU A 26 5.81 7.13 -0.31
CA LEU A 26 5.45 6.28 0.83
C LEU A 26 6.06 4.91 0.66
N CYS A 27 6.03 4.40 -0.58
CA CYS A 27 6.60 3.11 -0.93
C CYS A 27 8.08 3.12 -0.71
N LYS A 28 8.77 4.23 -1.08
CA LYS A 28 10.22 4.29 -0.99
C LYS A 28 10.67 4.38 0.44
N GLU A 29 9.93 5.11 1.30
CA GLU A 29 10.30 5.27 2.69
C GLU A 29 10.03 4.01 3.48
N LYS A 30 8.99 3.21 3.10
CA LYS A 30 8.71 1.96 3.77
C LYS A 30 9.52 0.83 3.18
N GLY A 31 10.08 1.03 1.96
CA GLY A 31 11.12 0.16 1.45
C GLY A 31 10.56 -0.82 0.45
N GLY A 32 9.67 -0.33 -0.44
CA GLY A 32 9.25 -1.07 -1.60
C GLY A 32 10.11 -0.68 -2.76
N THR A 33 10.43 -1.69 -3.59
CA THR A 33 11.34 -1.68 -4.70
C THR A 33 10.76 -0.91 -5.86
N SER A 34 9.43 -0.99 -6.01
CA SER A 34 8.72 -0.24 -6.97
C SER A 34 7.38 -0.32 -6.35
N GLY A 35 6.43 0.52 -6.81
CA GLY A 35 5.12 0.59 -6.29
C GLY A 35 4.56 1.54 -7.26
N HIS A 36 3.23 1.66 -7.31
CA HIS A 36 2.54 2.47 -8.24
C HIS A 36 1.19 2.46 -7.61
N CYS A 37 0.20 3.16 -8.18
CA CYS A 37 -1.16 3.13 -7.68
C CYS A 37 -1.82 1.87 -8.14
N GLY A 38 -2.92 1.49 -7.48
CA GLY A 38 -3.71 0.37 -7.87
C GLY A 38 -4.86 0.58 -6.95
N PHE A 39 -5.83 -0.34 -6.96
CA PHE A 39 -6.93 -0.36 -6.06
C PHE A 39 -7.30 -1.81 -6.24
N LYS A 40 -8.13 -2.36 -5.34
CA LYS A 40 -8.62 -3.71 -5.42
C LYS A 40 -10.10 -3.68 -5.64
N VAL A 41 -10.67 -2.48 -5.52
CA VAL A 41 -12.06 -2.16 -5.31
C VAL A 41 -12.36 -2.49 -3.86
N GLY A 42 -13.02 -1.58 -3.11
CA GLY A 42 -13.20 -1.77 -1.71
C GLY A 42 -13.23 -0.39 -1.13
N HIS A 43 -12.12 0.01 -0.46
CA HIS A 43 -12.06 1.21 0.34
C HIS A 43 -12.11 2.48 -0.48
N GLY A 44 -11.01 2.90 -1.15
CA GLY A 44 -11.04 4.17 -1.84
C GLY A 44 -10.07 4.15 -2.98
N LEU A 45 -8.82 3.75 -2.70
CA LEU A 45 -7.81 3.50 -3.67
C LEU A 45 -6.98 2.62 -2.79
N ALA A 46 -5.73 2.31 -3.18
CA ALA A 46 -4.76 1.70 -2.31
C ALA A 46 -3.54 2.13 -3.04
N CYS A 47 -2.36 1.55 -2.75
CA CYS A 47 -1.31 1.63 -3.74
C CYS A 47 -0.82 0.22 -3.79
N TRP A 48 0.23 -0.03 -4.60
CA TRP A 48 0.91 -1.29 -4.68
C TRP A 48 2.30 -0.97 -4.22
N CYS A 49 3.04 -1.99 -3.71
CA CYS A 49 4.46 -1.90 -3.47
C CYS A 49 4.87 -3.31 -3.75
N ASN A 50 6.04 -3.51 -4.41
CA ASN A 50 6.38 -4.82 -4.96
C ASN A 50 7.50 -5.43 -4.14
N ALA A 51 7.54 -5.09 -2.85
CA ALA A 51 8.34 -5.64 -1.82
C ALA A 51 7.84 -4.71 -0.79
N LEU A 52 7.83 -5.12 0.48
CA LEU A 52 7.98 -4.26 1.60
C LEU A 52 8.54 -5.30 2.51
N PRO A 53 9.36 -4.98 3.49
CA PRO A 53 9.76 -5.94 4.49
C PRO A 53 8.62 -6.26 5.41
N ASP A 54 8.79 -7.28 6.26
CA ASP A 54 7.76 -7.76 7.14
C ASP A 54 7.57 -6.92 8.40
N ASN A 55 8.08 -5.66 8.44
CA ASN A 55 7.79 -4.75 9.52
C ASN A 55 6.69 -3.82 9.06
N VAL A 56 6.32 -3.91 7.78
CA VAL A 56 5.32 -3.10 7.15
C VAL A 56 4.22 -4.10 6.92
N GLY A 57 2.99 -3.67 6.54
CA GLY A 57 1.88 -4.54 6.46
C GLY A 57 1.07 -3.93 5.37
N ILE A 58 -0.06 -4.55 5.00
CA ILE A 58 -0.67 -4.37 3.73
C ILE A 58 -2.10 -4.72 4.00
N ILE A 59 -2.94 -4.81 2.94
CA ILE A 59 -4.37 -5.02 3.02
C ILE A 59 -4.59 -6.41 3.53
N VAL A 60 -5.47 -6.55 4.52
CA VAL A 60 -5.94 -7.80 5.02
C VAL A 60 -7.39 -7.77 4.62
N GLU A 61 -7.82 -8.68 3.71
CA GLU A 61 -9.15 -8.78 3.17
C GLU A 61 -9.48 -7.50 2.42
N GLY A 62 -10.52 -6.77 2.89
CA GLY A 62 -10.96 -5.53 2.32
C GLY A 62 -12.02 -5.20 3.29
N GLU A 63 -11.62 -5.07 4.57
CA GLU A 63 -12.53 -5.14 5.69
C GLU A 63 -12.48 -3.85 6.44
N LYS A 64 -11.39 -3.62 7.20
CA LYS A 64 -11.36 -2.63 8.24
C LYS A 64 -10.17 -1.80 7.91
N CYS A 65 -10.00 -0.68 8.63
CA CYS A 65 -8.82 0.13 8.59
C CYS A 65 -8.70 0.36 10.05
N HIS A 66 -7.48 0.24 10.59
CA HIS A 66 -7.15 0.64 11.92
C HIS A 66 -5.71 1.00 11.73
N SER A 67 -5.42 2.32 11.80
CA SER A 67 -4.12 2.86 11.55
C SER A 67 -3.29 2.68 12.84
N VAL A 1 9.27 -11.35 1.94
CA VAL A 1 8.64 -10.03 1.67
C VAL A 1 7.24 -10.24 1.14
N ARG A 2 6.44 -9.15 1.11
CA ARG A 2 5.14 -9.15 0.49
C ARG A 2 5.33 -8.48 -0.85
N ASP A 3 4.42 -8.76 -1.79
CA ASP A 3 4.20 -7.92 -2.94
C ASP A 3 2.74 -7.81 -2.72
N GLY A 4 2.17 -6.59 -2.64
CA GLY A 4 0.78 -6.50 -2.30
C GLY A 4 0.40 -5.15 -2.73
N TYR A 5 -0.84 -4.73 -2.38
CA TYR A 5 -1.20 -3.35 -2.39
C TYR A 5 -0.71 -2.84 -1.06
N ILE A 6 -0.14 -1.62 -1.03
CA ILE A 6 0.31 -0.95 0.16
C ILE A 6 -0.85 -0.14 0.66
N ALA A 7 -0.88 -0.03 2.00
CA ALA A 7 -1.81 0.65 2.82
C ALA A 7 -0.98 0.79 4.04
N GLN A 8 -1.57 1.36 5.10
CA GLN A 8 -0.94 1.67 6.35
C GLN A 8 -1.42 0.63 7.32
N PRO A 9 -0.69 0.38 8.41
CA PRO A 9 -1.23 -0.32 9.56
C PRO A 9 -2.30 0.54 10.21
N GLU A 10 -3.40 -0.02 10.77
CA GLU A 10 -3.80 -1.40 10.76
C GLU A 10 -4.90 -1.52 9.74
N ASN A 11 -4.53 -1.58 8.44
CA ASN A 11 -5.39 -1.98 7.34
C ASN A 11 -6.16 -0.78 6.89
N CYS A 12 -5.46 0.36 6.75
CA CYS A 12 -6.08 1.64 6.42
C CYS A 12 -5.32 2.08 5.22
N VAL A 13 -5.99 2.43 4.09
CA VAL A 13 -5.30 2.61 2.84
C VAL A 13 -4.43 3.84 2.77
N TYR A 14 -3.56 3.83 1.74
CA TYR A 14 -2.56 4.80 1.45
C TYR A 14 -3.08 5.09 0.09
N HIS A 15 -3.07 6.35 -0.38
CA HIS A 15 -3.78 6.72 -1.58
C HIS A 15 -2.73 7.17 -2.54
N CYS A 16 -3.07 7.18 -3.84
CA CYS A 16 -2.15 7.49 -4.90
C CYS A 16 -2.66 8.75 -5.47
N PHE A 17 -1.87 9.40 -6.34
CA PHE A 17 -2.28 10.51 -7.11
C PHE A 17 -1.88 10.01 -8.47
N PRO A 18 -2.73 9.92 -9.49
CA PRO A 18 -2.38 9.32 -10.76
C PRO A 18 -1.19 9.98 -11.42
N GLY A 19 -0.08 9.25 -11.50
CA GLY A 19 1.20 9.77 -11.87
C GLY A 19 2.09 8.85 -11.12
N SER A 20 1.79 8.71 -9.81
CA SER A 20 2.32 7.74 -8.87
C SER A 20 3.28 8.36 -7.92
N SER A 21 3.55 9.69 -8.03
CA SER A 21 4.56 10.40 -7.29
C SER A 21 4.55 10.12 -5.81
N GLY A 22 3.33 10.12 -5.21
CA GLY A 22 3.11 9.81 -3.81
C GLY A 22 3.48 8.39 -3.49
N CYS A 23 2.83 7.39 -4.12
CA CYS A 23 3.02 6.00 -3.73
C CYS A 23 4.37 5.46 -4.08
N ASP A 24 5.01 6.01 -5.13
CA ASP A 24 6.39 5.68 -5.46
C ASP A 24 7.28 6.14 -4.33
N THR A 25 7.06 7.37 -3.80
CA THR A 25 7.80 7.92 -2.69
C THR A 25 7.52 7.13 -1.43
N LEU A 26 6.24 6.74 -1.20
CA LEU A 26 5.83 5.94 -0.06
C LEU A 26 6.55 4.62 -0.09
N CYS A 27 6.64 4.03 -1.29
CA CYS A 27 7.31 2.77 -1.48
C CYS A 27 8.75 2.84 -1.07
N LYS A 28 9.45 3.96 -1.35
CA LYS A 28 10.84 4.14 -0.98
C LYS A 28 11.01 4.21 0.52
N GLU A 29 10.11 4.95 1.20
CA GLU A 29 10.27 5.20 2.63
C GLU A 29 9.79 4.01 3.43
N LYS A 30 8.79 3.26 2.93
CA LYS A 30 8.28 2.10 3.62
C LYS A 30 9.13 0.90 3.30
N GLY A 31 9.85 0.94 2.17
CA GLY A 31 10.96 0.03 1.94
C GLY A 31 10.54 -1.06 1.01
N GLY A 32 9.85 -0.70 -0.08
CA GLY A 32 9.60 -1.57 -1.19
C GLY A 32 10.48 -1.06 -2.27
N THR A 33 10.56 -1.79 -3.40
CA THR A 33 11.46 -1.45 -4.46
C THR A 33 10.90 -0.27 -5.22
N SER A 34 9.67 -0.41 -5.73
CA SER A 34 8.94 0.68 -6.31
C SER A 34 7.57 0.09 -6.23
N GLY A 35 6.58 0.82 -6.75
CA GLY A 35 5.21 0.56 -6.58
C GLY A 35 4.66 1.57 -7.52
N HIS A 36 3.33 1.70 -7.61
CA HIS A 36 2.70 2.52 -8.60
C HIS A 36 1.29 2.64 -8.14
N CYS A 37 0.45 3.41 -8.87
CA CYS A 37 -0.96 3.55 -8.55
C CYS A 37 -1.71 2.33 -8.95
N GLY A 38 -2.97 2.24 -8.48
CA GLY A 38 -3.82 1.13 -8.75
C GLY A 38 -5.04 1.69 -8.12
N PHE A 39 -6.09 0.87 -8.00
CA PHE A 39 -7.32 1.19 -7.35
C PHE A 39 -7.56 -0.19 -6.83
N LYS A 40 -8.45 -0.32 -5.83
CA LYS A 40 -8.79 -1.56 -5.24
C LYS A 40 -10.16 -1.22 -4.81
N VAL A 41 -10.99 -2.19 -4.42
CA VAL A 41 -12.33 -1.98 -3.97
C VAL A 41 -12.25 -2.87 -2.79
N GLY A 42 -13.01 -2.57 -1.72
CA GLY A 42 -12.87 -3.21 -0.43
C GLY A 42 -12.28 -2.19 0.48
N HIS A 43 -11.61 -1.18 -0.11
CA HIS A 43 -11.21 0.01 0.58
C HIS A 43 -11.57 1.09 -0.39
N GLY A 44 -10.76 1.28 -1.44
CA GLY A 44 -10.95 2.34 -2.36
C GLY A 44 -9.57 2.41 -2.88
N LEU A 45 -9.15 3.63 -3.30
CA LEU A 45 -7.88 4.00 -3.86
C LEU A 45 -6.79 3.61 -2.90
N ALA A 46 -5.92 2.67 -3.31
CA ALA A 46 -5.01 1.95 -2.49
C ALA A 46 -3.97 1.75 -3.54
N CYS A 47 -2.68 1.49 -3.22
CA CYS A 47 -1.72 1.57 -4.29
C CYS A 47 -0.76 0.45 -4.16
N TRP A 48 0.16 0.24 -5.12
CA TRP A 48 0.90 -1.00 -5.21
C TRP A 48 2.29 -0.77 -4.70
N CYS A 49 2.98 -1.84 -4.24
CA CYS A 49 4.38 -1.83 -3.96
C CYS A 49 4.81 -3.24 -4.17
N ASN A 50 6.09 -3.43 -4.56
CA ASN A 50 6.71 -4.74 -4.63
C ASN A 50 7.77 -4.71 -3.57
N ALA A 51 7.99 -5.87 -2.92
CA ALA A 51 9.13 -6.20 -2.10
C ALA A 51 9.09 -5.50 -0.78
N LEU A 52 7.93 -5.52 -0.11
CA LEU A 52 7.78 -4.83 1.15
C LEU A 52 8.07 -5.83 2.23
N PRO A 53 8.91 -5.57 3.23
CA PRO A 53 9.28 -6.57 4.21
C PRO A 53 8.16 -6.78 5.19
N ASP A 54 8.35 -7.77 6.08
CA ASP A 54 7.37 -8.28 7.00
C ASP A 54 6.85 -7.26 7.98
N ASN A 55 7.60 -6.16 8.20
CA ASN A 55 7.24 -5.15 9.17
C ASN A 55 6.24 -4.19 8.58
N VAL A 56 6.03 -4.22 7.25
CA VAL A 56 5.14 -3.29 6.61
C VAL A 56 3.78 -3.93 6.61
N GLY A 57 2.82 -3.37 7.38
CA GLY A 57 1.45 -3.83 7.34
C GLY A 57 0.79 -3.03 6.27
N ILE A 58 -0.12 -3.68 5.53
CA ILE A 58 -0.57 -3.25 4.23
C ILE A 58 -2.03 -3.61 4.25
N ILE A 59 -2.61 -4.02 3.09
CA ILE A 59 -3.95 -4.56 3.06
C ILE A 59 -3.92 -5.89 3.77
N VAL A 60 -4.75 -6.00 4.80
CA VAL A 60 -4.64 -6.98 5.83
C VAL A 60 -6.04 -7.51 5.94
N GLU A 61 -6.19 -8.68 6.60
CA GLU A 61 -7.45 -9.32 6.91
C GLU A 61 -8.20 -9.65 5.63
N GLY A 62 -9.48 -9.25 5.57
CA GLY A 62 -10.37 -9.45 4.47
C GLY A 62 -11.56 -8.76 5.04
N GLU A 63 -11.33 -7.51 5.48
CA GLU A 63 -12.20 -6.72 6.27
C GLU A 63 -11.50 -5.41 6.05
N LYS A 64 -11.92 -4.34 6.72
CA LYS A 64 -11.40 -3.02 6.52
C LYS A 64 -10.54 -2.69 7.72
N CYS A 65 -10.44 -1.40 8.06
CA CYS A 65 -9.52 -0.88 9.03
C CYS A 65 -10.11 -1.05 10.40
N HIS A 66 -9.26 -1.03 11.43
CA HIS A 66 -9.61 -1.15 12.81
C HIS A 66 -8.32 -0.64 13.37
N SER A 67 -8.20 -0.46 14.68
CA SER A 67 -6.99 -0.10 15.36
C SER A 67 -7.56 -0.14 16.77
N VAL A 1 9.86 -11.16 1.68
CA VAL A 1 9.11 -9.92 1.36
C VAL A 1 7.67 -10.26 1.09
N ARG A 2 6.80 -9.23 1.13
CA ARG A 2 5.46 -9.34 0.58
C ARG A 2 5.47 -8.51 -0.68
N ASP A 3 4.46 -8.75 -1.55
CA ASP A 3 4.08 -7.83 -2.59
C ASP A 3 2.66 -7.78 -2.18
N GLY A 4 2.07 -6.60 -2.05
CA GLY A 4 0.67 -6.53 -1.73
C GLY A 4 0.36 -5.15 -2.14
N TYR A 5 -0.86 -4.70 -1.83
CA TYR A 5 -1.19 -3.29 -1.87
C TYR A 5 -0.73 -2.77 -0.55
N ILE A 6 -0.07 -1.60 -0.49
CA ILE A 6 0.45 -1.07 0.74
C ILE A 6 -0.64 -0.22 1.35
N ALA A 7 -0.70 -0.30 2.71
CA ALA A 7 -1.54 0.41 3.62
C ALA A 7 -0.66 0.84 4.75
N GLN A 8 -1.10 0.58 6.01
CA GLN A 8 -0.46 1.06 7.19
C GLN A 8 -0.87 0.01 8.17
N PRO A 9 -0.26 -0.06 9.35
CA PRO A 9 -0.78 -0.84 10.45
C PRO A 9 -2.10 -0.28 10.96
N GLU A 10 -3.12 -1.09 11.30
CA GLU A 10 -3.10 -2.52 11.47
C GLU A 10 -3.87 -3.14 10.35
N ASN A 11 -4.70 -2.38 9.63
CA ASN A 11 -5.24 -2.79 8.38
C ASN A 11 -5.58 -1.41 7.95
N CYS A 12 -5.48 -1.13 6.65
CA CYS A 12 -5.97 0.08 6.06
C CYS A 12 -5.87 -0.17 4.59
N VAL A 13 -5.92 0.92 3.81
CA VAL A 13 -5.41 1.01 2.47
C VAL A 13 -4.57 2.24 2.66
N TYR A 14 -3.67 2.58 1.72
CA TYR A 14 -3.11 3.90 1.65
C TYR A 14 -4.02 4.59 0.68
N HIS A 15 -3.67 5.76 0.14
CA HIS A 15 -4.42 6.31 -0.95
C HIS A 15 -3.32 6.56 -1.89
N CYS A 16 -3.69 6.73 -3.16
CA CYS A 16 -2.81 6.94 -4.26
C CYS A 16 -3.45 8.19 -4.72
N PHE A 17 -2.64 9.11 -5.30
CA PHE A 17 -3.12 10.27 -5.98
C PHE A 17 -2.92 9.75 -7.36
N PRO A 18 -3.89 9.59 -8.27
CA PRO A 18 -3.69 8.82 -9.48
C PRO A 18 -2.56 9.29 -10.36
N GLY A 19 -1.43 8.55 -10.32
CA GLY A 19 -0.21 8.95 -10.93
C GLY A 19 0.69 8.04 -10.15
N SER A 20 2.00 8.15 -10.35
CA SER A 20 2.95 7.28 -9.71
C SER A 20 3.41 7.92 -8.42
N SER A 21 3.45 9.27 -8.40
CA SER A 21 4.23 10.12 -7.53
C SER A 21 3.98 9.94 -6.06
N GLY A 22 2.69 9.84 -5.70
CA GLY A 22 2.28 9.69 -4.32
C GLY A 22 2.71 8.37 -3.80
N CYS A 23 2.39 7.30 -4.55
CA CYS A 23 2.67 5.94 -4.14
C CYS A 23 4.12 5.70 -4.13
N ASP A 24 4.85 6.18 -5.16
CA ASP A 24 6.29 6.14 -5.26
C ASP A 24 6.93 6.62 -3.97
N THR A 25 6.54 7.84 -3.53
CA THR A 25 7.03 8.44 -2.31
C THR A 25 6.74 7.57 -1.09
N LEU A 26 5.45 7.19 -0.89
CA LEU A 26 4.99 6.51 0.30
C LEU A 26 5.58 5.12 0.38
N CYS A 27 5.64 4.45 -0.79
CA CYS A 27 6.22 3.15 -0.94
C CYS A 27 7.69 3.19 -0.65
N LYS A 28 8.43 4.18 -1.18
CA LYS A 28 9.87 4.20 -1.01
C LYS A 28 10.23 4.47 0.42
N GLU A 29 9.51 5.40 1.09
CA GLU A 29 9.82 5.75 2.47
C GLU A 29 9.54 4.63 3.44
N LYS A 30 8.78 3.59 3.02
CA LYS A 30 8.49 2.45 3.86
C LYS A 30 9.18 1.21 3.34
N GLY A 31 10.06 1.38 2.33
CA GLY A 31 11.01 0.36 1.96
C GLY A 31 10.50 -0.56 0.89
N GLY A 32 9.66 -0.05 -0.04
CA GLY A 32 9.26 -0.82 -1.20
C GLY A 32 10.21 -0.58 -2.33
N THR A 33 10.50 -1.66 -3.07
CA THR A 33 11.53 -1.72 -4.09
C THR A 33 10.98 -1.21 -5.39
N SER A 34 9.65 -1.22 -5.54
CA SER A 34 9.02 -0.57 -6.64
C SER A 34 7.68 -0.38 -6.04
N GLY A 35 6.92 0.61 -6.54
CA GLY A 35 5.71 1.05 -5.94
C GLY A 35 4.98 1.47 -7.15
N HIS A 36 3.67 1.20 -7.18
CA HIS A 36 2.86 1.38 -8.35
C HIS A 36 1.56 1.81 -7.75
N CYS A 37 0.48 1.82 -8.54
CA CYS A 37 -0.80 2.34 -8.15
C CYS A 37 -1.61 1.55 -9.11
N GLY A 38 -2.94 1.52 -8.96
CA GLY A 38 -3.82 0.83 -9.84
C GLY A 38 -4.54 -0.10 -8.95
N PHE A 39 -5.69 0.34 -8.41
CA PHE A 39 -6.59 -0.48 -7.67
C PHE A 39 -7.80 0.34 -7.92
N LYS A 40 -9.00 -0.24 -7.83
CA LYS A 40 -10.23 0.52 -7.89
C LYS A 40 -11.12 -0.10 -6.84
N VAL A 41 -10.51 -0.82 -5.88
CA VAL A 41 -11.21 -1.63 -4.92
C VAL A 41 -10.32 -1.51 -3.72
N GLY A 42 -10.41 -2.47 -2.78
CA GLY A 42 -9.65 -2.48 -1.56
C GLY A 42 -10.59 -1.94 -0.55
N HIS A 43 -10.49 -0.62 -0.33
CA HIS A 43 -11.35 0.13 0.53
C HIS A 43 -11.76 1.26 -0.37
N GLY A 44 -10.76 1.98 -0.94
CA GLY A 44 -11.07 3.00 -1.92
C GLY A 44 -9.79 3.29 -2.59
N LEU A 45 -9.24 2.28 -3.31
CA LEU A 45 -7.93 2.27 -3.92
C LEU A 45 -6.87 2.11 -2.86
N ALA A 46 -5.59 1.91 -3.22
CA ALA A 46 -4.55 1.76 -2.24
C ALA A 46 -3.34 2.03 -3.05
N CYS A 47 -2.12 1.85 -2.50
CA CYS A 47 -0.93 2.04 -3.32
C CYS A 47 -0.42 0.65 -3.47
N TRP A 48 0.37 0.33 -4.52
CA TRP A 48 0.91 -1.01 -4.68
C TRP A 48 2.34 -0.84 -4.33
N CYS A 49 2.97 -1.89 -3.77
CA CYS A 49 4.38 -1.93 -3.53
C CYS A 49 4.75 -3.31 -3.90
N ASN A 50 5.98 -3.47 -4.41
CA ASN A 50 6.51 -4.73 -4.80
C ASN A 50 7.75 -4.82 -3.98
N ALA A 51 7.91 -5.95 -3.26
CA ALA A 51 8.99 -6.25 -2.35
C ALA A 51 9.08 -5.25 -1.24
N LEU A 52 8.16 -5.38 -0.26
CA LEU A 52 8.21 -4.70 1.01
C LEU A 52 8.65 -5.78 1.95
N PRO A 53 9.49 -5.53 2.95
CA PRO A 53 9.79 -6.51 3.98
C PRO A 53 8.58 -6.76 4.84
N ASP A 54 8.60 -7.83 5.64
CA ASP A 54 7.40 -8.34 6.27
C ASP A 54 7.12 -7.63 7.56
N ASN A 55 7.78 -6.48 7.78
CA ASN A 55 7.64 -5.67 8.95
C ASN A 55 6.97 -4.39 8.55
N VAL A 56 6.42 -4.34 7.31
CA VAL A 56 5.62 -3.24 6.85
C VAL A 56 4.24 -3.84 6.89
N GLY A 57 3.19 -3.08 7.31
CA GLY A 57 1.87 -3.64 7.42
C GLY A 57 1.10 -3.11 6.27
N ILE A 58 0.20 -3.96 5.73
CA ILE A 58 -0.40 -3.77 4.44
C ILE A 58 -1.86 -4.08 4.57
N ILE A 59 -2.54 -4.45 3.44
CA ILE A 59 -3.94 -4.82 3.44
C ILE A 59 -4.03 -6.16 4.13
N VAL A 60 -4.88 -6.24 5.17
CA VAL A 60 -5.20 -7.46 5.88
C VAL A 60 -6.40 -8.02 5.18
N GLU A 61 -7.47 -7.22 5.04
CA GLU A 61 -8.67 -7.70 4.40
C GLU A 61 -9.27 -6.46 3.86
N GLY A 62 -10.08 -6.56 2.78
CA GLY A 62 -10.82 -5.45 2.22
C GLY A 62 -12.08 -5.31 3.00
N GLU A 63 -11.91 -4.94 4.29
CA GLU A 63 -12.95 -4.86 5.25
C GLU A 63 -12.90 -3.45 5.75
N LYS A 64 -12.20 -3.20 6.87
CA LYS A 64 -12.30 -1.95 7.56
C LYS A 64 -10.90 -1.75 8.05
N CYS A 65 -10.47 -0.48 8.19
CA CYS A 65 -9.16 -0.05 8.60
C CYS A 65 -9.19 -0.01 10.09
N HIS A 66 -8.03 -0.15 10.76
CA HIS A 66 -7.96 0.05 12.17
C HIS A 66 -6.50 0.14 12.44
N SER A 67 -6.12 0.55 13.66
CA SER A 67 -4.79 0.57 14.15
C SER A 67 -5.18 0.42 15.62
N VAL A 1 9.08 -11.28 1.96
CA VAL A 1 8.42 -9.97 1.67
C VAL A 1 6.97 -10.18 1.32
N ARG A 2 6.19 -9.07 1.29
CA ARG A 2 4.89 -9.05 0.67
C ARG A 2 5.09 -8.39 -0.66
N ASP A 3 4.17 -8.65 -1.62
CA ASP A 3 3.92 -7.79 -2.73
C ASP A 3 2.46 -7.68 -2.48
N GLY A 4 1.90 -6.46 -2.39
CA GLY A 4 0.49 -6.37 -2.15
C GLY A 4 0.17 -4.98 -2.56
N TYR A 5 -1.09 -4.57 -2.32
CA TYR A 5 -1.45 -3.17 -2.34
C TYR A 5 -0.96 -2.66 -1.00
N ILE A 6 -0.41 -1.44 -0.95
CA ILE A 6 0.02 -0.83 0.29
C ILE A 6 -1.16 -0.05 0.80
N ALA A 7 -1.25 0.00 2.14
CA ALA A 7 -2.22 0.70 2.91
C ALA A 7 -1.38 1.10 4.06
N GLN A 8 -1.94 1.94 4.94
CA GLN A 8 -1.31 2.46 6.11
C GLN A 8 -1.45 1.40 7.17
N PRO A 9 -0.60 1.41 8.21
CA PRO A 9 -0.76 0.56 9.38
C PRO A 9 -2.07 0.88 10.10
N GLU A 10 -3.09 0.00 10.12
CA GLU A 10 -3.15 -1.31 9.54
C GLU A 10 -4.37 -1.24 8.69
N ASN A 11 -4.30 -1.68 7.42
CA ASN A 11 -5.45 -2.02 6.60
C ASN A 11 -6.35 -0.86 6.30
N CYS A 12 -5.78 0.34 6.15
CA CYS A 12 -6.56 1.52 5.81
C CYS A 12 -5.76 2.11 4.69
N VAL A 13 -6.34 2.30 3.49
CA VAL A 13 -5.56 2.53 2.29
C VAL A 13 -4.69 3.77 2.30
N TYR A 14 -3.62 3.69 1.49
CA TYR A 14 -2.61 4.69 1.34
C TYR A 14 -2.99 5.20 0.00
N HIS A 15 -3.32 6.50 -0.11
CA HIS A 15 -3.90 6.99 -1.33
C HIS A 15 -2.78 7.41 -2.23
N CYS A 16 -2.83 6.89 -3.47
CA CYS A 16 -1.93 7.18 -4.53
C CYS A 16 -2.38 8.49 -5.11
N PHE A 17 -1.47 9.17 -5.82
CA PHE A 17 -1.75 10.39 -6.51
C PHE A 17 -1.57 9.93 -7.93
N PRO A 18 -2.58 9.92 -8.80
CA PRO A 18 -2.47 9.30 -10.13
C PRO A 18 -1.34 9.87 -10.95
N GLY A 19 -0.33 9.04 -11.22
CA GLY A 19 0.95 9.47 -11.70
C GLY A 19 1.85 8.51 -11.02
N SER A 20 1.64 8.38 -9.69
CA SER A 20 2.27 7.46 -8.75
C SER A 20 3.35 8.17 -8.00
N SER A 21 3.74 9.38 -8.47
CA SER A 21 4.91 10.13 -8.10
C SER A 21 5.12 10.30 -6.62
N GLY A 22 4.08 10.73 -5.89
CA GLY A 22 4.21 11.01 -4.47
C GLY A 22 4.28 9.72 -3.69
N CYS A 23 3.61 8.66 -4.19
CA CYS A 23 3.56 7.38 -3.55
C CYS A 23 4.88 6.69 -3.76
N ASP A 24 5.64 7.05 -4.82
CA ASP A 24 6.94 6.49 -5.08
C ASP A 24 7.88 6.80 -3.94
N THR A 25 7.85 8.07 -3.45
CA THR A 25 8.54 8.46 -2.24
C THR A 25 8.07 7.65 -1.04
N LEU A 26 6.74 7.55 -0.82
CA LEU A 26 6.17 6.88 0.35
C LEU A 26 6.51 5.42 0.35
N CYS A 27 6.41 4.78 -0.83
CA CYS A 27 6.68 3.39 -1.06
C CYS A 27 8.14 3.13 -0.78
N LYS A 28 9.02 4.03 -1.26
CA LYS A 28 10.45 3.88 -1.11
C LYS A 28 10.83 3.91 0.35
N GLU A 29 10.27 4.87 1.12
CA GLU A 29 10.65 5.07 2.51
C GLU A 29 10.04 4.02 3.43
N LYS A 30 8.92 3.38 3.03
CA LYS A 30 8.34 2.27 3.77
C LYS A 30 9.07 0.99 3.42
N GLY A 31 9.74 1.00 2.25
CA GLY A 31 10.74 0.01 1.92
C GLY A 31 10.19 -0.92 0.91
N GLY A 32 9.40 -0.39 -0.04
CA GLY A 32 8.97 -1.11 -1.22
C GLY A 32 9.83 -0.56 -2.30
N THR A 33 10.39 -1.44 -3.14
CA THR A 33 11.46 -1.07 -4.04
C THR A 33 10.91 -0.90 -5.43
N SER A 34 9.58 -1.00 -5.58
CA SER A 34 8.91 -0.60 -6.78
C SER A 34 7.56 -0.47 -6.21
N GLY A 35 6.65 0.20 -6.94
CA GLY A 35 5.34 0.40 -6.48
C GLY A 35 4.67 0.69 -7.76
N HIS A 36 3.34 0.78 -7.72
CA HIS A 36 2.50 0.99 -8.86
C HIS A 36 1.31 1.45 -8.08
N CYS A 37 0.13 1.55 -8.73
CA CYS A 37 -1.07 2.00 -8.09
C CYS A 37 -2.02 1.31 -8.98
N GLY A 38 -3.33 1.40 -8.69
CA GLY A 38 -4.32 0.75 -9.47
C GLY A 38 -5.48 1.15 -8.64
N PHE A 39 -6.64 0.55 -8.90
CA PHE A 39 -7.80 0.75 -8.07
C PHE A 39 -7.91 -0.57 -7.38
N LYS A 40 -8.83 -0.68 -6.42
CA LYS A 40 -9.11 -1.89 -5.72
C LYS A 40 -10.48 -1.50 -5.30
N VAL A 41 -11.32 -2.47 -4.88
CA VAL A 41 -12.65 -2.19 -4.41
C VAL A 41 -12.53 -2.92 -3.12
N GLY A 42 -13.39 -2.55 -2.14
CA GLY A 42 -13.26 -3.03 -0.78
C GLY A 42 -12.79 -1.85 0.00
N HIS A 43 -11.81 -1.12 -0.56
CA HIS A 43 -11.31 0.10 0.02
C HIS A 43 -11.59 1.18 -0.98
N GLY A 44 -10.73 1.37 -2.00
CA GLY A 44 -10.90 2.46 -2.91
C GLY A 44 -9.52 2.54 -3.43
N LEU A 45 -9.09 3.78 -3.79
CA LEU A 45 -7.79 4.11 -4.34
C LEU A 45 -6.76 3.79 -3.29
N ALA A 46 -5.69 3.08 -3.68
CA ALA A 46 -4.83 2.39 -2.79
C ALA A 46 -3.57 2.48 -3.56
N CYS A 47 -2.41 2.02 -3.04
CA CYS A 47 -1.20 2.17 -3.81
C CYS A 47 -0.68 0.76 -3.80
N TRP A 48 0.34 0.41 -4.62
CA TRP A 48 0.91 -0.92 -4.66
C TRP A 48 2.33 -0.69 -4.29
N CYS A 49 2.98 -1.68 -3.65
CA CYS A 49 4.38 -1.62 -3.38
C CYS A 49 4.77 -3.03 -3.62
N ASN A 50 6.01 -3.24 -4.08
CA ASN A 50 6.52 -4.54 -4.40
C ASN A 50 7.73 -4.66 -3.53
N ALA A 51 7.84 -5.79 -2.80
CA ALA A 51 8.94 -6.18 -1.95
C ALA A 51 8.97 -5.35 -0.70
N LEU A 52 7.83 -5.34 0.03
CA LEU A 52 7.77 -4.70 1.34
C LEU A 52 8.12 -5.81 2.30
N PRO A 53 9.00 -5.65 3.28
CA PRO A 53 9.24 -6.67 4.28
C PRO A 53 8.05 -6.79 5.19
N ASP A 54 8.05 -7.79 6.07
CA ASP A 54 6.88 -8.14 6.83
C ASP A 54 6.77 -7.33 8.10
N ASN A 55 7.41 -6.14 8.15
CA ASN A 55 7.28 -5.22 9.25
C ASN A 55 6.27 -4.18 8.86
N VAL A 56 5.82 -4.20 7.60
CA VAL A 56 4.92 -3.22 7.05
C VAL A 56 3.59 -3.90 7.11
N GLY A 57 2.51 -3.17 7.41
CA GLY A 57 1.18 -3.73 7.42
C GLY A 57 0.57 -3.02 6.27
N ILE A 58 -0.33 -3.72 5.55
CA ILE A 58 -0.78 -3.33 4.26
C ILE A 58 -2.24 -3.69 4.28
N ILE A 59 -2.81 -4.10 3.13
CA ILE A 59 -4.17 -4.57 3.03
C ILE A 59 -4.22 -5.91 3.74
N VAL A 60 -5.11 -5.99 4.73
CA VAL A 60 -5.17 -7.05 5.70
C VAL A 60 -6.66 -7.35 5.77
N GLU A 61 -7.34 -6.95 4.68
CA GLU A 61 -8.76 -7.00 4.47
C GLU A 61 -9.22 -8.42 4.42
N GLY A 62 -10.22 -8.70 5.26
CA GLY A 62 -10.43 -9.98 5.87
C GLY A 62 -10.74 -9.52 7.25
N GLU A 63 -9.90 -8.58 7.75
CA GLU A 63 -10.25 -7.67 8.82
C GLU A 63 -10.70 -6.42 8.09
N LYS A 64 -10.58 -5.22 8.71
CA LYS A 64 -10.99 -3.97 8.16
C LYS A 64 -9.98 -3.08 8.85
N CYS A 65 -10.14 -1.74 8.75
CA CYS A 65 -9.20 -0.71 9.12
C CYS A 65 -8.81 -0.79 10.58
N HIS A 66 -7.50 -0.80 10.82
CA HIS A 66 -6.83 -0.87 12.11
C HIS A 66 -7.06 -2.19 12.78
N SER A 67 -7.12 -2.19 14.13
CA SER A 67 -7.13 -3.38 14.93
C SER A 67 -8.53 -4.06 14.93
N VAL A 1 10.13 -11.08 2.32
CA VAL A 1 9.30 -9.91 1.94
C VAL A 1 7.92 -10.35 1.51
N ARG A 2 7.01 -9.35 1.34
CA ARG A 2 5.66 -9.53 0.89
C ARG A 2 5.56 -8.69 -0.36
N ASP A 3 4.44 -8.80 -1.11
CA ASP A 3 4.10 -7.88 -2.15
C ASP A 3 2.67 -7.74 -1.78
N GLY A 4 2.08 -6.53 -1.84
CA GLY A 4 0.69 -6.41 -1.53
C GLY A 4 0.32 -5.11 -2.13
N TYR A 5 -0.96 -4.71 -1.94
CA TYR A 5 -1.34 -3.33 -2.03
C TYR A 5 -0.91 -2.80 -0.70
N ILE A 6 -0.24 -1.63 -0.64
CA ILE A 6 0.27 -1.11 0.60
C ILE A 6 -0.84 -0.26 1.16
N ALA A 7 -1.04 -0.53 2.46
CA ALA A 7 -1.97 0.08 3.36
C ALA A 7 -1.25 1.10 4.19
N GLN A 8 -1.73 1.27 5.44
CA GLN A 8 -1.11 2.02 6.48
C GLN A 8 -1.42 1.01 7.54
N PRO A 9 -0.62 0.83 8.58
CA PRO A 9 -0.78 -0.29 9.49
C PRO A 9 -1.97 0.00 10.38
N GLU A 10 -2.69 -1.03 10.90
CA GLU A 10 -2.38 -2.43 10.84
C GLU A 10 -3.19 -3.06 9.75
N ASN A 11 -4.18 -2.32 9.22
CA ASN A 11 -4.95 -2.71 8.10
C ASN A 11 -5.44 -1.36 7.77
N CYS A 12 -5.55 -1.03 6.48
CA CYS A 12 -6.09 0.19 5.95
C CYS A 12 -5.89 0.04 4.48
N VAL A 13 -5.91 1.17 3.74
CA VAL A 13 -5.36 1.27 2.42
C VAL A 13 -4.51 2.49 2.63
N TYR A 14 -3.57 2.75 1.70
CA TYR A 14 -2.96 4.06 1.57
C TYR A 14 -3.84 4.79 0.61
N HIS A 15 -3.34 5.83 -0.06
CA HIS A 15 -4.05 6.41 -1.16
C HIS A 15 -2.90 6.62 -2.08
N CYS A 16 -3.17 7.23 -3.24
CA CYS A 16 -2.24 7.44 -4.29
C CYS A 16 -2.83 8.73 -4.76
N PHE A 17 -2.08 9.52 -5.54
CA PHE A 17 -2.55 10.69 -6.18
C PHE A 17 -2.33 10.26 -7.61
N PRO A 18 -3.30 10.17 -8.52
CA PRO A 18 -3.07 9.67 -9.87
C PRO A 18 -2.03 10.47 -10.63
N GLY A 19 -0.87 9.83 -10.89
CA GLY A 19 0.33 10.51 -11.26
C GLY A 19 1.36 9.65 -10.61
N SER A 20 1.01 9.15 -9.40
CA SER A 20 1.58 7.98 -8.78
C SER A 20 2.81 8.29 -8.01
N SER A 21 3.28 9.55 -8.10
CA SER A 21 4.53 10.03 -7.57
C SER A 21 4.61 9.90 -6.08
N GLY A 22 3.50 10.24 -5.39
CA GLY A 22 3.43 10.19 -3.95
C GLY A 22 3.39 8.76 -3.49
N CYS A 23 2.78 7.87 -4.30
CA CYS A 23 2.63 6.47 -3.98
C CYS A 23 3.98 5.85 -4.10
N ASP A 24 4.71 6.07 -5.22
CA ASP A 24 6.04 5.50 -5.38
C ASP A 24 6.99 6.04 -4.33
N THR A 25 6.87 7.34 -3.96
CA THR A 25 7.64 7.91 -2.87
C THR A 25 7.35 7.21 -1.55
N LEU A 26 6.05 7.04 -1.19
CA LEU A 26 5.65 6.40 0.05
C LEU A 26 6.08 4.97 0.05
N CYS A 27 5.86 4.27 -1.07
CA CYS A 27 6.31 2.92 -1.30
C CYS A 27 7.79 2.79 -1.05
N LYS A 28 8.59 3.74 -1.59
CA LYS A 28 10.02 3.70 -1.52
C LYS A 28 10.49 3.86 -0.09
N GLU A 29 9.96 4.88 0.63
CA GLU A 29 10.37 5.15 1.98
C GLU A 29 9.88 4.12 2.97
N LYS A 30 8.82 3.34 2.63
CA LYS A 30 8.35 2.24 3.44
C LYS A 30 9.09 0.98 3.09
N GLY A 31 9.93 1.02 2.04
CA GLY A 31 10.90 0.00 1.77
C GLY A 31 10.38 -0.99 0.79
N GLY A 32 9.47 -0.56 -0.11
CA GLY A 32 9.09 -1.33 -1.28
C GLY A 32 9.95 -0.79 -2.38
N THR A 33 10.35 -1.66 -3.33
CA THR A 33 11.43 -1.33 -4.25
C THR A 33 10.95 -0.35 -5.29
N SER A 34 9.70 -0.50 -5.75
CA SER A 34 9.01 0.50 -6.50
C SER A 34 7.63 -0.01 -6.29
N GLY A 35 6.64 0.65 -6.89
CA GLY A 35 5.27 0.35 -6.66
C GLY A 35 4.67 1.23 -7.71
N HIS A 36 3.34 1.27 -7.77
CA HIS A 36 2.61 1.97 -8.78
C HIS A 36 1.31 1.99 -8.06
N CYS A 37 0.25 2.57 -8.66
CA CYS A 37 -1.00 2.67 -7.97
C CYS A 37 -1.89 1.65 -8.56
N GLY A 38 -3.01 1.37 -7.88
CA GLY A 38 -4.00 0.50 -8.39
C GLY A 38 -5.09 0.87 -7.46
N PHE A 39 -6.31 0.37 -7.72
CA PHE A 39 -7.45 0.61 -6.88
C PHE A 39 -7.59 -0.70 -6.16
N LYS A 40 -8.02 -0.67 -4.87
CA LYS A 40 -8.28 -1.86 -4.11
C LYS A 40 -9.74 -1.78 -3.82
N VAL A 41 -10.55 -2.45 -4.67
CA VAL A 41 -11.99 -2.42 -4.62
C VAL A 41 -12.39 -3.14 -3.36
N GLY A 42 -13.21 -2.48 -2.53
CA GLY A 42 -13.50 -2.95 -1.20
C GLY A 42 -13.24 -1.78 -0.32
N HIS A 43 -12.13 -1.04 -0.58
CA HIS A 43 -11.78 0.11 0.21
C HIS A 43 -11.78 1.30 -0.68
N GLY A 44 -10.82 1.39 -1.63
CA GLY A 44 -10.71 2.60 -2.38
C GLY A 44 -9.41 2.53 -3.09
N LEU A 45 -8.92 3.71 -3.52
CA LEU A 45 -7.64 3.90 -4.19
C LEU A 45 -6.60 3.65 -3.14
N ALA A 46 -5.52 2.92 -3.47
CA ALA A 46 -4.60 2.40 -2.50
C ALA A 46 -3.27 2.59 -3.16
N CYS A 47 -2.15 2.09 -2.57
CA CYS A 47 -0.88 2.23 -3.25
C CYS A 47 -0.47 0.79 -3.38
N TRP A 48 0.44 0.41 -4.32
CA TRP A 48 0.90 -0.95 -4.48
C TRP A 48 2.39 -0.86 -4.27
N CYS A 49 3.02 -1.96 -3.80
CA CYS A 49 4.44 -2.04 -3.62
C CYS A 49 4.80 -3.46 -3.91
N ASN A 50 6.07 -3.68 -4.31
CA ASN A 50 6.65 -4.99 -4.35
C ASN A 50 7.78 -4.90 -3.39
N ALA A 51 8.02 -6.02 -2.66
CA ALA A 51 9.17 -6.29 -1.84
C ALA A 51 9.14 -5.48 -0.58
N LEU A 52 8.05 -5.62 0.20
CA LEU A 52 7.94 -4.93 1.47
C LEU A 52 8.39 -5.90 2.50
N PRO A 53 9.25 -5.58 3.46
CA PRO A 53 9.63 -6.51 4.51
C PRO A 53 8.49 -6.74 5.48
N ASP A 54 8.70 -7.66 6.43
CA ASP A 54 7.70 -8.05 7.39
C ASP A 54 7.60 -7.11 8.57
N ASN A 55 8.15 -5.87 8.47
CA ASN A 55 7.94 -4.87 9.49
C ASN A 55 6.85 -3.95 9.01
N VAL A 56 6.38 -4.15 7.77
CA VAL A 56 5.38 -3.32 7.14
C VAL A 56 4.13 -4.14 7.25
N GLY A 57 2.96 -3.56 6.95
CA GLY A 57 1.70 -4.23 7.04
C GLY A 57 1.02 -3.62 5.87
N ILE A 58 -0.05 -4.28 5.37
CA ILE A 58 -0.57 -4.01 4.08
C ILE A 58 -2.04 -4.20 4.26
N ILE A 59 -2.84 -4.34 3.17
CA ILE A 59 -4.26 -4.52 3.27
C ILE A 59 -4.47 -5.90 3.83
N VAL A 60 -5.26 -6.01 4.90
CA VAL A 60 -5.55 -7.26 5.52
C VAL A 60 -6.98 -7.51 5.12
N GLU A 61 -7.17 -8.45 4.17
CA GLU A 61 -8.40 -8.76 3.50
C GLU A 61 -8.84 -7.54 2.72
N GLY A 62 -10.07 -7.06 2.98
CA GLY A 62 -10.58 -5.81 2.52
C GLY A 62 -11.76 -5.61 3.39
N GLU A 63 -11.57 -5.91 4.69
CA GLU A 63 -12.64 -6.01 5.65
C GLU A 63 -12.94 -4.66 6.21
N LYS A 64 -11.89 -3.95 6.70
CA LYS A 64 -12.07 -2.74 7.41
C LYS A 64 -10.70 -2.16 7.35
N CYS A 65 -10.45 -1.10 8.14
CA CYS A 65 -9.16 -0.51 8.35
C CYS A 65 -9.10 -0.74 9.81
N HIS A 66 -7.88 -0.94 10.36
CA HIS A 66 -7.69 -1.20 11.75
C HIS A 66 -6.45 -0.42 11.98
N SER A 67 -6.58 0.75 12.62
CA SER A 67 -5.52 1.70 12.80
C SER A 67 -4.42 1.10 13.71
N VAL A 1 9.55 -11.47 2.13
CA VAL A 1 8.95 -10.15 1.78
C VAL A 1 7.53 -10.33 1.30
N ARG A 2 6.74 -9.23 1.29
CA ARG A 2 5.43 -9.22 0.67
C ARG A 2 5.62 -8.58 -0.68
N ASP A 3 4.62 -8.77 -1.58
CA ASP A 3 4.39 -7.88 -2.68
C ASP A 3 2.92 -7.77 -2.46
N GLY A 4 2.35 -6.56 -2.42
CA GLY A 4 0.92 -6.47 -2.17
C GLY A 4 0.57 -5.12 -2.63
N TYR A 5 -0.67 -4.67 -2.31
CA TYR A 5 -0.97 -3.27 -2.30
C TYR A 5 -0.54 -2.87 -0.92
N ILE A 6 0.09 -1.69 -0.75
CA ILE A 6 0.49 -1.15 0.51
C ILE A 6 -0.67 -0.32 1.00
N ALA A 7 -0.79 -0.26 2.33
CA ALA A 7 -1.76 0.45 3.07
C ALA A 7 -1.00 0.62 4.33
N GLN A 8 -1.58 1.36 5.28
CA GLN A 8 -0.96 1.73 6.53
C GLN A 8 -1.23 0.59 7.48
N PRO A 9 -0.46 0.44 8.56
CA PRO A 9 -0.82 -0.40 9.68
C PRO A 9 -2.06 0.14 10.39
N GLU A 10 -3.24 -0.54 10.39
CA GLU A 10 -3.52 -1.80 9.79
C GLU A 10 -4.71 -1.61 8.92
N ASN A 11 -4.48 -1.76 7.59
CA ASN A 11 -5.50 -2.10 6.62
C ASN A 11 -6.26 -0.87 6.26
N CYS A 12 -5.57 0.28 6.28
CA CYS A 12 -6.16 1.57 6.02
C CYS A 12 -5.33 2.09 4.89
N VAL A 13 -5.91 2.43 3.73
CA VAL A 13 -5.15 2.52 2.50
C VAL A 13 -4.17 3.66 2.47
N TYR A 14 -3.15 3.52 1.60
CA TYR A 14 -2.12 4.48 1.34
C TYR A 14 -2.66 5.00 0.06
N HIS A 15 -2.68 6.32 -0.18
CA HIS A 15 -3.49 6.83 -1.24
C HIS A 15 -2.61 6.85 -2.44
N CYS A 16 -3.27 7.01 -3.58
CA CYS A 16 -2.68 6.85 -4.85
C CYS A 16 -3.61 7.79 -5.52
N PHE A 17 -3.34 8.02 -6.79
CA PHE A 17 -4.00 8.93 -7.66
C PHE A 17 -3.78 8.12 -8.90
N PRO A 18 -4.22 8.43 -10.09
CA PRO A 18 -3.66 7.84 -11.31
C PRO A 18 -2.29 8.43 -11.60
N GLY A 19 -1.32 8.39 -10.66
CA GLY A 19 -0.03 8.95 -10.84
C GLY A 19 0.61 8.47 -9.59
N SER A 20 1.95 8.25 -9.62
CA SER A 20 2.62 7.45 -8.64
C SER A 20 3.42 8.30 -7.69
N SER A 21 3.19 9.63 -7.66
CA SER A 21 4.06 10.60 -7.02
C SER A 21 4.18 10.36 -5.54
N GLY A 22 3.03 10.43 -4.84
CA GLY A 22 2.96 10.21 -3.42
C GLY A 22 3.21 8.77 -3.12
N CYS A 23 2.63 7.88 -3.96
CA CYS A 23 2.67 6.44 -3.79
C CYS A 23 4.08 5.94 -3.75
N ASP A 24 4.89 6.19 -4.80
CA ASP A 24 6.20 5.62 -4.95
C ASP A 24 7.12 6.18 -3.90
N THR A 25 6.91 7.45 -3.52
CA THR A 25 7.62 8.10 -2.44
C THR A 25 7.37 7.37 -1.12
N LEU A 26 6.07 7.13 -0.79
CA LEU A 26 5.68 6.53 0.47
C LEU A 26 6.03 5.08 0.49
N CYS A 27 5.89 4.42 -0.67
CA CYS A 27 6.32 3.06 -0.90
C CYS A 27 7.80 2.94 -0.62
N LYS A 28 8.62 3.89 -1.14
CA LYS A 28 10.06 3.85 -1.01
C LYS A 28 10.47 3.91 0.44
N GLU A 29 9.91 4.89 1.19
CA GLU A 29 10.36 5.16 2.54
C GLU A 29 9.93 4.10 3.52
N LYS A 30 8.87 3.32 3.20
CA LYS A 30 8.45 2.19 4.00
C LYS A 30 9.08 0.92 3.48
N GLY A 31 9.93 1.03 2.44
CA GLY A 31 10.87 0.00 2.10
C GLY A 31 10.31 -0.93 1.08
N GLY A 32 9.46 -0.43 0.15
CA GLY A 32 9.09 -1.18 -1.02
C GLY A 32 9.98 -0.64 -2.10
N THR A 33 10.38 -1.49 -3.07
CA THR A 33 11.45 -1.15 -3.97
C THR A 33 10.96 -0.20 -5.02
N SER A 34 9.72 -0.38 -5.49
CA SER A 34 9.06 0.57 -6.34
C SER A 34 7.65 0.12 -6.13
N GLY A 35 6.70 0.80 -6.79
CA GLY A 35 5.30 0.66 -6.54
C GLY A 35 4.77 1.46 -7.68
N HIS A 36 3.43 1.54 -7.79
CA HIS A 36 2.74 2.13 -8.90
C HIS A 36 1.36 2.21 -8.32
N CYS A 37 0.38 2.74 -9.08
CA CYS A 37 -0.96 2.94 -8.59
C CYS A 37 -1.87 2.27 -9.56
N GLY A 38 -3.09 1.95 -9.10
CA GLY A 38 -4.13 1.45 -9.97
C GLY A 38 -4.90 0.48 -9.13
N PHE A 39 -6.09 0.88 -8.64
CA PHE A 39 -6.93 0.06 -7.82
C PHE A 39 -8.14 0.95 -7.82
N LYS A 40 -9.28 0.50 -7.24
CA LYS A 40 -10.40 1.35 -6.91
C LYS A 40 -11.37 0.51 -6.14
N VAL A 41 -10.91 -0.55 -5.45
CA VAL A 41 -11.79 -1.63 -5.03
C VAL A 41 -11.81 -1.61 -3.53
N GLY A 42 -13.02 -1.69 -2.92
CA GLY A 42 -13.14 -1.96 -1.50
C GLY A 42 -13.10 -0.70 -0.72
N HIS A 43 -11.90 -0.32 -0.22
CA HIS A 43 -11.77 0.80 0.69
C HIS A 43 -11.69 2.05 -0.13
N GLY A 44 -10.78 2.06 -1.11
CA GLY A 44 -10.52 3.21 -1.90
C GLY A 44 -9.37 2.67 -2.67
N LEU A 45 -8.74 3.51 -3.51
CA LEU A 45 -7.54 3.15 -4.21
C LEU A 45 -6.35 3.20 -3.28
N ALA A 46 -5.42 2.24 -3.48
CA ALA A 46 -4.39 1.90 -2.53
C ALA A 46 -3.16 1.96 -3.37
N CYS A 47 -1.96 1.79 -2.78
CA CYS A 47 -0.72 2.04 -3.50
C CYS A 47 -0.10 0.69 -3.63
N TRP A 48 0.74 0.41 -4.64
CA TRP A 48 1.36 -0.90 -4.78
C TRP A 48 2.74 -0.77 -4.19
N CYS A 49 3.33 -1.89 -3.73
CA CYS A 49 4.73 -1.94 -3.40
C CYS A 49 5.11 -3.33 -3.76
N ASN A 50 6.37 -3.51 -4.18
CA ASN A 50 6.97 -4.79 -4.40
C ASN A 50 8.07 -4.81 -3.40
N ALA A 51 8.31 -5.99 -2.78
CA ALA A 51 9.41 -6.29 -1.90
C ALA A 51 9.36 -5.49 -0.64
N LEU A 52 8.26 -5.62 0.13
CA LEU A 52 8.15 -4.97 1.42
C LEU A 52 8.60 -5.99 2.41
N PRO A 53 9.47 -5.70 3.38
CA PRO A 53 9.86 -6.66 4.39
C PRO A 53 8.71 -6.94 5.32
N ASP A 54 8.88 -7.96 6.17
CA ASP A 54 7.81 -8.44 7.01
C ASP A 54 7.69 -7.65 8.28
N ASN A 55 8.01 -6.35 8.25
CA ASN A 55 7.82 -5.45 9.36
C ASN A 55 6.74 -4.46 8.98
N VAL A 56 6.24 -4.56 7.73
CA VAL A 56 5.26 -3.64 7.20
C VAL A 56 3.96 -4.37 7.33
N GLY A 57 2.81 -3.68 7.26
CA GLY A 57 1.50 -4.25 7.37
C GLY A 57 0.83 -3.47 6.31
N ILE A 58 -0.21 -4.06 5.66
CA ILE A 58 -0.69 -3.64 4.38
C ILE A 58 -2.15 -3.98 4.36
N ILE A 59 -2.72 -4.28 3.16
CA ILE A 59 -4.09 -4.68 2.97
C ILE A 59 -4.26 -6.06 3.59
N VAL A 60 -5.27 -6.18 4.46
CA VAL A 60 -5.50 -7.34 5.30
C VAL A 60 -7.00 -7.55 5.25
N GLU A 61 -7.63 -6.96 4.22
CA GLU A 61 -9.06 -6.82 4.07
C GLU A 61 -9.76 -8.14 3.97
N GLY A 62 -10.84 -8.25 4.75
CA GLY A 62 -11.40 -9.48 5.21
C GLY A 62 -11.88 -9.03 6.55
N GLU A 63 -10.97 -8.31 7.26
CA GLU A 63 -11.36 -7.36 8.29
C GLU A 63 -11.40 -6.05 7.55
N LYS A 64 -11.11 -4.91 8.21
CA LYS A 64 -11.32 -3.60 7.66
C LYS A 64 -10.24 -2.82 8.33
N CYS A 65 -10.21 -1.48 8.16
CA CYS A 65 -9.21 -0.57 8.68
C CYS A 65 -9.28 -0.58 10.18
N HIS A 66 -8.11 -0.63 10.86
CA HIS A 66 -8.08 -0.59 12.29
C HIS A 66 -6.71 -0.13 12.67
N SER A 67 -6.50 0.09 13.98
CA SER A 67 -5.25 0.50 14.56
C SER A 67 -4.26 -0.66 14.41
N VAL A 1 9.52 -10.86 2.04
CA VAL A 1 8.68 -9.67 1.77
C VAL A 1 7.24 -10.10 1.65
N ARG A 2 6.38 -9.21 1.13
CA ARG A 2 5.06 -9.53 0.66
C ARG A 2 5.06 -8.59 -0.49
N ASP A 3 4.10 -8.70 -1.41
CA ASP A 3 3.93 -7.76 -2.49
C ASP A 3 2.50 -7.52 -2.20
N GLY A 4 2.03 -6.27 -2.15
CA GLY A 4 0.62 -6.13 -1.88
C GLY A 4 0.28 -4.76 -2.29
N TYR A 5 -1.01 -4.40 -2.10
CA TYR A 5 -1.45 -3.04 -2.14
C TYR A 5 -0.99 -2.45 -0.85
N ILE A 6 -0.40 -1.24 -0.87
CA ILE A 6 0.09 -0.60 0.35
C ILE A 6 -1.02 0.26 0.87
N ALA A 7 -1.01 0.37 2.22
CA ALA A 7 -1.94 0.98 3.09
C ALA A 7 -1.07 1.13 4.27
N GLN A 8 -1.62 1.65 5.38
CA GLN A 8 -0.94 1.75 6.64
C GLN A 8 -1.47 0.61 7.48
N PRO A 9 -0.85 0.32 8.62
CA PRO A 9 -1.35 -0.68 9.53
C PRO A 9 -2.72 -0.31 10.04
N GLU A 10 -3.76 -1.18 10.00
CA GLU A 10 -3.79 -2.48 9.40
C GLU A 10 -5.03 -2.40 8.58
N ASN A 11 -4.92 -2.52 7.22
CA ASN A 11 -6.02 -2.43 6.29
C ASN A 11 -6.51 -1.01 6.21
N CYS A 12 -5.65 -0.06 6.62
CA CYS A 12 -6.01 1.34 6.70
C CYS A 12 -5.37 2.01 5.53
N VAL A 13 -6.12 2.10 4.41
CA VAL A 13 -5.57 2.44 3.13
C VAL A 13 -4.88 3.77 3.04
N TYR A 14 -3.96 3.80 2.05
CA TYR A 14 -3.17 4.91 1.63
C TYR A 14 -3.93 5.23 0.38
N HIS A 15 -3.58 6.30 -0.34
CA HIS A 15 -4.27 6.63 -1.56
C HIS A 15 -3.06 6.96 -2.35
N CYS A 16 -3.15 6.80 -3.68
CA CYS A 16 -2.06 7.02 -4.58
C CYS A 16 -2.31 8.40 -5.11
N PHE A 17 -1.39 8.92 -5.93
CA PHE A 17 -1.57 10.16 -6.60
C PHE A 17 -1.49 9.64 -8.00
N PRO A 18 -2.50 9.75 -8.88
CA PRO A 18 -2.49 9.08 -10.17
C PRO A 18 -1.33 9.54 -11.03
N GLY A 19 -0.26 8.74 -11.10
CA GLY A 19 0.95 9.16 -11.73
C GLY A 19 1.96 8.28 -11.10
N SER A 20 1.86 8.14 -9.76
CA SER A 20 2.59 7.24 -8.88
C SER A 20 3.29 8.08 -7.87
N SER A 21 4.00 9.13 -8.33
CA SER A 21 5.13 9.80 -7.73
C SER A 21 5.10 10.03 -6.23
N GLY A 22 3.96 10.50 -5.68
CA GLY A 22 3.87 10.79 -4.26
C GLY A 22 3.81 9.52 -3.45
N CYS A 23 3.05 8.52 -3.93
CA CYS A 23 2.90 7.27 -3.19
C CYS A 23 4.08 6.41 -3.50
N ASP A 24 4.70 6.62 -4.69
CA ASP A 24 5.92 5.97 -5.07
C ASP A 24 7.07 6.45 -4.21
N THR A 25 7.01 7.69 -3.70
CA THR A 25 7.97 8.19 -2.74
C THR A 25 7.76 7.49 -1.40
N LEU A 26 6.48 7.33 -0.97
CA LEU A 26 6.13 6.63 0.27
C LEU A 26 6.57 5.20 0.18
N CYS A 27 6.37 4.60 -1.02
CA CYS A 27 6.79 3.26 -1.33
C CYS A 27 8.25 3.07 -1.06
N LYS A 28 9.10 4.04 -1.48
CA LYS A 28 10.53 3.94 -1.30
C LYS A 28 10.91 3.89 0.16
N GLU A 29 10.37 4.81 0.98
CA GLU A 29 10.76 4.94 2.36
C GLU A 29 10.19 3.85 3.23
N LYS A 30 9.12 3.14 2.78
CA LYS A 30 8.60 1.99 3.49
C LYS A 30 9.31 0.75 3.05
N GLY A 31 9.92 0.76 1.84
CA GLY A 31 10.84 -0.27 1.44
C GLY A 31 10.28 -1.08 0.32
N GLY A 32 9.40 -0.48 -0.52
CA GLY A 32 8.95 -1.10 -1.74
C GLY A 32 9.82 -0.53 -2.82
N THR A 33 10.53 -1.41 -3.55
CA THR A 33 11.57 -1.03 -4.45
C THR A 33 11.01 -0.86 -5.85
N SER A 34 9.69 -1.05 -6.02
CA SER A 34 8.99 -0.73 -7.22
C SER A 34 7.61 -0.67 -6.64
N GLY A 35 6.68 0.00 -7.34
CA GLY A 35 5.38 0.28 -6.81
C GLY A 35 4.72 0.88 -7.99
N HIS A 36 3.43 1.26 -7.83
CA HIS A 36 2.59 1.74 -8.89
C HIS A 36 1.44 2.29 -8.10
N CYS A 37 0.42 2.85 -8.79
CA CYS A 37 -0.88 3.06 -8.21
C CYS A 37 -1.67 1.85 -8.60
N GLY A 38 -2.90 1.72 -8.07
CA GLY A 38 -3.80 0.71 -8.54
C GLY A 38 -5.05 1.28 -7.97
N PHE A 39 -6.16 0.55 -8.05
CA PHE A 39 -7.40 0.87 -7.38
C PHE A 39 -7.64 -0.43 -6.69
N LYS A 40 -8.29 -0.42 -5.51
CA LYS A 40 -8.64 -1.63 -4.82
C LYS A 40 -10.11 -1.48 -4.56
N VAL A 41 -10.92 -2.17 -5.40
CA VAL A 41 -12.35 -2.07 -5.36
C VAL A 41 -12.82 -2.72 -4.08
N GLY A 42 -13.49 -1.95 -3.22
CA GLY A 42 -13.80 -2.40 -1.89
C GLY A 42 -13.50 -1.23 -1.01
N HIS A 43 -12.36 -0.53 -1.25
CA HIS A 43 -12.03 0.64 -0.48
C HIS A 43 -12.00 1.79 -1.42
N GLY A 44 -11.08 1.80 -2.40
CA GLY A 44 -10.98 2.92 -3.27
C GLY A 44 -9.58 2.88 -3.78
N LEU A 45 -8.95 4.07 -3.85
CA LEU A 45 -7.63 4.29 -4.39
C LEU A 45 -6.67 3.91 -3.30
N ALA A 46 -5.62 3.12 -3.60
CA ALA A 46 -4.74 2.54 -2.64
C ALA A 46 -3.57 2.30 -3.53
N CYS A 47 -2.33 2.06 -3.03
CA CYS A 47 -1.19 2.07 -3.96
C CYS A 47 -0.68 0.67 -4.03
N TRP A 48 0.42 0.42 -4.76
CA TRP A 48 1.02 -0.89 -4.85
C TRP A 48 2.43 -0.64 -4.48
N CYS A 49 3.07 -1.64 -3.83
CA CYS A 49 4.47 -1.67 -3.57
C CYS A 49 4.75 -3.12 -3.79
N ASN A 50 5.92 -3.46 -4.38
CA ASN A 50 6.14 -4.80 -4.90
C ASN A 50 7.13 -5.51 -4.02
N ALA A 51 7.25 -5.06 -2.77
CA ALA A 51 8.02 -5.65 -1.75
C ALA A 51 7.54 -4.74 -0.68
N LEU A 52 7.55 -5.19 0.57
CA LEU A 52 7.67 -4.38 1.74
C LEU A 52 8.35 -5.41 2.56
N PRO A 53 9.16 -5.09 3.57
CA PRO A 53 9.56 -6.06 4.57
C PRO A 53 8.37 -6.38 5.46
N ASP A 54 8.47 -7.45 6.25
CA ASP A 54 7.37 -7.99 7.03
C ASP A 54 6.88 -7.12 8.16
N ASN A 55 7.62 -6.05 8.51
CA ASN A 55 7.29 -5.16 9.59
C ASN A 55 6.34 -4.09 9.13
N VAL A 56 5.98 -4.10 7.83
CA VAL A 56 5.05 -3.17 7.26
C VAL A 56 3.78 -3.95 7.20
N GLY A 57 2.65 -3.28 7.46
CA GLY A 57 1.37 -3.89 7.45
C GLY A 57 0.69 -3.03 6.47
N ILE A 58 -0.14 -3.66 5.63
CA ILE A 58 -0.65 -3.12 4.42
C ILE A 58 -2.12 -3.35 4.48
N ILE A 59 -2.71 -3.93 3.42
CA ILE A 59 -4.05 -4.47 3.45
C ILE A 59 -3.93 -5.73 4.26
N VAL A 60 -4.63 -5.81 5.40
CA VAL A 60 -4.40 -6.82 6.40
C VAL A 60 -5.75 -7.43 6.64
N GLU A 61 -5.91 -8.70 6.23
CA GLU A 61 -7.08 -9.54 6.37
C GLU A 61 -8.13 -9.09 5.38
N GLY A 62 -9.30 -9.75 5.41
CA GLY A 62 -10.48 -9.33 4.71
C GLY A 62 -11.32 -8.87 5.83
N GLU A 63 -11.05 -7.64 6.32
CA GLU A 63 -11.68 -7.09 7.48
C GLU A 63 -11.93 -5.68 7.02
N LYS A 64 -11.44 -4.67 7.76
CA LYS A 64 -11.61 -3.29 7.41
C LYS A 64 -10.45 -2.74 8.17
N CYS A 65 -10.29 -1.40 8.20
CA CYS A 65 -9.21 -0.68 8.85
C CYS A 65 -9.31 -0.94 10.32
N HIS A 66 -8.22 -1.47 10.90
CA HIS A 66 -8.17 -1.83 12.28
C HIS A 66 -6.77 -1.49 12.70
N SER A 67 -6.43 -1.72 13.97
CA SER A 67 -5.17 -1.44 14.59
C SER A 67 -5.46 -2.16 15.91
N VAL A 1 9.86 -11.39 1.35
CA VAL A 1 9.17 -10.12 1.05
C VAL A 1 7.78 -10.40 0.53
N ARG A 2 6.95 -9.35 0.40
CA ARG A 2 5.64 -9.42 -0.19
C ARG A 2 5.69 -8.48 -1.37
N ASP A 3 4.71 -8.62 -2.29
CA ASP A 3 4.42 -7.65 -3.31
C ASP A 3 2.96 -7.60 -3.01
N GLY A 4 2.35 -6.40 -2.92
CA GLY A 4 0.94 -6.37 -2.65
C GLY A 4 0.49 -5.03 -3.04
N TYR A 5 -0.80 -4.75 -2.77
CA TYR A 5 -1.33 -3.43 -2.65
C TYR A 5 -0.86 -2.97 -1.30
N ILE A 6 -0.31 -1.75 -1.20
CA ILE A 6 0.23 -1.27 0.05
C ILE A 6 -0.90 -0.57 0.75
N ALA A 7 -0.93 -0.88 2.07
CA ALA A 7 -1.86 -0.41 3.06
C ALA A 7 -1.18 0.62 3.90
N GLN A 8 -1.62 0.71 5.16
CA GLN A 8 -0.93 1.33 6.24
C GLN A 8 -1.22 0.22 7.20
N PRO A 9 -0.44 -0.08 8.23
CA PRO A 9 -0.84 -1.01 9.26
C PRO A 9 -1.99 -0.41 10.04
N GLU A 10 -2.85 -1.17 10.74
CA GLU A 10 -2.78 -2.59 10.98
C GLU A 10 -3.60 -3.32 9.95
N ASN A 11 -4.59 -2.63 9.37
CA ASN A 11 -5.55 -3.20 8.48
C ASN A 11 -5.98 -1.96 7.73
N CYS A 12 -5.56 -1.76 6.46
CA CYS A 12 -5.95 -0.54 5.80
C CYS A 12 -5.74 -0.73 4.34
N VAL A 13 -5.81 0.37 3.57
CA VAL A 13 -5.27 0.53 2.24
C VAL A 13 -4.52 1.80 2.47
N TYR A 14 -3.60 2.18 1.56
CA TYR A 14 -3.09 3.53 1.49
C TYR A 14 -4.06 4.29 0.64
N HIS A 15 -3.68 5.48 0.15
CA HIS A 15 -4.45 6.22 -0.78
C HIS A 15 -3.32 6.59 -1.67
N CYS A 16 -3.65 7.11 -2.85
CA CYS A 16 -2.75 7.30 -3.94
C CYS A 16 -3.14 8.69 -4.30
N PHE A 17 -2.24 9.43 -4.96
CA PHE A 17 -2.56 10.65 -5.64
C PHE A 17 -2.27 10.15 -7.02
N PRO A 18 -3.16 10.01 -8.00
CA PRO A 18 -2.82 9.36 -9.26
C PRO A 18 -1.75 10.07 -10.06
N GLY A 19 -0.50 9.55 -10.02
CA GLY A 19 0.63 10.06 -10.70
C GLY A 19 1.60 9.10 -10.12
N SER A 20 2.91 9.28 -10.38
CA SER A 20 3.94 8.43 -9.88
C SER A 20 4.28 8.84 -8.48
N SER A 21 4.27 10.16 -8.23
CA SER A 21 4.81 10.88 -7.10
C SER A 21 4.50 10.30 -5.76
N GLY A 22 3.21 10.21 -5.40
CA GLY A 22 2.80 9.96 -4.04
C GLY A 22 3.12 8.56 -3.64
N CYS A 23 2.64 7.59 -4.44
CA CYS A 23 2.73 6.18 -4.10
C CYS A 23 4.16 5.74 -4.04
N ASP A 24 4.94 6.11 -5.08
CA ASP A 24 6.30 5.62 -5.23
C ASP A 24 7.15 6.14 -4.10
N THR A 25 6.96 7.41 -3.71
CA THR A 25 7.69 7.98 -2.59
C THR A 25 7.32 7.30 -1.28
N LEU A 26 6.02 7.05 -1.04
CA LEU A 26 5.56 6.40 0.18
C LEU A 26 6.08 4.98 0.23
N CYS A 27 6.09 4.34 -0.96
CA CYS A 27 6.64 3.02 -1.15
C CYS A 27 8.09 2.99 -0.78
N LYS A 28 8.89 3.94 -1.30
CA LYS A 28 10.32 3.96 -1.10
C LYS A 28 10.69 4.25 0.33
N GLU A 29 9.94 5.12 1.02
CA GLU A 29 10.24 5.46 2.40
C GLU A 29 9.81 4.37 3.35
N LYS A 30 8.74 3.60 3.02
CA LYS A 30 8.31 2.47 3.83
C LYS A 30 9.23 1.30 3.58
N GLY A 31 9.70 1.17 2.34
CA GLY A 31 10.78 0.28 2.02
C GLY A 31 10.25 -0.80 1.15
N GLY A 32 9.42 -0.43 0.16
CA GLY A 32 9.16 -1.23 -1.00
C GLY A 32 10.08 -0.65 -2.00
N THR A 33 10.46 -1.42 -3.04
CA THR A 33 11.53 -1.02 -3.91
C THR A 33 10.98 -0.04 -4.90
N SER A 34 9.74 -0.26 -5.38
CA SER A 34 9.09 0.67 -6.23
C SER A 34 7.68 0.24 -6.05
N GLY A 35 6.73 1.06 -6.56
CA GLY A 35 5.34 0.88 -6.33
C GLY A 35 4.80 1.95 -7.22
N HIS A 36 3.47 2.08 -7.30
CA HIS A 36 2.82 2.94 -8.25
C HIS A 36 1.41 2.93 -7.77
N CYS A 37 0.48 3.58 -8.51
CA CYS A 37 -0.90 3.68 -8.13
C CYS A 37 -1.59 2.42 -8.57
N GLY A 38 -2.58 1.94 -7.82
CA GLY A 38 -3.32 0.80 -8.21
C GLY A 38 -4.48 0.93 -7.30
N PHE A 39 -5.51 0.14 -7.56
CA PHE A 39 -6.66 -0.05 -6.73
C PHE A 39 -7.15 -1.30 -7.41
N LYS A 40 -8.39 -1.71 -7.09
CA LYS A 40 -9.07 -2.95 -7.34
C LYS A 40 -8.93 -3.67 -6.04
N VAL A 41 -9.48 -3.08 -4.96
CA VAL A 41 -9.30 -3.54 -3.61
C VAL A 41 -10.68 -3.29 -3.07
N GLY A 42 -11.02 -3.84 -1.89
CA GLY A 42 -12.31 -3.65 -1.27
C GLY A 42 -12.08 -2.74 -0.13
N HIS A 43 -11.99 -1.43 -0.42
CA HIS A 43 -11.73 -0.35 0.48
C HIS A 43 -11.98 0.71 -0.55
N GLY A 44 -11.25 1.85 -0.52
CA GLY A 44 -11.32 2.82 -1.56
C GLY A 44 -9.90 3.20 -1.71
N LEU A 45 -9.33 3.01 -2.92
CA LEU A 45 -7.99 3.38 -3.32
C LEU A 45 -7.00 2.45 -2.66
N ALA A 46 -5.69 2.54 -2.96
CA ALA A 46 -4.65 1.85 -2.27
C ALA A 46 -3.48 2.41 -3.01
N CYS A 47 -2.25 1.92 -2.75
CA CYS A 47 -1.20 2.10 -3.74
C CYS A 47 -0.76 0.69 -3.93
N TRP A 48 0.18 0.43 -4.86
CA TRP A 48 0.79 -0.87 -5.07
C TRP A 48 2.23 -0.71 -4.67
N CYS A 49 2.90 -1.80 -4.22
CA CYS A 49 4.32 -1.81 -3.96
C CYS A 49 4.84 -3.17 -4.30
N ASN A 50 6.12 -3.24 -4.74
CA ASN A 50 6.83 -4.48 -4.95
C ASN A 50 7.97 -4.49 -3.97
N ALA A 51 8.19 -5.66 -3.33
CA ALA A 51 9.33 -6.02 -2.53
C ALA A 51 9.31 -5.27 -1.24
N LEU A 52 8.24 -5.49 -0.45
CA LEU A 52 8.08 -4.93 0.87
C LEU A 52 8.51 -6.03 1.80
N PRO A 53 9.37 -5.81 2.79
CA PRO A 53 9.76 -6.85 3.72
C PRO A 53 8.68 -7.10 4.74
N ASP A 54 8.92 -8.07 5.64
CA ASP A 54 7.94 -8.55 6.59
C ASP A 54 7.69 -7.61 7.75
N ASN A 55 8.38 -6.45 7.83
CA ASN A 55 8.15 -5.49 8.90
C ASN A 55 7.08 -4.52 8.48
N VAL A 56 6.57 -4.68 7.24
CA VAL A 56 5.50 -3.86 6.71
C VAL A 56 4.30 -4.76 6.90
N GLY A 57 3.08 -4.25 6.69
CA GLY A 57 1.91 -5.06 6.67
C GLY A 57 1.16 -4.32 5.63
N ILE A 58 0.29 -5.03 4.91
CA ILE A 58 -0.32 -4.56 3.69
C ILE A 58 -1.77 -4.81 3.87
N ILE A 59 -2.52 -5.07 2.77
CA ILE A 59 -3.95 -5.16 2.84
C ILE A 59 -4.31 -6.40 3.61
N VAL A 60 -5.29 -6.24 4.52
CA VAL A 60 -5.97 -7.25 5.24
C VAL A 60 -7.30 -6.58 5.08
N GLU A 61 -8.42 -7.31 5.20
CA GLU A 61 -9.72 -6.71 5.20
C GLU A 61 -10.36 -7.71 6.08
N GLY A 62 -11.47 -7.32 6.72
CA GLY A 62 -12.01 -8.01 7.85
C GLY A 62 -12.59 -6.90 8.66
N GLU A 63 -11.86 -5.76 8.71
CA GLU A 63 -12.37 -4.57 9.31
C GLU A 63 -12.75 -3.63 8.19
N LYS A 64 -11.87 -2.68 7.85
CA LYS A 64 -12.16 -1.58 6.97
C LYS A 64 -10.75 -1.05 6.95
N CYS A 65 -10.54 0.21 6.54
CA CYS A 65 -9.31 0.89 6.83
C CYS A 65 -9.49 1.35 8.25
N HIS A 66 -8.58 0.89 9.14
CA HIS A 66 -8.77 1.03 10.57
C HIS A 66 -8.50 2.43 10.99
N SER A 67 -8.75 2.70 12.28
CA SER A 67 -8.46 3.93 12.93
C SER A 67 -8.79 3.43 14.34
N VAL A 1 10.19 -11.46 0.70
CA VAL A 1 9.41 -10.20 0.59
C VAL A 1 7.99 -10.51 0.20
N ARG A 2 7.11 -9.50 0.29
CA ARG A 2 5.77 -9.56 -0.24
C ARG A 2 5.74 -8.54 -1.35
N ASP A 3 4.65 -8.57 -2.16
CA ASP A 3 4.32 -7.52 -3.07
C ASP A 3 2.93 -7.38 -2.58
N GLY A 4 2.35 -6.17 -2.54
CA GLY A 4 1.01 -6.06 -2.06
C GLY A 4 0.51 -4.77 -2.55
N TYR A 5 -0.77 -4.48 -2.23
CA TYR A 5 -1.32 -3.15 -2.23
C TYR A 5 -0.87 -2.61 -0.91
N ILE A 6 -0.25 -1.41 -0.83
CA ILE A 6 0.24 -0.93 0.43
C ILE A 6 -0.89 -0.14 1.05
N ALA A 7 -0.98 -0.34 2.39
CA ALA A 7 -1.92 0.27 3.28
C ALA A 7 -1.22 1.33 4.07
N GLN A 8 -1.70 1.52 5.30
CA GLN A 8 -1.24 2.39 6.31
C GLN A 8 -1.56 1.46 7.44
N PRO A 9 -1.06 1.66 8.65
CA PRO A 9 -1.55 0.95 9.82
C PRO A 9 -3.00 1.36 10.06
N GLU A 10 -3.88 0.53 10.67
CA GLU A 10 -3.60 -0.78 11.19
C GLU A 10 -3.81 -1.77 10.08
N ASN A 11 -4.98 -1.68 9.44
CA ASN A 11 -5.49 -2.51 8.41
C ASN A 11 -6.05 -1.31 7.73
N CYS A 12 -5.70 -0.98 6.48
CA CYS A 12 -6.25 0.20 5.84
C CYS A 12 -5.94 -0.05 4.40
N VAL A 13 -6.06 1.00 3.55
CA VAL A 13 -5.48 1.09 2.24
C VAL A 13 -4.76 2.40 2.43
N TYR A 14 -3.83 2.75 1.52
CA TYR A 14 -3.35 4.10 1.36
C TYR A 14 -4.32 4.74 0.42
N HIS A 15 -3.97 5.86 -0.22
CA HIS A 15 -4.70 6.33 -1.35
C HIS A 15 -3.54 6.71 -2.19
N CYS A 16 -3.77 6.98 -3.49
CA CYS A 16 -2.72 7.24 -4.42
C CYS A 16 -2.87 8.69 -4.69
N PHE A 17 -1.82 9.30 -5.26
CA PHE A 17 -1.90 10.59 -5.90
C PHE A 17 -1.71 10.11 -7.31
N PRO A 18 -2.69 10.06 -8.22
CA PRO A 18 -2.57 9.25 -9.44
C PRO A 18 -1.35 9.46 -10.30
N GLY A 19 -0.38 8.51 -10.25
CA GLY A 19 0.82 8.57 -11.01
C GLY A 19 1.60 7.61 -10.19
N SER A 20 2.94 7.61 -10.33
CA SER A 20 3.79 6.85 -9.44
C SER A 20 4.13 7.72 -8.26
N SER A 21 4.27 9.05 -8.49
CA SER A 21 4.94 10.03 -7.67
C SER A 21 4.78 9.90 -6.18
N GLY A 22 3.52 9.97 -5.69
CA GLY A 22 3.25 9.96 -4.28
C GLY A 22 3.51 8.60 -3.72
N CYS A 23 2.89 7.55 -4.32
CA CYS A 23 3.02 6.19 -3.84
C CYS A 23 4.45 5.72 -3.88
N ASP A 24 5.20 6.02 -4.97
CA ASP A 24 6.57 5.61 -5.15
C ASP A 24 7.43 6.18 -4.05
N THR A 25 7.25 7.48 -3.74
CA THR A 25 8.00 8.13 -2.69
C THR A 25 7.68 7.49 -1.35
N LEU A 26 6.39 7.21 -1.06
CA LEU A 26 5.95 6.60 0.18
C LEU A 26 6.47 5.19 0.27
N CYS A 27 6.44 4.47 -0.86
CA CYS A 27 6.88 3.11 -0.99
C CYS A 27 8.35 3.02 -0.70
N LYS A 28 9.15 3.96 -1.26
CA LYS A 28 10.59 3.92 -1.16
C LYS A 28 11.06 4.32 0.22
N GLU A 29 10.31 5.19 0.93
CA GLU A 29 10.68 5.58 2.28
C GLU A 29 10.31 4.51 3.27
N LYS A 30 9.30 3.64 2.96
CA LYS A 30 8.99 2.49 3.79
C LYS A 30 10.01 1.44 3.47
N GLY A 31 10.10 1.03 2.20
CA GLY A 31 11.15 0.14 1.77
C GLY A 31 10.59 -0.85 0.80
N GLY A 32 9.78 -0.38 -0.17
CA GLY A 32 9.41 -1.15 -1.32
C GLY A 32 10.12 -0.50 -2.45
N THR A 33 10.29 -1.24 -3.55
CA THR A 33 11.28 -0.90 -4.55
C THR A 33 10.65 -0.05 -5.61
N SER A 34 9.35 -0.25 -5.87
CA SER A 34 8.64 0.52 -6.84
C SER A 34 7.31 0.57 -6.21
N GLY A 35 6.52 1.61 -6.52
CA GLY A 35 5.22 1.75 -5.98
C GLY A 35 4.65 2.60 -7.03
N HIS A 36 3.32 2.56 -7.14
CA HIS A 36 2.55 3.28 -8.11
C HIS A 36 1.22 3.05 -7.48
N CYS A 37 0.10 3.46 -8.13
CA CYS A 37 -1.20 3.28 -7.52
C CYS A 37 -1.60 1.83 -7.54
N GLY A 38 -2.80 1.59 -6.99
CA GLY A 38 -3.44 0.35 -7.12
C GLY A 38 -4.81 0.77 -6.73
N PHE A 39 -5.79 -0.14 -6.84
CA PHE A 39 -7.12 0.04 -6.37
C PHE A 39 -7.29 -1.33 -5.79
N LYS A 40 -7.80 -1.40 -4.54
CA LYS A 40 -7.98 -2.62 -3.82
C LYS A 40 -9.46 -2.70 -3.63
N VAL A 41 -10.13 -3.58 -4.39
CA VAL A 41 -11.56 -3.70 -4.36
C VAL A 41 -11.90 -4.36 -3.04
N GLY A 42 -12.79 -3.70 -2.25
CA GLY A 42 -13.04 -4.11 -0.90
C GLY A 42 -12.87 -2.87 -0.08
N HIS A 43 -11.96 -1.96 -0.50
CA HIS A 43 -11.80 -0.70 0.17
C HIS A 43 -11.98 0.37 -0.85
N GLY A 44 -11.07 0.49 -1.82
CA GLY A 44 -11.13 1.58 -2.76
C GLY A 44 -9.75 1.74 -3.27
N LEU A 45 -9.39 3.00 -3.62
CA LEU A 45 -8.09 3.45 -4.10
C LEU A 45 -7.06 3.12 -3.05
N ALA A 46 -5.82 2.74 -3.45
CA ALA A 46 -4.86 2.22 -2.52
C ALA A 46 -3.56 2.66 -3.12
N CYS A 47 -2.40 2.19 -2.57
CA CYS A 47 -1.17 2.36 -3.33
C CYS A 47 -0.78 0.94 -3.54
N TRP A 48 0.25 0.69 -4.38
CA TRP A 48 0.78 -0.64 -4.58
C TRP A 48 2.25 -0.48 -4.27
N CYS A 49 2.93 -1.59 -3.90
CA CYS A 49 4.36 -1.62 -3.70
C CYS A 49 4.79 -2.97 -4.17
N ASN A 50 6.03 -3.04 -4.71
CA ASN A 50 6.69 -4.28 -5.02
C ASN A 50 7.86 -4.36 -4.10
N ALA A 51 8.06 -5.57 -3.53
CA ALA A 51 9.18 -6.01 -2.74
C ALA A 51 9.25 -5.26 -1.44
N LEU A 52 8.29 -5.54 -0.55
CA LEU A 52 8.27 -4.98 0.79
C LEU A 52 8.69 -6.13 1.66
N PRO A 53 9.53 -5.98 2.69
CA PRO A 53 9.86 -7.07 3.60
C PRO A 53 8.67 -7.43 4.45
N ASP A 54 8.76 -8.58 5.15
CA ASP A 54 7.65 -9.22 5.82
C ASP A 54 7.11 -8.44 6.98
N ASN A 55 7.93 -7.53 7.54
CA ASN A 55 7.58 -6.73 8.69
C ASN A 55 6.79 -5.52 8.29
N VAL A 56 6.49 -5.36 6.98
CA VAL A 56 5.72 -4.25 6.51
C VAL A 56 4.32 -4.80 6.40
N GLY A 57 3.33 -4.14 7.04
CA GLY A 57 1.97 -4.58 6.97
C GLY A 57 1.33 -3.77 5.90
N ILE A 58 0.30 -4.34 5.27
CA ILE A 58 -0.25 -3.85 4.04
C ILE A 58 -1.73 -4.03 4.21
N ILE A 59 -2.48 -4.30 3.12
CA ILE A 59 -3.88 -4.61 3.24
C ILE A 59 -3.94 -5.97 3.83
N VAL A 60 -4.82 -6.14 4.81
CA VAL A 60 -5.03 -7.29 5.60
C VAL A 60 -6.52 -7.20 5.51
N GLU A 61 -7.21 -8.36 5.53
CA GLU A 61 -8.65 -8.51 5.52
C GLU A 61 -9.30 -7.64 4.47
N GLY A 62 -10.14 -6.71 4.94
CA GLY A 62 -10.86 -5.74 4.17
C GLY A 62 -11.90 -5.42 5.19
N GLU A 63 -11.44 -5.15 6.43
CA GLU A 63 -12.30 -5.04 7.58
C GLU A 63 -12.78 -3.62 7.61
N LYS A 64 -11.81 -2.71 7.72
CA LYS A 64 -12.11 -1.32 7.84
C LYS A 64 -10.76 -0.76 7.58
N CYS A 65 -10.61 0.56 7.80
CA CYS A 65 -9.34 1.19 7.89
C CYS A 65 -9.33 1.46 9.35
N HIS A 66 -8.31 0.88 10.03
CA HIS A 66 -8.12 0.79 11.45
C HIS A 66 -9.02 -0.31 11.98
N SER A 67 -9.23 -0.35 13.29
CA SER A 67 -9.90 -1.44 13.93
C SER A 67 -11.42 -1.15 13.87
N VAL A 1 10.07 -11.36 1.37
CA VAL A 1 9.26 -10.14 1.20
C VAL A 1 7.88 -10.49 0.71
N ARG A 2 6.95 -9.50 0.74
CA ARG A 2 5.62 -9.60 0.19
C ARG A 2 5.61 -8.67 -0.98
N ASP A 3 4.52 -8.73 -1.78
CA ASP A 3 4.22 -7.72 -2.76
C ASP A 3 2.79 -7.57 -2.37
N GLY A 4 2.23 -6.35 -2.43
CA GLY A 4 0.86 -6.22 -2.02
C GLY A 4 0.40 -4.94 -2.60
N TYR A 5 -0.89 -4.61 -2.33
CA TYR A 5 -1.36 -3.26 -2.34
C TYR A 5 -0.91 -2.78 -1.00
N ILE A 6 -0.30 -1.59 -0.91
CA ILE A 6 0.16 -1.09 0.36
C ILE A 6 -1.01 -0.31 0.89
N ALA A 7 -1.22 -0.59 2.20
CA ALA A 7 -2.11 0.08 3.10
C ALA A 7 -1.39 1.26 3.63
N GLN A 8 -1.74 1.64 4.87
CA GLN A 8 -1.03 2.60 5.65
C GLN A 8 -1.21 1.90 6.95
N PRO A 9 -0.49 2.20 8.02
CA PRO A 9 -0.63 1.47 9.26
C PRO A 9 -1.99 1.72 9.86
N GLU A 10 -2.62 0.78 10.59
CA GLU A 10 -2.14 -0.55 10.90
C GLU A 10 -2.47 -1.43 9.73
N ASN A 11 -3.47 -1.01 8.93
CA ASN A 11 -4.08 -1.71 7.87
C ASN A 11 -4.98 -0.57 7.50
N CYS A 12 -5.45 -0.51 6.23
CA CYS A 12 -6.38 0.42 5.61
C CYS A 12 -6.01 0.15 4.18
N VAL A 13 -6.14 1.16 3.31
CA VAL A 13 -5.50 1.25 2.03
C VAL A 13 -4.68 2.48 2.27
N TYR A 14 -3.67 2.76 1.42
CA TYR A 14 -3.10 4.09 1.33
C TYR A 14 -3.98 4.84 0.35
N HIS A 15 -3.46 5.87 -0.31
CA HIS A 15 -4.10 6.40 -1.46
C HIS A 15 -2.91 6.54 -2.34
N CYS A 16 -3.12 7.04 -3.56
CA CYS A 16 -2.12 7.24 -4.55
C CYS A 16 -2.60 8.56 -5.03
N PHE A 17 -1.84 9.20 -5.92
CA PHE A 17 -2.24 10.39 -6.58
C PHE A 17 -1.98 9.94 -7.98
N PRO A 18 -2.87 10.12 -8.95
CA PRO A 18 -2.61 9.79 -10.34
C PRO A 18 -1.37 10.44 -10.88
N GLY A 19 -0.38 9.63 -11.29
CA GLY A 19 0.95 10.09 -11.59
C GLY A 19 1.84 9.11 -10.90
N SER A 20 1.47 8.76 -9.65
CA SER A 20 2.08 7.78 -8.79
C SER A 20 3.14 8.36 -7.90
N SER A 21 3.63 9.58 -8.15
CA SER A 21 4.79 10.18 -7.53
C SER A 21 4.85 10.05 -6.01
N GLY A 22 3.74 10.38 -5.34
CA GLY A 22 3.69 10.38 -3.88
C GLY A 22 3.56 8.98 -3.35
N CYS A 23 2.93 8.07 -4.13
CA CYS A 23 2.74 6.68 -3.74
C CYS A 23 4.06 6.01 -3.82
N ASP A 24 4.80 6.26 -4.93
CA ASP A 24 6.14 5.75 -5.15
C ASP A 24 7.03 6.17 -4.01
N THR A 25 6.97 7.47 -3.64
CA THR A 25 7.70 8.01 -2.51
C THR A 25 7.31 7.33 -1.20
N LEU A 26 6.01 7.12 -0.92
CA LEU A 26 5.56 6.47 0.30
C LEU A 26 5.99 5.02 0.31
N CYS A 27 5.88 4.37 -0.86
CA CYS A 27 6.34 3.02 -1.07
C CYS A 27 7.81 2.88 -0.76
N LYS A 28 8.64 3.86 -1.19
CA LYS A 28 10.08 3.86 -0.94
C LYS A 28 10.35 3.85 0.54
N GLU A 29 9.77 4.81 1.29
CA GLU A 29 10.09 4.99 2.69
C GLU A 29 9.51 3.91 3.57
N LYS A 30 8.53 3.14 3.07
CA LYS A 30 7.99 1.99 3.77
C LYS A 30 8.75 0.75 3.38
N GLY A 31 9.68 0.87 2.41
CA GLY A 31 10.65 -0.16 2.14
C GLY A 31 10.27 -1.02 0.98
N GLY A 32 9.49 -0.49 0.02
CA GLY A 32 9.23 -1.18 -1.23
C GLY A 32 10.12 -0.54 -2.23
N THR A 33 10.63 -1.31 -3.22
CA THR A 33 11.67 -0.81 -4.08
C THR A 33 11.11 0.10 -5.14
N SER A 34 9.84 -0.09 -5.54
CA SER A 34 9.12 0.86 -6.32
C SER A 34 7.73 0.40 -6.06
N GLY A 35 6.72 1.15 -6.56
CA GLY A 35 5.34 0.90 -6.32
C GLY A 35 4.77 1.86 -7.30
N HIS A 36 3.44 1.82 -7.51
CA HIS A 36 2.78 2.59 -8.52
C HIS A 36 1.39 2.58 -7.98
N CYS A 37 0.41 3.30 -8.58
CA CYS A 37 -0.95 3.26 -8.09
C CYS A 37 -1.58 1.92 -8.42
N GLY A 38 -2.70 1.61 -7.75
CA GLY A 38 -3.52 0.48 -8.06
C GLY A 38 -4.77 0.88 -7.38
N PHE A 39 -5.86 0.12 -7.60
CA PHE A 39 -7.13 0.34 -6.95
C PHE A 39 -7.33 -0.98 -6.25
N LYS A 40 -7.74 -0.95 -4.97
CA LYS A 40 -8.01 -2.14 -4.21
C LYS A 40 -9.48 -2.13 -4.02
N VAL A 41 -10.18 -3.01 -4.75
CA VAL A 41 -11.62 -3.08 -4.75
C VAL A 41 -12.03 -3.68 -3.43
N GLY A 42 -12.99 -3.05 -2.74
CA GLY A 42 -13.37 -3.41 -1.40
C GLY A 42 -13.07 -2.23 -0.53
N HIS A 43 -12.17 -1.34 -1.00
CA HIS A 43 -11.83 -0.15 -0.25
C HIS A 43 -11.88 1.00 -1.20
N GLY A 44 -10.90 1.13 -2.11
CA GLY A 44 -10.81 2.32 -2.88
C GLY A 44 -9.45 2.30 -3.49
N LEU A 45 -9.00 3.50 -3.92
CA LEU A 45 -7.69 3.80 -4.47
C LEU A 45 -6.68 3.49 -3.40
N ALA A 46 -5.57 2.81 -3.74
CA ALA A 46 -4.64 2.30 -2.78
C ALA A 46 -3.33 2.55 -3.44
N CYS A 47 -2.21 2.07 -2.86
CA CYS A 47 -0.94 2.27 -3.53
C CYS A 47 -0.50 0.84 -3.67
N TRP A 48 0.37 0.51 -4.64
CA TRP A 48 0.83 -0.84 -4.86
C TRP A 48 2.29 -0.75 -4.54
N CYS A 49 2.92 -1.85 -4.06
CA CYS A 49 4.31 -1.87 -3.74
C CYS A 49 4.77 -3.25 -4.06
N ASN A 50 6.05 -3.36 -4.47
CA ASN A 50 6.69 -4.63 -4.67
C ASN A 50 7.83 -4.61 -3.71
N ALA A 51 8.05 -5.77 -3.04
CA ALA A 51 9.16 -6.10 -2.19
C ALA A 51 9.06 -5.38 -0.87
N LEU A 52 7.96 -5.61 -0.13
CA LEU A 52 7.81 -5.02 1.18
C LEU A 52 8.20 -6.11 2.15
N PRO A 53 9.02 -5.89 3.16
CA PRO A 53 9.38 -6.93 4.10
C PRO A 53 8.24 -7.20 5.06
N ASP A 54 8.40 -8.27 5.86
CA ASP A 54 7.39 -8.87 6.72
C ASP A 54 6.88 -7.96 7.80
N ASN A 55 7.63 -6.89 8.14
CA ASN A 55 7.29 -5.98 9.20
C ASN A 55 6.37 -4.92 8.69
N VAL A 56 6.10 -4.89 7.37
CA VAL A 56 5.25 -3.90 6.78
C VAL A 56 3.96 -4.62 6.59
N GLY A 57 2.82 -3.96 6.88
CA GLY A 57 1.54 -4.61 6.84
C GLY A 57 0.77 -3.87 5.81
N ILE A 58 -0.18 -4.56 5.18
CA ILE A 58 -0.73 -4.16 3.93
C ILE A 58 -2.21 -4.24 4.11
N ILE A 59 -2.96 -4.52 3.01
CA ILE A 59 -4.41 -4.54 3.06
C ILE A 59 -4.81 -5.82 3.71
N VAL A 60 -5.42 -5.71 4.91
CA VAL A 60 -5.94 -6.80 5.66
C VAL A 60 -7.42 -6.64 5.50
N GLU A 61 -8.01 -7.37 4.53
CA GLU A 61 -9.40 -7.25 4.21
C GLU A 61 -10.17 -8.09 5.20
N GLY A 62 -11.34 -7.59 5.66
CA GLY A 62 -12.11 -8.21 6.71
C GLY A 62 -11.92 -7.37 7.93
N GLU A 63 -10.68 -6.86 8.11
CA GLU A 63 -10.29 -6.10 9.27
C GLU A 63 -10.69 -4.66 9.08
N LYS A 64 -10.72 -4.19 7.81
CA LYS A 64 -11.20 -2.88 7.42
C LYS A 64 -10.05 -1.95 7.34
N CYS A 65 -10.05 -0.92 8.18
CA CYS A 65 -9.10 0.15 8.19
C CYS A 65 -8.77 0.25 9.64
N HIS A 66 -7.45 0.25 9.97
CA HIS A 66 -6.91 0.16 11.30
C HIS A 66 -7.36 -1.13 11.95
N SER A 67 -7.64 -1.09 13.25
CA SER A 67 -8.08 -2.21 14.05
C SER A 67 -9.56 -2.53 13.78
N VAL A 1 9.11 -11.69 1.64
CA VAL A 1 8.56 -10.33 1.36
C VAL A 1 7.11 -10.44 0.96
N ARG A 2 6.50 -9.35 0.48
CA ARG A 2 5.19 -9.39 -0.11
C ARG A 2 5.32 -8.45 -1.27
N ASP A 3 4.33 -8.52 -2.19
CA ASP A 3 4.12 -7.55 -3.21
C ASP A 3 2.65 -7.47 -2.99
N GLY A 4 2.08 -6.27 -2.85
CA GLY A 4 0.66 -6.21 -2.65
C GLY A 4 0.33 -4.81 -2.98
N TYR A 5 -0.94 -4.44 -2.76
CA TYR A 5 -1.34 -3.06 -2.68
C TYR A 5 -0.91 -2.62 -1.31
N ILE A 6 -0.26 -1.44 -1.15
CA ILE A 6 0.18 -1.00 0.15
C ILE A 6 -0.94 -0.19 0.74
N ALA A 7 -1.08 -0.35 2.08
CA ALA A 7 -1.99 0.32 2.94
C ALA A 7 -1.17 1.28 3.72
N GLN A 8 -1.66 1.62 4.91
CA GLN A 8 -0.96 2.26 5.98
C GLN A 8 -1.30 1.21 6.99
N PRO A 9 -0.48 0.93 7.99
CA PRO A 9 -0.77 -0.12 8.96
C PRO A 9 -1.91 0.35 9.83
N GLU A 10 -2.77 -0.55 10.38
CA GLU A 10 -2.59 -1.98 10.41
C GLU A 10 -3.13 -2.57 9.15
N ASN A 11 -4.23 -1.98 8.63
CA ASN A 11 -4.87 -2.39 7.44
C ASN A 11 -5.55 -1.09 7.22
N CYS A 12 -5.73 -0.67 5.97
CA CYS A 12 -6.47 0.47 5.47
C CYS A 12 -6.08 0.31 4.04
N VAL A 13 -6.11 1.38 3.25
CA VAL A 13 -5.42 1.47 2.00
C VAL A 13 -4.70 2.75 2.29
N TYR A 14 -3.67 3.09 1.48
CA TYR A 14 -3.12 4.43 1.46
C TYR A 14 -3.88 5.02 0.30
N HIS A 15 -3.48 6.18 -0.24
CA HIS A 15 -4.13 6.68 -1.41
C HIS A 15 -2.97 7.12 -2.22
N CYS A 16 -3.12 7.07 -3.55
CA CYS A 16 -2.08 7.30 -4.49
C CYS A 16 -2.63 8.39 -5.31
N PHE A 17 -1.75 9.14 -5.95
CA PHE A 17 -2.08 10.28 -6.73
C PHE A 17 -1.75 9.74 -8.08
N PRO A 18 -2.67 9.62 -9.06
CA PRO A 18 -2.41 8.94 -10.32
C PRO A 18 -1.28 9.60 -11.07
N GLY A 19 -0.12 8.94 -11.13
CA GLY A 19 1.11 9.55 -11.53
C GLY A 19 2.09 8.72 -10.81
N SER A 20 1.80 8.52 -9.49
CA SER A 20 2.42 7.61 -8.55
C SER A 20 3.12 8.42 -7.50
N SER A 21 3.70 9.57 -7.88
CA SER A 21 4.78 10.28 -7.23
C SER A 21 4.73 10.34 -5.71
N GLY A 22 3.60 10.77 -5.13
CA GLY A 22 3.51 10.93 -3.70
C GLY A 22 3.53 9.60 -2.98
N CYS A 23 2.81 8.58 -3.50
CA CYS A 23 2.69 7.34 -2.77
C CYS A 23 3.81 6.42 -3.16
N ASP A 24 4.42 6.66 -4.34
CA ASP A 24 5.67 6.06 -4.73
C ASP A 24 6.73 6.47 -3.73
N THR A 25 6.74 7.76 -3.32
CA THR A 25 7.63 8.23 -2.28
C THR A 25 7.35 7.52 -0.97
N LEU A 26 6.06 7.39 -0.56
CA LEU A 26 5.66 6.71 0.66
C LEU A 26 6.11 5.27 0.65
N CYS A 27 5.93 4.60 -0.50
CA CYS A 27 6.38 3.25 -0.75
C CYS A 27 7.85 3.12 -0.49
N LYS A 28 8.67 4.07 -1.01
CA LYS A 28 10.11 3.99 -0.92
C LYS A 28 10.58 4.19 0.49
N GLU A 29 9.97 5.13 1.24
CA GLU A 29 10.41 5.47 2.59
C GLU A 29 9.94 4.45 3.58
N LYS A 30 8.83 3.73 3.29
CA LYS A 30 8.41 2.58 4.07
C LYS A 30 9.35 1.45 3.76
N GLY A 31 9.51 1.13 2.46
CA GLY A 31 10.59 0.26 2.05
C GLY A 31 10.09 -0.76 1.09
N GLY A 32 9.34 -0.33 0.06
CA GLY A 32 9.04 -1.15 -1.09
C GLY A 32 9.81 -0.47 -2.17
N THR A 33 10.49 -1.25 -3.02
CA THR A 33 11.54 -0.77 -3.88
C THR A 33 11.03 -0.60 -5.29
N SER A 34 9.71 -0.69 -5.46
CA SER A 34 9.05 -0.29 -6.67
C SER A 34 7.68 -0.14 -6.13
N GLY A 35 6.81 0.62 -6.83
CA GLY A 35 5.55 1.03 -6.31
C GLY A 35 4.95 1.60 -7.53
N HIS A 36 3.64 1.92 -7.48
CA HIS A 36 2.85 2.36 -8.59
C HIS A 36 1.65 2.83 -7.81
N CYS A 37 0.51 3.10 -8.50
CA CYS A 37 -0.76 3.30 -7.85
C CYS A 37 -1.46 1.99 -7.98
N GLY A 38 -2.67 1.86 -7.41
CA GLY A 38 -3.35 0.61 -7.42
C GLY A 38 -4.69 0.97 -6.90
N PHE A 39 -5.59 -0.02 -6.79
CA PHE A 39 -6.92 0.15 -6.31
C PHE A 39 -7.04 -1.14 -5.59
N LYS A 40 -7.80 -1.22 -4.48
CA LYS A 40 -8.07 -2.50 -3.87
C LYS A 40 -9.54 -2.47 -3.62
N VAL A 41 -10.30 -3.34 -4.34
CA VAL A 41 -11.74 -3.30 -4.32
C VAL A 41 -12.19 -3.90 -3.01
N GLY A 42 -12.99 -3.12 -2.25
CA GLY A 42 -13.38 -3.48 -0.92
C GLY A 42 -13.01 -2.30 -0.08
N HIS A 43 -11.94 -1.58 -0.49
CA HIS A 43 -11.54 -0.39 0.21
C HIS A 43 -11.75 0.77 -0.73
N GLY A 44 -10.94 0.89 -1.80
CA GLY A 44 -10.99 2.05 -2.64
C GLY A 44 -9.67 2.06 -3.30
N LEU A 45 -9.18 3.26 -3.71
CA LEU A 45 -7.93 3.45 -4.40
C LEU A 45 -6.82 3.22 -3.39
N ALA A 46 -5.68 2.63 -3.80
CA ALA A 46 -4.68 2.16 -2.87
C ALA A 46 -3.38 2.57 -3.47
N CYS A 47 -2.23 2.08 -2.96
CA CYS A 47 -1.03 2.24 -3.76
C CYS A 47 -0.56 0.85 -3.90
N TRP A 48 0.57 0.63 -4.60
CA TRP A 48 1.09 -0.69 -4.82
C TRP A 48 2.52 -0.54 -4.43
N CYS A 49 3.16 -1.65 -4.00
CA CYS A 49 4.57 -1.70 -3.68
C CYS A 49 4.99 -3.09 -4.02
N ASN A 50 6.27 -3.27 -4.39
CA ASN A 50 6.88 -4.56 -4.56
C ASN A 50 7.98 -4.61 -3.55
N ALA A 51 8.15 -5.78 -2.90
CA ALA A 51 9.24 -6.16 -2.03
C ALA A 51 9.26 -5.33 -0.80
N LEU A 52 8.14 -5.38 -0.05
CA LEU A 52 8.06 -4.79 1.25
C LEU A 52 8.46 -5.90 2.17
N PRO A 53 9.13 -5.64 3.30
CA PRO A 53 9.43 -6.66 4.28
C PRO A 53 8.16 -7.15 4.94
N ASP A 54 8.22 -8.32 5.60
CA ASP A 54 7.05 -9.03 6.07
C ASP A 54 6.39 -8.33 7.23
N ASN A 55 7.13 -7.44 7.91
CA ASN A 55 6.67 -6.71 9.07
C ASN A 55 5.88 -5.49 8.65
N VAL A 56 5.73 -5.26 7.34
CA VAL A 56 4.96 -4.15 6.84
C VAL A 56 3.60 -4.73 6.57
N GLY A 57 2.53 -4.09 7.08
CA GLY A 57 1.19 -4.57 6.89
C GLY A 57 0.67 -3.79 5.74
N ILE A 58 -0.32 -4.38 5.03
CA ILE A 58 -0.75 -3.91 3.75
C ILE A 58 -2.25 -4.06 3.79
N ILE A 59 -2.92 -4.21 2.63
CA ILE A 59 -4.35 -4.37 2.57
C ILE A 59 -4.63 -5.78 2.97
N VAL A 60 -5.69 -5.94 3.77
CA VAL A 60 -6.14 -7.12 4.42
C VAL A 60 -7.60 -6.78 4.35
N GLU A 61 -8.52 -7.72 4.56
CA GLU A 61 -9.90 -7.41 4.78
C GLU A 61 -10.27 -8.67 5.48
N GLY A 62 -11.34 -8.64 6.28
CA GLY A 62 -11.65 -9.64 7.27
C GLY A 62 -11.77 -8.80 8.50
N GLU A 63 -10.79 -7.86 8.61
CA GLU A 63 -10.89 -6.63 9.35
C GLU A 63 -11.29 -5.66 8.26
N LYS A 64 -10.86 -4.39 8.34
CA LYS A 64 -11.10 -3.37 7.37
C LYS A 64 -10.13 -2.38 7.93
N CYS A 65 -10.25 -1.09 7.54
CA CYS A 65 -9.32 -0.02 7.83
C CYS A 65 -9.21 0.20 9.31
N HIS A 66 -7.97 0.21 9.81
CA HIS A 66 -7.64 0.37 11.21
C HIS A 66 -6.29 1.03 11.10
N SER A 67 -6.24 2.38 11.14
CA SER A 67 -5.00 3.11 11.00
C SER A 67 -4.26 3.06 12.36
N VAL A 1 9.69 -11.18 2.18
CA VAL A 1 9.03 -9.93 1.71
C VAL A 1 7.59 -10.19 1.35
N ARG A 2 6.78 -9.13 1.28
CA ARG A 2 5.45 -9.19 0.73
C ARG A 2 5.58 -8.59 -0.65
N ASP A 3 4.69 -9.01 -1.58
CA ASP A 3 4.39 -8.25 -2.75
C ASP A 3 2.94 -8.13 -2.47
N GLY A 4 2.42 -6.89 -2.33
CA GLY A 4 1.07 -6.74 -1.89
C GLY A 4 0.74 -5.37 -2.30
N TYR A 5 -0.47 -4.91 -1.96
CA TYR A 5 -0.82 -3.52 -2.05
C TYR A 5 -0.36 -2.97 -0.76
N ILE A 6 0.15 -1.72 -0.72
CA ILE A 6 0.54 -1.04 0.48
C ILE A 6 -0.67 -0.29 0.97
N ALA A 7 -0.73 -0.19 2.32
CA ALA A 7 -1.73 0.46 3.08
C ALA A 7 -0.96 1.24 4.09
N GLN A 8 -1.68 1.68 5.13
CA GLN A 8 -1.09 2.12 6.36
C GLN A 8 -1.21 0.88 7.20
N PRO A 9 -0.30 0.57 8.11
CA PRO A 9 -0.37 -0.62 8.94
C PRO A 9 -1.58 -0.49 9.83
N GLU A 10 -2.64 -1.33 9.69
CA GLU A 10 -2.78 -2.47 8.82
C GLU A 10 -4.20 -2.31 8.45
N ASN A 11 -4.64 -2.98 7.36
CA ASN A 11 -6.05 -3.22 7.08
C ASN A 11 -6.67 -2.04 6.40
N CYS A 12 -5.89 -0.94 6.28
CA CYS A 12 -6.35 0.36 5.83
C CYS A 12 -6.18 0.40 4.34
N VAL A 13 -5.81 1.58 3.80
CA VAL A 13 -5.23 1.73 2.50
C VAL A 13 -4.24 2.81 2.82
N TYR A 14 -3.46 3.26 1.82
CA TYR A 14 -2.73 4.49 1.83
C TYR A 14 -3.32 4.99 0.56
N HIS A 15 -3.34 6.32 0.33
CA HIS A 15 -4.04 6.87 -0.80
C HIS A 15 -3.05 7.05 -1.90
N CYS A 16 -3.34 6.41 -3.06
CA CYS A 16 -2.55 6.56 -4.24
C CYS A 16 -3.23 7.63 -5.02
N PHE A 17 -2.43 8.47 -5.70
CA PHE A 17 -2.94 9.54 -6.51
C PHE A 17 -2.56 9.03 -7.86
N PRO A 18 -3.44 8.80 -8.84
CA PRO A 18 -3.06 8.19 -10.10
C PRO A 18 -2.02 9.00 -10.82
N GLY A 19 -0.85 8.39 -11.09
CA GLY A 19 0.35 9.12 -11.40
C GLY A 19 1.32 8.32 -10.60
N SER A 20 1.02 8.22 -9.29
CA SER A 20 1.58 7.34 -8.28
C SER A 20 2.33 8.14 -7.28
N SER A 21 2.87 9.31 -7.68
CA SER A 21 3.94 10.07 -7.06
C SER A 21 3.93 10.14 -5.55
N GLY A 22 2.77 10.50 -4.95
CA GLY A 22 2.65 10.64 -3.52
C GLY A 22 2.86 9.34 -2.81
N CYS A 23 2.17 8.26 -3.27
CA CYS A 23 2.20 7.01 -2.57
C CYS A 23 3.39 6.20 -2.99
N ASP A 24 3.92 6.47 -4.20
CA ASP A 24 5.16 5.90 -4.67
C ASP A 24 6.29 6.39 -3.80
N THR A 25 6.24 7.66 -3.35
CA THR A 25 7.21 8.19 -2.41
C THR A 25 7.08 7.49 -1.07
N LEU A 26 5.82 7.24 -0.62
CA LEU A 26 5.55 6.53 0.62
C LEU A 26 6.07 5.12 0.53
N CYS A 27 5.82 4.46 -0.63
CA CYS A 27 6.33 3.16 -0.98
C CYS A 27 7.83 3.12 -0.83
N LYS A 28 8.54 4.12 -1.41
CA LYS A 28 9.98 4.19 -1.35
C LYS A 28 10.48 4.30 0.08
N GLU A 29 9.90 5.21 0.91
CA GLU A 29 10.39 5.40 2.27
C GLU A 29 10.05 4.24 3.18
N LYS A 30 8.91 3.55 2.97
CA LYS A 30 8.52 2.41 3.78
C LYS A 30 9.30 1.19 3.34
N GLY A 31 9.75 1.18 2.07
CA GLY A 31 10.81 0.30 1.63
C GLY A 31 10.30 -0.67 0.64
N GLY A 32 9.45 -0.21 -0.31
CA GLY A 32 9.02 -0.99 -1.44
C GLY A 32 9.88 -0.54 -2.58
N THR A 33 10.38 -1.53 -3.36
CA THR A 33 11.45 -1.32 -4.33
C THR A 33 10.87 -0.81 -5.62
N SER A 34 9.55 -0.96 -5.81
CA SER A 34 8.86 -0.34 -6.91
C SER A 34 7.47 -0.34 -6.35
N GLY A 35 6.53 0.36 -7.02
CA GLY A 35 5.18 0.48 -6.56
C GLY A 35 4.61 1.32 -7.64
N HIS A 36 3.29 1.58 -7.59
CA HIS A 36 2.55 2.28 -8.61
C HIS A 36 1.19 2.22 -8.00
N CYS A 37 0.14 2.73 -8.69
CA CYS A 37 -1.22 2.63 -8.19
C CYS A 37 -1.84 1.41 -8.79
N GLY A 38 -3.06 1.06 -8.36
CA GLY A 38 -3.78 -0.06 -8.87
C GLY A 38 -5.02 0.12 -8.07
N PHE A 39 -5.95 -0.83 -8.09
CA PHE A 39 -7.07 -0.82 -7.20
C PHE A 39 -7.18 -2.29 -6.99
N LYS A 40 -7.86 -2.73 -5.92
CA LYS A 40 -8.18 -4.13 -5.73
C LYS A 40 -9.31 -4.03 -4.75
N VAL A 41 -10.15 -2.99 -4.92
CA VAL A 41 -10.99 -2.42 -3.90
C VAL A 41 -10.06 -1.98 -2.79
N GLY A 42 -10.48 -2.12 -1.54
CA GLY A 42 -9.75 -1.65 -0.40
C GLY A 42 -10.76 -0.75 0.18
N HIS A 43 -10.38 0.52 0.42
CA HIS A 43 -11.20 1.53 1.02
C HIS A 43 -11.29 2.68 0.04
N GLY A 44 -10.36 2.76 -0.90
CA GLY A 44 -10.15 3.93 -1.70
C GLY A 44 -9.03 3.38 -2.50
N LEU A 45 -8.39 4.22 -3.34
CA LEU A 45 -7.45 3.74 -4.32
C LEU A 45 -6.12 3.53 -3.64
N ALA A 46 -5.80 2.25 -3.33
CA ALA A 46 -4.65 1.83 -2.58
C ALA A 46 -3.46 1.78 -3.50
N CYS A 47 -2.26 1.41 -2.99
CA CYS A 47 -1.09 1.57 -3.84
C CYS A 47 -0.47 0.23 -3.89
N TRP A 48 0.32 -0.10 -4.95
CA TRP A 48 1.08 -1.33 -5.00
C TRP A 48 2.40 -0.98 -4.41
N CYS A 49 3.11 -1.98 -3.84
CA CYS A 49 4.52 -1.87 -3.61
C CYS A 49 4.95 -3.25 -3.94
N ASN A 50 6.14 -3.39 -4.55
CA ASN A 50 6.67 -4.68 -4.88
C ASN A 50 7.85 -4.80 -3.98
N ALA A 51 7.85 -5.86 -3.14
CA ALA A 51 8.90 -6.22 -2.23
C ALA A 51 8.92 -5.26 -1.07
N LEU A 52 7.96 -5.40 -0.14
CA LEU A 52 8.01 -4.70 1.12
C LEU A 52 8.54 -5.71 2.09
N PRO A 53 9.42 -5.38 3.03
CA PRO A 53 9.89 -6.32 4.01
C PRO A 53 8.81 -6.60 5.02
N ASP A 54 9.02 -7.60 5.90
CA ASP A 54 7.96 -8.19 6.67
C ASP A 54 7.53 -7.36 7.85
N ASN A 55 8.23 -6.23 8.10
CA ASN A 55 7.96 -5.33 9.20
C ASN A 55 6.98 -4.28 8.77
N VAL A 56 6.51 -4.32 7.51
CA VAL A 56 5.58 -3.36 6.98
C VAL A 56 4.26 -4.06 7.04
N GLY A 57 3.18 -3.35 7.40
CA GLY A 57 1.86 -3.93 7.48
C GLY A 57 1.13 -3.19 6.42
N ILE A 58 0.15 -3.87 5.79
CA ILE A 58 -0.39 -3.48 4.51
C ILE A 58 -1.87 -3.80 4.53
N ILE A 59 -2.47 -4.04 3.33
CA ILE A 59 -3.87 -4.31 3.16
C ILE A 59 -4.10 -5.70 3.68
N VAL A 60 -5.22 -5.87 4.39
CA VAL A 60 -5.68 -7.05 5.05
C VAL A 60 -7.11 -6.71 4.82
N GLU A 61 -8.00 -7.69 4.51
CA GLU A 61 -9.42 -7.51 4.25
C GLU A 61 -9.69 -6.27 3.42
N GLY A 62 -10.28 -5.22 4.04
CA GLY A 62 -10.30 -3.90 3.48
C GLY A 62 -11.66 -3.38 3.81
N GLU A 63 -11.91 -3.11 5.12
CA GLU A 63 -13.26 -2.85 5.57
C GLU A 63 -13.12 -1.83 6.65
N LYS A 64 -12.50 -2.22 7.77
CA LYS A 64 -12.16 -1.34 8.85
C LYS A 64 -10.72 -0.99 8.58
N CYS A 65 -10.19 0.08 9.20
CA CYS A 65 -8.80 0.43 9.09
C CYS A 65 -8.32 0.07 10.47
N HIS A 66 -7.22 -0.70 10.53
CA HIS A 66 -6.77 -1.46 11.68
C HIS A 66 -7.69 -2.61 11.93
N SER A 67 -7.58 -3.28 13.09
CA SER A 67 -8.13 -4.59 13.29
C SER A 67 -9.68 -4.60 13.31
N VAL A 1 10.19 -11.22 2.10
CA VAL A 1 9.35 -10.03 1.80
C VAL A 1 7.98 -10.45 1.34
N ARG A 2 7.08 -9.45 1.18
CA ARG A 2 5.76 -9.60 0.66
C ARG A 2 5.71 -8.66 -0.51
N ASP A 3 4.79 -8.91 -1.46
CA ASP A 3 4.51 -8.02 -2.56
C ASP A 3 3.02 -8.04 -2.47
N GLY A 4 2.35 -6.88 -2.40
CA GLY A 4 0.92 -6.88 -2.45
C GLY A 4 0.62 -5.48 -2.80
N TYR A 5 -0.67 -5.09 -2.67
CA TYR A 5 -1.02 -3.70 -2.59
C TYR A 5 -0.65 -3.31 -1.19
N ILE A 6 0.00 -2.16 -0.99
CA ILE A 6 0.40 -1.69 0.30
C ILE A 6 -0.80 -0.97 0.85
N ALA A 7 -1.02 -1.29 2.14
CA ALA A 7 -1.94 -0.67 3.04
C ALA A 7 -1.24 0.48 3.65
N GLN A 8 -1.43 0.65 4.96
CA GLN A 8 -0.62 1.44 5.84
C GLN A 8 -0.92 0.63 7.07
N PRO A 9 -0.20 0.70 8.18
CA PRO A 9 -0.51 -0.11 9.34
C PRO A 9 -1.86 0.32 9.89
N GLU A 10 -2.67 -0.55 10.51
CA GLU A 10 -2.41 -1.94 10.85
C GLU A 10 -2.76 -2.82 9.69
N ASN A 11 -3.99 -2.63 9.18
CA ASN A 11 -4.47 -3.19 7.96
C ASN A 11 -5.23 -1.96 7.62
N CYS A 12 -5.26 -1.62 6.33
CA CYS A 12 -5.94 -0.47 5.80
C CYS A 12 -5.78 -0.73 4.33
N VAL A 13 -5.89 0.33 3.50
CA VAL A 13 -5.41 0.43 2.17
C VAL A 13 -4.58 1.67 2.38
N TYR A 14 -3.68 2.04 1.45
CA TYR A 14 -3.15 3.39 1.42
C TYR A 14 -4.17 4.20 0.68
N HIS A 15 -3.87 5.46 0.32
CA HIS A 15 -4.74 6.22 -0.51
C HIS A 15 -3.66 6.61 -1.43
N CYS A 16 -3.98 6.72 -2.71
CA CYS A 16 -3.07 7.09 -3.71
C CYS A 16 -4.11 7.50 -4.69
N PHE A 17 -3.75 7.68 -5.96
CA PHE A 17 -4.49 8.41 -6.91
C PHE A 17 -4.23 7.59 -8.13
N PRO A 18 -4.86 7.79 -9.28
CA PRO A 18 -4.40 7.24 -10.55
C PRO A 18 -3.13 7.95 -11.00
N GLY A 19 -2.06 7.86 -10.19
CA GLY A 19 -0.82 8.48 -10.48
C GLY A 19 -0.06 8.18 -9.25
N SER A 20 1.12 7.55 -9.39
CA SER A 20 1.97 7.08 -8.33
C SER A 20 2.79 8.20 -7.72
N SER A 21 2.20 9.40 -7.58
CA SER A 21 2.89 10.65 -7.40
C SER A 21 3.52 10.69 -6.04
N GLY A 22 2.66 10.67 -4.99
CA GLY A 22 3.13 10.74 -3.63
C GLY A 22 3.61 9.39 -3.18
N CYS A 23 3.13 8.32 -3.85
CA CYS A 23 3.41 6.99 -3.37
C CYS A 23 4.78 6.54 -3.78
N ASP A 24 5.46 7.22 -4.73
CA ASP A 24 6.88 7.02 -4.99
C ASP A 24 7.67 7.15 -3.71
N THR A 25 7.51 8.29 -3.02
CA THR A 25 8.08 8.55 -1.72
C THR A 25 7.58 7.58 -0.66
N LEU A 26 6.26 7.32 -0.60
CA LEU A 26 5.66 6.53 0.46
C LEU A 26 6.12 5.12 0.41
N CYS A 27 6.21 4.55 -0.81
CA CYS A 27 6.67 3.20 -1.01
C CYS A 27 8.09 3.07 -0.55
N LYS A 28 8.96 4.06 -0.88
CA LYS A 28 10.35 4.04 -0.51
C LYS A 28 10.51 4.10 0.98
N GLU A 29 9.79 5.00 1.68
CA GLU A 29 9.99 5.21 3.11
C GLU A 29 9.46 4.07 3.94
N LYS A 30 8.61 3.20 3.35
CA LYS A 30 8.13 2.01 4.00
C LYS A 30 9.01 0.84 3.66
N GLY A 31 9.98 1.04 2.74
CA GLY A 31 10.98 0.05 2.43
C GLY A 31 10.48 -0.84 1.35
N GLY A 32 9.65 -0.32 0.43
CA GLY A 32 9.28 -0.99 -0.78
C GLY A 32 10.15 -0.39 -1.82
N THR A 33 10.47 -1.16 -2.87
CA THR A 33 11.52 -0.77 -3.78
C THR A 33 10.98 0.21 -4.79
N SER A 34 9.78 -0.06 -5.32
CA SER A 34 9.04 0.86 -6.11
C SER A 34 7.69 0.25 -6.00
N GLY A 35 6.68 0.85 -6.64
CA GLY A 35 5.32 0.54 -6.43
C GLY A 35 4.72 1.38 -7.48
N HIS A 36 3.38 1.41 -7.55
CA HIS A 36 2.62 2.08 -8.56
C HIS A 36 1.31 2.17 -7.84
N CYS A 37 0.24 2.70 -8.47
CA CYS A 37 -1.05 2.77 -7.83
C CYS A 37 -1.99 2.44 -8.93
N GLY A 38 -3.24 2.04 -8.60
CA GLY A 38 -4.24 1.67 -9.55
C GLY A 38 -4.88 0.45 -8.98
N PHE A 39 -6.14 0.56 -8.53
CA PHE A 39 -6.82 -0.49 -7.82
C PHE A 39 -8.18 0.13 -7.78
N LYS A 40 -9.18 -0.55 -7.18
CA LYS A 40 -10.41 0.03 -6.75
C LYS A 40 -10.69 -0.97 -5.68
N VAL A 41 -11.37 -0.58 -4.57
CA VAL A 41 -11.77 -1.52 -3.56
C VAL A 41 -12.88 -0.71 -2.97
N GLY A 42 -13.64 -1.30 -2.03
CA GLY A 42 -14.63 -0.61 -1.24
C GLY A 42 -13.89 -0.08 -0.06
N HIS A 43 -13.13 1.00 -0.30
CA HIS A 43 -12.18 1.53 0.63
C HIS A 43 -11.71 2.72 -0.15
N GLY A 44 -11.32 2.46 -1.42
CA GLY A 44 -10.92 3.51 -2.31
C GLY A 44 -10.14 2.82 -3.36
N LEU A 45 -8.81 2.75 -3.16
CA LEU A 45 -7.83 2.27 -4.07
C LEU A 45 -6.71 2.21 -3.08
N ALA A 46 -5.53 1.67 -3.44
CA ALA A 46 -4.46 1.46 -2.51
C ALA A 46 -3.27 1.67 -3.37
N CYS A 47 -2.05 1.43 -2.83
CA CYS A 47 -0.84 1.70 -3.60
C CYS A 47 -0.24 0.34 -3.69
N TRP A 48 0.64 0.05 -4.67
CA TRP A 48 1.35 -1.21 -4.75
C TRP A 48 2.68 -0.95 -4.12
N CYS A 49 3.35 -1.98 -3.56
CA CYS A 49 4.76 -1.86 -3.27
C CYS A 49 5.23 -3.24 -3.52
N ASN A 50 6.51 -3.37 -3.90
CA ASN A 50 7.13 -4.64 -4.14
C ASN A 50 8.24 -4.62 -3.15
N ALA A 51 8.52 -5.80 -2.55
CA ALA A 51 9.64 -6.09 -1.70
C ALA A 51 9.54 -5.38 -0.39
N LEU A 52 8.39 -5.52 0.30
CA LEU A 52 8.24 -4.94 1.62
C LEU A 52 8.63 -6.02 2.58
N PRO A 53 9.45 -5.81 3.60
CA PRO A 53 9.74 -6.81 4.60
C PRO A 53 8.53 -7.06 5.46
N ASP A 54 8.60 -8.06 6.33
CA ASP A 54 7.48 -8.47 7.13
C ASP A 54 7.40 -7.69 8.42
N ASN A 55 7.94 -6.46 8.46
CA ASN A 55 7.69 -5.53 9.56
C ASN A 55 6.59 -4.61 9.11
N VAL A 56 6.22 -4.70 7.81
CA VAL A 56 5.24 -3.86 7.19
C VAL A 56 4.01 -4.73 7.15
N GLY A 57 2.90 -4.26 6.56
CA GLY A 57 1.65 -4.93 6.53
C GLY A 57 1.14 -4.40 5.25
N ILE A 58 0.08 -4.98 4.70
CA ILE A 58 -0.35 -4.71 3.37
C ILE A 58 -1.78 -5.03 3.51
N ILE A 59 -2.54 -5.12 2.38
CA ILE A 59 -3.95 -5.45 2.39
C ILE A 59 -4.11 -6.85 2.92
N VAL A 60 -4.71 -6.95 4.12
CA VAL A 60 -5.03 -8.21 4.75
C VAL A 60 -6.35 -8.61 4.16
N GLU A 61 -7.26 -7.64 4.08
CA GLU A 61 -8.54 -7.75 3.43
C GLU A 61 -8.78 -6.29 3.34
N GLY A 62 -9.78 -5.83 2.56
CA GLY A 62 -10.12 -4.42 2.50
C GLY A 62 -11.28 -4.23 3.44
N GLU A 63 -11.16 -4.82 4.64
CA GLU A 63 -12.25 -4.97 5.58
C GLU A 63 -12.39 -3.72 6.40
N LYS A 64 -11.27 -3.23 6.95
CA LYS A 64 -11.34 -2.21 7.95
C LYS A 64 -10.02 -1.53 7.78
N CYS A 65 -9.86 -0.34 8.39
CA CYS A 65 -8.62 0.39 8.40
C CYS A 65 -8.59 0.71 9.84
N HIS A 66 -7.43 0.58 10.49
CA HIS A 66 -7.28 0.84 11.89
C HIS A 66 -5.83 1.07 11.92
N SER A 67 -5.37 1.99 12.78
CA SER A 67 -4.02 2.42 12.87
C SER A 67 -4.13 2.98 14.30
N VAL A 1 9.59 -11.26 1.55
CA VAL A 1 8.97 -9.96 1.24
C VAL A 1 7.60 -10.17 0.65
N ARG A 2 6.75 -9.10 0.67
CA ARG A 2 5.47 -9.13 0.01
C ARG A 2 5.61 -8.32 -1.25
N ASP A 3 4.59 -8.47 -2.14
CA ASP A 3 4.28 -7.51 -3.17
C ASP A 3 2.83 -7.46 -2.84
N GLY A 4 2.21 -6.27 -2.77
CA GLY A 4 0.83 -6.22 -2.42
C GLY A 4 0.35 -4.90 -2.84
N TYR A 5 -0.95 -4.62 -2.61
CA TYR A 5 -1.44 -3.26 -2.55
C TYR A 5 -1.03 -2.83 -1.17
N ILE A 6 -0.41 -1.63 -1.02
CA ILE A 6 0.10 -1.17 0.24
C ILE A 6 -1.03 -0.39 0.89
N ALA A 7 -1.13 -0.66 2.22
CA ALA A 7 -2.07 -0.09 3.15
C ALA A 7 -1.37 0.97 3.92
N GLN A 8 -1.89 1.29 5.12
CA GLN A 8 -1.20 2.04 6.11
C GLN A 8 -1.27 0.99 7.16
N PRO A 9 -0.28 0.77 8.00
CA PRO A 9 -0.37 -0.15 9.12
C PRO A 9 -1.44 0.36 10.05
N GLU A 10 -2.35 -0.46 10.63
CA GLU A 10 -2.31 -1.90 10.68
C GLU A 10 -2.79 -2.51 9.39
N ASN A 11 -3.96 -2.05 8.92
CA ASN A 11 -4.64 -2.52 7.77
C ASN A 11 -5.39 -1.25 7.56
N CYS A 12 -5.63 -0.89 6.28
CA CYS A 12 -6.27 0.29 5.77
C CYS A 12 -5.99 0.09 4.32
N VAL A 13 -6.01 1.16 3.51
CA VAL A 13 -5.42 1.18 2.21
C VAL A 13 -4.57 2.39 2.42
N TYR A 14 -3.49 2.58 1.61
CA TYR A 14 -2.83 3.85 1.47
C TYR A 14 -3.66 4.56 0.45
N HIS A 15 -3.30 5.77 0.00
CA HIS A 15 -4.03 6.43 -1.01
C HIS A 15 -2.87 6.80 -1.85
N CYS A 16 -3.12 7.30 -3.07
CA CYS A 16 -2.10 7.49 -4.02
C CYS A 16 -2.77 8.47 -4.89
N PHE A 17 -1.99 9.06 -5.79
CA PHE A 17 -2.37 10.01 -6.78
C PHE A 17 -1.78 9.22 -7.90
N PRO A 18 -2.47 8.49 -8.78
CA PRO A 18 -1.98 7.20 -9.27
C PRO A 18 -0.61 7.14 -9.91
N GLY A 19 0.43 6.67 -9.17
CA GLY A 19 1.74 6.45 -9.72
C GLY A 19 2.56 7.71 -9.66
N SER A 20 2.03 8.75 -8.99
CA SER A 20 2.65 10.05 -8.99
C SER A 20 3.57 10.11 -7.82
N SER A 21 4.39 11.19 -7.77
CA SER A 21 5.50 11.39 -6.88
C SER A 21 5.21 11.14 -5.43
N GLY A 22 4.00 11.50 -4.97
CA GLY A 22 3.60 11.34 -3.59
C GLY A 22 3.73 9.92 -3.10
N CYS A 23 3.01 8.95 -3.74
CA CYS A 23 3.06 7.59 -3.23
C CYS A 23 4.32 6.93 -3.70
N ASP A 24 5.05 7.52 -4.68
CA ASP A 24 6.38 7.06 -5.03
C ASP A 24 7.26 7.23 -3.81
N THR A 25 7.24 8.43 -3.17
CA THR A 25 7.92 8.61 -1.91
C THR A 25 7.38 7.73 -0.79
N LEU A 26 6.04 7.56 -0.65
CA LEU A 26 5.47 6.78 0.45
C LEU A 26 5.84 5.33 0.31
N CYS A 27 5.86 4.80 -0.92
CA CYS A 27 6.24 3.43 -1.20
C CYS A 27 7.66 3.24 -0.78
N LYS A 28 8.57 4.16 -1.20
CA LYS A 28 10.00 4.09 -0.92
C LYS A 28 10.28 4.05 0.55
N GLU A 29 9.70 4.98 1.34
CA GLU A 29 10.00 5.11 2.75
C GLU A 29 9.49 3.94 3.57
N LYS A 30 8.66 3.06 2.98
CA LYS A 30 8.17 1.87 3.61
C LYS A 30 8.95 0.67 3.13
N GLY A 31 9.88 0.86 2.16
CA GLY A 31 10.77 -0.18 1.70
C GLY A 31 10.35 -0.65 0.34
N GLY A 32 9.30 -0.02 -0.23
CA GLY A 32 8.75 -0.45 -1.49
C GLY A 32 9.66 0.03 -2.58
N THR A 33 10.27 -0.94 -3.28
CA THR A 33 11.46 -0.72 -4.04
C THR A 33 11.05 -0.61 -5.49
N SER A 34 9.76 -0.84 -5.78
CA SER A 34 9.13 -0.46 -7.01
C SER A 34 7.72 -0.48 -6.53
N GLY A 35 6.74 0.03 -7.30
CA GLY A 35 5.41 0.13 -6.81
C GLY A 35 4.62 0.55 -7.98
N HIS A 36 3.32 0.77 -7.79
CA HIS A 36 2.36 1.10 -8.81
C HIS A 36 1.28 1.61 -7.92
N CYS A 37 0.04 1.81 -8.40
CA CYS A 37 -1.07 2.17 -7.56
C CYS A 37 -2.17 1.63 -8.40
N GLY A 38 -3.39 1.45 -7.84
CA GLY A 38 -4.45 0.91 -8.64
C GLY A 38 -5.59 0.85 -7.70
N PHE A 39 -6.72 0.31 -8.17
CA PHE A 39 -7.92 0.16 -7.43
C PHE A 39 -8.35 -1.12 -8.03
N LYS A 40 -8.95 -2.00 -7.21
CA LYS A 40 -9.54 -3.24 -7.64
C LYS A 40 -10.34 -3.51 -6.40
N VAL A 41 -11.15 -2.49 -6.04
CA VAL A 41 -11.71 -2.31 -4.73
C VAL A 41 -10.56 -2.22 -3.74
N GLY A 42 -10.76 -2.72 -2.51
CA GLY A 42 -9.86 -2.57 -1.42
C GLY A 42 -10.76 -1.89 -0.47
N HIS A 43 -10.33 -0.75 0.08
CA HIS A 43 -11.08 0.05 0.99
C HIS A 43 -11.26 1.41 0.35
N GLY A 44 -10.57 1.68 -0.76
CA GLY A 44 -10.61 2.93 -1.41
C GLY A 44 -9.54 2.70 -2.41
N LEU A 45 -9.10 3.77 -3.13
CA LEU A 45 -7.98 3.81 -4.05
C LEU A 45 -6.78 3.49 -3.21
N ALA A 46 -5.95 2.51 -3.62
CA ALA A 46 -4.93 1.94 -2.76
C ALA A 46 -3.63 2.21 -3.45
N CYS A 47 -2.47 1.95 -2.78
CA CYS A 47 -1.21 2.20 -3.45
C CYS A 47 -0.69 0.81 -3.61
N TRP A 48 0.36 0.54 -4.42
CA TRP A 48 0.87 -0.81 -4.59
C TRP A 48 2.34 -0.65 -4.42
N CYS A 49 3.02 -1.69 -3.89
CA CYS A 49 4.44 -1.66 -3.70
C CYS A 49 4.89 -3.04 -4.03
N ASN A 50 6.17 -3.16 -4.45
CA ASN A 50 6.83 -4.41 -4.73
C ASN A 50 8.00 -4.41 -3.78
N ALA A 51 8.24 -5.58 -3.14
CA ALA A 51 9.36 -5.90 -2.28
C ALA A 51 9.25 -5.16 -1.00
N LEU A 52 8.11 -5.35 -0.30
CA LEU A 52 7.92 -4.73 1.00
C LEU A 52 8.38 -5.75 1.99
N PRO A 53 9.14 -5.43 3.02
CA PRO A 53 9.54 -6.40 4.03
C PRO A 53 8.37 -6.90 4.83
N ASP A 54 8.58 -7.96 5.62
CA ASP A 54 7.53 -8.67 6.30
C ASP A 54 6.97 -7.92 7.48
N ASN A 55 7.60 -6.79 7.85
CA ASN A 55 7.16 -5.97 8.96
C ASN A 55 6.24 -4.89 8.49
N VAL A 56 5.92 -4.85 7.17
CA VAL A 56 5.09 -3.82 6.61
C VAL A 56 3.75 -4.47 6.48
N GLY A 57 2.67 -3.78 6.90
CA GLY A 57 1.34 -4.34 6.83
C GLY A 57 0.73 -3.75 5.61
N ILE A 58 -0.21 -4.50 4.99
CA ILE A 58 -0.75 -4.18 3.71
C ILE A 58 -2.21 -4.50 3.84
N ILE A 59 -2.95 -4.57 2.71
CA ILE A 59 -4.39 -4.71 2.74
C ILE A 59 -4.69 -6.12 3.16
N VAL A 60 -5.73 -6.24 3.99
CA VAL A 60 -6.26 -7.42 4.60
C VAL A 60 -7.68 -6.93 4.59
N GLU A 61 -8.69 -7.81 4.72
CA GLU A 61 -10.04 -7.39 4.89
C GLU A 61 -10.54 -8.62 5.57
N GLY A 62 -11.63 -8.49 6.33
CA GLY A 62 -12.06 -9.45 7.31
C GLY A 62 -12.26 -8.55 8.49
N GLU A 63 -11.26 -7.66 8.66
CA GLU A 63 -11.38 -6.40 9.34
C GLU A 63 -11.55 -5.46 8.17
N LYS A 64 -10.99 -4.23 8.23
CA LYS A 64 -10.98 -3.29 7.15
C LYS A 64 -10.02 -2.35 7.78
N CYS A 65 -10.04 -1.06 7.39
CA CYS A 65 -9.17 -0.01 7.86
C CYS A 65 -9.31 0.14 9.35
N HIS A 66 -8.17 0.25 10.05
CA HIS A 66 -8.14 0.39 11.48
C HIS A 66 -8.37 1.84 11.83
N SER A 67 -8.05 2.24 13.07
CA SER A 67 -8.05 3.58 13.53
C SER A 67 -7.30 3.31 14.84
N VAL A 1 9.28 -11.36 2.45
CA VAL A 1 8.57 -10.13 1.99
C VAL A 1 7.20 -10.51 1.50
N ARG A 2 6.39 -9.51 1.08
CA ARG A 2 5.17 -9.75 0.38
C ARG A 2 5.11 -8.70 -0.67
N ASP A 3 4.05 -8.73 -1.50
CA ASP A 3 3.82 -7.79 -2.55
C ASP A 3 2.36 -7.58 -2.30
N GLY A 4 1.85 -6.33 -2.22
CA GLY A 4 0.45 -6.15 -1.98
C GLY A 4 0.19 -4.77 -2.40
N TYR A 5 -1.07 -4.30 -2.23
CA TYR A 5 -1.36 -2.89 -2.19
C TYR A 5 -0.87 -2.48 -0.82
N ILE A 6 -0.08 -1.39 -0.69
CA ILE A 6 0.42 -0.95 0.57
C ILE A 6 -0.63 -0.04 1.13
N ALA A 7 -0.93 -0.36 2.41
CA ALA A 7 -1.87 0.29 3.27
C ALA A 7 -1.12 1.22 4.17
N GLN A 8 -1.69 1.47 5.35
CA GLN A 8 -1.09 2.23 6.40
C GLN A 8 -1.36 1.23 7.49
N PRO A 9 -0.60 1.14 8.57
CA PRO A 9 -0.75 0.06 9.53
C PRO A 9 -2.04 0.24 10.31
N GLU A 10 -2.70 -0.82 10.80
CA GLU A 10 -2.29 -2.20 10.77
C GLU A 10 -2.98 -2.82 9.60
N ASN A 11 -4.06 -2.17 9.14
CA ASN A 11 -4.75 -2.53 7.96
C ASN A 11 -5.30 -1.17 7.70
N CYS A 12 -5.46 -0.83 6.42
CA CYS A 12 -6.05 0.37 5.91
C CYS A 12 -5.86 0.23 4.44
N VAL A 13 -5.81 1.36 3.72
CA VAL A 13 -5.37 1.48 2.36
C VAL A 13 -4.55 2.71 2.53
N TYR A 14 -3.82 3.12 1.48
CA TYR A 14 -3.19 4.42 1.41
C TYR A 14 -4.18 5.32 0.72
N HIS A 15 -3.74 6.47 0.19
CA HIS A 15 -4.52 7.25 -0.69
C HIS A 15 -3.41 7.52 -1.64
N CYS A 16 -3.76 7.75 -2.90
CA CYS A 16 -2.85 7.89 -3.97
C CYS A 16 -3.80 8.57 -4.89
N PHE A 17 -3.44 8.69 -6.17
CA PHE A 17 -4.01 9.61 -7.09
C PHE A 17 -3.92 8.74 -8.32
N PRO A 18 -4.55 9.00 -9.45
CA PRO A 18 -4.19 8.34 -10.70
C PRO A 18 -2.83 8.75 -11.21
N GLY A 19 -1.75 8.34 -10.51
CA GLY A 19 -0.42 8.71 -10.83
C GLY A 19 0.25 8.07 -9.68
N SER A 20 1.58 8.18 -9.61
CA SER A 20 2.37 7.44 -8.66
C SER A 20 3.27 8.38 -7.92
N SER A 21 3.06 9.71 -8.10
CA SER A 21 3.94 10.77 -7.68
C SER A 21 4.27 10.74 -6.22
N GLY A 22 3.26 10.51 -5.37
CA GLY A 22 3.48 10.35 -3.95
C GLY A 22 3.93 8.95 -3.68
N CYS A 23 3.20 7.95 -4.24
CA CYS A 23 3.36 6.53 -3.97
C CYS A 23 4.77 6.05 -4.10
N ASP A 24 5.49 6.50 -5.16
CA ASP A 24 6.86 6.11 -5.41
C ASP A 24 7.76 6.50 -4.25
N THR A 25 7.43 7.62 -3.57
CA THR A 25 8.17 8.11 -2.44
C THR A 25 7.81 7.30 -1.21
N LEU A 26 6.49 7.07 -0.99
CA LEU A 26 6.01 6.38 0.21
C LEU A 26 6.47 4.95 0.17
N CYS A 27 6.39 4.32 -1.01
CA CYS A 27 6.81 2.96 -1.19
C CYS A 27 8.29 2.82 -0.92
N LYS A 28 9.14 3.76 -1.38
CA LYS A 28 10.56 3.63 -1.16
C LYS A 28 10.94 3.88 0.27
N GLU A 29 10.24 4.82 0.96
CA GLU A 29 10.59 5.18 2.32
C GLU A 29 10.16 4.11 3.29
N LYS A 30 9.07 3.38 2.97
CA LYS A 30 8.55 2.30 3.79
C LYS A 30 9.16 0.98 3.40
N GLY A 31 9.95 0.98 2.30
CA GLY A 31 10.91 -0.06 2.06
C GLY A 31 10.37 -1.09 1.13
N GLY A 32 9.57 -0.67 0.13
CA GLY A 32 9.26 -1.48 -1.01
C GLY A 32 10.13 -0.97 -2.11
N THR A 33 10.29 -1.76 -3.18
CA THR A 33 11.21 -1.45 -4.26
C THR A 33 10.72 -0.24 -5.02
N SER A 34 9.48 -0.31 -5.52
CA SER A 34 8.78 0.80 -6.06
C SER A 34 7.40 0.26 -5.99
N GLY A 35 6.43 0.99 -6.56
CA GLY A 35 5.04 0.75 -6.42
C GLY A 35 4.55 1.64 -7.49
N HIS A 36 3.22 1.72 -7.66
CA HIS A 36 2.58 2.46 -8.69
C HIS A 36 1.22 2.52 -8.08
N CYS A 37 0.22 3.09 -8.76
CA CYS A 37 -1.13 3.10 -8.24
C CYS A 37 -1.96 2.82 -9.44
N GLY A 38 -3.17 2.32 -9.20
CA GLY A 38 -4.21 2.03 -10.15
C GLY A 38 -5.18 1.47 -9.17
N PHE A 39 -6.46 1.29 -9.51
CA PHE A 39 -7.45 0.82 -8.56
C PHE A 39 -7.91 -0.46 -9.16
N LYS A 40 -7.97 -1.55 -8.36
CA LYS A 40 -8.49 -2.82 -8.79
C LYS A 40 -9.47 -3.17 -7.71
N VAL A 41 -10.16 -2.11 -7.20
CA VAL A 41 -10.89 -2.08 -5.97
C VAL A 41 -9.84 -2.14 -4.88
N GLY A 42 -10.24 -2.29 -3.60
CA GLY A 42 -9.39 -2.13 -2.48
C GLY A 42 -10.41 -1.61 -1.55
N HIS A 43 -10.12 -0.49 -0.88
CA HIS A 43 -11.09 0.24 -0.08
C HIS A 43 -11.24 1.55 -0.80
N GLY A 44 -10.09 2.17 -1.13
CA GLY A 44 -9.98 3.44 -1.79
C GLY A 44 -8.74 3.17 -2.54
N LEU A 45 -8.25 4.18 -3.30
CA LEU A 45 -7.17 4.08 -4.24
C LEU A 45 -5.89 4.08 -3.44
N ALA A 46 -5.25 2.91 -3.26
CA ALA A 46 -4.14 2.74 -2.36
C ALA A 46 -2.87 2.92 -3.14
N CYS A 47 -1.72 2.53 -2.55
CA CYS A 47 -0.44 2.68 -3.22
C CYS A 47 -0.06 1.23 -3.31
N TRP A 48 0.73 0.80 -4.31
CA TRP A 48 1.14 -0.59 -4.45
C TRP A 48 2.54 -0.63 -3.92
N CYS A 49 3.07 -1.81 -3.49
CA CYS A 49 4.47 -1.95 -3.24
C CYS A 49 4.85 -3.35 -3.62
N ASN A 50 6.07 -3.50 -4.20
CA ASN A 50 6.65 -4.79 -4.48
C ASN A 50 7.84 -4.89 -3.57
N ALA A 51 7.84 -5.97 -2.76
CA ALA A 51 8.90 -6.42 -1.89
C ALA A 51 8.91 -5.59 -0.65
N LEU A 52 7.83 -5.71 0.13
CA LEU A 52 7.67 -5.05 1.39
C LEU A 52 8.01 -6.01 2.48
N PRO A 53 8.72 -5.64 3.54
CA PRO A 53 8.96 -6.51 4.68
C PRO A 53 7.68 -6.80 5.40
N ASP A 54 7.66 -7.87 6.21
CA ASP A 54 6.46 -8.38 6.82
C ASP A 54 6.05 -7.52 7.98
N ASN A 55 6.96 -6.65 8.47
CA ASN A 55 6.71 -5.77 9.59
C ASN A 55 6.19 -4.44 9.12
N VAL A 56 5.81 -4.34 7.83
CA VAL A 56 5.06 -3.22 7.32
C VAL A 56 3.66 -3.76 7.33
N GLY A 57 2.72 -3.22 6.55
CA GLY A 57 1.38 -3.75 6.60
C GLY A 57 0.81 -3.27 5.34
N ILE A 58 -0.31 -3.90 4.94
CA ILE A 58 -0.82 -3.83 3.61
C ILE A 58 -2.29 -4.05 3.86
N ILE A 59 -3.07 -4.25 2.77
CA ILE A 59 -4.50 -4.45 2.86
C ILE A 59 -4.76 -5.80 3.43
N VAL A 60 -5.61 -5.85 4.47
CA VAL A 60 -6.13 -7.02 5.08
C VAL A 60 -7.61 -6.80 4.91
N GLU A 61 -8.46 -7.83 4.98
CA GLU A 61 -9.88 -7.63 5.01
C GLU A 61 -10.24 -8.97 5.56
N GLY A 62 -11.51 -9.18 5.94
CA GLY A 62 -11.88 -10.14 6.96
C GLY A 62 -11.59 -9.45 8.27
N GLU A 63 -11.71 -8.11 8.24
CA GLU A 63 -11.13 -7.15 9.14
C GLU A 63 -11.61 -5.94 8.38
N LYS A 64 -11.15 -4.73 8.73
CA LYS A 64 -11.51 -3.49 8.10
C LYS A 64 -10.27 -2.72 8.50
N CYS A 65 -10.14 -1.41 8.18
CA CYS A 65 -9.00 -0.60 8.59
C CYS A 65 -8.93 -0.60 10.09
N HIS A 66 -7.73 -0.88 10.67
CA HIS A 66 -7.63 -0.93 12.09
C HIS A 66 -6.23 -0.50 12.31
N SER A 67 -5.95 0.14 13.46
CA SER A 67 -4.68 0.71 13.76
C SER A 67 -5.00 1.04 15.23
N VAL A 1 10.17 -11.14 1.20
CA VAL A 1 9.37 -9.90 0.98
C VAL A 1 7.96 -10.26 0.56
N ARG A 2 7.06 -9.25 0.55
CA ARG A 2 5.75 -9.39 -0.05
C ARG A 2 5.75 -8.44 -1.22
N ASP A 3 4.66 -8.47 -2.01
CA ASP A 3 4.35 -7.44 -2.98
C ASP A 3 2.95 -7.22 -2.51
N GLY A 4 2.43 -5.99 -2.57
CA GLY A 4 1.09 -5.79 -2.09
C GLY A 4 0.60 -4.52 -2.66
N TYR A 5 -0.68 -4.22 -2.39
CA TYR A 5 -1.20 -2.88 -2.38
C TYR A 5 -0.77 -2.41 -1.03
N ILE A 6 -0.16 -1.22 -0.91
CA ILE A 6 0.31 -0.74 0.37
C ILE A 6 -0.84 0.05 0.96
N ALA A 7 -1.00 -0.17 2.29
CA ALA A 7 -1.92 0.45 3.17
C ALA A 7 -1.15 1.38 4.03
N GLN A 8 -1.49 1.39 5.33
CA GLN A 8 -0.87 2.09 6.37
C GLN A 8 -1.03 0.98 7.38
N PRO A 9 -0.16 0.78 8.36
CA PRO A 9 -0.41 -0.16 9.43
C PRO A 9 -1.55 0.38 10.27
N GLU A 10 -2.48 -0.42 10.83
CA GLU A 10 -2.47 -1.86 10.91
C GLU A 10 -3.02 -2.44 9.65
N ASN A 11 -3.98 -1.73 9.03
CA ASN A 11 -4.66 -2.07 7.84
C ASN A 11 -5.11 -0.69 7.56
N CYS A 12 -5.44 -0.38 6.30
CA CYS A 12 -6.13 0.78 5.79
C CYS A 12 -5.93 0.52 4.33
N VAL A 13 -5.91 1.58 3.51
CA VAL A 13 -5.31 1.58 2.21
C VAL A 13 -4.53 2.85 2.38
N TYR A 14 -3.59 3.13 1.47
CA TYR A 14 -3.01 4.45 1.34
C TYR A 14 -3.99 5.22 0.49
N HIS A 15 -3.53 6.19 -0.29
CA HIS A 15 -4.29 6.73 -1.37
C HIS A 15 -3.16 6.84 -2.34
N CYS A 16 -3.41 7.42 -3.51
CA CYS A 16 -2.45 7.49 -4.55
C CYS A 16 -2.91 8.78 -5.12
N PHE A 17 -2.15 9.31 -6.09
CA PHE A 17 -2.46 10.47 -6.84
C PHE A 17 -2.21 9.77 -8.13
N PRO A 18 -3.07 9.71 -9.14
CA PRO A 18 -2.86 8.85 -10.31
C PRO A 18 -1.59 9.15 -11.09
N GLY A 19 -0.52 8.38 -10.85
CA GLY A 19 0.75 8.59 -11.44
C GLY A 19 1.56 7.81 -10.45
N SER A 20 2.89 7.96 -10.48
CA SER A 20 3.76 7.29 -9.56
C SER A 20 3.98 8.17 -8.37
N SER A 21 4.25 9.47 -8.59
CA SER A 21 5.01 10.37 -7.74
C SER A 21 4.82 10.24 -6.25
N GLY A 22 3.65 10.64 -5.72
CA GLY A 22 3.46 10.69 -4.27
C GLY A 22 3.37 9.30 -3.71
N CYS A 23 2.71 8.39 -4.45
CA CYS A 23 2.49 7.02 -4.05
C CYS A 23 3.80 6.31 -3.96
N ASP A 24 4.63 6.40 -5.03
CA ASP A 24 5.92 5.76 -5.09
C ASP A 24 6.81 6.28 -3.98
N THR A 25 6.78 7.60 -3.71
CA THR A 25 7.52 8.18 -2.61
C THR A 25 7.10 7.58 -1.27
N LEU A 26 5.77 7.48 -1.01
CA LEU A 26 5.24 6.96 0.24
C LEU A 26 5.57 5.50 0.38
N CYS A 27 5.43 4.75 -0.73
CA CYS A 27 5.79 3.36 -0.86
C CYS A 27 7.24 3.17 -0.49
N LYS A 28 8.15 3.98 -1.07
CA LYS A 28 9.55 3.77 -0.89
C LYS A 28 9.99 4.08 0.52
N GLU A 29 9.38 5.10 1.17
CA GLU A 29 9.74 5.44 2.54
C GLU A 29 9.21 4.45 3.55
N LYS A 30 8.42 3.43 3.11
CA LYS A 30 8.00 2.34 3.96
C LYS A 30 8.75 1.09 3.57
N GLY A 31 9.74 1.23 2.67
CA GLY A 31 10.67 0.17 2.35
C GLY A 31 10.18 -0.62 1.18
N GLY A 32 9.37 -0.01 0.28
CA GLY A 32 8.96 -0.65 -0.96
C GLY A 32 10.04 -0.39 -1.95
N THR A 33 10.47 -1.45 -2.67
CA THR A 33 11.69 -1.39 -3.44
C THR A 33 11.32 -0.98 -4.86
N SER A 34 10.03 -1.08 -5.23
CA SER A 34 9.51 -0.51 -6.45
C SER A 34 8.06 -0.48 -6.10
N GLY A 35 7.17 0.01 -6.97
CA GLY A 35 5.80 0.15 -6.58
C GLY A 35 5.14 0.53 -7.85
N HIS A 36 3.84 0.87 -7.77
CA HIS A 36 2.98 1.16 -8.88
C HIS A 36 1.92 1.87 -8.11
N CYS A 37 0.72 2.04 -8.67
CA CYS A 37 -0.39 2.73 -8.09
C CYS A 37 -1.42 1.73 -8.47
N GLY A 38 -2.63 1.78 -7.87
CA GLY A 38 -3.61 0.80 -8.16
C GLY A 38 -4.76 1.24 -7.32
N PHE A 39 -5.78 0.38 -7.17
CA PHE A 39 -6.99 0.66 -6.46
C PHE A 39 -7.23 -0.74 -6.01
N LYS A 40 -7.78 -0.93 -4.79
CA LYS A 40 -8.18 -2.23 -4.32
C LYS A 40 -9.60 -2.04 -3.91
N VAL A 41 -10.54 -2.62 -4.70
CA VAL A 41 -11.94 -2.45 -4.47
C VAL A 41 -12.28 -3.23 -3.23
N GLY A 42 -13.09 -2.64 -2.34
CA GLY A 42 -13.33 -3.19 -1.03
C GLY A 42 -12.88 -2.16 -0.07
N HIS A 43 -11.82 -1.40 -0.43
CA HIS A 43 -11.42 -0.25 0.33
C HIS A 43 -11.56 0.95 -0.57
N GLY A 44 -10.70 1.08 -1.60
CA GLY A 44 -10.70 2.29 -2.37
C GLY A 44 -9.38 2.34 -3.08
N LEU A 45 -8.95 3.58 -3.39
CA LEU A 45 -7.70 3.93 -4.04
C LEU A 45 -6.61 3.60 -3.07
N ALA A 46 -5.50 3.00 -3.52
CA ALA A 46 -4.53 2.44 -2.62
C ALA A 46 -3.27 2.74 -3.33
N CYS A 47 -2.11 2.38 -2.76
CA CYS A 47 -0.86 2.60 -3.47
C CYS A 47 -0.39 1.19 -3.60
N TRP A 48 0.61 0.87 -4.45
CA TRP A 48 1.03 -0.51 -4.62
C TRP A 48 2.52 -0.47 -4.42
N CYS A 49 3.08 -1.57 -3.85
CA CYS A 49 4.50 -1.70 -3.61
C CYS A 49 4.90 -3.06 -4.07
N ASN A 50 6.15 -3.18 -4.54
CA ASN A 50 6.77 -4.44 -4.85
C ASN A 50 7.94 -4.49 -3.94
N ALA A 51 8.16 -5.67 -3.32
CA ALA A 51 9.22 -5.98 -2.40
C ALA A 51 9.23 -5.04 -1.23
N LEU A 52 8.28 -5.28 -0.31
CA LEU A 52 8.22 -4.66 1.01
C LEU A 52 8.66 -5.79 1.89
N PRO A 53 9.45 -5.60 2.94
CA PRO A 53 9.74 -6.66 3.89
C PRO A 53 8.51 -6.97 4.69
N ASP A 54 8.49 -8.10 5.41
CA ASP A 54 7.26 -8.70 5.87
C ASP A 54 6.76 -8.09 7.14
N ASN A 55 7.51 -7.12 7.69
CA ASN A 55 7.16 -6.43 8.91
C ASN A 55 6.31 -5.24 8.58
N VAL A 56 6.06 -4.99 7.28
CA VAL A 56 5.22 -3.91 6.84
C VAL A 56 3.88 -4.53 6.65
N GLY A 57 2.81 -3.90 7.14
CA GLY A 57 1.49 -4.46 7.07
C GLY A 57 0.82 -3.69 6.00
N ILE A 58 -0.09 -4.35 5.26
CA ILE A 58 -0.62 -3.84 4.03
C ILE A 58 -2.11 -3.99 4.15
N ILE A 59 -2.82 -4.17 3.00
CA ILE A 59 -4.26 -4.25 3.01
C ILE A 59 -4.63 -5.58 3.59
N VAL A 60 -5.56 -5.54 4.55
CA VAL A 60 -6.21 -6.64 5.18
C VAL A 60 -7.64 -6.33 4.82
N GLU A 61 -8.55 -7.31 4.76
CA GLU A 61 -9.94 -7.02 4.53
C GLU A 61 -10.52 -8.27 5.04
N GLY A 62 -11.84 -8.25 5.35
CA GLY A 62 -12.39 -9.04 6.43
C GLY A 62 -12.01 -8.30 7.68
N GLU A 63 -11.95 -6.95 7.57
CA GLU A 63 -11.28 -6.08 8.46
C GLU A 63 -11.67 -4.80 7.76
N LYS A 64 -11.11 -3.66 8.18
CA LYS A 64 -11.42 -2.35 7.71
C LYS A 64 -10.20 -1.66 8.26
N CYS A 65 -10.02 -0.36 7.99
CA CYS A 65 -8.87 0.47 8.28
C CYS A 65 -8.60 0.52 9.77
N HIS A 66 -7.31 0.32 10.13
CA HIS A 66 -6.82 0.02 11.46
C HIS A 66 -7.41 -1.27 11.93
N SER A 67 -7.84 -1.32 13.20
CA SER A 67 -8.42 -2.51 13.79
C SER A 67 -9.88 -2.71 13.33
N VAL A 1 9.51 -10.69 2.90
CA VAL A 1 8.65 -9.67 2.24
C VAL A 1 7.41 -10.35 1.69
N ARG A 2 6.57 -9.59 0.96
CA ARG A 2 5.43 -10.08 0.24
C ARG A 2 5.26 -8.93 -0.69
N ASP A 3 4.18 -8.94 -1.52
CA ASP A 3 3.87 -7.87 -2.42
C ASP A 3 2.42 -7.76 -2.12
N GLY A 4 1.85 -6.53 -2.10
CA GLY A 4 0.43 -6.42 -1.91
C GLY A 4 0.06 -5.06 -2.37
N TYR A 5 -1.18 -4.63 -2.06
CA TYR A 5 -1.55 -3.24 -2.13
C TYR A 5 -1.04 -2.67 -0.84
N ILE A 6 -0.41 -1.48 -0.86
CA ILE A 6 0.05 -0.81 0.34
C ILE A 6 -1.09 0.04 0.77
N ALA A 7 -1.17 0.16 2.10
CA ALA A 7 -2.25 0.59 2.87
C ALA A 7 -1.46 0.96 4.08
N GLN A 8 -2.15 1.48 5.10
CA GLN A 8 -1.59 1.82 6.36
C GLN A 8 -1.80 0.58 7.19
N PRO A 9 -1.10 0.37 8.28
CA PRO A 9 -1.38 -0.75 9.17
C PRO A 9 -2.76 -0.58 9.78
N GLU A 10 -3.74 -1.48 9.53
CA GLU A 10 -3.68 -2.68 8.76
C GLU A 10 -5.05 -2.67 8.20
N ASN A 11 -5.19 -3.04 6.89
CA ASN A 11 -6.42 -3.06 6.11
C ASN A 11 -6.69 -1.71 5.51
N CYS A 12 -6.18 -0.66 6.18
CA CYS A 12 -6.68 0.68 6.05
C CYS A 12 -5.98 1.30 4.88
N VAL A 13 -6.65 1.58 3.75
CA VAL A 13 -5.97 1.96 2.54
C VAL A 13 -5.24 3.27 2.61
N TYR A 14 -4.50 3.48 1.52
CA TYR A 14 -3.58 4.54 1.29
C TYR A 14 -4.32 5.50 0.43
N HIS A 15 -3.59 6.28 -0.35
CA HIS A 15 -4.16 6.97 -1.45
C HIS A 15 -2.97 6.83 -2.35
N CYS A 16 -3.09 7.32 -3.57
CA CYS A 16 -2.14 7.18 -4.59
C CYS A 16 -2.34 8.53 -5.16
N PHE A 17 -1.34 9.02 -5.89
CA PHE A 17 -1.44 10.17 -6.71
C PHE A 17 -0.97 9.44 -7.93
N PRO A 18 -1.69 9.35 -9.05
CA PRO A 18 -1.20 8.62 -10.22
C PRO A 18 -0.02 9.27 -10.91
N GLY A 19 1.16 9.32 -10.28
CA GLY A 19 2.35 9.81 -10.88
C GLY A 19 3.34 9.46 -9.83
N SER A 20 4.64 9.42 -10.19
CA SER A 20 5.69 8.92 -9.34
C SER A 20 5.85 9.73 -8.09
N SER A 21 5.73 11.07 -8.20
CA SER A 21 6.09 11.96 -7.13
C SER A 21 5.27 11.77 -5.88
N GLY A 22 4.02 11.28 -6.03
CA GLY A 22 3.26 10.85 -4.89
C GLY A 22 3.54 9.39 -4.67
N CYS A 23 2.93 8.50 -5.48
CA CYS A 23 2.82 7.09 -5.19
C CYS A 23 4.16 6.39 -5.04
N ASP A 24 5.17 6.79 -5.85
CA ASP A 24 6.45 6.11 -5.87
C ASP A 24 7.16 6.48 -4.62
N THR A 25 7.18 7.78 -4.28
CA THR A 25 7.75 8.28 -3.05
C THR A 25 7.14 7.59 -1.84
N LEU A 26 5.80 7.45 -1.81
CA LEU A 26 5.09 6.88 -0.69
C LEU A 26 5.39 5.42 -0.52
N CYS A 27 5.57 4.72 -1.66
CA CYS A 27 5.97 3.33 -1.70
C CYS A 27 7.40 3.21 -1.23
N LYS A 28 8.31 4.04 -1.79
CA LYS A 28 9.74 3.97 -1.51
C LYS A 28 10.01 4.19 -0.04
N GLU A 29 9.37 5.21 0.57
CA GLU A 29 9.64 5.62 1.93
C GLU A 29 9.17 4.60 2.94
N LYS A 30 8.34 3.62 2.52
CA LYS A 30 7.87 2.56 3.40
C LYS A 30 8.67 1.32 3.14
N GLY A 31 9.62 1.39 2.19
CA GLY A 31 10.57 0.34 1.93
C GLY A 31 10.10 -0.56 0.85
N GLY A 32 9.26 -0.06 -0.09
CA GLY A 32 8.83 -0.83 -1.23
C GLY A 32 9.81 -0.55 -2.32
N THR A 33 10.21 -1.59 -3.09
CA THR A 33 11.28 -1.47 -4.04
C THR A 33 10.75 -0.93 -5.33
N SER A 34 9.48 -1.24 -5.59
CA SER A 34 8.87 -1.05 -6.87
C SER A 34 7.44 -1.07 -6.45
N GLY A 35 6.53 -0.51 -7.25
CA GLY A 35 5.16 -0.35 -6.86
C GLY A 35 4.63 0.38 -8.03
N HIS A 36 3.33 0.77 -8.00
CA HIS A 36 2.70 1.52 -9.05
C HIS A 36 1.38 1.79 -8.43
N CYS A 37 0.45 2.44 -9.15
CA CYS A 37 -0.84 2.84 -8.60
C CYS A 37 -1.79 1.70 -8.85
N GLY A 38 -2.94 1.69 -8.15
CA GLY A 38 -3.96 0.74 -8.46
C GLY A 38 -5.06 1.31 -7.65
N PHE A 39 -6.22 0.62 -7.60
CA PHE A 39 -7.34 1.06 -6.84
C PHE A 39 -7.66 -0.20 -6.11
N LYS A 40 -8.19 -0.09 -4.87
CA LYS A 40 -8.56 -1.21 -4.05
C LYS A 40 -10.04 -1.05 -3.93
N VAL A 41 -10.78 -1.74 -4.82
CA VAL A 41 -12.19 -1.56 -5.01
C VAL A 41 -12.89 -2.15 -3.83
N GLY A 42 -13.65 -1.31 -3.09
CA GLY A 42 -14.25 -1.71 -1.85
C GLY A 42 -13.75 -0.75 -0.82
N HIS A 43 -12.58 -0.12 -1.07
CA HIS A 43 -12.01 0.83 -0.15
C HIS A 43 -11.85 2.13 -0.88
N GLY A 44 -10.88 2.23 -1.81
CA GLY A 44 -10.56 3.52 -2.36
C GLY A 44 -9.30 3.32 -3.13
N LEU A 45 -8.57 4.44 -3.37
CA LEU A 45 -7.34 4.45 -4.12
C LEU A 45 -6.33 3.95 -3.13
N ALA A 46 -5.24 3.30 -3.56
CA ALA A 46 -4.32 2.70 -2.65
C ALA A 46 -3.14 2.61 -3.56
N CYS A 47 -1.95 2.20 -3.08
CA CYS A 47 -0.84 2.08 -4.02
C CYS A 47 -0.54 0.63 -3.99
N TRP A 48 0.23 0.13 -4.97
CA TRP A 48 0.67 -1.23 -5.01
C TRP A 48 2.13 -1.08 -4.66
N CYS A 49 2.72 -2.06 -3.95
CA CYS A 49 4.14 -2.04 -3.67
C CYS A 49 4.56 -3.46 -3.78
N ASN A 50 5.80 -3.66 -4.23
CA ASN A 50 6.47 -4.93 -4.27
C ASN A 50 7.53 -4.78 -3.25
N ALA A 51 7.75 -5.84 -2.44
CA ALA A 51 8.84 -6.04 -1.52
C ALA A 51 8.91 -4.96 -0.50
N LEU A 52 7.92 -4.93 0.41
CA LEU A 52 7.97 -4.14 1.62
C LEU A 52 8.37 -5.16 2.63
N PRO A 53 9.11 -4.82 3.67
CA PRO A 53 9.44 -5.77 4.73
C PRO A 53 8.23 -6.19 5.52
N ASP A 54 8.38 -7.24 6.35
CA ASP A 54 7.27 -7.81 7.08
C ASP A 54 6.94 -7.04 8.34
N ASN A 55 7.62 -5.90 8.61
CA ASN A 55 7.26 -5.03 9.71
C ASN A 55 6.54 -3.84 9.15
N VAL A 56 6.12 -3.93 7.87
CA VAL A 56 5.20 -3.01 7.25
C VAL A 56 4.03 -3.94 7.11
N GLY A 57 2.80 -3.43 7.10
CA GLY A 57 1.63 -4.24 7.05
C GLY A 57 0.76 -3.33 6.29
N ILE A 58 -0.28 -3.89 5.64
CA ILE A 58 -0.86 -3.37 4.44
C ILE A 58 -2.28 -3.82 4.51
N ILE A 59 -2.87 -4.22 3.37
CA ILE A 59 -4.17 -4.83 3.33
C ILE A 59 -4.05 -6.16 4.00
N VAL A 60 -4.99 -6.41 4.90
CA VAL A 60 -5.13 -7.51 5.79
C VAL A 60 -6.61 -7.44 5.65
N GLU A 61 -7.35 -8.54 5.51
CA GLU A 61 -8.76 -8.44 5.26
C GLU A 61 -9.15 -9.83 5.57
N GLY A 62 -10.47 -10.05 5.73
CA GLY A 62 -10.98 -11.02 6.66
C GLY A 62 -10.99 -10.31 7.99
N GLU A 63 -11.13 -8.97 7.95
CA GLU A 63 -10.94 -8.07 9.03
C GLU A 63 -11.34 -6.84 8.29
N LYS A 64 -11.12 -5.65 8.88
CA LYS A 64 -11.47 -4.37 8.37
C LYS A 64 -10.44 -3.58 9.14
N CYS A 65 -10.41 -2.25 8.97
CA CYS A 65 -9.40 -1.33 9.45
C CYS A 65 -9.21 -1.44 10.95
N HIS A 66 -7.94 -1.59 11.38
CA HIS A 66 -7.58 -1.79 12.75
C HIS A 66 -6.18 -1.26 12.75
N SER A 67 -5.64 -0.90 13.94
CA SER A 67 -4.37 -0.24 14.11
C SER A 67 -3.16 -1.22 13.97
N VAL A 1 10.55 -11.10 0.87
CA VAL A 1 9.65 -9.95 0.62
C VAL A 1 8.32 -10.42 0.11
N ARG A 2 7.38 -9.49 -0.15
CA ARG A 2 6.15 -9.76 -0.84
C ARG A 2 5.92 -8.54 -1.69
N ASP A 3 4.83 -8.54 -2.47
CA ASP A 3 4.43 -7.44 -3.30
C ASP A 3 2.99 -7.39 -2.94
N GLY A 4 2.39 -6.19 -2.79
CA GLY A 4 0.99 -6.12 -2.50
C GLY A 4 0.55 -4.75 -2.83
N TYR A 5 -0.74 -4.45 -2.55
CA TYR A 5 -1.24 -3.11 -2.43
C TYR A 5 -0.78 -2.67 -1.09
N ILE A 6 -0.16 -1.48 -0.96
CA ILE A 6 0.34 -1.06 0.31
C ILE A 6 -0.77 -0.29 1.00
N ALA A 7 -0.88 -0.66 2.31
CA ALA A 7 -1.74 -0.12 3.33
C ALA A 7 -1.03 1.00 4.03
N GLN A 8 -1.62 1.44 5.15
CA GLN A 8 -1.18 2.49 6.01
C GLN A 8 -1.66 1.86 7.29
N PRO A 9 -1.18 2.18 8.49
CA PRO A 9 -1.64 1.55 9.70
C PRO A 9 -3.10 1.83 9.98
N GLU A 10 -3.89 0.90 10.59
CA GLU A 10 -3.45 -0.35 11.17
C GLU A 10 -3.45 -1.38 10.08
N ASN A 11 -4.60 -1.51 9.41
CA ASN A 11 -4.77 -2.24 8.20
C ASN A 11 -5.71 -1.23 7.67
N CYS A 12 -5.58 -0.89 6.39
CA CYS A 12 -6.23 0.21 5.74
C CYS A 12 -5.73 -0.01 4.36
N VAL A 13 -5.82 1.02 3.51
CA VAL A 13 -5.16 1.11 2.27
C VAL A 13 -4.34 2.33 2.55
N TYR A 14 -3.30 2.58 1.72
CA TYR A 14 -2.71 3.89 1.61
C TYR A 14 -3.63 4.63 0.68
N HIS A 15 -3.26 5.83 0.20
CA HIS A 15 -4.05 6.49 -0.77
C HIS A 15 -2.94 6.89 -1.67
N CYS A 16 -3.29 7.33 -2.88
CA CYS A 16 -2.42 7.48 -3.99
C CYS A 16 -2.91 8.81 -4.42
N PHE A 17 -2.12 9.53 -5.22
CA PHE A 17 -2.54 10.72 -5.87
C PHE A 17 -2.46 10.14 -7.25
N PRO A 18 -3.50 9.97 -8.08
CA PRO A 18 -3.43 9.07 -9.22
C PRO A 18 -2.35 9.38 -10.23
N GLY A 19 -1.25 8.63 -10.18
CA GLY A 19 -0.09 8.89 -10.95
C GLY A 19 0.89 8.10 -10.17
N SER A 20 2.19 8.22 -10.48
CA SER A 20 3.22 7.39 -9.91
C SER A 20 3.77 8.03 -8.65
N SER A 21 3.86 9.37 -8.66
CA SER A 21 4.70 10.20 -7.82
C SER A 21 4.61 9.93 -6.34
N GLY A 22 3.38 9.95 -5.79
CA GLY A 22 3.20 9.91 -4.36
C GLY A 22 3.44 8.52 -3.86
N CYS A 23 2.93 7.52 -4.59
CA CYS A 23 3.00 6.14 -4.17
C CYS A 23 4.40 5.66 -4.14
N ASP A 24 5.21 5.99 -5.17
CA ASP A 24 6.57 5.54 -5.25
C ASP A 24 7.36 6.11 -4.10
N THR A 25 7.09 7.39 -3.76
CA THR A 25 7.71 8.06 -2.64
C THR A 25 7.33 7.39 -1.32
N LEU A 26 6.01 7.10 -1.13
CA LEU A 26 5.52 6.43 0.06
C LEU A 26 6.13 5.06 0.18
N CYS A 27 6.24 4.37 -0.97
CA CYS A 27 6.79 3.05 -1.07
C CYS A 27 8.20 3.02 -0.54
N LYS A 28 9.01 4.05 -0.88
CA LYS A 28 10.39 4.14 -0.44
C LYS A 28 10.46 4.21 1.07
N GLU A 29 9.64 5.08 1.70
CA GLU A 29 9.72 5.31 3.13
C GLU A 29 9.12 4.18 3.93
N LYS A 30 8.32 3.30 3.29
CA LYS A 30 7.81 2.11 3.94
C LYS A 30 8.67 0.90 3.65
N GLY A 31 9.67 1.05 2.75
CA GLY A 31 10.69 0.04 2.58
C GLY A 31 10.35 -0.89 1.47
N GLY A 32 9.56 -0.44 0.47
CA GLY A 32 9.39 -1.15 -0.76
C GLY A 32 10.28 -0.46 -1.73
N THR A 33 10.78 -1.18 -2.75
CA THR A 33 11.82 -0.63 -3.59
C THR A 33 11.17 0.20 -4.66
N SER A 34 9.98 -0.26 -5.10
CA SER A 34 9.41 0.15 -6.34
C SER A 34 7.97 0.02 -6.01
N GLY A 35 7.07 0.78 -6.66
CA GLY A 35 5.69 0.72 -6.32
C GLY A 35 5.06 1.51 -7.40
N HIS A 36 3.73 1.64 -7.37
CA HIS A 36 2.96 2.30 -8.38
C HIS A 36 1.63 2.46 -7.70
N CYS A 37 0.52 2.63 -8.43
CA CYS A 37 -0.74 3.04 -7.87
C CYS A 37 -1.65 1.91 -8.22
N GLY A 38 -2.80 1.79 -7.53
CA GLY A 38 -3.69 0.70 -7.79
C GLY A 38 -4.89 1.08 -6.99
N PHE A 39 -5.92 0.23 -7.00
CA PHE A 39 -7.16 0.46 -6.35
C PHE A 39 -7.42 -0.89 -5.78
N LYS A 40 -7.92 -0.93 -4.52
CA LYS A 40 -8.26 -2.12 -3.80
C LYS A 40 -9.75 -2.00 -3.63
N VAL A 41 -10.52 -2.70 -4.49
CA VAL A 41 -11.96 -2.59 -4.47
C VAL A 41 -12.44 -3.32 -3.25
N GLY A 42 -13.13 -2.59 -2.34
CA GLY A 42 -13.50 -3.12 -1.06
C GLY A 42 -13.07 -2.09 -0.06
N HIS A 43 -11.97 -1.38 -0.35
CA HIS A 43 -11.52 -0.30 0.50
C HIS A 43 -11.64 0.96 -0.32
N GLY A 44 -10.79 1.13 -1.34
CA GLY A 44 -10.72 2.38 -2.02
C GLY A 44 -9.45 2.33 -2.79
N LEU A 45 -8.96 3.54 -3.16
CA LEU A 45 -7.72 3.82 -3.83
C LEU A 45 -6.62 3.41 -2.88
N ALA A 46 -5.51 2.80 -3.37
CA ALA A 46 -4.51 2.23 -2.51
C ALA A 46 -3.24 2.60 -3.18
N CYS A 47 -2.06 2.21 -2.62
CA CYS A 47 -0.86 2.36 -3.43
C CYS A 47 -0.48 0.94 -3.64
N TRP A 48 0.47 0.65 -4.55
CA TRP A 48 0.97 -0.69 -4.74
C TRP A 48 2.44 -0.56 -4.49
N CYS A 49 3.08 -1.62 -3.96
CA CYS A 49 4.49 -1.66 -3.70
C CYS A 49 4.94 -3.00 -4.09
N ASN A 50 6.21 -3.08 -4.53
CA ASN A 50 6.90 -4.32 -4.81
C ASN A 50 8.03 -4.30 -3.85
N ALA A 51 8.41 -5.51 -3.38
CA ALA A 51 9.57 -5.81 -2.58
C ALA A 51 9.46 -5.19 -1.22
N LEU A 52 8.32 -5.45 -0.54
CA LEU A 52 8.13 -4.99 0.82
C LEU A 52 8.59 -6.13 1.68
N PRO A 53 9.39 -5.94 2.72
CA PRO A 53 9.78 -7.03 3.59
C PRO A 53 8.67 -7.37 4.54
N ASP A 54 8.88 -8.43 5.34
CA ASP A 54 7.86 -9.00 6.18
C ASP A 54 7.65 -8.25 7.46
N ASN A 55 8.32 -7.09 7.65
CA ASN A 55 8.08 -6.25 8.82
C ASN A 55 7.09 -5.18 8.45
N VAL A 56 6.56 -5.23 7.21
CA VAL A 56 5.55 -4.33 6.74
C VAL A 56 4.31 -5.21 6.77
N GLY A 57 3.13 -4.68 6.40
CA GLY A 57 1.90 -5.41 6.40
C GLY A 57 1.17 -4.60 5.39
N ILE A 58 0.07 -5.13 4.83
CA ILE A 58 -0.52 -4.64 3.63
C ILE A 58 -1.94 -5.09 3.78
N ILE A 59 -2.78 -4.92 2.73
CA ILE A 59 -4.21 -4.94 2.85
C ILE A 59 -4.73 -6.29 3.19
N VAL A 60 -5.38 -6.36 4.35
CA VAL A 60 -6.22 -7.42 4.82
C VAL A 60 -7.61 -6.87 4.57
N GLU A 61 -8.62 -7.73 4.42
CA GLU A 61 -9.99 -7.32 4.35
C GLU A 61 -10.57 -8.54 4.98
N GLY A 62 -11.74 -8.38 5.61
CA GLY A 62 -12.25 -9.31 6.59
C GLY A 62 -12.54 -8.38 7.71
N GLU A 63 -11.56 -7.47 7.94
CA GLU A 63 -11.77 -6.19 8.58
C GLU A 63 -11.85 -5.27 7.39
N LYS A 64 -11.33 -4.04 7.49
CA LYS A 64 -11.31 -3.08 6.43
C LYS A 64 -10.28 -2.17 6.99
N CYS A 65 -10.45 -0.85 6.81
CA CYS A 65 -9.54 0.15 7.31
C CYS A 65 -9.92 0.42 8.72
N HIS A 66 -8.96 0.30 9.65
CA HIS A 66 -9.15 0.71 11.02
C HIS A 66 -7.84 1.35 11.32
N SER A 67 -7.85 2.44 12.11
CA SER A 67 -6.70 3.22 12.37
C SER A 67 -7.33 4.14 13.42
N VAL A 1 9.71 -11.49 1.72
CA VAL A 1 9.03 -10.19 1.47
C VAL A 1 7.65 -10.40 0.95
N ARG A 2 6.87 -9.29 0.91
CA ARG A 2 5.48 -9.28 0.57
C ARG A 2 5.39 -8.45 -0.67
N ASP A 3 4.35 -8.67 -1.51
CA ASP A 3 4.05 -7.77 -2.59
C ASP A 3 2.57 -7.76 -2.42
N GLY A 4 1.93 -6.58 -2.34
CA GLY A 4 0.50 -6.54 -2.25
C GLY A 4 0.20 -5.16 -2.64
N TYR A 5 -1.07 -4.74 -2.46
CA TYR A 5 -1.42 -3.35 -2.38
C TYR A 5 -1.00 -2.95 -0.99
N ILE A 6 -0.34 -1.78 -0.84
CA ILE A 6 0.15 -1.32 0.42
C ILE A 6 -0.96 -0.49 1.00
N ALA A 7 -1.09 -0.65 2.33
CA ALA A 7 -2.03 0.01 3.17
C ALA A 7 -1.28 1.06 3.94
N GLN A 8 -1.62 1.17 5.22
CA GLN A 8 -0.95 1.94 6.22
C GLN A 8 -1.12 0.93 7.32
N PRO A 9 -0.38 0.92 8.42
CA PRO A 9 -0.63 0.02 9.52
C PRO A 9 -1.96 0.39 10.16
N GLU A 10 -2.78 -0.55 10.66
CA GLU A 10 -2.52 -1.96 10.81
C GLU A 10 -3.06 -2.66 9.60
N ASN A 11 -4.25 -2.24 9.17
CA ASN A 11 -4.90 -2.67 7.99
C ASN A 11 -5.41 -1.32 7.68
N CYS A 12 -5.50 -0.98 6.40
CA CYS A 12 -5.90 0.30 5.89
C CYS A 12 -5.89 0.13 4.42
N VAL A 13 -5.89 1.26 3.68
CA VAL A 13 -5.41 1.34 2.34
C VAL A 13 -4.52 2.53 2.56
N TYR A 14 -3.58 2.80 1.62
CA TYR A 14 -2.97 4.11 1.52
C TYR A 14 -3.95 4.88 0.68
N HIS A 15 -3.65 6.11 0.26
CA HIS A 15 -4.52 6.81 -0.62
C HIS A 15 -3.44 7.27 -1.50
N CYS A 16 -3.73 7.39 -2.78
CA CYS A 16 -2.79 7.68 -3.78
C CYS A 16 -3.79 8.15 -4.78
N PHE A 17 -3.40 8.29 -6.04
CA PHE A 17 -4.09 9.05 -7.02
C PHE A 17 -3.92 8.16 -8.21
N PRO A 18 -4.50 8.36 -9.38
CA PRO A 18 -4.18 7.60 -10.58
C PRO A 18 -2.83 8.04 -11.15
N GLY A 19 -1.77 8.00 -10.34
CA GLY A 19 -0.45 8.32 -10.75
C GLY A 19 0.25 8.09 -9.47
N SER A 20 1.47 7.52 -9.53
CA SER A 20 2.26 7.08 -8.40
C SER A 20 3.01 8.22 -7.76
N SER A 21 2.51 9.46 -7.92
CA SER A 21 3.21 10.70 -7.72
C SER A 21 3.74 10.84 -6.33
N GLY A 22 2.89 10.62 -5.31
CA GLY A 22 3.31 10.74 -3.94
C GLY A 22 3.84 9.44 -3.44
N CYS A 23 3.39 8.31 -4.04
CA CYS A 23 3.65 7.02 -3.45
C CYS A 23 5.02 6.54 -3.82
N ASP A 24 5.73 7.21 -4.76
CA ASP A 24 7.15 7.04 -5.01
C ASP A 24 7.90 7.16 -3.70
N THR A 25 7.74 8.32 -3.02
CA THR A 25 8.23 8.56 -1.70
C THR A 25 7.67 7.58 -0.69
N LEU A 26 6.32 7.40 -0.63
CA LEU A 26 5.68 6.66 0.44
C LEU A 26 6.07 5.22 0.43
N CYS A 27 6.09 4.61 -0.77
CA CYS A 27 6.45 3.23 -0.95
C CYS A 27 7.87 3.02 -0.52
N LYS A 28 8.79 3.95 -0.88
CA LYS A 28 10.19 3.72 -0.63
C LYS A 28 10.55 3.98 0.81
N GLU A 29 9.82 4.87 1.52
CA GLU A 29 10.08 5.10 2.92
C GLU A 29 9.52 4.00 3.78
N LYS A 30 8.54 3.23 3.25
CA LYS A 30 7.99 2.06 3.92
C LYS A 30 8.82 0.85 3.55
N GLY A 31 9.53 0.94 2.41
CA GLY A 31 10.61 0.05 2.10
C GLY A 31 10.24 -0.84 0.97
N GLY A 32 9.40 -0.35 0.02
CA GLY A 32 9.06 -1.08 -1.18
C GLY A 32 9.98 -0.60 -2.25
N THR A 33 10.29 -1.48 -3.22
CA THR A 33 11.37 -1.30 -4.15
C THR A 33 10.86 -0.71 -5.43
N SER A 34 9.54 -0.82 -5.66
CA SER A 34 8.88 -0.18 -6.74
C SER A 34 7.49 -0.22 -6.22
N GLY A 35 6.56 0.51 -6.87
CA GLY A 35 5.22 0.61 -6.41
C GLY A 35 4.58 1.31 -7.55
N HIS A 36 3.25 1.51 -7.48
CA HIS A 36 2.46 2.21 -8.44
C HIS A 36 1.22 2.32 -7.62
N CYS A 37 0.06 2.72 -8.16
CA CYS A 37 -1.11 2.89 -7.36
C CYS A 37 -2.21 2.41 -8.23
N GLY A 38 -3.42 2.18 -7.67
CA GLY A 38 -4.50 1.73 -8.46
C GLY A 38 -5.54 1.40 -7.46
N PHE A 39 -6.67 0.87 -7.95
CA PHE A 39 -7.77 0.43 -7.15
C PHE A 39 -7.99 -0.92 -7.75
N LYS A 40 -7.92 -1.97 -6.92
CA LYS A 40 -8.27 -3.31 -7.31
C LYS A 40 -8.97 -3.75 -6.08
N VAL A 41 -10.04 -2.98 -5.76
CA VAL A 41 -10.75 -2.95 -4.52
C VAL A 41 -9.76 -2.60 -3.42
N GLY A 42 -10.04 -3.06 -2.19
CA GLY A 42 -9.33 -2.67 -1.02
C GLY A 42 -10.43 -2.06 -0.24
N HIS A 43 -10.20 -0.82 0.24
CA HIS A 43 -11.12 -0.05 1.02
C HIS A 43 -11.42 1.20 0.24
N GLY A 44 -10.56 1.57 -0.73
CA GLY A 44 -10.63 2.80 -1.43
C GLY A 44 -9.42 2.62 -2.27
N LEU A 45 -9.02 3.65 -3.05
CA LEU A 45 -7.89 3.61 -3.96
C LEU A 45 -6.65 3.53 -3.12
N ALA A 46 -5.70 2.61 -3.45
CA ALA A 46 -4.66 2.23 -2.52
C ALA A 46 -3.35 2.43 -3.23
N CYS A 47 -2.21 1.94 -2.67
CA CYS A 47 -0.96 2.11 -3.39
C CYS A 47 -0.50 0.70 -3.51
N TRP A 48 0.41 0.36 -4.46
CA TRP A 48 0.95 -0.97 -4.62
C TRP A 48 2.40 -0.79 -4.27
N CYS A 49 3.07 -1.86 -3.75
CA CYS A 49 4.48 -1.82 -3.52
C CYS A 49 4.93 -3.22 -3.82
N ASN A 50 6.19 -3.35 -4.28
CA ASN A 50 6.85 -4.62 -4.49
C ASN A 50 7.89 -4.70 -3.43
N ALA A 51 8.11 -5.93 -2.91
CA ALA A 51 9.19 -6.35 -2.04
C ALA A 51 9.23 -5.58 -0.76
N LEU A 52 8.09 -5.56 -0.03
CA LEU A 52 8.02 -4.90 1.24
C LEU A 52 8.48 -5.89 2.27
N PRO A 53 9.18 -5.48 3.32
CA PRO A 53 9.58 -6.38 4.38
C PRO A 53 8.40 -6.96 5.13
N ASP A 54 8.65 -8.06 5.87
CA ASP A 54 7.67 -8.84 6.57
C ASP A 54 6.87 -8.06 7.59
N ASN A 55 7.46 -6.98 8.15
CA ASN A 55 6.90 -6.24 9.26
C ASN A 55 6.18 -5.02 8.77
N VAL A 56 5.87 -4.94 7.47
CA VAL A 56 5.06 -3.89 6.92
C VAL A 56 3.71 -4.53 6.83
N GLY A 57 2.63 -3.80 7.18
CA GLY A 57 1.29 -4.34 7.09
C GLY A 57 0.72 -3.74 5.86
N ILE A 58 -0.21 -4.45 5.21
CA ILE A 58 -0.69 -4.08 3.92
C ILE A 58 -2.18 -4.22 4.02
N ILE A 59 -2.91 -4.35 2.88
CA ILE A 59 -4.34 -4.53 2.92
C ILE A 59 -4.54 -5.92 3.42
N VAL A 60 -5.40 -6.07 4.42
CA VAL A 60 -5.73 -7.34 5.00
C VAL A 60 -7.19 -7.42 4.71
N GLU A 61 -7.67 -8.59 4.22
CA GLU A 61 -9.05 -8.84 3.89
C GLU A 61 -9.48 -7.85 2.82
N GLY A 62 -10.62 -7.18 3.05
CA GLY A 62 -11.04 -6.04 2.29
C GLY A 62 -11.97 -5.43 3.28
N GLU A 63 -11.43 -5.17 4.48
CA GLU A 63 -12.23 -4.86 5.64
C GLU A 63 -12.26 -3.37 5.80
N LYS A 64 -11.50 -2.83 6.76
CA LYS A 64 -11.67 -1.50 7.23
C LYS A 64 -10.30 -1.24 7.75
N CYS A 65 -10.01 0.02 8.11
CA CYS A 65 -8.73 0.46 8.57
C CYS A 65 -8.80 0.45 10.06
N HIS A 66 -7.65 0.21 10.73
CA HIS A 66 -7.53 0.41 12.14
C HIS A 66 -6.07 0.65 12.22
N SER A 67 -5.60 1.40 13.24
CA SER A 67 -4.24 1.70 13.44
C SER A 67 -4.33 1.85 14.96
N VAL A 1 9.37 -11.25 2.19
CA VAL A 1 8.78 -9.96 1.77
C VAL A 1 7.39 -10.19 1.22
N ARG A 2 6.60 -9.10 1.06
CA ARG A 2 5.32 -9.15 0.40
C ARG A 2 5.48 -8.39 -0.88
N ASP A 3 4.52 -8.56 -1.82
CA ASP A 3 4.20 -7.57 -2.81
C ASP A 3 2.75 -7.53 -2.47
N GLY A 4 2.12 -6.35 -2.41
CA GLY A 4 0.72 -6.30 -2.13
C GLY A 4 0.33 -4.96 -2.59
N TYR A 5 -0.95 -4.61 -2.38
CA TYR A 5 -1.38 -3.23 -2.42
C TYR A 5 -0.91 -2.69 -1.09
N ILE A 6 -0.30 -1.49 -1.02
CA ILE A 6 0.23 -1.00 0.24
C ILE A 6 -0.89 -0.22 0.87
N ALA A 7 -1.03 -0.43 2.19
CA ALA A 7 -1.98 0.19 3.04
C ALA A 7 -1.25 1.24 3.81
N GLN A 8 -1.53 1.31 5.12
CA GLN A 8 -0.81 2.07 6.07
C GLN A 8 -0.78 1.01 7.13
N PRO A 9 0.12 1.02 8.10
CA PRO A 9 0.07 0.08 9.19
C PRO A 9 -1.13 0.38 10.08
N GLU A 10 -1.77 -0.62 10.74
CA GLU A 10 -1.49 -2.03 10.65
C GLU A 10 -2.18 -2.58 9.44
N ASN A 11 -3.29 -1.95 9.05
CA ASN A 11 -4.08 -2.28 7.91
C ASN A 11 -4.67 -0.90 7.76
N CYS A 12 -5.28 -0.65 6.59
CA CYS A 12 -6.06 0.48 6.15
C CYS A 12 -5.91 0.32 4.69
N VAL A 13 -5.89 1.42 3.92
CA VAL A 13 -5.39 1.47 2.59
C VAL A 13 -4.57 2.72 2.69
N TYR A 14 -3.68 3.01 1.71
CA TYR A 14 -3.09 4.31 1.56
C TYR A 14 -3.94 5.01 0.53
N HIS A 15 -3.53 6.18 0.04
CA HIS A 15 -4.29 6.88 -0.95
C HIS A 15 -3.19 7.28 -1.84
N CYS A 16 -3.47 7.39 -3.15
CA CYS A 16 -2.52 7.52 -4.20
C CYS A 16 -2.98 8.75 -4.88
N PHE A 17 -2.09 9.35 -5.70
CA PHE A 17 -2.42 10.39 -6.60
C PHE A 17 -2.16 9.66 -7.89
N PRO A 18 -3.13 9.34 -8.76
CA PRO A 18 -2.86 8.47 -9.91
C PRO A 18 -1.89 9.09 -10.87
N GLY A 19 -0.74 8.42 -11.05
CA GLY A 19 0.41 8.99 -11.68
C GLY A 19 1.47 8.16 -11.05
N SER A 20 1.35 8.00 -9.71
CA SER A 20 2.06 7.10 -8.82
C SER A 20 2.86 7.96 -7.89
N SER A 21 3.38 9.09 -8.40
CA SER A 21 4.52 9.84 -7.93
C SER A 21 4.66 9.98 -6.43
N GLY A 22 3.61 10.46 -5.76
CA GLY A 22 3.67 10.70 -4.33
C GLY A 22 3.64 9.42 -3.56
N CYS A 23 2.86 8.41 -4.02
CA CYS A 23 2.68 7.21 -3.23
C CYS A 23 3.80 6.26 -3.52
N ASP A 24 4.41 6.37 -4.73
CA ASP A 24 5.62 5.67 -5.08
C ASP A 24 6.75 6.18 -4.21
N THR A 25 6.75 7.49 -3.89
CA THR A 25 7.69 8.05 -2.95
C THR A 25 7.43 7.52 -1.55
N LEU A 26 6.16 7.39 -1.12
CA LEU A 26 5.82 6.84 0.19
C LEU A 26 6.23 5.39 0.27
N CYS A 27 6.03 4.65 -0.84
CA CYS A 27 6.46 3.28 -1.00
C CYS A 27 7.94 3.13 -0.72
N LYS A 28 8.77 4.09 -1.22
CA LYS A 28 10.20 4.04 -1.01
C LYS A 28 10.56 4.17 0.45
N GLU A 29 9.92 5.12 1.18
CA GLU A 29 10.27 5.35 2.58
C GLU A 29 9.78 4.23 3.47
N LYS A 30 8.68 3.54 3.08
CA LYS A 30 8.16 2.40 3.83
C LYS A 30 8.96 1.16 3.50
N GLY A 31 9.69 1.18 2.37
CA GLY A 31 10.73 0.23 2.09
C GLY A 31 10.29 -0.74 1.06
N GLY A 32 9.49 -0.29 0.07
CA GLY A 32 9.22 -1.06 -1.11
C GLY A 32 10.08 -0.47 -2.17
N THR A 33 10.69 -1.32 -3.01
CA THR A 33 11.73 -0.91 -3.92
C THR A 33 11.16 -0.68 -5.30
N SER A 34 9.83 -0.83 -5.45
CA SER A 34 9.12 -0.34 -6.60
C SER A 34 7.75 -0.31 -6.03
N GLY A 35 6.81 0.36 -6.72
CA GLY A 35 5.49 0.48 -6.23
C GLY A 35 4.85 1.14 -7.39
N HIS A 36 3.53 1.35 -7.32
CA HIS A 36 2.72 1.83 -8.40
C HIS A 36 1.51 2.08 -7.58
N CYS A 37 0.31 2.05 -8.18
CA CYS A 37 -0.93 2.11 -7.47
C CYS A 37 -1.74 1.32 -8.42
N GLY A 38 -2.92 0.89 -8.00
CA GLY A 38 -3.83 0.17 -8.82
C GLY A 38 -5.00 0.28 -7.92
N PHE A 39 -6.20 -0.11 -8.36
CA PHE A 39 -7.38 0.05 -7.57
C PHE A 39 -8.12 -1.16 -8.00
N LYS A 40 -8.75 -1.87 -7.06
CA LYS A 40 -9.57 -3.01 -7.35
C LYS A 40 -10.38 -3.01 -6.10
N VAL A 41 -11.03 -1.85 -5.87
CA VAL A 41 -11.51 -1.39 -4.60
C VAL A 41 -10.34 -1.39 -3.63
N GLY A 42 -10.60 -1.71 -2.37
CA GLY A 42 -9.69 -1.56 -1.30
C GLY A 42 -10.68 -1.03 -0.36
N HIS A 43 -10.37 0.08 0.31
CA HIS A 43 -11.21 0.69 1.30
C HIS A 43 -11.43 2.10 0.83
N GLY A 44 -11.05 2.44 -0.42
CA GLY A 44 -11.23 3.79 -0.90
C GLY A 44 -10.42 3.98 -2.12
N LEU A 45 -9.13 3.60 -2.05
CA LEU A 45 -8.12 3.75 -3.06
C LEU A 45 -7.08 2.91 -2.38
N ALA A 46 -5.85 2.77 -2.89
CA ALA A 46 -4.82 2.07 -2.20
C ALA A 46 -3.68 2.40 -3.08
N CYS A 47 -2.44 2.01 -2.71
CA CYS A 47 -1.32 2.15 -3.61
C CYS A 47 -0.80 0.76 -3.71
N TRP A 48 0.34 0.52 -4.40
CA TRP A 48 0.88 -0.80 -4.59
C TRP A 48 2.33 -0.66 -4.24
N CYS A 49 2.99 -1.76 -3.76
CA CYS A 49 4.41 -1.77 -3.50
C CYS A 49 4.88 -3.15 -3.86
N ASN A 50 6.19 -3.26 -4.18
CA ASN A 50 6.86 -4.52 -4.39
C ASN A 50 7.94 -4.55 -3.36
N ALA A 51 8.16 -5.74 -2.77
CA ALA A 51 9.27 -6.11 -1.92
C ALA A 51 9.25 -5.33 -0.64
N LEU A 52 8.12 -5.41 0.08
CA LEU A 52 8.00 -4.79 1.37
C LEU A 52 8.42 -5.84 2.35
N PRO A 53 9.31 -5.61 3.32
CA PRO A 53 9.66 -6.61 4.29
C PRO A 53 8.54 -6.86 5.25
N ASP A 54 8.73 -7.83 6.15
CA ASP A 54 7.69 -8.29 7.02
C ASP A 54 7.54 -7.44 8.26
N ASN A 55 8.05 -6.19 8.25
CA ASN A 55 7.83 -5.25 9.34
C ASN A 55 6.73 -4.31 8.92
N VAL A 56 6.27 -4.42 7.65
CA VAL A 56 5.31 -3.54 7.07
C VAL A 56 4.01 -4.29 7.17
N GLY A 57 2.87 -3.67 6.82
CA GLY A 57 1.57 -4.24 6.96
C GLY A 57 0.95 -3.63 5.76
N ILE A 58 -0.12 -4.23 5.22
CA ILE A 58 -0.63 -3.91 3.92
C ILE A 58 -2.09 -4.22 4.08
N ILE A 59 -2.86 -4.28 2.96
CA ILE A 59 -4.30 -4.40 3.02
C ILE A 59 -4.67 -5.77 3.53
N VAL A 60 -5.63 -5.80 4.48
CA VAL A 60 -6.39 -6.94 4.85
C VAL A 60 -7.78 -6.46 4.50
N GLU A 61 -8.55 -7.23 3.69
CA GLU A 61 -9.77 -6.72 3.11
C GLU A 61 -10.97 -7.12 3.92
N GLY A 62 -11.04 -8.40 4.35
CA GLY A 62 -12.22 -8.97 4.97
C GLY A 62 -12.30 -8.57 6.42
N GLU A 63 -12.41 -7.25 6.65
CA GLU A 63 -12.43 -6.66 7.95
C GLU A 63 -13.00 -5.30 7.68
N LYS A 64 -12.22 -4.50 6.93
CA LYS A 64 -12.36 -3.10 6.61
C LYS A 64 -10.98 -2.70 7.02
N CYS A 65 -10.83 -1.54 7.68
CA CYS A 65 -9.58 -1.06 8.22
C CYS A 65 -9.63 -1.38 9.69
N HIS A 66 -8.45 -1.66 10.28
CA HIS A 66 -8.20 -1.76 11.69
C HIS A 66 -7.00 -0.91 11.62
N SER A 67 -6.86 0.13 12.47
CA SER A 67 -5.75 1.04 12.37
C SER A 67 -4.60 0.43 13.21
N VAL A 1 9.86 -11.04 2.12
CA VAL A 1 9.07 -9.86 1.69
C VAL A 1 7.73 -10.28 1.17
N ARG A 2 6.79 -9.30 1.03
CA ARG A 2 5.52 -9.49 0.39
C ARG A 2 5.53 -8.59 -0.81
N ASP A 3 4.50 -8.71 -1.67
CA ASP A 3 4.23 -7.77 -2.73
C ASP A 3 2.76 -7.70 -2.51
N GLY A 4 2.15 -6.50 -2.48
CA GLY A 4 0.72 -6.43 -2.33
C GLY A 4 0.35 -5.08 -2.78
N TYR A 5 -0.96 -4.74 -2.68
CA TYR A 5 -1.41 -3.38 -2.68
C TYR A 5 -1.02 -2.87 -1.32
N ILE A 6 -0.42 -1.67 -1.23
CA ILE A 6 0.09 -1.16 0.01
C ILE A 6 -1.05 -0.39 0.61
N ALA A 7 -1.18 -0.61 1.95
CA ALA A 7 -2.15 0.01 2.82
C ALA A 7 -1.47 1.15 3.49
N GLN A 8 -1.84 1.42 4.76
CA GLN A 8 -1.12 2.25 5.66
C GLN A 8 -1.21 1.29 6.80
N PRO A 9 -0.27 1.16 7.71
CA PRO A 9 -0.43 0.25 8.84
C PRO A 9 -1.51 0.82 9.75
N GLU A 10 -2.35 0.01 10.41
CA GLU A 10 -2.25 -1.44 10.49
C GLU A 10 -2.85 -2.10 9.28
N ASN A 11 -4.04 -1.65 8.84
CA ASN A 11 -4.70 -2.15 7.68
C ASN A 11 -5.44 -0.89 7.41
N CYS A 12 -5.71 -0.61 6.13
CA CYS A 12 -6.38 0.53 5.58
C CYS A 12 -6.06 0.29 4.14
N VAL A 13 -6.13 1.33 3.28
CA VAL A 13 -5.50 1.33 1.99
C VAL A 13 -4.67 2.57 2.15
N TYR A 14 -3.62 2.72 1.31
CA TYR A 14 -2.97 4.00 1.09
C TYR A 14 -3.81 4.69 0.06
N HIS A 15 -3.29 5.72 -0.60
CA HIS A 15 -3.88 6.17 -1.82
C HIS A 15 -2.62 6.39 -2.57
N CYS A 16 -2.75 6.57 -3.89
CA CYS A 16 -1.70 6.71 -4.83
C CYS A 16 -2.05 8.06 -5.35
N PHE A 17 -1.14 8.64 -6.14
CA PHE A 17 -1.36 9.87 -6.83
C PHE A 17 -1.26 9.35 -8.22
N PRO A 18 -2.16 9.61 -9.17
CA PRO A 18 -1.99 9.19 -10.55
C PRO A 18 -0.89 9.91 -11.32
N GLY A 19 0.24 10.21 -10.66
CA GLY A 19 1.39 10.84 -11.24
C GLY A 19 2.37 10.27 -10.28
N SER A 20 3.58 9.91 -10.75
CA SER A 20 4.47 8.97 -10.12
C SER A 20 4.92 9.38 -8.74
N SER A 21 5.24 10.68 -8.61
CA SER A 21 6.01 11.31 -7.56
C SER A 21 5.63 10.89 -6.16
N GLY A 22 4.34 10.99 -5.79
CA GLY A 22 3.93 10.90 -4.41
C GLY A 22 4.10 9.52 -3.87
N CYS A 23 3.57 8.50 -4.60
CA CYS A 23 3.59 7.15 -4.10
C CYS A 23 4.96 6.56 -4.30
N ASP A 24 5.80 7.15 -5.19
CA ASP A 24 7.19 6.78 -5.33
C ASP A 24 7.88 6.99 -4.00
N THR A 25 7.77 8.21 -3.42
CA THR A 25 8.30 8.48 -2.11
C THR A 25 7.65 7.65 -1.01
N LEU A 26 6.30 7.44 -1.06
CA LEU A 26 5.61 6.69 -0.04
C LEU A 26 6.02 5.25 -0.04
N CYS A 27 6.24 4.68 -1.23
CA CYS A 27 6.68 3.32 -1.38
C CYS A 27 8.06 3.16 -0.81
N LYS A 28 8.98 4.09 -1.14
CA LYS A 28 10.36 4.01 -0.67
C LYS A 28 10.46 4.16 0.83
N GLU A 29 9.68 5.08 1.45
CA GLU A 29 9.78 5.34 2.87
C GLU A 29 9.26 4.19 3.70
N LYS A 30 8.47 3.27 3.08
CA LYS A 30 7.97 2.09 3.72
C LYS A 30 8.86 0.91 3.40
N GLY A 31 9.87 1.11 2.52
CA GLY A 31 10.82 0.08 2.19
C GLY A 31 10.30 -0.80 1.11
N GLY A 32 9.50 -0.24 0.19
CA GLY A 32 9.05 -0.91 -0.99
C GLY A 32 9.90 -0.35 -2.07
N THR A 33 10.15 -1.15 -3.12
CA THR A 33 11.14 -0.80 -4.11
C THR A 33 10.63 0.31 -5.00
N SER A 34 9.45 0.10 -5.60
CA SER A 34 8.68 1.13 -6.24
C SER A 34 7.37 0.43 -6.25
N GLY A 35 6.34 1.06 -6.83
CA GLY A 35 5.00 0.60 -6.76
C GLY A 35 4.37 1.49 -7.76
N HIS A 36 3.07 1.28 -8.00
CA HIS A 36 2.31 1.93 -9.03
C HIS A 36 0.98 2.02 -8.37
N CYS A 37 -0.04 2.62 -9.02
CA CYS A 37 -1.33 2.83 -8.40
C CYS A 37 -2.16 1.60 -8.53
N GLY A 38 -3.32 1.58 -7.86
CA GLY A 38 -4.11 0.38 -7.78
C GLY A 38 -5.32 0.83 -7.07
N PHE A 39 -6.27 -0.10 -6.83
CA PHE A 39 -7.51 0.17 -6.19
C PHE A 39 -7.67 -1.14 -5.52
N LYS A 40 -8.39 -1.20 -4.38
CA LYS A 40 -8.72 -2.44 -3.75
C LYS A 40 -10.15 -2.23 -3.37
N VAL A 41 -11.08 -2.89 -4.10
CA VAL A 41 -12.50 -2.71 -3.89
C VAL A 41 -12.81 -3.44 -2.62
N GLY A 42 -13.38 -2.72 -1.64
CA GLY A 42 -13.47 -3.20 -0.30
C GLY A 42 -13.14 -2.00 0.50
N HIS A 43 -12.14 -1.20 0.04
CA HIS A 43 -11.79 0.02 0.70
C HIS A 43 -11.87 1.14 -0.32
N GLY A 44 -10.99 1.17 -1.33
CA GLY A 44 -10.93 2.35 -2.17
C GLY A 44 -9.69 2.24 -2.96
N LEU A 45 -9.20 3.40 -3.44
CA LEU A 45 -8.01 3.57 -4.26
C LEU A 45 -6.86 3.29 -3.33
N ALA A 46 -5.82 2.57 -3.79
CA ALA A 46 -4.81 2.03 -2.92
C ALA A 46 -3.54 2.35 -3.63
N CYS A 47 -2.37 1.86 -3.14
CA CYS A 47 -1.20 1.99 -3.98
C CYS A 47 -0.68 0.59 -3.96
N TRP A 48 0.41 0.27 -4.69
CA TRP A 48 1.01 -1.04 -4.74
C TRP A 48 2.40 -0.75 -4.30
N CYS A 49 3.13 -1.79 -3.83
CA CYS A 49 4.55 -1.70 -3.63
C CYS A 49 5.02 -3.08 -3.91
N ASN A 50 6.28 -3.21 -4.37
CA ASN A 50 6.91 -4.48 -4.61
C ASN A 50 8.03 -4.54 -3.63
N ALA A 51 8.11 -5.67 -2.89
CA ALA A 51 9.16 -6.05 -1.99
C ALA A 51 9.11 -5.24 -0.74
N LEU A 52 8.03 -5.43 0.05
CA LEU A 52 7.91 -4.78 1.35
C LEU A 52 8.24 -5.86 2.34
N PRO A 53 9.00 -5.63 3.39
CA PRO A 53 9.26 -6.63 4.40
C PRO A 53 8.04 -6.84 5.25
N ASP A 54 8.06 -7.88 6.12
CA ASP A 54 6.92 -8.36 6.84
C ASP A 54 6.49 -7.46 7.96
N ASN A 55 7.25 -6.39 8.26
CA ASN A 55 6.91 -5.47 9.32
C ASN A 55 6.04 -4.38 8.78
N VAL A 56 5.65 -4.46 7.50
CA VAL A 56 4.82 -3.47 6.85
C VAL A 56 3.53 -4.19 6.65
N GLY A 57 2.38 -3.53 6.93
CA GLY A 57 1.08 -4.16 6.79
C GLY A 57 0.48 -3.65 5.53
N ILE A 58 -0.44 -4.44 4.94
CA ILE A 58 -0.99 -4.17 3.64
C ILE A 58 -2.45 -4.52 3.76
N ILE A 59 -3.19 -4.52 2.62
CA ILE A 59 -4.64 -4.61 2.61
C ILE A 59 -5.06 -6.00 2.97
N VAL A 60 -6.16 -6.09 3.74
CA VAL A 60 -6.79 -7.28 4.20
C VAL A 60 -8.20 -6.76 4.26
N GLU A 61 -9.20 -7.65 4.16
CA GLU A 61 -10.57 -7.36 4.47
C GLU A 61 -10.87 -8.70 5.04
N GLY A 62 -11.85 -8.78 5.96
CA GLY A 62 -12.02 -9.93 6.83
C GLY A 62 -11.98 -9.30 8.17
N GLU A 63 -11.04 -8.34 8.33
CA GLU A 63 -11.17 -7.25 9.25
C GLU A 63 -11.63 -6.14 8.34
N LYS A 64 -11.07 -4.93 8.48
CA LYS A 64 -11.33 -3.80 7.65
C LYS A 64 -10.12 -3.02 8.07
N CYS A 65 -10.08 -1.70 7.78
CA CYS A 65 -9.09 -0.78 8.30
C CYS A 65 -9.24 -0.79 9.79
N HIS A 66 -8.14 -1.06 10.51
CA HIS A 66 -8.15 -1.10 11.94
C HIS A 66 -6.81 -0.52 12.15
N SER A 67 -6.60 0.10 13.31
CA SER A 67 -5.40 0.73 13.75
C SER A 67 -5.94 1.18 15.12
N VAL A 1 10.24 -11.15 1.50
CA VAL A 1 9.39 -9.97 1.23
C VAL A 1 8.01 -10.40 0.78
N ARG A 2 7.07 -9.44 0.77
CA ARG A 2 5.78 -9.60 0.13
C ARG A 2 5.77 -8.62 -1.00
N ASP A 3 4.67 -8.61 -1.77
CA ASP A 3 4.34 -7.58 -2.71
C ASP A 3 2.96 -7.35 -2.19
N GLY A 4 2.43 -6.13 -2.25
CA GLY A 4 1.13 -5.92 -1.67
C GLY A 4 0.53 -4.69 -2.21
N TYR A 5 -0.76 -4.48 -1.90
CA TYR A 5 -1.39 -3.19 -1.95
C TYR A 5 -1.00 -2.58 -0.65
N ILE A 6 -0.32 -1.41 -0.65
CA ILE A 6 0.20 -0.82 0.57
C ILE A 6 -0.87 0.08 1.11
N ALA A 7 -0.93 0.06 2.46
CA ALA A 7 -1.84 0.72 3.34
C ALA A 7 -1.09 1.71 4.16
N GLN A 8 -1.66 2.01 5.35
CA GLN A 8 -1.10 2.76 6.43
C GLN A 8 -1.60 1.90 7.57
N PRO A 9 -1.10 2.03 8.80
CA PRO A 9 -1.43 1.13 9.91
C PRO A 9 -2.91 1.16 10.26
N GLU A 10 -3.62 0.02 10.31
CA GLU A 10 -3.22 -1.27 9.86
C GLU A 10 -4.47 -1.59 9.14
N ASN A 11 -4.40 -2.18 7.93
CA ASN A 11 -5.59 -2.61 7.22
C ASN A 11 -6.40 -1.44 6.75
N CYS A 12 -5.72 -0.31 6.48
CA CYS A 12 -6.29 0.83 5.80
C CYS A 12 -5.87 0.61 4.37
N VAL A 13 -5.87 1.65 3.54
CA VAL A 13 -5.31 1.61 2.21
C VAL A 13 -4.56 2.90 2.30
N TYR A 14 -3.59 3.12 1.39
CA TYR A 14 -3.04 4.43 1.14
C TYR A 14 -3.98 4.99 0.11
N HIS A 15 -3.67 6.11 -0.55
CA HIS A 15 -4.46 6.51 -1.69
C HIS A 15 -3.32 6.91 -2.52
N CYS A 16 -3.43 6.71 -3.84
CA CYS A 16 -2.39 7.03 -4.75
C CYS A 16 -2.72 8.41 -5.22
N PHE A 17 -1.82 9.00 -6.03
CA PHE A 17 -2.11 10.16 -6.78
C PHE A 17 -2.03 9.46 -8.10
N PRO A 18 -2.94 9.52 -9.07
CA PRO A 18 -2.79 8.84 -10.35
C PRO A 18 -1.64 9.33 -11.24
N GLY A 19 -0.49 9.67 -10.66
CA GLY A 19 0.73 9.98 -11.32
C GLY A 19 1.58 9.40 -10.26
N SER A 20 2.22 8.25 -10.56
CA SER A 20 2.72 7.25 -9.64
C SER A 20 3.61 7.78 -8.57
N SER A 21 4.44 8.79 -8.92
CA SER A 21 5.53 9.35 -8.18
C SER A 21 5.26 9.64 -6.72
N GLY A 22 4.06 10.15 -6.36
CA GLY A 22 3.79 10.48 -4.97
C GLY A 22 3.79 9.27 -4.09
N CYS A 23 3.10 8.20 -4.55
CA CYS A 23 2.96 7.01 -3.73
C CYS A 23 4.16 6.14 -3.91
N ASP A 24 4.85 6.25 -5.06
CA ASP A 24 6.14 5.62 -5.28
C ASP A 24 7.16 6.16 -4.30
N THR A 25 7.12 7.47 -4.02
CA THR A 25 7.98 8.07 -3.02
C THR A 25 7.67 7.50 -1.63
N LEU A 26 6.37 7.34 -1.30
CA LEU A 26 5.93 6.76 -0.03
C LEU A 26 6.37 5.34 0.09
N CYS A 27 6.28 4.60 -1.03
CA CYS A 27 6.73 3.24 -1.17
C CYS A 27 8.21 3.13 -0.86
N LYS A 28 9.03 4.04 -1.43
CA LYS A 28 10.46 4.01 -1.27
C LYS A 28 10.85 4.34 0.15
N GLU A 29 10.21 5.35 0.78
CA GLU A 29 10.62 5.76 2.11
C GLU A 29 10.21 4.76 3.16
N LYS A 30 9.17 3.93 2.88
CA LYS A 30 8.82 2.85 3.77
C LYS A 30 9.75 1.70 3.50
N GLY A 31 9.91 1.34 2.21
CA GLY A 31 10.94 0.42 1.80
C GLY A 31 10.35 -0.69 1.00
N GLY A 32 9.52 -0.34 0.00
CA GLY A 32 9.25 -1.19 -1.13
C GLY A 32 10.08 -0.55 -2.18
N THR A 33 10.70 -1.33 -3.09
CA THR A 33 11.77 -0.83 -3.92
C THR A 33 11.23 0.05 -5.01
N SER A 34 9.98 -0.21 -5.44
CA SER A 34 9.25 0.66 -6.29
C SER A 34 7.87 0.17 -6.04
N GLY A 35 6.86 0.87 -6.60
CA GLY A 35 5.50 0.62 -6.32
C GLY A 35 4.90 1.55 -7.30
N HIS A 36 3.56 1.67 -7.32
CA HIS A 36 2.86 2.37 -8.35
C HIS A 36 1.48 2.39 -7.78
N CYS A 37 0.47 2.89 -8.52
CA CYS A 37 -0.89 2.96 -8.01
C CYS A 37 -1.54 1.63 -8.15
N GLY A 38 -2.71 1.46 -7.54
CA GLY A 38 -3.45 0.27 -7.69
C GLY A 38 -4.78 0.78 -7.29
N PHE A 39 -5.83 0.01 -7.60
CA PHE A 39 -7.18 0.33 -7.25
C PHE A 39 -7.57 -1.03 -6.79
N LYS A 40 -8.57 -1.10 -5.91
CA LYS A 40 -9.16 -2.31 -5.42
C LYS A 40 -10.46 -1.74 -4.97
N VAL A 41 -11.37 -2.55 -4.44
CA VAL A 41 -12.63 -2.10 -3.93
C VAL A 41 -12.64 -2.89 -2.67
N GLY A 42 -13.51 -2.50 -1.72
CA GLY A 42 -13.54 -3.02 -0.38
C GLY A 42 -13.21 -1.82 0.44
N HIS A 43 -12.17 -1.09 -0.01
CA HIS A 43 -11.82 0.20 0.50
C HIS A 43 -11.94 1.12 -0.69
N GLY A 44 -10.93 1.17 -1.59
CA GLY A 44 -11.02 2.02 -2.74
C GLY A 44 -9.62 2.11 -3.22
N LEU A 45 -9.25 3.29 -3.79
CA LEU A 45 -7.94 3.61 -4.36
C LEU A 45 -6.90 3.42 -3.30
N ALA A 46 -5.80 2.73 -3.64
CA ALA A 46 -4.88 2.19 -2.68
C ALA A 46 -3.57 2.44 -3.33
N CYS A 47 -2.42 1.95 -2.79
CA CYS A 47 -1.21 2.03 -3.60
C CYS A 47 -0.75 0.62 -3.65
N TRP A 48 0.28 0.34 -4.47
CA TRP A 48 0.80 -1.00 -4.61
C TRP A 48 2.27 -0.81 -4.41
N CYS A 49 2.95 -1.82 -3.84
CA CYS A 49 4.38 -1.80 -3.63
C CYS A 49 4.84 -3.20 -3.86
N ASN A 50 6.07 -3.35 -4.39
CA ASN A 50 6.71 -4.63 -4.56
C ASN A 50 7.89 -4.58 -3.65
N ALA A 51 8.22 -5.76 -3.06
CA ALA A 51 9.39 -6.01 -2.25
C ALA A 51 9.32 -5.27 -0.95
N LEU A 52 8.24 -5.48 -0.19
CA LEU A 52 8.08 -4.88 1.12
C LEU A 52 8.46 -5.96 2.09
N PRO A 53 9.19 -5.70 3.17
CA PRO A 53 9.49 -6.71 4.17
C PRO A 53 8.25 -7.14 4.91
N ASP A 54 8.34 -8.26 5.65
CA ASP A 54 7.19 -8.91 6.24
C ASP A 54 6.65 -8.16 7.41
N ASN A 55 7.47 -7.27 8.00
CA ASN A 55 7.10 -6.48 9.14
C ASN A 55 6.53 -5.15 8.68
N VAL A 56 6.10 -5.06 7.40
CA VAL A 56 5.31 -3.97 6.92
C VAL A 56 3.98 -4.63 6.81
N GLY A 57 2.90 -3.97 7.29
CA GLY A 57 1.59 -4.55 7.29
C GLY A 57 0.84 -3.63 6.42
N ILE A 58 -0.12 -4.17 5.66
CA ILE A 58 -0.61 -3.59 4.46
C ILE A 58 -2.09 -3.73 4.59
N ILE A 59 -2.80 -4.03 3.47
CA ILE A 59 -4.19 -4.42 3.56
C ILE A 59 -4.14 -5.86 4.01
N VAL A 60 -4.77 -6.10 5.18
CA VAL A 60 -4.60 -7.27 6.00
C VAL A 60 -5.80 -8.14 5.70
N GLU A 61 -6.95 -7.49 5.43
CA GLU A 61 -8.18 -8.11 5.05
C GLU A 61 -8.76 -6.92 4.32
N GLY A 62 -10.04 -6.59 4.50
CA GLY A 62 -10.56 -5.37 3.95
C GLY A 62 -11.89 -5.24 4.59
N GLU A 63 -11.91 -5.34 5.93
CA GLU A 63 -13.13 -5.40 6.69
C GLU A 63 -13.32 -4.06 7.32
N LYS A 64 -12.33 -3.61 8.10
CA LYS A 64 -12.37 -2.34 8.76
C LYS A 64 -10.91 -2.19 8.95
N CYS A 65 -10.45 -0.93 9.12
CA CYS A 65 -9.06 -0.60 9.35
C CYS A 65 -8.86 -0.69 10.83
N HIS A 66 -7.62 -1.03 11.21
CA HIS A 66 -7.11 -1.33 12.52
C HIS A 66 -7.41 -2.77 12.76
N SER A 67 -7.35 -3.25 14.01
CA SER A 67 -7.41 -4.66 14.27
C SER A 67 -8.90 -5.09 14.32
N VAL A 1 10.16 -11.01 2.10
CA VAL A 1 9.38 -9.79 1.76
C VAL A 1 7.98 -10.18 1.36
N ARG A 2 7.10 -9.17 1.17
CA ARG A 2 5.79 -9.34 0.61
C ARG A 2 5.75 -8.45 -0.60
N ASP A 3 4.71 -8.62 -1.44
CA ASP A 3 4.36 -7.70 -2.47
C ASP A 3 2.92 -7.65 -2.11
N GLY A 4 2.28 -6.47 -2.14
CA GLY A 4 0.89 -6.43 -1.81
C GLY A 4 0.46 -5.14 -2.39
N TYR A 5 -0.80 -4.75 -2.10
CA TYR A 5 -1.16 -3.36 -2.16
C TYR A 5 -0.68 -2.86 -0.84
N ILE A 6 -0.08 -1.66 -0.79
CA ILE A 6 0.45 -1.16 0.45
C ILE A 6 -0.69 -0.40 1.06
N ALA A 7 -0.87 -0.71 2.36
CA ALA A 7 -1.86 -0.17 3.24
C ALA A 7 -1.13 0.69 4.22
N GLN A 8 -1.68 0.75 5.44
CA GLN A 8 -1.08 1.42 6.56
C GLN A 8 -1.37 0.34 7.55
N PRO A 9 -0.58 0.09 8.58
CA PRO A 9 -0.85 -1.01 9.49
C PRO A 9 -2.01 -0.60 10.37
N GLU A 10 -2.86 -1.52 10.86
CA GLU A 10 -2.68 -2.95 10.89
C GLU A 10 -3.61 -3.59 9.90
N ASN A 11 -4.49 -2.81 9.27
CA ASN A 11 -5.18 -3.17 8.08
C ASN A 11 -5.56 -1.78 7.73
N CYS A 12 -5.63 -1.45 6.43
CA CYS A 12 -6.02 -0.17 5.91
C CYS A 12 -5.91 -0.31 4.43
N VAL A 13 -5.81 0.82 3.73
CA VAL A 13 -5.37 0.96 2.37
C VAL A 13 -4.46 2.14 2.59
N TYR A 14 -3.64 2.54 1.59
CA TYR A 14 -3.02 3.84 1.57
C TYR A 14 -3.92 4.62 0.64
N HIS A 15 -3.53 5.82 0.18
CA HIS A 15 -4.27 6.49 -0.83
C HIS A 15 -3.19 6.72 -1.81
N CYS A 16 -3.60 7.03 -3.05
CA CYS A 16 -2.81 7.03 -4.22
C CYS A 16 -3.38 8.27 -4.79
N PHE A 17 -2.57 8.96 -5.61
CA PHE A 17 -3.00 10.08 -6.38
C PHE A 17 -2.76 9.49 -7.73
N PRO A 18 -3.73 9.24 -8.61
CA PRO A 18 -3.49 8.59 -9.90
C PRO A 18 -2.52 9.39 -10.75
N GLY A 19 -1.29 8.89 -10.90
CA GLY A 19 -0.18 9.68 -11.35
C GLY A 19 0.96 9.01 -10.66
N SER A 20 0.73 8.65 -9.38
CA SER A 20 1.43 7.62 -8.65
C SER A 20 2.70 8.12 -8.02
N SER A 21 2.97 9.44 -8.13
CA SER A 21 4.10 10.13 -7.54
C SER A 21 4.11 9.96 -6.04
N GLY A 22 2.90 10.03 -5.44
CA GLY A 22 2.70 9.83 -4.03
C GLY A 22 2.99 8.42 -3.63
N CYS A 23 2.56 7.43 -4.46
CA CYS A 23 2.70 6.03 -4.14
C CYS A 23 4.13 5.64 -4.18
N ASP A 24 4.87 6.11 -5.21
CA ASP A 24 6.29 5.89 -5.35
C ASP A 24 7.00 6.40 -4.11
N THR A 25 6.69 7.64 -3.71
CA THR A 25 7.24 8.26 -2.52
C THR A 25 6.93 7.44 -1.28
N LEU A 26 5.64 7.04 -1.09
CA LEU A 26 5.19 6.28 0.06
C LEU A 26 5.89 4.95 0.12
N CYS A 27 5.98 4.29 -1.04
CA CYS A 27 6.61 3.01 -1.18
C CYS A 27 8.06 3.08 -0.77
N LYS A 28 8.79 4.14 -1.18
CA LYS A 28 10.20 4.25 -0.84
C LYS A 28 10.40 4.47 0.64
N GLU A 29 9.54 5.30 1.28
CA GLU A 29 9.73 5.63 2.68
C GLU A 29 9.29 4.52 3.59
N LYS A 30 8.42 3.60 3.11
CA LYS A 30 8.01 2.43 3.86
C LYS A 30 8.95 1.29 3.58
N GLY A 31 9.55 1.27 2.38
CA GLY A 31 10.70 0.46 2.08
C GLY A 31 10.35 -0.62 1.12
N GLY A 32 9.60 -0.26 0.04
CA GLY A 32 9.40 -1.12 -1.09
C GLY A 32 10.14 -0.47 -2.20
N THR A 33 10.80 -1.29 -3.05
CA THR A 33 11.77 -0.83 -4.01
C THR A 33 11.13 -0.72 -5.37
N SER A 34 9.81 -0.91 -5.45
CA SER A 34 9.07 -0.56 -6.63
C SER A 34 7.71 -0.46 -6.06
N GLY A 35 6.84 0.38 -6.64
CA GLY A 35 5.53 0.57 -6.15
C GLY A 35 4.94 1.28 -7.27
N HIS A 36 3.61 1.32 -7.32
CA HIS A 36 2.87 1.77 -8.45
C HIS A 36 1.55 2.04 -7.81
N CYS A 37 0.47 2.04 -8.59
CA CYS A 37 -0.87 2.24 -8.13
C CYS A 37 -1.52 1.53 -9.25
N GLY A 38 -2.82 1.24 -9.10
CA GLY A 38 -3.58 0.50 -10.08
C GLY A 38 -4.43 -0.30 -9.18
N PHE A 39 -5.44 0.37 -8.58
CA PHE A 39 -6.38 -0.30 -7.76
C PHE A 39 -7.52 0.66 -7.81
N LYS A 40 -8.70 0.11 -7.54
CA LYS A 40 -9.93 0.71 -7.11
C LYS A 40 -10.36 -0.50 -6.32
N VAL A 41 -11.38 -0.41 -5.44
CA VAL A 41 -11.77 -1.44 -4.51
C VAL A 41 -10.86 -1.27 -3.30
N GLY A 42 -10.82 -2.25 -2.38
CA GLY A 42 -10.06 -2.21 -1.16
C GLY A 42 -10.93 -1.62 -0.13
N HIS A 43 -10.80 -0.29 0.03
CA HIS A 43 -11.55 0.52 0.94
C HIS A 43 -11.84 1.71 0.07
N GLY A 44 -10.80 2.32 -0.56
CA GLY A 44 -11.08 3.35 -1.52
C GLY A 44 -9.82 3.59 -2.27
N LEU A 45 -9.34 2.55 -2.99
CA LEU A 45 -8.10 2.51 -3.73
C LEU A 45 -6.95 2.35 -2.76
N ALA A 46 -5.71 2.04 -3.23
CA ALA A 46 -4.62 1.78 -2.32
C ALA A 46 -3.43 2.06 -3.16
N CYS A 47 -2.19 1.91 -2.62
CA CYS A 47 -1.01 2.09 -3.46
C CYS A 47 -0.49 0.71 -3.61
N TRP A 48 0.35 0.41 -4.63
CA TRP A 48 0.90 -0.92 -4.84
C TRP A 48 2.34 -0.81 -4.43
N CYS A 49 2.95 -1.92 -3.94
CA CYS A 49 4.37 -1.96 -3.63
C CYS A 49 4.84 -3.36 -3.90
N ASN A 50 6.12 -3.49 -4.27
CA ASN A 50 6.79 -4.76 -4.37
C ASN A 50 7.93 -4.67 -3.41
N ALA A 51 8.22 -5.80 -2.74
CA ALA A 51 9.40 -6.04 -1.95
C ALA A 51 9.38 -5.21 -0.70
N LEU A 52 8.27 -5.34 0.06
CA LEU A 52 8.14 -4.67 1.34
C LEU A 52 8.56 -5.71 2.34
N PRO A 53 9.37 -5.42 3.35
CA PRO A 53 9.74 -6.39 4.35
C PRO A 53 8.57 -6.65 5.28
N ASP A 54 8.72 -7.66 6.15
CA ASP A 54 7.66 -8.22 6.96
C ASP A 54 7.13 -7.28 8.00
N ASN A 55 7.90 -6.21 8.32
CA ASN A 55 7.51 -5.25 9.33
C ASN A 55 6.51 -4.28 8.78
N VAL A 56 6.22 -4.34 7.46
CA VAL A 56 5.28 -3.47 6.82
C VAL A 56 4.04 -4.31 6.71
N GLY A 57 2.89 -3.80 7.19
CA GLY A 57 1.65 -4.53 7.11
C GLY A 57 0.89 -3.89 6.01
N ILE A 58 -0.07 -4.63 5.42
CA ILE A 58 -0.64 -4.30 4.14
C ILE A 58 -2.12 -4.52 4.28
N ILE A 59 -2.84 -4.72 3.14
CA ILE A 59 -4.27 -4.90 3.12
C ILE A 59 -4.47 -6.30 3.61
N VAL A 60 -5.26 -6.46 4.69
CA VAL A 60 -5.43 -7.74 5.33
C VAL A 60 -6.70 -8.33 4.79
N GLU A 61 -7.78 -7.54 4.73
CA GLU A 61 -9.06 -8.02 4.29
C GLU A 61 -9.67 -6.71 3.95
N GLY A 62 -10.71 -6.66 3.10
CA GLY A 62 -11.44 -5.45 2.83
C GLY A 62 -12.48 -5.29 3.89
N GLU A 63 -12.03 -5.29 5.16
CA GLU A 63 -12.86 -5.31 6.33
C GLU A 63 -13.06 -3.89 6.71
N LYS A 64 -11.99 -3.23 7.17
CA LYS A 64 -12.03 -1.86 7.56
C LYS A 64 -10.57 -1.66 7.77
N CYS A 65 -10.21 -0.56 8.44
CA CYS A 65 -8.86 -0.15 8.71
C CYS A 65 -8.81 -0.25 10.20
N HIS A 66 -7.62 -0.39 10.79
CA HIS A 66 -7.46 -0.19 12.20
C HIS A 66 -6.02 0.20 12.31
N SER A 67 -5.71 1.20 13.16
CA SER A 67 -4.41 1.82 13.19
C SER A 67 -3.46 0.97 14.04
N VAL A 1 10.36 -11.20 0.77
CA VAL A 1 9.50 -10.00 0.60
C VAL A 1 8.09 -10.40 0.24
N ARG A 2 7.16 -9.42 0.27
CA ARG A 2 5.83 -9.56 -0.24
C ARG A 2 5.70 -8.57 -1.36
N ASP A 3 4.56 -8.63 -2.08
CA ASP A 3 4.17 -7.65 -3.04
C ASP A 3 2.74 -7.61 -2.62
N GLY A 4 2.11 -6.43 -2.54
CA GLY A 4 0.72 -6.38 -2.22
C GLY A 4 0.32 -5.03 -2.65
N TYR A 5 -0.97 -4.68 -2.43
CA TYR A 5 -1.40 -3.32 -2.37
C TYR A 5 -0.95 -2.86 -1.02
N ILE A 6 -0.34 -1.66 -0.91
CA ILE A 6 0.22 -1.20 0.34
C ILE A 6 -0.89 -0.43 1.03
N ALA A 7 -0.94 -0.71 2.36
CA ALA A 7 -1.82 -0.15 3.37
C ALA A 7 -1.15 0.99 4.08
N GLN A 8 -1.64 1.26 5.31
CA GLN A 8 -1.21 2.21 6.26
C GLN A 8 -1.59 1.44 7.50
N PRO A 9 -1.14 1.78 8.70
CA PRO A 9 -1.57 1.10 9.91
C PRO A 9 -3.02 1.40 10.20
N GLU A 10 -3.79 0.50 10.84
CA GLU A 10 -3.42 -0.83 11.30
C GLU A 10 -3.50 -1.74 10.13
N ASN A 11 -4.62 -1.66 9.40
CA ASN A 11 -4.89 -2.33 8.18
C ASN A 11 -5.78 -1.24 7.70
N CYS A 12 -5.71 -0.90 6.42
CA CYS A 12 -6.39 0.19 5.77
C CYS A 12 -5.86 -0.03 4.41
N VAL A 13 -5.92 0.98 3.53
CA VAL A 13 -5.23 1.02 2.29
C VAL A 13 -4.38 2.23 2.48
N TYR A 14 -3.33 2.39 1.64
CA TYR A 14 -2.71 3.68 1.40
C TYR A 14 -3.58 4.37 0.40
N HIS A 15 -3.08 5.45 -0.22
CA HIS A 15 -3.72 6.00 -1.35
C HIS A 15 -2.49 6.26 -2.13
N CYS A 16 -2.69 6.59 -3.40
CA CYS A 16 -1.69 6.83 -4.37
C CYS A 16 -2.23 8.14 -4.86
N PHE A 17 -1.59 8.72 -5.88
CA PHE A 17 -2.05 9.90 -6.51
C PHE A 17 -2.00 9.33 -7.90
N PRO A 18 -2.99 9.41 -8.79
CA PRO A 18 -2.98 8.74 -10.10
C PRO A 18 -1.95 9.25 -11.10
N GLY A 19 -0.73 9.52 -10.65
CA GLY A 19 0.43 9.91 -11.38
C GLY A 19 1.32 9.77 -10.20
N SER A 20 1.94 8.57 -10.04
CA SER A 20 2.27 8.01 -8.76
C SER A 20 3.50 8.55 -8.08
N SER A 21 3.83 9.83 -8.31
CA SER A 21 5.08 10.42 -7.90
C SER A 21 5.12 10.57 -6.40
N GLY A 22 3.96 10.88 -5.77
CA GLY A 22 3.89 11.01 -4.34
C GLY A 22 4.04 9.68 -3.67
N CYS A 23 3.53 8.60 -4.33
CA CYS A 23 3.58 7.28 -3.75
C CYS A 23 4.94 6.67 -3.96
N ASP A 24 5.79 7.26 -4.84
CA ASP A 24 7.18 6.86 -4.98
C ASP A 24 7.86 7.05 -3.65
N THR A 25 7.70 8.25 -3.04
CA THR A 25 8.12 8.53 -1.70
C THR A 25 7.48 7.61 -0.68
N LEU A 26 6.13 7.45 -0.71
CA LEU A 26 5.40 6.71 0.31
C LEU A 26 5.80 5.26 0.34
N CYS A 27 5.96 4.66 -0.86
CA CYS A 27 6.37 3.28 -1.00
C CYS A 27 7.78 3.14 -0.47
N LYS A 28 8.69 4.07 -0.83
CA LYS A 28 10.08 3.98 -0.45
C LYS A 28 10.29 4.16 1.02
N GLU A 29 9.52 5.06 1.69
CA GLU A 29 9.68 5.26 3.13
C GLU A 29 9.14 4.11 3.94
N LYS A 30 8.45 3.14 3.29
CA LYS A 30 8.00 1.93 3.94
C LYS A 30 8.86 0.78 3.49
N GLY A 31 9.86 1.06 2.64
CA GLY A 31 10.82 0.08 2.19
C GLY A 31 10.28 -0.75 1.08
N GLY A 32 9.37 -0.19 0.25
CA GLY A 32 8.91 -0.84 -0.95
C GLY A 32 9.74 -0.27 -2.04
N THR A 33 10.14 -1.13 -3.00
CA THR A 33 11.21 -0.78 -3.91
C THR A 33 10.57 -0.17 -5.12
N SER A 34 9.61 -0.89 -5.76
CA SER A 34 8.86 -0.32 -6.86
C SER A 34 7.54 -0.06 -6.26
N GLY A 35 6.81 0.98 -6.70
CA GLY A 35 5.53 1.28 -6.17
C GLY A 35 4.96 2.07 -7.26
N HIS A 36 3.62 2.09 -7.38
CA HIS A 36 2.92 2.74 -8.43
C HIS A 36 1.54 2.59 -7.88
N CYS A 37 0.48 3.09 -8.57
CA CYS A 37 -0.84 2.99 -8.00
C CYS A 37 -1.41 1.61 -8.17
N GLY A 38 -2.58 1.39 -7.57
CA GLY A 38 -3.31 0.17 -7.70
C GLY A 38 -4.60 0.62 -7.10
N PHE A 39 -5.68 -0.15 -7.34
CA PHE A 39 -6.99 0.10 -6.80
C PHE A 39 -7.27 -1.21 -6.15
N LYS A 40 -7.73 -1.19 -4.88
CA LYS A 40 -8.00 -2.35 -4.10
C LYS A 40 -9.48 -2.27 -3.87
N VAL A 41 -10.24 -3.12 -4.58
CA VAL A 41 -11.67 -3.06 -4.60
C VAL A 41 -12.20 -3.46 -3.24
N GLY A 42 -13.24 -2.75 -2.76
CA GLY A 42 -13.76 -2.94 -1.43
C GLY A 42 -13.32 -1.77 -0.62
N HIS A 43 -12.09 -1.29 -0.87
CA HIS A 43 -11.53 -0.19 -0.11
C HIS A 43 -11.61 1.03 -0.97
N GLY A 44 -10.86 1.06 -2.10
CA GLY A 44 -10.82 2.22 -2.91
C GLY A 44 -9.48 2.20 -3.55
N LEU A 45 -8.95 3.41 -3.85
CA LEU A 45 -7.62 3.61 -4.39
C LEU A 45 -6.68 3.20 -3.29
N ALA A 46 -5.62 2.46 -3.61
CA ALA A 46 -4.70 1.97 -2.62
C ALA A 46 -3.40 2.49 -3.12
N CYS A 47 -2.25 1.94 -2.66
CA CYS A 47 -1.09 2.12 -3.50
C CYS A 47 -0.61 0.73 -3.62
N TRP A 48 0.38 0.43 -4.49
CA TRP A 48 0.86 -0.91 -4.70
C TRP A 48 2.34 -0.72 -4.54
N CYS A 49 3.03 -1.76 -4.04
CA CYS A 49 4.46 -1.75 -3.85
C CYS A 49 4.85 -3.15 -4.22
N ASN A 50 6.04 -3.31 -4.81
CA ASN A 50 6.66 -4.59 -5.03
C ASN A 50 7.90 -4.51 -4.19
N ALA A 51 8.22 -5.65 -3.53
CA ALA A 51 9.40 -5.85 -2.73
C ALA A 51 9.32 -5.01 -1.48
N LEU A 52 8.31 -5.34 -0.64
CA LEU A 52 8.18 -4.81 0.71
C LEU A 52 8.63 -5.96 1.58
N PRO A 53 9.48 -5.81 2.58
CA PRO A 53 9.86 -6.90 3.46
C PRO A 53 8.73 -7.28 4.37
N ASP A 54 8.92 -8.36 5.16
CA ASP A 54 7.84 -9.02 5.86
C ASP A 54 7.37 -8.27 7.08
N ASN A 55 7.99 -7.12 7.43
CA ASN A 55 7.64 -6.36 8.61
C ASN A 55 6.60 -5.34 8.25
N VAL A 56 6.25 -5.21 6.96
CA VAL A 56 5.35 -4.20 6.50
C VAL A 56 4.00 -4.85 6.41
N GLY A 57 2.92 -4.15 6.83
CA GLY A 57 1.60 -4.71 6.80
C GLY A 57 0.91 -4.10 5.63
N ILE A 58 -0.03 -4.84 5.02
CA ILE A 58 -0.60 -4.51 3.75
C ILE A 58 -2.01 -5.01 3.88
N ILE A 59 -2.80 -4.94 2.78
CA ILE A 59 -4.25 -4.98 2.88
C ILE A 59 -4.74 -6.34 3.21
N VAL A 60 -5.57 -6.37 4.26
CA VAL A 60 -6.38 -7.45 4.72
C VAL A 60 -7.77 -6.86 4.55
N GLU A 61 -8.82 -7.68 4.47
CA GLU A 61 -10.15 -7.20 4.63
C GLU A 61 -10.66 -8.41 5.34
N GLY A 62 -11.78 -8.27 6.09
CA GLY A 62 -12.23 -9.26 7.03
C GLY A 62 -12.33 -8.51 8.32
N GLU A 63 -11.41 -7.55 8.48
CA GLU A 63 -11.40 -6.59 9.56
C GLU A 63 -12.13 -5.40 9.02
N LYS A 64 -11.40 -4.35 8.61
CA LYS A 64 -11.92 -3.12 8.09
C LYS A 64 -10.63 -2.39 7.97
N CYS A 65 -10.70 -1.06 7.71
CA CYS A 65 -9.62 -0.12 7.79
C CYS A 65 -9.79 0.39 9.18
N HIS A 66 -8.70 0.51 9.95
CA HIS A 66 -8.78 0.96 11.32
C HIS A 66 -7.40 1.45 11.57
N SER A 67 -7.23 2.46 12.45
CA SER A 67 -5.96 3.04 12.72
C SER A 67 -6.29 3.50 14.14
N VAL A 1 9.27 -11.38 2.14
CA VAL A 1 8.68 -10.06 1.79
C VAL A 1 7.28 -10.26 1.26
N ARG A 2 6.52 -9.15 1.11
CA ARG A 2 5.20 -9.17 0.52
C ARG A 2 5.29 -8.47 -0.81
N ASP A 3 4.27 -8.69 -1.67
CA ASP A 3 3.96 -7.81 -2.76
C ASP A 3 2.49 -7.72 -2.44
N GLY A 4 1.92 -6.50 -2.32
CA GLY A 4 0.51 -6.40 -2.04
C GLY A 4 0.21 -5.01 -2.43
N TYR A 5 -1.01 -4.54 -2.08
CA TYR A 5 -1.30 -3.13 -2.09
C TYR A 5 -0.72 -2.64 -0.79
N ILE A 6 -0.13 -1.43 -0.75
CA ILE A 6 0.40 -0.88 0.48
C ILE A 6 -0.73 -0.08 1.07
N ALA A 7 -0.77 -0.19 2.41
CA ALA A 7 -1.75 0.34 3.31
C ALA A 7 -1.02 1.26 4.24
N GLN A 8 -1.58 1.41 5.44
CA GLN A 8 -1.01 2.11 6.53
C GLN A 8 -1.19 1.02 7.52
N PRO A 9 -0.35 0.82 8.52
CA PRO A 9 -0.59 -0.19 9.54
C PRO A 9 -1.75 0.29 10.38
N GLU A 10 -2.62 -0.58 10.94
CA GLU A 10 -2.50 -2.01 11.03
C GLU A 10 -2.89 -2.64 9.72
N ASN A 11 -3.97 -2.11 9.15
CA ASN A 11 -4.62 -2.53 7.96
C ASN A 11 -5.17 -1.19 7.68
N CYS A 12 -5.40 -0.85 6.40
CA CYS A 12 -6.11 0.29 5.90
C CYS A 12 -5.83 0.07 4.46
N VAL A 13 -5.83 1.15 3.67
CA VAL A 13 -5.24 1.24 2.37
C VAL A 13 -4.51 2.53 2.59
N TYR A 14 -3.62 2.91 1.63
CA TYR A 14 -3.10 4.25 1.56
C TYR A 14 -4.12 4.98 0.73
N HIS A 15 -3.79 6.13 0.16
CA HIS A 15 -4.59 6.70 -0.87
C HIS A 15 -3.44 7.19 -1.65
N CYS A 16 -3.68 7.54 -2.91
CA CYS A 16 -2.66 7.92 -3.81
C CYS A 16 -3.59 8.59 -4.75
N PHE A 17 -3.20 8.74 -6.02
CA PHE A 17 -3.82 9.57 -6.99
C PHE A 17 -3.58 8.69 -8.18
N PRO A 18 -4.13 8.90 -9.37
CA PRO A 18 -3.86 8.03 -10.50
C PRO A 18 -2.50 8.30 -11.13
N GLY A 19 -1.40 8.01 -10.43
CA GLY A 19 -0.10 8.07 -10.99
C GLY A 19 0.71 7.66 -9.83
N SER A 20 2.00 7.32 -10.03
CA SER A 20 2.88 6.88 -8.97
C SER A 20 3.47 8.04 -8.24
N SER A 21 2.95 9.26 -8.47
CA SER A 21 3.51 10.55 -8.19
C SER A 21 3.99 10.71 -6.77
N GLY A 22 3.12 10.50 -5.76
CA GLY A 22 3.52 10.70 -4.39
C GLY A 22 4.11 9.44 -3.84
N CYS A 23 3.64 8.29 -4.36
CA CYS A 23 3.90 7.04 -3.72
C CYS A 23 5.23 6.49 -4.14
N ASP A 24 5.94 7.13 -5.10
CA ASP A 24 7.32 6.79 -5.40
C ASP A 24 8.13 7.00 -4.13
N THR A 25 8.01 8.19 -3.52
CA THR A 25 8.57 8.51 -2.23
C THR A 25 8.06 7.58 -1.15
N LEU A 26 6.72 7.42 -1.00
CA LEU A 26 6.15 6.67 0.11
C LEU A 26 6.55 5.23 0.04
N CYS A 27 6.56 4.63 -1.17
CA CYS A 27 6.89 3.24 -1.35
C CYS A 27 8.32 3.03 -0.97
N LYS A 28 9.23 3.94 -1.37
CA LYS A 28 10.64 3.76 -1.12
C LYS A 28 10.95 3.89 0.35
N GLU A 29 10.32 4.86 1.06
CA GLU A 29 10.60 5.07 2.47
C GLU A 29 10.03 3.98 3.33
N LYS A 30 8.89 3.36 2.92
CA LYS A 30 8.28 2.26 3.65
C LYS A 30 8.98 0.97 3.30
N GLY A 31 9.61 0.92 2.12
CA GLY A 31 10.65 -0.04 1.82
C GLY A 31 10.20 -0.96 0.74
N GLY A 32 9.45 -0.45 -0.26
CA GLY A 32 9.08 -1.20 -1.43
C GLY A 32 9.87 -0.60 -2.54
N THR A 33 10.43 -1.45 -3.40
CA THR A 33 11.45 -1.08 -4.34
C THR A 33 10.85 -1.03 -5.72
N SER A 34 9.51 -1.12 -5.82
CA SER A 34 8.80 -0.75 -6.99
C SER A 34 7.45 -0.58 -6.39
N GLY A 35 6.58 0.20 -7.05
CA GLY A 35 5.28 0.48 -6.54
C GLY A 35 4.69 1.26 -7.65
N HIS A 36 3.38 1.53 -7.57
CA HIS A 36 2.63 2.26 -8.54
C HIS A 36 1.40 2.45 -7.72
N CYS A 37 0.31 3.01 -8.27
CA CYS A 37 -0.89 3.21 -7.50
C CYS A 37 -1.95 2.61 -8.35
N GLY A 38 -3.10 2.26 -7.75
CA GLY A 38 -4.12 1.54 -8.44
C GLY A 38 -5.15 1.44 -7.38
N PHE A 39 -6.29 0.79 -7.68
CA PHE A 39 -7.45 0.75 -6.82
C PHE A 39 -7.45 -0.60 -6.17
N LYS A 40 -7.93 -0.67 -4.91
CA LYS A 40 -8.16 -1.91 -4.22
C LYS A 40 -9.63 -1.85 -3.97
N VAL A 41 -10.41 -2.74 -4.61
CA VAL A 41 -11.85 -2.69 -4.56
C VAL A 41 -12.24 -3.33 -3.25
N GLY A 42 -13.14 -2.67 -2.48
CA GLY A 42 -13.44 -3.09 -1.14
C GLY A 42 -12.66 -2.24 -0.18
N HIS A 43 -12.14 -1.10 -0.68
CA HIS A 43 -11.54 -0.12 0.17
C HIS A 43 -11.71 1.18 -0.57
N GLY A 44 -10.85 1.45 -1.57
CA GLY A 44 -10.74 2.76 -2.11
C GLY A 44 -9.48 2.67 -2.88
N LEU A 45 -8.97 3.82 -3.35
CA LEU A 45 -7.74 3.88 -4.10
C LEU A 45 -6.64 3.69 -3.08
N ALA A 46 -5.57 2.97 -3.44
CA ALA A 46 -4.60 2.49 -2.48
C ALA A 46 -3.27 2.83 -3.07
N CYS A 47 -2.16 2.24 -2.60
CA CYS A 47 -0.93 2.35 -3.37
C CYS A 47 -0.54 0.91 -3.46
N TRP A 48 0.40 0.54 -4.35
CA TRP A 48 0.87 -0.81 -4.51
C TRP A 48 2.34 -0.69 -4.29
N CYS A 49 2.99 -1.73 -3.72
CA CYS A 49 4.42 -1.77 -3.55
C CYS A 49 4.79 -3.20 -3.76
N ASN A 50 6.03 -3.45 -4.22
CA ASN A 50 6.61 -4.77 -4.34
C ASN A 50 7.76 -4.75 -3.39
N ALA A 51 7.96 -5.88 -2.67
CA ALA A 51 9.13 -6.24 -1.91
C ALA A 51 9.16 -5.50 -0.61
N LEU A 52 7.99 -5.42 0.06
CA LEU A 52 7.90 -4.78 1.35
C LEU A 52 8.27 -5.83 2.35
N PRO A 53 9.10 -5.57 3.35
CA PRO A 53 9.49 -6.57 4.31
C PRO A 53 8.38 -6.80 5.30
N ASP A 54 8.54 -7.82 6.16
CA ASP A 54 7.50 -8.35 6.99
C ASP A 54 7.13 -7.45 8.14
N ASN A 55 7.91 -6.39 8.40
CA ASN A 55 7.68 -5.47 9.50
C ASN A 55 6.80 -4.35 9.04
N VAL A 56 6.29 -4.40 7.80
CA VAL A 56 5.37 -3.43 7.28
C VAL A 56 4.07 -4.16 7.34
N GLY A 57 2.95 -3.45 7.57
CA GLY A 57 1.65 -4.05 7.56
C GLY A 57 1.01 -3.37 6.41
N ILE A 58 0.18 -4.11 5.66
CA ILE A 58 -0.29 -3.69 4.38
C ILE A 58 -1.77 -3.93 4.42
N ILE A 59 -2.43 -4.24 3.28
CA ILE A 59 -3.83 -4.61 3.23
C ILE A 59 -3.87 -5.94 3.93
N VAL A 60 -4.64 -6.00 5.04
CA VAL A 60 -4.78 -7.21 5.79
C VAL A 60 -5.97 -7.91 5.23
N GLU A 61 -7.10 -7.20 5.03
CA GLU A 61 -8.23 -7.77 4.39
C GLU A 61 -8.98 -6.54 4.04
N GLY A 62 -9.98 -6.64 3.11
CA GLY A 62 -10.88 -5.55 2.81
C GLY A 62 -11.96 -5.62 3.84
N GLU A 63 -11.60 -5.31 5.09
CA GLU A 63 -12.45 -5.45 6.23
C GLU A 63 -12.69 -4.06 6.73
N LYS A 64 -11.62 -3.37 7.13
CA LYS A 64 -11.75 -2.11 7.78
C LYS A 64 -10.41 -1.50 7.54
N CYS A 65 -10.02 -0.57 8.42
CA CYS A 65 -8.83 0.20 8.39
C CYS A 65 -8.66 0.18 9.86
N HIS A 66 -7.41 -0.11 10.30
CA HIS A 66 -7.01 -0.41 11.65
C HIS A 66 -7.75 -1.55 12.30
N SER A 67 -8.22 -2.52 11.51
CA SER A 67 -8.80 -3.72 12.03
C SER A 67 -8.94 -4.45 10.69
N VAL A 1 9.64 -11.33 1.33
CA VAL A 1 8.90 -10.07 1.07
C VAL A 1 7.49 -10.37 0.63
N ARG A 2 6.67 -9.31 0.43
CA ARG A 2 5.42 -9.40 -0.30
C ARG A 2 5.63 -8.62 -1.55
N ASP A 3 4.70 -8.77 -2.51
CA ASP A 3 4.48 -7.82 -3.57
C ASP A 3 3.00 -7.71 -3.33
N GLY A 4 2.49 -6.50 -3.09
CA GLY A 4 1.11 -6.37 -2.70
C GLY A 4 0.73 -4.95 -2.96
N TYR A 5 -0.46 -4.56 -2.46
CA TYR A 5 -0.83 -3.18 -2.33
C TYR A 5 -0.45 -2.85 -0.94
N ILE A 6 0.14 -1.66 -0.69
CA ILE A 6 0.46 -1.16 0.62
C ILE A 6 -0.73 -0.35 1.10
N ALA A 7 -0.96 -0.46 2.43
CA ALA A 7 -1.97 0.21 3.21
C ALA A 7 -1.28 1.28 3.99
N GLN A 8 -1.68 1.42 5.28
CA GLN A 8 -1.02 2.17 6.30
C GLN A 8 -1.27 1.15 7.40
N PRO A 9 -0.49 1.04 8.46
CA PRO A 9 -0.64 -0.04 9.42
C PRO A 9 -1.90 0.20 10.24
N GLU A 10 -2.55 -0.83 10.83
CA GLU A 10 -2.20 -2.24 10.76
C GLU A 10 -2.78 -2.79 9.49
N ASN A 11 -3.88 -2.17 9.04
CA ASN A 11 -4.57 -2.44 7.83
C ASN A 11 -5.24 -1.11 7.76
N CYS A 12 -5.56 -0.66 6.54
CA CYS A 12 -6.22 0.55 6.15
C CYS A 12 -5.98 0.43 4.70
N VAL A 13 -5.94 1.56 3.98
CA VAL A 13 -5.47 1.66 2.64
C VAL A 13 -4.62 2.87 2.85
N TYR A 14 -3.80 3.20 1.84
CA TYR A 14 -3.23 4.52 1.74
C TYR A 14 -4.26 5.34 1.02
N HIS A 15 -3.85 6.44 0.38
CA HIS A 15 -4.69 7.13 -0.55
C HIS A 15 -3.61 7.37 -1.53
N CYS A 16 -3.92 7.29 -2.83
CA CYS A 16 -3.02 7.53 -3.89
C CYS A 16 -4.03 7.79 -4.94
N PHE A 17 -3.59 7.97 -6.20
CA PHE A 17 -4.34 8.63 -7.22
C PHE A 17 -4.12 7.71 -8.39
N PRO A 18 -4.74 7.83 -9.56
CA PRO A 18 -4.27 7.21 -10.79
C PRO A 18 -2.98 7.89 -11.26
N GLY A 19 -1.92 7.84 -10.43
CA GLY A 19 -0.65 8.42 -10.69
C GLY A 19 0.02 8.16 -9.38
N SER A 20 1.30 7.76 -9.41
CA SER A 20 1.99 7.19 -8.29
C SER A 20 2.60 8.23 -7.39
N SER A 21 2.63 9.49 -7.84
CA SER A 21 3.57 10.54 -7.48
C SER A 21 3.98 10.64 -6.04
N GLY A 22 3.01 10.71 -5.11
CA GLY A 22 3.31 10.94 -3.70
C GLY A 22 3.63 9.64 -3.04
N CYS A 23 2.86 8.58 -3.37
CA CYS A 23 2.92 7.35 -2.62
C CYS A 23 4.08 6.53 -3.08
N ASP A 24 4.67 6.85 -4.25
CA ASP A 24 5.91 6.29 -4.71
C ASP A 24 7.00 6.60 -3.71
N THR A 25 7.07 7.86 -3.23
CA THR A 25 7.94 8.28 -2.15
C THR A 25 7.68 7.49 -0.89
N LEU A 26 6.38 7.35 -0.52
CA LEU A 26 5.98 6.69 0.72
C LEU A 26 6.32 5.22 0.69
N CYS A 27 6.12 4.59 -0.49
CA CYS A 27 6.50 3.23 -0.80
C CYS A 27 7.95 3.00 -0.49
N LYS A 28 8.85 3.94 -0.88
CA LYS A 28 10.27 3.83 -0.64
C LYS A 28 10.57 3.75 0.83
N GLU A 29 10.09 4.73 1.63
CA GLU A 29 10.44 4.81 3.03
C GLU A 29 9.81 3.72 3.86
N LYS A 30 8.72 3.08 3.38
CA LYS A 30 8.15 1.92 4.04
C LYS A 30 8.80 0.65 3.54
N GLY A 31 9.66 0.74 2.50
CA GLY A 31 10.63 -0.27 2.21
C GLY A 31 10.30 -1.01 0.96
N GLY A 32 9.54 -0.42 0.02
CA GLY A 32 9.27 -1.05 -1.24
C GLY A 32 10.23 -0.53 -2.26
N THR A 33 10.51 -1.35 -3.29
CA THR A 33 11.40 -1.01 -4.37
C THR A 33 10.58 -0.27 -5.40
N SER A 34 9.90 -1.02 -6.28
CA SER A 34 8.99 -0.49 -7.25
C SER A 34 7.70 -0.25 -6.55
N GLY A 35 6.83 0.60 -7.13
CA GLY A 35 5.59 0.96 -6.56
C GLY A 35 4.90 1.45 -7.77
N HIS A 36 3.57 1.66 -7.68
CA HIS A 36 2.72 2.13 -8.73
C HIS A 36 1.55 2.51 -7.89
N CYS A 37 0.45 3.01 -8.49
CA CYS A 37 -0.82 3.12 -7.83
C CYS A 37 -1.69 2.83 -9.00
N GLY A 38 -2.96 2.45 -8.75
CA GLY A 38 -3.90 2.02 -9.74
C GLY A 38 -4.85 1.37 -8.80
N PHE A 39 -6.00 0.82 -9.26
CA PHE A 39 -6.99 0.30 -8.36
C PHE A 39 -7.07 -1.20 -8.57
N LYS A 40 -6.49 -1.96 -7.63
CA LYS A 40 -6.86 -3.33 -7.37
C LYS A 40 -7.01 -3.26 -5.88
N VAL A 41 -8.17 -2.79 -5.39
CA VAL A 41 -8.35 -2.57 -3.98
C VAL A 41 -9.83 -2.79 -3.88
N GLY A 42 -10.40 -2.64 -2.66
CA GLY A 42 -11.82 -2.75 -2.43
C GLY A 42 -12.01 -2.01 -1.16
N HIS A 43 -11.57 -0.74 -1.14
CA HIS A 43 -11.66 0.11 0.02
C HIS A 43 -11.58 1.48 -0.58
N GLY A 44 -10.41 1.84 -1.14
CA GLY A 44 -10.21 3.13 -1.70
C GLY A 44 -8.95 2.86 -2.42
N LEU A 45 -8.46 3.83 -3.23
CA LEU A 45 -7.29 3.67 -4.06
C LEU A 45 -6.12 3.76 -3.11
N ALA A 46 -5.08 2.92 -3.33
CA ALA A 46 -4.08 2.64 -2.34
C ALA A 46 -2.89 2.42 -3.20
N CYS A 47 -1.73 1.99 -2.66
CA CYS A 47 -0.52 2.09 -3.47
C CYS A 47 -0.01 0.72 -3.65
N TRP A 48 0.75 0.46 -4.72
CA TRP A 48 1.36 -0.83 -4.96
C TRP A 48 2.75 -0.66 -4.44
N CYS A 49 3.37 -1.75 -3.95
CA CYS A 49 4.78 -1.75 -3.65
C CYS A 49 5.21 -3.14 -3.99
N ASN A 50 6.46 -3.26 -4.46
CA ASN A 50 7.12 -4.54 -4.64
C ASN A 50 8.14 -4.58 -3.56
N ALA A 51 8.38 -5.79 -3.02
CA ALA A 51 9.50 -6.13 -2.18
C ALA A 51 9.39 -5.51 -0.82
N LEU A 52 8.15 -5.45 -0.28
CA LEU A 52 7.95 -4.93 1.05
C LEU A 52 8.34 -6.03 2.00
N PRO A 53 9.12 -5.78 3.05
CA PRO A 53 9.44 -6.79 4.04
C PRO A 53 8.21 -7.22 4.80
N ASP A 54 8.32 -8.33 5.53
CA ASP A 54 7.15 -8.98 6.10
C ASP A 54 6.64 -8.27 7.32
N ASN A 55 7.38 -7.24 7.80
CA ASN A 55 6.98 -6.45 8.94
C ASN A 55 6.16 -5.28 8.49
N VAL A 56 5.93 -5.13 7.17
CA VAL A 56 5.11 -4.08 6.65
C VAL A 56 3.77 -4.74 6.51
N GLY A 57 2.73 -4.17 7.13
CA GLY A 57 1.42 -4.76 7.11
C GLY A 57 0.67 -3.97 6.10
N ILE A 58 -0.23 -4.64 5.37
CA ILE A 58 -0.70 -4.18 4.11
C ILE A 58 -2.12 -4.66 4.03
N ILE A 59 -2.75 -4.49 2.83
CA ILE A 59 -4.14 -4.70 2.56
C ILE A 59 -4.63 -6.06 2.97
N VAL A 60 -5.48 -6.05 4.00
CA VAL A 60 -6.31 -7.10 4.48
C VAL A 60 -7.66 -6.47 4.25
N GLU A 61 -8.77 -7.23 4.23
CA GLU A 61 -10.06 -6.69 3.94
C GLU A 61 -10.88 -7.74 4.57
N GLY A 62 -12.18 -7.45 4.84
CA GLY A 62 -13.05 -8.33 5.59
C GLY A 62 -12.97 -7.96 7.03
N GLU A 63 -12.12 -6.96 7.35
CA GLU A 63 -11.77 -6.57 8.68
C GLU A 63 -12.20 -5.15 8.87
N LYS A 64 -11.30 -4.17 8.63
CA LYS A 64 -11.47 -2.84 9.13
C LYS A 64 -10.34 -2.08 8.50
N CYS A 65 -10.12 -0.85 8.98
CA CYS A 65 -9.02 0.03 8.73
C CYS A 65 -8.91 0.44 10.17
N HIS A 66 -7.70 0.71 10.67
CA HIS A 66 -7.48 0.93 12.07
C HIS A 66 -7.29 2.40 12.31
N SER A 67 -7.14 2.76 13.57
CA SER A 67 -6.97 4.08 14.10
C SER A 67 -6.79 3.64 15.56
N VAL A 1 9.79 -11.48 0.83
CA VAL A 1 8.93 -10.34 0.45
C VAL A 1 7.71 -10.83 -0.29
N ARG A 2 6.70 -9.96 -0.44
CA ARG A 2 5.55 -10.23 -1.27
C ARG A 2 5.28 -8.88 -1.86
N ASP A 3 4.25 -8.74 -2.70
CA ASP A 3 3.96 -7.52 -3.41
C ASP A 3 2.50 -7.40 -3.10
N GLY A 4 1.98 -6.17 -2.95
CA GLY A 4 0.59 -6.05 -2.61
C GLY A 4 0.13 -4.67 -2.93
N TYR A 5 -1.17 -4.41 -2.64
CA TYR A 5 -1.75 -3.08 -2.63
C TYR A 5 -1.36 -2.51 -1.30
N ILE A 6 -0.69 -1.35 -1.22
CA ILE A 6 -0.25 -0.84 0.06
C ILE A 6 -1.33 0.06 0.63
N ALA A 7 -1.45 -0.12 1.97
CA ALA A 7 -2.30 0.56 2.88
C ALA A 7 -1.62 1.73 3.51
N GLN A 8 -2.46 2.52 4.20
CA GLN A 8 -2.11 3.65 5.00
C GLN A 8 -2.02 3.12 6.39
N PRO A 9 -1.22 3.67 7.29
CA PRO A 9 -1.34 3.40 8.72
C PRO A 9 -2.69 3.90 9.22
N GLU A 10 -3.49 3.14 10.00
CA GLU A 10 -3.12 1.94 10.70
C GLU A 10 -3.10 0.76 9.79
N ASN A 11 -4.19 0.55 9.02
CA ASN A 11 -4.22 -0.35 7.92
C ASN A 11 -5.53 0.13 7.38
N CYS A 12 -5.82 -0.06 6.09
CA CYS A 12 -6.97 0.37 5.33
C CYS A 12 -6.36 0.30 3.97
N VAL A 13 -6.72 1.21 3.05
CA VAL A 13 -6.01 1.44 1.82
C VAL A 13 -5.32 2.75 2.07
N TYR A 14 -4.34 3.08 1.22
CA TYR A 14 -3.82 4.42 1.08
C TYR A 14 -4.67 5.00 -0.01
N HIS A 15 -4.32 6.16 -0.57
CA HIS A 15 -4.94 6.64 -1.77
C HIS A 15 -3.70 7.08 -2.43
N CYS A 16 -3.73 7.28 -3.76
CA CYS A 16 -2.54 7.30 -4.54
C CYS A 16 -2.76 8.52 -5.35
N PHE A 17 -1.68 9.01 -5.97
CA PHE A 17 -1.69 10.17 -6.80
C PHE A 17 -1.47 9.52 -8.12
N PRO A 18 -2.26 9.70 -9.17
CA PRO A 18 -1.98 9.16 -10.52
C PRO A 18 -0.70 9.65 -11.20
N GLY A 19 0.41 9.79 -10.46
CA GLY A 19 1.72 10.08 -10.93
C GLY A 19 2.39 9.50 -9.75
N SER A 20 3.17 8.41 -9.93
CA SER A 20 3.49 7.46 -8.89
C SER A 20 4.21 8.06 -7.72
N SER A 21 5.06 9.07 -7.99
CA SER A 21 6.03 9.66 -7.11
C SER A 21 5.61 9.85 -5.67
N GLY A 22 4.38 10.36 -5.42
CA GLY A 22 3.93 10.55 -4.05
C GLY A 22 3.88 9.24 -3.28
N CYS A 23 3.13 8.24 -3.81
CA CYS A 23 2.92 7.02 -3.07
C CYS A 23 4.09 6.10 -3.24
N ASP A 24 4.89 6.29 -4.32
CA ASP A 24 6.18 5.63 -4.48
C ASP A 24 7.11 6.05 -3.37
N THR A 25 7.03 7.32 -2.91
CA THR A 25 7.84 7.80 -1.81
C THR A 25 7.38 7.16 -0.51
N LEU A 26 6.04 7.00 -0.32
CA LEU A 26 5.49 6.35 0.85
C LEU A 26 5.92 4.91 0.86
N CYS A 27 5.93 4.28 -0.33
CA CYS A 27 6.35 2.92 -0.53
C CYS A 27 7.77 2.72 -0.07
N LYS A 28 8.68 3.68 -0.36
CA LYS A 28 10.07 3.59 0.04
C LYS A 28 10.20 3.53 1.54
N GLU A 29 9.56 4.47 2.26
CA GLU A 29 9.71 4.59 3.70
C GLU A 29 9.03 3.46 4.44
N LYS A 30 8.08 2.74 3.80
CA LYS A 30 7.45 1.56 4.37
C LYS A 30 8.22 0.31 4.02
N GLY A 31 9.29 0.41 3.22
CA GLY A 31 10.20 -0.69 2.99
C GLY A 31 9.87 -1.42 1.73
N GLY A 32 9.22 -0.75 0.76
CA GLY A 32 9.00 -1.31 -0.56
C GLY A 32 10.07 -0.78 -1.44
N THR A 33 10.37 -1.48 -2.55
CA THR A 33 11.46 -1.11 -3.42
C THR A 33 10.99 0.00 -4.31
N SER A 34 9.75 -0.15 -4.78
CA SER A 34 9.22 0.58 -5.88
C SER A 34 7.78 0.38 -5.62
N GLY A 35 6.90 1.26 -6.14
CA GLY A 35 5.52 1.16 -5.85
C GLY A 35 4.94 2.18 -6.76
N HIS A 36 3.60 2.22 -6.80
CA HIS A 36 2.87 3.03 -7.73
C HIS A 36 1.47 2.93 -7.23
N CYS A 37 0.46 2.90 -8.12
CA CYS A 37 -0.93 2.97 -7.76
C CYS A 37 -1.52 1.73 -8.28
N GLY A 38 -2.84 1.62 -8.15
CA GLY A 38 -3.59 0.55 -8.73
C GLY A 38 -4.94 1.09 -8.41
N PHE A 39 -5.97 0.27 -8.59
CA PHE A 39 -7.30 0.59 -8.19
C PHE A 39 -7.69 -0.77 -7.73
N LYS A 40 -8.69 -0.85 -6.85
CA LYS A 40 -9.31 -2.04 -6.39
C LYS A 40 -10.55 -1.38 -5.86
N VAL A 41 -11.50 -2.17 -5.35
CA VAL A 41 -12.71 -1.67 -4.79
C VAL A 41 -12.77 -2.62 -3.65
N GLY A 42 -13.70 -2.40 -2.71
CA GLY A 42 -13.78 -3.16 -1.49
C GLY A 42 -13.53 -2.15 -0.42
N HIS A 43 -12.45 -1.36 -0.59
CA HIS A 43 -12.20 -0.20 0.21
C HIS A 43 -12.29 0.95 -0.77
N GLY A 44 -11.33 1.09 -1.70
CA GLY A 44 -11.42 2.18 -2.64
C GLY A 44 -10.08 2.16 -3.30
N LEU A 45 -9.72 3.31 -3.92
CA LEU A 45 -8.47 3.55 -4.63
C LEU A 45 -7.37 3.39 -3.62
N ALA A 46 -6.28 2.70 -4.00
CA ALA A 46 -5.34 2.15 -3.08
C ALA A 46 -4.04 2.38 -3.73
N CYS A 47 -2.90 2.19 -3.02
CA CYS A 47 -1.61 2.31 -3.66
C CYS A 47 -1.17 0.90 -3.86
N TRP A 48 0.02 0.70 -4.47
CA TRP A 48 0.53 -0.60 -4.73
C TRP A 48 1.99 -0.47 -4.43
N CYS A 49 2.61 -1.55 -3.91
CA CYS A 49 4.01 -1.57 -3.62
C CYS A 49 4.51 -2.87 -4.13
N ASN A 50 5.80 -2.87 -4.51
CA ASN A 50 6.50 -4.05 -4.93
C ASN A 50 7.52 -4.27 -3.85
N ALA A 51 7.66 -5.56 -3.45
CA ALA A 51 8.64 -6.10 -2.54
C ALA A 51 8.60 -5.46 -1.19
N LEU A 52 7.54 -5.73 -0.40
CA LEU A 52 7.48 -5.31 0.98
C LEU A 52 7.78 -6.56 1.75
N PRO A 53 8.50 -6.53 2.87
CA PRO A 53 8.71 -7.71 3.70
C PRO A 53 7.46 -8.17 4.39
N ASP A 54 7.56 -9.34 5.05
CA ASP A 54 6.48 -10.02 5.71
C ASP A 54 6.06 -9.32 6.97
N ASN A 55 6.93 -8.43 7.50
CA ASN A 55 6.66 -7.67 8.70
C ASN A 55 6.10 -6.33 8.32
N VAL A 56 5.57 -6.19 7.09
CA VAL A 56 4.77 -5.07 6.69
C VAL A 56 3.51 -5.80 6.36
N GLY A 57 2.37 -5.12 6.22
CA GLY A 57 1.10 -5.76 6.00
C GLY A 57 0.39 -4.68 5.26
N ILE A 58 -0.83 -4.96 4.78
CA ILE A 58 -1.45 -4.30 3.68
C ILE A 58 -2.91 -4.61 3.91
N ILE A 59 -3.76 -4.27 2.92
CA ILE A 59 -5.15 -3.84 3.00
C ILE A 59 -6.06 -4.48 4.02
N VAL A 60 -6.01 -5.82 4.16
CA VAL A 60 -6.87 -6.47 5.11
C VAL A 60 -5.94 -7.38 5.84
N GLU A 61 -5.26 -8.26 5.07
CA GLU A 61 -4.14 -9.07 5.50
C GLU A 61 -4.72 -10.17 6.34
N GLY A 62 -4.71 -9.99 7.67
CA GLY A 62 -5.43 -10.84 8.57
C GLY A 62 -5.70 -9.95 9.73
N GLU A 63 -5.91 -8.65 9.47
CA GLU A 63 -6.19 -7.67 10.47
C GLU A 63 -7.51 -7.09 10.04
N LYS A 64 -7.51 -5.85 9.50
CA LYS A 64 -8.72 -5.11 9.25
C LYS A 64 -8.20 -3.83 8.68
N CYS A 65 -9.01 -2.75 8.78
CA CYS A 65 -8.82 -1.44 8.26
C CYS A 65 -9.30 -0.75 9.48
N HIS A 66 -8.61 0.30 9.96
CA HIS A 66 -8.97 0.95 11.17
C HIS A 66 -8.13 2.18 11.07
N SER A 67 -8.51 3.27 11.75
CA SER A 67 -7.85 4.54 11.70
C SER A 67 -8.78 5.25 12.69
N VAL A 1 10.00 -11.22 2.01
CA VAL A 1 9.23 -10.00 1.69
C VAL A 1 7.83 -10.32 1.26
N ARG A 2 7.01 -9.26 1.15
CA ARG A 2 5.61 -9.30 0.83
C ARG A 2 5.48 -8.55 -0.47
N ASP A 3 4.34 -8.71 -1.16
CA ASP A 3 3.96 -7.88 -2.26
C ASP A 3 2.52 -7.80 -1.90
N GLY A 4 1.88 -6.62 -1.98
CA GLY A 4 0.47 -6.57 -1.73
C GLY A 4 0.05 -5.28 -2.32
N TYR A 5 -1.26 -4.96 -2.19
CA TYR A 5 -1.71 -3.60 -2.27
C TYR A 5 -1.28 -3.04 -0.95
N ILE A 6 -0.61 -1.87 -0.94
CA ILE A 6 -0.09 -1.29 0.26
C ILE A 6 -1.23 -0.53 0.86
N ALA A 7 -1.30 -0.75 2.19
CA ALA A 7 -2.20 -0.14 3.12
C ALA A 7 -1.47 0.91 3.88
N GLN A 8 -1.72 0.94 5.21
CA GLN A 8 -1.07 1.72 6.19
C GLN A 8 -1.15 0.70 7.29
N PRO A 9 -0.35 0.74 8.35
CA PRO A 9 -0.51 -0.17 9.46
C PRO A 9 -1.77 0.19 10.22
N GLU A 10 -2.56 -0.78 10.73
CA GLU A 10 -2.30 -2.19 10.81
C GLU A 10 -2.94 -2.83 9.62
N ASN A 11 -4.06 -2.26 9.17
CA ASN A 11 -4.81 -2.73 8.07
C ASN A 11 -5.32 -1.39 7.70
N CYS A 12 -5.52 -1.15 6.41
CA CYS A 12 -6.02 0.07 5.83
C CYS A 12 -5.96 -0.13 4.36
N VAL A 13 -5.96 0.97 3.59
CA VAL A 13 -5.55 1.02 2.22
C VAL A 13 -4.68 2.25 2.29
N TYR A 14 -3.73 2.42 1.35
CA TYR A 14 -3.12 3.71 1.09
C TYR A 14 -4.02 4.37 0.10
N HIS A 15 -3.51 5.33 -0.70
CA HIS A 15 -4.30 5.96 -1.71
C HIS A 15 -3.28 5.98 -2.76
N CYS A 16 -3.73 6.01 -4.03
CA CYS A 16 -2.90 5.59 -5.12
C CYS A 16 -2.26 6.79 -5.71
N PHE A 17 -1.38 6.54 -6.68
CA PHE A 17 -0.59 7.54 -7.29
C PHE A 17 -0.75 7.37 -8.78
N PRO A 18 -1.78 7.92 -9.42
CA PRO A 18 -1.82 8.04 -10.87
C PRO A 18 -0.94 9.19 -11.31
N GLY A 19 -0.36 9.95 -10.36
CA GLY A 19 0.58 10.99 -10.62
C GLY A 19 1.46 10.72 -9.45
N SER A 20 2.79 10.84 -9.65
CA SER A 20 3.79 10.13 -8.89
C SER A 20 3.93 10.50 -7.44
N SER A 21 4.15 11.82 -7.17
CA SER A 21 4.77 12.38 -6.00
C SER A 21 4.10 12.18 -4.66
N GLY A 22 3.01 11.39 -4.61
CA GLY A 22 2.41 10.96 -3.37
C GLY A 22 3.04 9.66 -2.97
N CYS A 23 2.37 8.55 -3.40
CA CYS A 23 2.61 7.22 -2.90
C CYS A 23 3.92 6.67 -3.39
N ASP A 24 4.56 7.22 -4.46
CA ASP A 24 5.84 6.71 -4.91
C ASP A 24 6.87 6.88 -3.81
N THR A 25 6.92 8.11 -3.28
CA THR A 25 7.70 8.52 -2.15
C THR A 25 7.33 7.73 -0.90
N LEU A 26 6.02 7.55 -0.63
CA LEU A 26 5.55 6.85 0.55
C LEU A 26 5.94 5.39 0.51
N CYS A 27 5.77 4.76 -0.67
CA CYS A 27 6.14 3.39 -0.95
C CYS A 27 7.62 3.21 -0.69
N LYS A 28 8.42 4.19 -1.17
CA LYS A 28 9.86 4.18 -1.05
C LYS A 28 10.29 4.19 0.39
N GLU A 29 9.80 5.16 1.19
CA GLU A 29 10.22 5.33 2.57
C GLU A 29 9.78 4.17 3.45
N LYS A 30 8.67 3.49 3.08
CA LYS A 30 8.17 2.34 3.80
C LYS A 30 8.96 1.10 3.43
N GLY A 31 9.76 1.18 2.35
CA GLY A 31 10.71 0.15 2.01
C GLY A 31 10.18 -0.70 0.89
N GLY A 32 9.27 -0.16 0.06
CA GLY A 32 8.85 -0.81 -1.15
C GLY A 32 9.71 -0.24 -2.22
N THR A 33 10.49 -1.10 -2.90
CA THR A 33 11.49 -0.68 -3.84
C THR A 33 10.86 -0.39 -5.17
N SER A 34 9.60 -0.81 -5.30
CA SER A 34 8.97 -1.00 -6.56
C SER A 34 7.55 -0.93 -6.09
N GLY A 35 6.63 -0.46 -6.92
CA GLY A 35 5.27 -0.30 -6.57
C GLY A 35 4.76 0.13 -7.88
N HIS A 36 3.44 0.32 -8.02
CA HIS A 36 2.84 0.74 -9.23
C HIS A 36 1.50 1.09 -8.69
N CYS A 37 0.66 1.78 -9.49
CA CYS A 37 -0.67 2.11 -9.07
C CYS A 37 -1.54 1.09 -9.75
N GLY A 38 -2.81 0.98 -9.32
CA GLY A 38 -3.73 -0.02 -9.74
C GLY A 38 -4.91 0.46 -8.96
N PHE A 39 -6.01 -0.33 -8.89
CA PHE A 39 -7.18 0.05 -8.17
C PHE A 39 -7.48 -1.22 -7.44
N LYS A 40 -8.16 -1.12 -6.30
CA LYS A 40 -8.67 -2.21 -5.52
C LYS A 40 -9.82 -1.43 -4.99
N VAL A 41 -10.97 -2.09 -4.69
CA VAL A 41 -12.13 -1.44 -4.15
C VAL A 41 -12.05 -1.75 -2.67
N GLY A 42 -13.22 -1.90 -2.00
CA GLY A 42 -13.27 -2.38 -0.64
C GLY A 42 -13.32 -1.20 0.27
N HIS A 43 -12.18 -0.49 0.39
CA HIS A 43 -12.10 0.67 1.25
C HIS A 43 -12.24 1.91 0.41
N GLY A 44 -11.59 1.97 -0.77
CA GLY A 44 -11.72 3.16 -1.56
C GLY A 44 -10.84 3.04 -2.75
N LEU A 45 -9.52 3.12 -2.52
CA LEU A 45 -8.50 3.23 -3.52
C LEU A 45 -7.40 2.71 -2.65
N ALA A 46 -6.25 2.26 -3.19
CA ALA A 46 -5.22 1.61 -2.43
C ALA A 46 -4.06 1.79 -3.34
N CYS A 47 -2.80 1.42 -2.94
CA CYS A 47 -1.64 1.68 -3.78
C CYS A 47 -1.01 0.32 -3.80
N TRP A 48 -0.01 -0.02 -4.67
CA TRP A 48 0.64 -1.31 -4.63
C TRP A 48 2.07 -0.99 -4.28
N CYS A 49 2.74 -1.87 -3.50
CA CYS A 49 4.15 -1.79 -3.27
C CYS A 49 4.58 -3.20 -3.47
N ASN A 50 5.78 -3.39 -4.05
CA ASN A 50 6.25 -4.69 -4.45
C ASN A 50 7.59 -4.77 -3.80
N ALA A 51 7.79 -5.79 -2.94
CA ALA A 51 8.96 -6.07 -2.14
C ALA A 51 8.91 -5.21 -0.93
N LEU A 52 7.91 -5.48 -0.07
CA LEU A 52 7.75 -4.83 1.22
C LEU A 52 8.30 -5.76 2.27
N PRO A 53 9.09 -5.33 3.25
CA PRO A 53 9.56 -6.20 4.31
C PRO A 53 8.45 -6.66 5.22
N ASP A 54 8.73 -7.70 6.04
CA ASP A 54 7.76 -8.35 6.88
C ASP A 54 7.31 -7.48 8.02
N ASN A 55 8.04 -6.37 8.29
CA ASN A 55 7.73 -5.43 9.36
C ASN A 55 6.84 -4.33 8.88
N VAL A 56 6.36 -4.39 7.61
CA VAL A 56 5.44 -3.43 7.07
C VAL A 56 4.15 -4.22 6.99
N GLY A 57 3.05 -3.68 6.43
CA GLY A 57 1.78 -4.32 6.51
C GLY A 57 1.07 -3.74 5.34
N ILE A 58 -0.09 -4.30 4.99
CA ILE A 58 -0.70 -4.11 3.70
C ILE A 58 -2.14 -4.35 4.01
N ILE A 59 -3.00 -4.49 2.95
CA ILE A 59 -4.43 -4.69 3.13
C ILE A 59 -4.58 -6.08 3.66
N VAL A 60 -5.35 -6.24 4.72
CA VAL A 60 -5.65 -7.53 5.27
C VAL A 60 -7.11 -7.66 4.95
N GLU A 61 -7.44 -8.56 4.01
CA GLU A 61 -8.75 -8.71 3.41
C GLU A 61 -9.07 -7.42 2.68
N GLY A 62 -10.13 -6.74 3.13
CA GLY A 62 -10.48 -5.39 2.82
C GLY A 62 -11.45 -5.14 3.92
N GLU A 63 -11.04 -5.54 5.15
CA GLU A 63 -11.95 -5.72 6.25
C GLU A 63 -12.31 -4.41 6.87
N LYS A 64 -11.28 -3.70 7.37
CA LYS A 64 -11.49 -2.50 8.13
C LYS A 64 -10.13 -1.88 8.02
N CYS A 65 -9.94 -0.71 8.67
CA CYS A 65 -8.67 -0.06 8.80
C CYS A 65 -8.62 0.02 10.28
N HIS A 66 -7.42 -0.03 10.88
CA HIS A 66 -7.26 0.12 12.29
C HIS A 66 -5.78 0.29 12.35
N SER A 67 -5.25 0.87 13.44
CA SER A 67 -3.86 1.09 13.62
C SER A 67 -3.86 1.00 15.15
N VAL A 1 9.70 -11.55 1.44
CA VAL A 1 8.92 -10.30 1.31
C VAL A 1 7.49 -10.60 0.96
N ARG A 2 6.62 -9.56 1.05
CA ARG A 2 5.31 -9.57 0.42
C ARG A 2 5.52 -8.79 -0.84
N ASP A 3 4.53 -8.80 -1.75
CA ASP A 3 4.34 -7.76 -2.72
C ASP A 3 2.93 -7.52 -2.32
N GLY A 4 2.42 -6.28 -2.38
CA GLY A 4 1.07 -6.13 -1.90
C GLY A 4 0.56 -4.87 -2.46
N TYR A 5 -0.71 -4.58 -2.12
CA TYR A 5 -1.22 -3.25 -2.15
C TYR A 5 -0.85 -2.78 -0.80
N ILE A 6 -0.26 -1.57 -0.69
CA ILE A 6 0.16 -1.06 0.57
C ILE A 6 -1.01 -0.28 1.09
N ALA A 7 -1.17 -0.45 2.42
CA ALA A 7 -2.18 0.10 3.26
C ALA A 7 -1.56 1.21 4.04
N GLN A 8 -1.90 1.29 5.33
CA GLN A 8 -1.25 2.06 6.33
C GLN A 8 -1.19 0.95 7.33
N PRO A 9 -0.28 0.89 8.29
CA PRO A 9 -0.43 0.04 9.46
C PRO A 9 -1.63 0.57 10.23
N GLU A 10 -2.57 -0.25 10.73
CA GLU A 10 -2.43 -1.67 10.93
C GLU A 10 -2.98 -2.41 9.74
N ASN A 11 -4.08 -1.89 9.18
CA ASN A 11 -4.76 -2.43 8.06
C ASN A 11 -5.44 -1.16 7.70
N CYS A 12 -5.69 -0.91 6.41
CA CYS A 12 -6.40 0.22 5.82
C CYS A 12 -6.11 -0.03 4.37
N VAL A 13 -6.21 1.02 3.53
CA VAL A 13 -5.57 1.12 2.24
C VAL A 13 -4.80 2.40 2.44
N TYR A 14 -3.82 2.68 1.55
CA TYR A 14 -3.18 3.99 1.46
C TYR A 14 -4.09 4.77 0.56
N HIS A 15 -3.60 5.79 -0.13
CA HIS A 15 -4.29 6.32 -1.27
C HIS A 15 -3.10 6.54 -2.14
N CYS A 16 -3.34 7.02 -3.36
CA CYS A 16 -2.33 7.26 -4.33
C CYS A 16 -2.89 8.49 -4.89
N PHE A 17 -2.12 9.16 -5.76
CA PHE A 17 -2.53 10.33 -6.44
C PHE A 17 -2.24 9.87 -7.83
N PRO A 18 -3.16 9.81 -8.78
CA PRO A 18 -2.89 9.42 -10.15
C PRO A 18 -1.80 10.24 -10.78
N GLY A 19 -0.66 9.61 -11.09
CA GLY A 19 0.58 10.27 -11.36
C GLY A 19 1.57 9.35 -10.72
N SER A 20 1.21 8.90 -9.50
CA SER A 20 1.88 7.89 -8.70
C SER A 20 2.99 8.45 -7.88
N SER A 21 3.37 9.74 -8.05
CA SER A 21 4.53 10.36 -7.45
C SER A 21 4.63 10.16 -5.95
N GLY A 22 3.52 10.45 -5.25
CA GLY A 22 3.46 10.38 -3.82
C GLY A 22 3.48 8.94 -3.37
N CYS A 23 2.78 8.04 -4.10
CA CYS A 23 2.68 6.65 -3.75
C CYS A 23 4.01 6.00 -3.85
N ASP A 24 4.76 6.25 -4.95
CA ASP A 24 6.05 5.65 -5.16
C ASP A 24 7.00 6.09 -4.08
N THR A 25 6.92 7.38 -3.69
CA THR A 25 7.69 7.94 -2.60
C THR A 25 7.32 7.27 -1.28
N LEU A 26 6.00 7.15 -0.97
CA LEU A 26 5.50 6.57 0.27
C LEU A 26 5.85 5.12 0.36
N CYS A 27 5.82 4.44 -0.79
CA CYS A 27 6.19 3.05 -0.94
C CYS A 27 7.65 2.86 -0.54
N LYS A 28 8.54 3.78 -0.96
CA LYS A 28 9.96 3.62 -0.71
C LYS A 28 10.30 3.77 0.75
N GLU A 29 9.68 4.74 1.45
CA GLU A 29 9.96 4.97 2.86
C GLU A 29 9.39 3.88 3.75
N LYS A 30 8.53 3.00 3.20
CA LYS A 30 8.02 1.85 3.90
C LYS A 30 8.77 0.62 3.49
N GLY A 31 9.76 0.78 2.58
CA GLY A 31 10.70 -0.25 2.25
C GLY A 31 10.19 -1.09 1.12
N GLY A 32 9.35 -0.52 0.22
CA GLY A 32 8.97 -1.17 -1.01
C GLY A 32 9.88 -0.62 -2.06
N THR A 33 10.15 -1.41 -3.12
CA THR A 33 11.21 -1.10 -4.04
C THR A 33 10.77 -0.05 -5.03
N SER A 34 9.52 -0.14 -5.49
CA SER A 34 8.87 0.92 -6.21
C SER A 34 7.46 0.49 -6.01
N GLY A 35 6.49 1.32 -6.44
CA GLY A 35 5.11 1.12 -6.19
C GLY A 35 4.54 2.13 -7.11
N HIS A 36 3.21 2.10 -7.34
CA HIS A 36 2.55 2.91 -8.31
C HIS A 36 1.13 2.79 -7.86
N CYS A 37 0.18 3.55 -8.45
CA CYS A 37 -1.20 3.50 -7.99
C CYS A 37 -1.85 2.22 -8.41
N GLY A 38 -2.90 1.79 -7.69
CA GLY A 38 -3.71 0.73 -8.16
C GLY A 38 -4.85 0.84 -7.22
N PHE A 39 -5.84 -0.06 -7.38
CA PHE A 39 -7.07 -0.09 -6.67
C PHE A 39 -7.19 -1.57 -6.61
N LYS A 40 -7.90 -2.15 -5.63
CA LYS A 40 -8.03 -3.59 -5.50
C LYS A 40 -9.46 -3.87 -5.16
N VAL A 41 -10.36 -2.88 -5.42
CA VAL A 41 -11.72 -2.84 -4.94
C VAL A 41 -11.63 -2.81 -3.43
N GLY A 42 -12.55 -3.49 -2.72
CA GLY A 42 -12.45 -3.75 -1.31
C GLY A 42 -12.77 -2.53 -0.50
N HIS A 43 -11.83 -1.57 -0.47
CA HIS A 43 -11.90 -0.37 0.31
C HIS A 43 -12.03 0.76 -0.67
N GLY A 44 -10.93 1.17 -1.33
CA GLY A 44 -10.93 2.38 -2.09
C GLY A 44 -9.59 2.31 -2.71
N LEU A 45 -9.20 3.40 -3.43
CA LEU A 45 -7.92 3.59 -4.10
C LEU A 45 -6.82 3.35 -3.10
N ALA A 46 -5.77 2.61 -3.48
CA ALA A 46 -4.80 2.10 -2.55
C ALA A 46 -3.49 2.50 -3.16
N CYS A 47 -2.35 1.97 -2.68
CA CYS A 47 -1.11 2.25 -3.40
C CYS A 47 -0.59 0.85 -3.51
N TRP A 48 0.25 0.55 -4.53
CA TRP A 48 0.78 -0.77 -4.74
C TRP A 48 2.22 -0.66 -4.31
N CYS A 49 2.83 -1.78 -3.84
CA CYS A 49 4.25 -1.83 -3.59
C CYS A 49 4.71 -3.19 -4.00
N ASN A 50 5.94 -3.26 -4.54
CA ASN A 50 6.61 -4.51 -4.74
C ASN A 50 7.62 -4.55 -3.64
N ALA A 51 7.81 -5.77 -3.09
CA ALA A 51 8.85 -6.18 -2.18
C ALA A 51 8.81 -5.43 -0.89
N LEU A 52 7.83 -5.75 -0.02
CA LEU A 52 7.75 -5.13 1.29
C LEU A 52 8.15 -6.21 2.24
N PRO A 53 8.99 -6.00 3.25
CA PRO A 53 9.36 -7.05 4.18
C PRO A 53 8.21 -7.34 5.11
N ASP A 54 8.34 -8.43 5.88
CA ASP A 54 7.26 -9.04 6.64
C ASP A 54 6.72 -8.18 7.75
N ASN A 55 7.47 -7.15 8.15
CA ASN A 55 7.14 -6.28 9.25
C ASN A 55 6.20 -5.19 8.82
N VAL A 56 5.93 -5.06 7.51
CA VAL A 56 5.11 -4.00 7.00
C VAL A 56 3.75 -4.62 6.86
N GLY A 57 2.71 -4.01 7.45
CA GLY A 57 1.38 -4.55 7.40
C GLY A 57 0.70 -3.79 6.33
N ILE A 58 -0.16 -4.48 5.57
CA ILE A 58 -0.66 -3.99 4.32
C ILE A 58 -2.16 -4.15 4.37
N ILE A 59 -2.82 -4.37 3.20
CA ILE A 59 -4.24 -4.60 3.18
C ILE A 59 -4.40 -5.99 3.70
N VAL A 60 -5.08 -6.13 4.84
CA VAL A 60 -5.25 -7.40 5.49
C VAL A 60 -6.70 -7.71 5.19
N GLU A 61 -6.92 -8.71 4.32
CA GLU A 61 -8.22 -9.08 3.81
C GLU A 61 -8.75 -7.89 3.04
N GLY A 62 -9.96 -7.40 3.36
CA GLY A 62 -10.43 -6.12 2.92
C GLY A 62 -11.40 -5.78 3.99
N GLU A 63 -10.96 -5.96 5.25
CA GLU A 63 -11.89 -6.00 6.37
C GLU A 63 -11.92 -4.68 7.07
N LYS A 64 -10.78 -4.24 7.63
CA LYS A 64 -10.74 -3.23 8.66
C LYS A 64 -9.88 -2.14 8.12
N CYS A 65 -9.90 -0.95 8.75
CA CYS A 65 -8.97 0.10 8.50
C CYS A 65 -8.84 0.55 9.91
N HIS A 66 -7.61 0.80 10.37
CA HIS A 66 -7.33 1.44 11.61
C HIS A 66 -5.91 1.86 11.38
N SER A 67 -5.64 3.17 11.41
CA SER A 67 -4.33 3.72 11.23
C SER A 67 -3.63 3.63 12.61
N VAL A 1 9.24 -11.19 2.47
CA VAL A 1 8.59 -9.91 2.05
C VAL A 1 7.15 -10.17 1.71
N ARG A 2 6.36 -9.08 1.55
CA ARG A 2 5.07 -9.13 0.94
C ARG A 2 5.25 -8.53 -0.43
N ASP A 3 4.38 -8.91 -1.38
CA ASP A 3 4.11 -8.12 -2.56
C ASP A 3 2.67 -7.92 -2.33
N GLY A 4 2.19 -6.65 -2.32
CA GLY A 4 0.82 -6.44 -1.97
C GLY A 4 0.43 -5.09 -2.46
N TYR A 5 -0.68 -4.58 -1.90
CA TYR A 5 -1.06 -3.21 -1.95
C TYR A 5 -0.58 -2.75 -0.61
N ILE A 6 -0.03 -1.53 -0.52
CA ILE A 6 0.35 -0.89 0.72
C ILE A 6 -0.87 -0.11 1.15
N ALA A 7 -1.01 -0.03 2.48
CA ALA A 7 -2.03 0.63 3.22
C ALA A 7 -1.25 0.97 4.43
N GLN A 8 -1.86 1.67 5.38
CA GLN A 8 -1.27 1.98 6.64
C GLN A 8 -1.58 0.79 7.52
N PRO A 9 -0.82 0.56 8.59
CA PRO A 9 -1.18 -0.41 9.60
C PRO A 9 -2.50 0.01 10.26
N GLU A 10 -3.61 -0.76 10.19
CA GLU A 10 -3.74 -2.06 9.58
C GLU A 10 -4.96 -1.96 8.72
N ASN A 11 -4.77 -2.06 7.38
CA ASN A 11 -5.83 -2.20 6.41
C ASN A 11 -6.68 -0.95 6.38
N CYS A 12 -6.03 0.22 6.48
CA CYS A 12 -6.69 1.48 6.22
C CYS A 12 -5.76 1.98 5.19
N VAL A 13 -6.25 2.35 3.98
CA VAL A 13 -5.39 2.46 2.83
C VAL A 13 -4.44 3.62 2.90
N TYR A 14 -3.49 3.62 1.94
CA TYR A 14 -2.45 4.58 1.79
C TYR A 14 -2.81 4.82 0.37
N HIS A 15 -2.95 6.08 -0.07
CA HIS A 15 -3.50 6.35 -1.37
C HIS A 15 -2.34 6.45 -2.31
N CYS A 16 -2.44 7.31 -3.33
CA CYS A 16 -1.51 7.48 -4.38
C CYS A 16 -1.84 8.90 -4.59
N PHE A 17 -0.91 9.69 -5.14
CA PHE A 17 -1.20 11.01 -5.62
C PHE A 17 -1.11 10.76 -7.09
N PRO A 18 -2.19 10.83 -7.89
CA PRO A 18 -2.22 10.33 -9.25
C PRO A 18 -1.14 10.81 -10.19
N GLY A 19 -0.20 9.89 -10.46
CA GLY A 19 0.93 10.00 -11.31
C GLY A 19 1.59 8.77 -10.79
N SER A 20 2.88 8.54 -11.08
CA SER A 20 3.61 7.48 -10.41
C SER A 20 4.03 7.98 -9.05
N SER A 21 4.21 9.31 -8.99
CA SER A 21 4.79 10.13 -7.98
C SER A 21 4.45 9.76 -6.56
N GLY A 22 3.15 9.73 -6.21
CA GLY A 22 2.78 9.61 -4.81
C GLY A 22 3.03 8.25 -4.28
N CYS A 23 2.82 7.22 -5.11
CA CYS A 23 2.99 5.85 -4.70
C CYS A 23 4.44 5.54 -4.72
N ASP A 24 5.19 6.08 -5.71
CA ASP A 24 6.64 5.99 -5.77
C ASP A 24 7.23 6.51 -4.48
N THR A 25 6.80 7.72 -4.07
CA THR A 25 7.20 8.33 -2.82
C THR A 25 6.85 7.43 -1.63
N LEU A 26 5.55 7.03 -1.49
CA LEU A 26 5.03 6.26 -0.36
C LEU A 26 5.72 4.94 -0.24
N CYS A 27 5.85 4.24 -1.37
CA CYS A 27 6.41 2.92 -1.42
C CYS A 27 7.85 3.01 -1.03
N LYS A 28 8.59 4.04 -1.53
CA LYS A 28 9.99 4.17 -1.19
C LYS A 28 10.19 4.55 0.25
N GLU A 29 9.38 5.49 0.78
CA GLU A 29 9.60 6.01 2.11
C GLU A 29 9.23 4.99 3.18
N LYS A 30 8.36 4.01 2.85
CA LYS A 30 8.08 2.92 3.75
C LYS A 30 9.06 1.81 3.52
N GLY A 31 9.32 1.43 2.25
CA GLY A 31 10.42 0.54 1.94
C GLY A 31 9.95 -0.62 1.14
N GLY A 32 9.17 -0.36 0.07
CA GLY A 32 8.92 -1.32 -0.96
C GLY A 32 9.60 -0.70 -2.13
N THR A 33 10.10 -1.53 -3.06
CA THR A 33 10.98 -1.04 -4.11
C THR A 33 10.14 -0.61 -5.28
N SER A 34 9.40 -1.55 -5.90
CA SER A 34 8.57 -1.22 -7.03
C SER A 34 7.21 -0.96 -6.45
N GLY A 35 6.41 -0.09 -7.10
CA GLY A 35 5.08 0.17 -6.64
C GLY A 35 4.53 0.89 -7.80
N HIS A 36 3.20 1.08 -7.86
CA HIS A 36 2.53 1.74 -8.95
C HIS A 36 1.16 1.88 -8.36
N CYS A 37 0.23 2.60 -9.04
CA CYS A 37 -1.10 2.82 -8.53
C CYS A 37 -1.99 2.07 -9.46
N GLY A 38 -3.09 1.48 -8.96
CA GLY A 38 -3.99 0.75 -9.80
C GLY A 38 -4.84 -0.05 -8.89
N PHE A 39 -5.98 0.52 -8.47
CA PHE A 39 -6.94 -0.11 -7.62
C PHE A 39 -8.00 0.95 -7.67
N LYS A 40 -9.17 0.75 -7.03
CA LYS A 40 -10.23 1.71 -6.80
C LYS A 40 -11.38 0.89 -6.26
N VAL A 41 -11.13 0.04 -5.24
CA VAL A 41 -12.13 -0.89 -4.78
C VAL A 41 -12.06 -0.82 -3.28
N GLY A 42 -13.24 -0.86 -2.60
CA GLY A 42 -13.32 -1.19 -1.19
C GLY A 42 -13.17 0.02 -0.34
N HIS A 43 -12.00 0.66 -0.41
CA HIS A 43 -11.65 1.81 0.39
C HIS A 43 -11.68 2.97 -0.56
N GLY A 44 -10.93 2.83 -1.66
CA GLY A 44 -10.72 3.85 -2.63
C GLY A 44 -9.62 3.15 -3.32
N LEU A 45 -8.64 3.89 -3.86
CA LEU A 45 -7.43 3.30 -4.40
C LEU A 45 -6.47 3.07 -3.27
N ALA A 46 -5.45 2.22 -3.48
CA ALA A 46 -4.47 1.88 -2.48
C ALA A 46 -3.27 1.85 -3.36
N CYS A 47 -2.04 1.76 -2.80
CA CYS A 47 -0.85 1.95 -3.64
C CYS A 47 -0.26 0.58 -3.72
N TRP A 48 0.29 0.13 -4.86
CA TRP A 48 0.81 -1.22 -5.00
C TRP A 48 2.26 -1.14 -4.56
N CYS A 49 2.82 -2.24 -4.00
CA CYS A 49 4.22 -2.28 -3.64
C CYS A 49 4.65 -3.70 -3.79
N ASN A 50 5.86 -3.89 -4.35
CA ASN A 50 6.52 -5.17 -4.38
C ASN A 50 7.64 -5.03 -3.40
N ALA A 51 7.81 -6.08 -2.58
CA ALA A 51 8.93 -6.31 -1.71
C ALA A 51 8.92 -5.38 -0.56
N LEU A 52 7.80 -5.40 0.20
CA LEU A 52 7.73 -4.70 1.46
C LEU A 52 8.20 -5.72 2.46
N PRO A 53 9.10 -5.42 3.38
CA PRO A 53 9.54 -6.36 4.39
C PRO A 53 8.45 -6.60 5.40
N ASP A 54 8.67 -7.58 6.29
CA ASP A 54 7.70 -8.12 7.21
C ASP A 54 7.14 -7.11 8.18
N ASN A 55 7.86 -5.99 8.40
CA ASN A 55 7.52 -5.03 9.43
C ASN A 55 6.44 -4.08 8.97
N VAL A 56 6.02 -4.17 7.70
CA VAL A 56 5.07 -3.23 7.14
C VAL A 56 3.75 -3.94 7.14
N GLY A 57 2.72 -3.32 7.73
CA GLY A 57 1.38 -3.85 7.73
C GLY A 57 0.70 -3.07 6.66
N ILE A 58 -0.26 -3.71 5.98
CA ILE A 58 -0.71 -3.30 4.68
C ILE A 58 -2.17 -3.67 4.69
N ILE A 59 -2.74 -4.09 3.53
CA ILE A 59 -4.05 -4.71 3.44
C ILE A 59 -3.87 -6.09 4.05
N VAL A 60 -4.58 -6.39 5.14
CA VAL A 60 -4.21 -7.43 6.04
C VAL A 60 -5.44 -7.94 6.71
N GLU A 61 -5.35 -9.16 7.30
CA GLU A 61 -6.41 -9.93 7.90
C GLU A 61 -7.16 -10.57 6.75
N GLY A 62 -8.41 -10.16 6.53
CA GLY A 62 -9.27 -10.69 5.53
C GLY A 62 -10.52 -10.04 5.97
N GLU A 63 -10.50 -8.70 5.99
CA GLU A 63 -11.44 -7.90 6.71
C GLU A 63 -11.06 -6.57 6.15
N LYS A 64 -11.49 -5.51 6.85
CA LYS A 64 -11.25 -4.13 6.48
C LYS A 64 -10.34 -3.64 7.57
N CYS A 65 -10.48 -2.35 7.93
CA CYS A 65 -9.59 -1.62 8.76
C CYS A 65 -9.85 -1.96 10.20
N HIS A 66 -8.77 -1.95 10.99
CA HIS A 66 -8.83 -2.14 12.40
C HIS A 66 -7.62 -1.36 12.80
N SER A 67 -7.44 -1.09 14.10
CA SER A 67 -6.43 -0.21 14.63
C SER A 67 -5.02 -0.87 14.64
N VAL A 1 9.36 -11.75 1.51
CA VAL A 1 8.72 -10.43 1.27
C VAL A 1 7.29 -10.62 0.85
N ARG A 2 6.50 -9.52 0.86
CA ARG A 2 5.22 -9.49 0.20
C ARG A 2 5.46 -8.75 -1.08
N ASP A 3 4.56 -8.94 -2.07
CA ASP A 3 4.41 -8.02 -3.15
C ASP A 3 2.94 -7.84 -2.95
N GLY A 4 2.47 -6.61 -2.74
CA GLY A 4 1.08 -6.48 -2.41
C GLY A 4 0.78 -5.05 -2.69
N TYR A 5 -0.51 -4.70 -2.51
CA TYR A 5 -0.95 -3.33 -2.44
C TYR A 5 -0.63 -2.92 -1.03
N ILE A 6 0.02 -1.76 -0.84
CA ILE A 6 0.44 -1.30 0.45
C ILE A 6 -0.70 -0.48 0.98
N ALA A 7 -0.91 -0.63 2.30
CA ALA A 7 -1.93 -0.02 3.08
C ALA A 7 -1.26 1.04 3.87
N GLN A 8 -1.72 1.20 5.12
CA GLN A 8 -1.05 1.95 6.13
C GLN A 8 -1.18 0.89 7.18
N PRO A 9 -0.30 0.74 8.14
CA PRO A 9 -0.51 -0.19 9.23
C PRO A 9 -1.65 0.35 10.05
N GLU A 10 -2.55 -0.49 10.63
CA GLU A 10 -2.41 -1.91 10.77
C GLU A 10 -3.04 -2.59 9.59
N ASN A 11 -4.14 -2.03 9.08
CA ASN A 11 -4.81 -2.50 7.91
C ASN A 11 -5.38 -1.17 7.56
N CYS A 12 -5.58 -0.95 6.26
CA CYS A 12 -6.05 0.26 5.65
C CYS A 12 -5.91 0.01 4.19
N VAL A 13 -5.90 1.09 3.38
CA VAL A 13 -5.25 1.11 2.11
C VAL A 13 -4.47 2.38 2.34
N TYR A 14 -3.45 2.68 1.50
CA TYR A 14 -2.91 4.03 1.44
C TYR A 14 -3.84 4.64 0.44
N HIS A 15 -3.99 5.97 0.40
CA HIS A 15 -4.90 6.57 -0.53
C HIS A 15 -3.92 7.14 -1.46
N CYS A 16 -4.30 7.17 -2.74
CA CYS A 16 -3.42 7.45 -3.80
C CYS A 16 -4.47 7.85 -4.77
N PHE A 17 -4.04 8.18 -5.99
CA PHE A 17 -4.72 9.00 -6.92
C PHE A 17 -4.42 8.22 -8.17
N PRO A 18 -4.99 8.50 -9.34
CA PRO A 18 -4.56 7.91 -10.61
C PRO A 18 -3.16 8.33 -11.05
N GLY A 19 -2.18 8.37 -10.15
CA GLY A 19 -0.86 8.81 -10.46
C GLY A 19 -0.19 8.57 -9.15
N SER A 20 0.96 7.88 -9.17
CA SER A 20 1.66 7.39 -8.03
C SER A 20 2.68 8.39 -7.54
N SER A 21 2.38 9.70 -7.69
CA SER A 21 3.25 10.81 -7.42
C SER A 21 3.80 10.82 -6.02
N GLY A 22 2.91 10.55 -5.04
CA GLY A 22 3.30 10.48 -3.65
C GLY A 22 3.71 9.09 -3.30
N CYS A 23 3.07 8.08 -3.94
CA CYS A 23 3.19 6.68 -3.61
C CYS A 23 4.60 6.19 -3.79
N ASP A 24 5.32 6.69 -4.81
CA ASP A 24 6.71 6.37 -5.05
C ASP A 24 7.54 6.63 -3.81
N THR A 25 7.45 7.85 -3.25
CA THR A 25 8.13 8.25 -2.03
C THR A 25 7.62 7.49 -0.82
N LEU A 26 6.30 7.20 -0.75
CA LEU A 26 5.72 6.49 0.39
C LEU A 26 6.24 5.09 0.42
N CYS A 27 6.36 4.47 -0.77
CA CYS A 27 6.83 3.12 -0.92
C CYS A 27 8.23 3.00 -0.39
N LYS A 28 9.10 3.98 -0.72
CA LYS A 28 10.47 4.02 -0.28
C LYS A 28 10.56 4.08 1.23
N GLU A 29 9.78 4.96 1.89
CA GLU A 29 9.91 5.15 3.32
C GLU A 29 9.38 3.98 4.11
N LYS A 30 8.55 3.11 3.48
CA LYS A 30 8.03 1.91 4.11
C LYS A 30 8.87 0.72 3.76
N GLY A 31 9.87 0.91 2.88
CA GLY A 31 10.87 -0.08 2.59
C GLY A 31 10.41 -1.00 1.50
N GLY A 32 9.62 -0.47 0.54
CA GLY A 32 9.30 -1.16 -0.67
C GLY A 32 10.20 -0.58 -1.71
N THR A 33 10.42 -1.34 -2.81
CA THR A 33 11.41 -1.01 -3.81
C THR A 33 10.94 0.20 -4.57
N SER A 34 9.79 0.08 -5.23
CA SER A 34 9.10 1.17 -5.83
C SER A 34 7.77 0.50 -5.95
N GLY A 35 6.82 1.14 -6.64
CA GLY A 35 5.49 0.63 -6.73
C GLY A 35 4.88 1.55 -7.72
N HIS A 36 3.55 1.63 -7.70
CA HIS A 36 2.73 2.31 -8.66
C HIS A 36 1.49 2.39 -7.83
N CYS A 37 0.34 2.79 -8.40
CA CYS A 37 -0.91 2.76 -7.68
C CYS A 37 -1.82 2.03 -8.58
N GLY A 38 -2.97 1.59 -8.04
CA GLY A 38 -3.94 0.81 -8.71
C GLY A 38 -4.88 0.66 -7.56
N PHE A 39 -5.90 -0.19 -7.70
CA PHE A 39 -6.94 -0.34 -6.71
C PHE A 39 -7.10 -1.83 -6.74
N LYS A 40 -7.72 -2.41 -5.69
CA LYS A 40 -8.32 -3.70 -5.70
C LYS A 40 -9.46 -3.28 -4.83
N VAL A 41 -10.64 -3.90 -4.96
CA VAL A 41 -11.82 -3.33 -4.37
C VAL A 41 -11.79 -3.56 -2.88
N GLY A 42 -11.93 -2.49 -2.09
CA GLY A 42 -11.94 -2.63 -0.67
C GLY A 42 -12.28 -1.28 -0.16
N HIS A 43 -11.29 -0.38 -0.15
CA HIS A 43 -11.45 0.92 0.44
C HIS A 43 -11.52 1.94 -0.67
N GLY A 44 -10.44 2.72 -0.90
CA GLY A 44 -10.46 3.83 -1.82
C GLY A 44 -9.06 3.96 -2.31
N LEU A 45 -8.81 3.38 -3.51
CA LEU A 45 -7.52 3.18 -4.14
C LEU A 45 -6.63 2.33 -3.27
N ALA A 46 -5.32 2.26 -3.56
CA ALA A 46 -4.36 1.69 -2.68
C ALA A 46 -3.10 2.20 -3.30
N CYS A 47 -1.92 1.86 -2.74
CA CYS A 47 -0.65 2.24 -3.33
C CYS A 47 -0.07 0.87 -3.48
N TRP A 48 0.83 0.60 -4.45
CA TRP A 48 1.46 -0.72 -4.58
C TRP A 48 2.85 -0.52 -4.06
N CYS A 49 3.49 -1.61 -3.59
CA CYS A 49 4.89 -1.63 -3.35
C CYS A 49 5.29 -2.99 -3.79
N ASN A 50 6.46 -3.10 -4.42
CA ASN A 50 6.97 -4.37 -4.86
C ASN A 50 8.10 -4.64 -3.92
N ALA A 51 8.01 -5.78 -3.21
CA ALA A 51 8.97 -6.29 -2.26
C ALA A 51 8.94 -5.47 -1.02
N LEU A 52 7.97 -5.75 -0.12
CA LEU A 52 7.97 -5.17 1.21
C LEU A 52 8.38 -6.31 2.08
N PRO A 53 9.27 -6.16 3.04
CA PRO A 53 9.53 -7.21 4.01
C PRO A 53 8.36 -7.35 4.95
N ASP A 54 8.38 -8.42 5.76
CA ASP A 54 7.21 -8.93 6.42
C ASP A 54 6.87 -8.18 7.69
N ASN A 55 7.58 -7.07 7.97
CA ASN A 55 7.34 -6.23 9.13
C ASN A 55 6.33 -5.17 8.76
N VAL A 56 5.98 -5.07 7.47
CA VAL A 56 5.13 -4.04 6.97
C VAL A 56 3.78 -4.68 6.88
N GLY A 57 2.70 -3.98 7.28
CA GLY A 57 1.37 -4.52 7.19
C GLY A 57 0.77 -3.83 6.02
N ILE A 58 -0.12 -4.53 5.31
CA ILE A 58 -0.59 -4.09 4.02
C ILE A 58 -2.08 -4.27 4.05
N ILE A 59 -2.75 -4.41 2.88
CA ILE A 59 -4.18 -4.60 2.84
C ILE A 59 -4.42 -6.00 3.32
N VAL A 60 -5.31 -6.14 4.31
CA VAL A 60 -5.69 -7.39 4.88
C VAL A 60 -7.16 -7.41 4.62
N GLU A 61 -7.65 -8.34 3.77
CA GLU A 61 -9.03 -8.41 3.33
C GLU A 61 -9.36 -7.11 2.62
N GLY A 62 -10.46 -6.46 3.01
CA GLY A 62 -10.76 -5.10 2.68
C GLY A 62 -11.75 -4.75 3.73
N GLU A 63 -11.42 -5.14 4.99
CA GLU A 63 -12.37 -5.20 6.08
C GLU A 63 -12.67 -3.82 6.60
N LYS A 64 -11.62 -3.12 7.05
CA LYS A 64 -11.78 -1.83 7.63
C LYS A 64 -10.36 -1.35 7.59
N CYS A 65 -10.07 -0.24 8.29
CA CYS A 65 -8.78 0.36 8.40
C CYS A 65 -8.68 0.44 9.88
N HIS A 66 -7.46 0.43 10.43
CA HIS A 66 -7.23 0.85 11.78
C HIS A 66 -5.82 1.31 11.74
N SER A 67 -5.59 2.61 12.07
CA SER A 67 -4.30 3.23 11.97
C SER A 67 -3.43 2.76 13.16
N VAL A 1 10.59 -11.18 0.64
CA VAL A 1 9.75 -9.98 0.42
C VAL A 1 8.41 -10.38 -0.16
N ARG A 2 7.45 -9.43 -0.22
CA ARG A 2 6.20 -9.59 -0.91
C ARG A 2 6.17 -8.50 -1.94
N ASP A 3 5.17 -8.57 -2.84
CA ASP A 3 4.83 -7.51 -3.75
C ASP A 3 3.38 -7.50 -3.45
N GLY A 4 2.76 -6.33 -3.24
CA GLY A 4 1.38 -6.34 -2.86
C GLY A 4 0.77 -5.00 -3.10
N TYR A 5 -0.51 -4.86 -2.70
CA TYR A 5 -1.22 -3.61 -2.64
C TYR A 5 -0.90 -3.07 -1.28
N ILE A 6 -0.37 -1.83 -1.17
CA ILE A 6 0.07 -1.29 0.10
C ILE A 6 -1.09 -0.57 0.74
N ALA A 7 -1.08 -0.66 2.09
CA ALA A 7 -2.07 -0.17 3.00
C ALA A 7 -1.43 0.95 3.72
N GLN A 8 -2.05 1.33 4.84
CA GLN A 8 -1.56 2.24 5.82
C GLN A 8 -1.81 1.34 7.01
N PRO A 9 -1.18 1.49 8.16
CA PRO A 9 -1.52 0.70 9.33
C PRO A 9 -2.89 1.08 9.83
N GLU A 10 -3.63 0.23 10.56
CA GLU A 10 -3.28 -1.08 11.06
C GLU A 10 -3.86 -2.11 10.14
N ASN A 11 -4.87 -1.72 9.35
CA ASN A 11 -5.27 -2.35 8.13
C ASN A 11 -5.73 -1.09 7.54
N CYS A 12 -5.69 -0.98 6.22
CA CYS A 12 -6.27 0.09 5.48
C CYS A 12 -6.01 -0.34 4.09
N VAL A 13 -6.12 0.60 3.15
CA VAL A 13 -5.57 0.55 1.85
C VAL A 13 -4.90 1.89 1.90
N TYR A 14 -3.90 2.15 1.03
CA TYR A 14 -3.37 3.50 0.86
C TYR A 14 -4.31 4.24 -0.05
N HIS A 15 -3.88 5.36 -0.59
CA HIS A 15 -4.65 6.11 -1.52
C HIS A 15 -3.53 6.41 -2.43
N CYS A 16 -3.82 6.93 -3.62
CA CYS A 16 -2.89 6.99 -4.69
C CYS A 16 -3.32 8.30 -5.22
N PHE A 17 -2.43 9.01 -5.93
CA PHE A 17 -2.78 10.15 -6.71
C PHE A 17 -2.43 9.52 -8.03
N PRO A 18 -3.30 9.33 -9.03
CA PRO A 18 -3.04 8.42 -10.14
C PRO A 18 -1.76 8.61 -10.92
N GLY A 19 -0.70 7.85 -10.56
CA GLY A 19 0.58 7.90 -11.17
C GLY A 19 1.33 7.15 -10.12
N SER A 20 2.67 7.07 -10.23
CA SER A 20 3.50 6.39 -9.27
C SER A 20 3.92 7.37 -8.20
N SER A 21 3.72 8.67 -8.46
CA SER A 21 4.29 9.83 -7.86
C SER A 21 4.37 9.84 -6.36
N GLY A 22 3.23 9.75 -5.65
CA GLY A 22 3.21 9.99 -4.23
C GLY A 22 3.66 8.77 -3.49
N CYS A 23 3.29 7.59 -4.02
CA CYS A 23 3.54 6.33 -3.38
C CYS A 23 4.94 5.88 -3.61
N ASP A 24 5.66 6.46 -4.60
CA ASP A 24 7.10 6.30 -4.76
C ASP A 24 7.78 6.74 -3.49
N THR A 25 7.49 7.96 -3.02
CA THR A 25 7.97 8.47 -1.75
C THR A 25 7.54 7.62 -0.56
N LEU A 26 6.23 7.27 -0.49
CA LEU A 26 5.67 6.56 0.66
C LEU A 26 6.22 5.17 0.77
N CYS A 27 6.39 4.50 -0.40
CA CYS A 27 6.93 3.17 -0.45
C CYS A 27 8.36 3.16 0.00
N LYS A 28 9.12 4.24 -0.31
CA LYS A 28 10.52 4.34 -0.01
C LYS A 28 10.74 4.40 1.48
N GLU A 29 9.89 5.15 2.20
CA GLU A 29 10.04 5.33 3.63
C GLU A 29 9.60 4.10 4.38
N LYS A 30 8.64 3.31 3.81
CA LYS A 30 8.16 2.10 4.43
C LYS A 30 9.03 0.93 4.07
N GLY A 31 9.68 0.99 2.90
CA GLY A 31 10.80 0.13 2.58
C GLY A 31 10.43 -0.84 1.50
N GLY A 32 9.73 -0.37 0.45
CA GLY A 32 9.65 -1.09 -0.80
C GLY A 32 10.32 -0.23 -1.81
N THR A 33 10.78 -0.85 -2.92
CA THR A 33 11.74 -0.21 -3.79
C THR A 33 11.05 0.49 -4.92
N SER A 34 9.73 0.26 -5.06
CA SER A 34 8.99 0.90 -6.11
C SER A 34 7.64 1.02 -5.52
N GLY A 35 6.90 2.07 -5.91
CA GLY A 35 5.60 2.35 -5.40
C GLY A 35 4.91 2.68 -6.68
N HIS A 36 3.67 2.20 -6.84
CA HIS A 36 2.90 2.38 -8.03
C HIS A 36 1.53 2.59 -7.45
N CYS A 37 0.47 2.45 -8.28
CA CYS A 37 -0.88 2.81 -7.93
C CYS A 37 -1.61 1.49 -7.87
N GLY A 38 -2.85 1.46 -7.36
CA GLY A 38 -3.56 0.22 -7.22
C GLY A 38 -4.92 0.68 -6.82
N PHE A 39 -5.84 -0.27 -6.57
CA PHE A 39 -7.18 0.01 -6.14
C PHE A 39 -7.41 -1.27 -5.39
N LYS A 40 -8.39 -1.31 -4.46
CA LYS A 40 -8.88 -2.51 -3.84
C LYS A 40 -10.27 -2.06 -3.54
N VAL A 41 -11.15 -2.99 -3.11
CA VAL A 41 -12.53 -2.72 -2.82
C VAL A 41 -12.64 -3.17 -1.40
N GLY A 42 -13.76 -2.81 -0.73
CA GLY A 42 -13.90 -2.96 0.70
C GLY A 42 -13.18 -1.82 1.35
N HIS A 43 -13.13 -0.69 0.63
CA HIS A 43 -12.46 0.55 0.88
C HIS A 43 -12.57 1.05 -0.53
N GLY A 44 -11.66 1.93 -0.99
CA GLY A 44 -11.57 2.29 -2.35
C GLY A 44 -10.15 2.73 -2.38
N LEU A 45 -9.47 2.57 -3.54
CA LEU A 45 -8.12 3.01 -3.80
C LEU A 45 -7.17 2.08 -3.08
N ALA A 46 -5.85 2.26 -3.23
CA ALA A 46 -4.85 1.52 -2.52
C ALA A 46 -3.66 2.20 -3.08
N CYS A 47 -2.45 1.66 -2.84
CA CYS A 47 -1.36 1.90 -3.76
C CYS A 47 -0.85 0.52 -3.92
N TRP A 48 0.18 0.31 -4.77
CA TRP A 48 0.78 -0.97 -4.99
C TRP A 48 2.22 -0.70 -4.73
N CYS A 49 2.96 -1.69 -4.19
CA CYS A 49 4.36 -1.57 -3.89
C CYS A 49 4.97 -2.87 -4.27
N ASN A 50 6.28 -2.85 -4.56
CA ASN A 50 7.05 -4.02 -4.92
C ASN A 50 8.20 -4.05 -3.96
N ALA A 51 8.56 -5.28 -3.53
CA ALA A 51 9.70 -5.64 -2.74
C ALA A 51 9.62 -5.06 -1.35
N LEU A 52 8.51 -5.35 -0.65
CA LEU A 52 8.33 -4.92 0.72
C LEU A 52 8.75 -6.11 1.56
N PRO A 53 9.56 -6.00 2.60
CA PRO A 53 9.85 -7.11 3.48
C PRO A 53 8.68 -7.44 4.37
N ASP A 54 8.86 -8.53 5.14
CA ASP A 54 7.86 -9.14 5.99
C ASP A 54 7.36 -8.28 7.11
N ASN A 55 8.12 -7.22 7.47
CA ASN A 55 7.76 -6.35 8.57
C ASN A 55 6.71 -5.38 8.12
N VAL A 56 6.50 -5.24 6.80
CA VAL A 56 5.55 -4.32 6.27
C VAL A 56 4.30 -5.14 6.10
N GLY A 57 3.17 -4.65 6.62
CA GLY A 57 1.92 -5.36 6.53
C GLY A 57 1.12 -4.42 5.71
N ILE A 58 0.20 -5.00 4.93
CA ILE A 58 -0.42 -4.36 3.82
C ILE A 58 -1.87 -4.66 4.01
N ILE A 59 -2.65 -4.89 2.93
CA ILE A 59 -4.07 -5.08 3.05
C ILE A 59 -4.33 -6.37 3.81
N VAL A 60 -5.02 -6.30 4.95
CA VAL A 60 -5.31 -7.41 5.81
C VAL A 60 -6.51 -8.09 5.21
N GLU A 61 -7.58 -7.33 4.93
CA GLU A 61 -8.74 -7.88 4.32
C GLU A 61 -9.37 -6.61 3.86
N GLY A 62 -10.33 -6.65 2.91
CA GLY A 62 -11.09 -5.48 2.52
C GLY A 62 -12.25 -5.41 3.46
N GLU A 63 -11.97 -5.01 4.71
CA GLU A 63 -12.87 -5.17 5.82
C GLU A 63 -13.15 -3.83 6.41
N LYS A 64 -12.13 -3.19 7.00
CA LYS A 64 -12.32 -2.02 7.77
C LYS A 64 -10.93 -1.53 7.81
N CYS A 65 -10.69 -0.32 8.34
CA CYS A 65 -9.41 0.29 8.47
C CYS A 65 -9.52 0.65 9.91
N HIS A 66 -8.39 0.76 10.60
CA HIS A 66 -8.27 1.14 11.95
C HIS A 66 -6.85 1.55 11.84
N SER A 67 -6.40 2.50 12.67
CA SER A 67 -5.07 3.01 12.64
C SER A 67 -5.04 3.44 14.10
N VAL A 1 9.66 -11.67 1.34
CA VAL A 1 9.01 -10.36 1.05
C VAL A 1 7.59 -10.57 0.62
N ARG A 2 6.87 -9.45 0.38
CA ARG A 2 5.52 -9.45 -0.07
C ARG A 2 5.47 -8.41 -1.14
N ASP A 3 4.42 -8.47 -1.99
CA ASP A 3 4.11 -7.49 -2.98
C ASP A 3 2.69 -7.33 -2.56
N GLY A 4 2.15 -6.12 -2.49
CA GLY A 4 0.79 -6.00 -2.09
C GLY A 4 0.37 -4.65 -2.53
N TYR A 5 -0.84 -4.24 -2.12
CA TYR A 5 -1.19 -2.85 -2.07
C TYR A 5 -0.65 -2.44 -0.74
N ILE A 6 -0.01 -1.26 -0.62
CA ILE A 6 0.49 -0.81 0.65
C ILE A 6 -0.61 -0.02 1.29
N ALA A 7 -0.69 -0.23 2.62
CA ALA A 7 -1.66 0.28 3.55
C ALA A 7 -0.95 1.23 4.47
N GLN A 8 -1.61 1.45 5.61
CA GLN A 8 -1.19 2.22 6.72
C GLN A 8 -1.64 1.24 7.78
N PRO A 9 -1.22 1.32 9.03
CA PRO A 9 -1.80 0.55 10.11
C PRO A 9 -3.24 0.97 10.33
N GLU A 10 -4.15 0.11 10.82
CA GLU A 10 -3.93 -1.24 11.30
C GLU A 10 -4.05 -2.17 10.12
N ASN A 11 -5.19 -2.08 9.43
CA ASN A 11 -5.46 -2.69 8.18
C ASN A 11 -6.02 -1.42 7.66
N CYS A 12 -5.68 -1.03 6.43
CA CYS A 12 -6.17 0.16 5.82
C CYS A 12 -5.73 -0.03 4.41
N VAL A 13 -5.80 1.06 3.61
CA VAL A 13 -5.19 1.20 2.35
C VAL A 13 -4.45 2.47 2.61
N TYR A 14 -3.47 2.82 1.75
CA TYR A 14 -2.96 4.17 1.69
C TYR A 14 -3.95 4.92 0.87
N HIS A 15 -3.58 6.05 0.26
CA HIS A 15 -4.40 6.62 -0.76
C HIS A 15 -3.30 6.98 -1.68
N CYS A 16 -3.64 7.35 -2.91
CA CYS A 16 -2.73 7.52 -3.99
C CYS A 16 -3.20 8.86 -4.42
N PHE A 17 -2.35 9.61 -5.14
CA PHE A 17 -2.74 10.79 -5.83
C PHE A 17 -2.60 10.23 -7.21
N PRO A 18 -3.61 10.01 -8.05
CA PRO A 18 -3.50 9.12 -9.20
C PRO A 18 -2.39 9.44 -10.18
N GLY A 19 -1.28 8.68 -10.09
CA GLY A 19 -0.07 8.91 -10.82
C GLY A 19 0.83 8.11 -9.94
N SER A 20 2.16 8.15 -10.15
CA SER A 20 3.07 7.37 -9.35
C SER A 20 3.55 8.19 -8.19
N SER A 21 3.61 9.52 -8.34
CA SER A 21 4.35 10.48 -7.55
C SER A 21 4.36 10.24 -6.06
N GLY A 22 3.17 10.32 -5.41
CA GLY A 22 3.08 10.18 -3.98
C GLY A 22 3.35 8.77 -3.56
N CYS A 23 2.75 7.79 -4.27
CA CYS A 23 2.82 6.40 -3.90
C CYS A 23 4.20 5.87 -4.00
N ASP A 24 4.93 6.18 -5.09
CA ASP A 24 6.26 5.67 -5.28
C ASP A 24 7.17 6.30 -4.26
N THR A 25 6.96 7.59 -3.93
CA THR A 25 7.69 8.25 -2.86
C THR A 25 7.47 7.55 -1.54
N LEU A 26 6.19 7.26 -1.18
CA LEU A 26 5.82 6.58 0.05
C LEU A 26 6.41 5.20 0.08
N CYS A 27 6.35 4.51 -1.07
CA CYS A 27 6.86 3.18 -1.25
C CYS A 27 8.35 3.16 -0.99
N LYS A 28 9.09 4.14 -1.56
CA LYS A 28 10.53 4.19 -1.45
C LYS A 28 10.95 4.47 -0.03
N GLU A 29 10.26 5.41 0.66
CA GLU A 29 10.65 5.80 2.00
C GLU A 29 10.24 4.77 3.02
N LYS A 30 9.17 3.98 2.75
CA LYS A 30 8.79 2.88 3.61
C LYS A 30 9.72 1.74 3.36
N GLY A 31 9.94 1.38 2.09
CA GLY A 31 10.98 0.45 1.71
C GLY A 31 10.42 -0.68 0.93
N GLY A 32 9.65 -0.37 -0.14
CA GLY A 32 9.39 -1.29 -1.22
C GLY A 32 10.21 -0.78 -2.37
N THR A 33 10.73 -1.69 -3.22
CA THR A 33 11.76 -1.37 -4.18
C THR A 33 11.16 -0.97 -5.50
N SER A 34 9.83 -1.04 -5.63
CA SER A 34 9.17 -0.58 -6.80
C SER A 34 7.81 -0.41 -6.22
N GLY A 35 6.96 0.40 -6.86
CA GLY A 35 5.70 0.71 -6.28
C GLY A 35 5.00 1.31 -7.42
N HIS A 36 3.67 1.41 -7.31
CA HIS A 36 2.82 1.79 -8.39
C HIS A 36 1.62 2.31 -7.65
N CYS A 37 0.43 2.31 -8.25
CA CYS A 37 -0.74 2.89 -7.69
C CYS A 37 -1.71 1.88 -8.22
N GLY A 38 -2.92 1.80 -7.66
CA GLY A 38 -3.87 0.82 -8.05
C GLY A 38 -4.95 1.16 -7.09
N PHE A 39 -6.00 0.31 -7.05
CA PHE A 39 -7.15 0.50 -6.24
C PHE A 39 -7.26 -0.90 -5.76
N LYS A 40 -7.64 -1.10 -4.47
CA LYS A 40 -7.81 -2.42 -3.93
C LYS A 40 -9.28 -2.49 -3.68
N VAL A 41 -10.00 -3.29 -4.49
CA VAL A 41 -11.43 -3.38 -4.41
C VAL A 41 -11.71 -4.26 -3.22
N GLY A 42 -12.45 -3.73 -2.24
CA GLY A 42 -12.58 -4.36 -0.94
C GLY A 42 -12.14 -3.37 0.08
N HIS A 43 -11.48 -2.27 -0.36
CA HIS A 43 -11.19 -1.16 0.51
C HIS A 43 -11.49 0.08 -0.29
N GLY A 44 -10.60 0.47 -1.21
CA GLY A 44 -10.65 1.77 -1.78
C GLY A 44 -9.38 1.91 -2.55
N LEU A 45 -9.03 3.16 -2.89
CA LEU A 45 -7.83 3.59 -3.59
C LEU A 45 -6.69 3.32 -2.66
N ALA A 46 -5.51 2.85 -3.16
CA ALA A 46 -4.49 2.34 -2.29
C ALA A 46 -3.22 2.70 -2.96
N CYS A 47 -2.04 2.39 -2.37
CA CYS A 47 -0.82 2.56 -3.13
C CYS A 47 -0.41 1.16 -3.36
N TRP A 48 0.49 0.88 -4.33
CA TRP A 48 0.92 -0.48 -4.59
C TRP A 48 2.40 -0.46 -4.35
N CYS A 49 2.98 -1.57 -3.84
CA CYS A 49 4.40 -1.70 -3.61
C CYS A 49 4.77 -3.10 -3.96
N ASN A 50 6.04 -3.28 -4.41
CA ASN A 50 6.62 -4.57 -4.66
C ASN A 50 7.80 -4.64 -3.75
N ALA A 51 8.05 -5.85 -3.18
CA ALA A 51 9.18 -6.22 -2.37
C ALA A 51 9.26 -5.39 -1.14
N LEU A 52 8.22 -5.49 -0.30
CA LEU A 52 8.22 -4.89 1.01
C LEU A 52 8.72 -5.99 1.91
N PRO A 53 9.47 -5.72 2.98
CA PRO A 53 9.87 -6.73 3.95
C PRO A 53 8.67 -7.28 4.66
N ASP A 54 8.81 -8.47 5.28
CA ASP A 54 7.71 -9.24 5.80
C ASP A 54 7.03 -8.56 6.96
N ASN A 55 7.76 -7.69 7.66
CA ASN A 55 7.31 -6.99 8.83
C ASN A 55 6.49 -5.78 8.45
N VAL A 56 6.33 -5.48 7.14
CA VAL A 56 5.52 -4.37 6.71
C VAL A 56 4.13 -4.92 6.57
N GLY A 57 3.16 -4.32 7.30
CA GLY A 57 1.79 -4.76 7.25
C GLY A 57 1.14 -3.92 6.22
N ILE A 58 0.18 -4.51 5.50
CA ILE A 58 -0.35 -3.97 4.28
C ILE A 58 -1.84 -4.15 4.37
N ILE A 59 -2.55 -4.24 3.21
CA ILE A 59 -3.98 -4.52 3.15
C ILE A 59 -4.14 -5.93 3.64
N VAL A 60 -5.09 -6.12 4.56
CA VAL A 60 -5.43 -7.38 5.12
C VAL A 60 -6.88 -7.53 4.73
N GLU A 61 -7.35 -8.80 4.56
CA GLU A 61 -8.74 -9.19 4.41
C GLU A 61 -9.45 -8.40 3.34
N GLY A 62 -10.73 -8.06 3.58
CA GLY A 62 -11.42 -6.99 2.95
C GLY A 62 -12.29 -6.78 4.14
N GLU A 63 -12.14 -5.68 4.87
CA GLU A 63 -12.73 -5.57 6.17
C GLU A 63 -13.08 -4.14 6.35
N LYS A 64 -12.10 -3.32 6.75
CA LYS A 64 -12.35 -1.95 7.08
C LYS A 64 -10.96 -1.42 7.07
N CYS A 65 -10.80 -0.15 7.46
CA CYS A 65 -9.56 0.55 7.56
C CYS A 65 -9.83 1.12 8.92
N HIS A 66 -8.86 1.05 9.83
CA HIS A 66 -9.01 1.48 11.19
C HIS A 66 -7.59 1.61 11.57
N SER A 67 -7.27 2.40 12.61
CA SER A 67 -5.93 2.65 13.02
C SER A 67 -6.28 2.94 14.49
N VAL A 1 9.75 -11.67 2.13
CA VAL A 1 9.14 -10.34 1.89
C VAL A 1 7.75 -10.50 1.35
N ARG A 2 6.97 -9.40 1.27
CA ARG A 2 5.67 -9.39 0.64
C ARG A 2 5.85 -8.65 -0.64
N ASP A 3 4.89 -8.86 -1.58
CA ASP A 3 4.66 -7.95 -2.66
C ASP A 3 3.19 -7.89 -2.46
N GLY A 4 2.57 -6.71 -2.38
CA GLY A 4 1.15 -6.65 -2.20
C GLY A 4 0.86 -5.27 -2.61
N TYR A 5 -0.39 -4.82 -2.38
CA TYR A 5 -0.67 -3.40 -2.33
C TYR A 5 -0.29 -3.03 -0.94
N ILE A 6 0.28 -1.83 -0.74
CA ILE A 6 0.61 -1.32 0.56
C ILE A 6 -0.59 -0.51 1.01
N ALA A 7 -0.85 -0.60 2.34
CA ALA A 7 -1.91 0.05 3.03
C ALA A 7 -1.29 1.18 3.79
N GLN A 8 -1.72 1.36 5.03
CA GLN A 8 -1.03 2.07 6.06
C GLN A 8 -1.29 1.05 7.13
N PRO A 9 -0.50 0.94 8.20
CA PRO A 9 -0.80 0.03 9.29
C PRO A 9 -2.05 0.54 10.00
N GLU A 10 -2.90 -0.30 10.63
CA GLU A 10 -2.74 -1.72 10.87
C GLU A 10 -3.13 -2.48 9.64
N ASN A 11 -4.06 -1.88 8.89
CA ASN A 11 -4.62 -2.31 7.66
C ASN A 11 -5.21 -0.97 7.34
N CYS A 12 -5.52 -0.71 6.07
CA CYS A 12 -6.21 0.45 5.52
C CYS A 12 -5.91 0.23 4.08
N VAL A 13 -5.76 1.31 3.31
CA VAL A 13 -5.30 1.35 1.97
C VAL A 13 -4.45 2.56 2.13
N TYR A 14 -3.61 2.91 1.14
CA TYR A 14 -2.97 4.20 1.12
C TYR A 14 -3.95 5.12 0.44
N HIS A 15 -3.60 6.41 0.29
CA HIS A 15 -4.46 7.37 -0.33
C HIS A 15 -3.62 7.79 -1.48
N CYS A 16 -3.60 6.94 -2.53
CA CYS A 16 -2.91 7.23 -3.75
C CYS A 16 -4.00 7.71 -4.66
N PHE A 17 -3.69 7.86 -5.96
CA PHE A 17 -4.47 8.59 -6.90
C PHE A 17 -4.29 7.73 -8.11
N PRO A 18 -4.96 7.95 -9.23
CA PRO A 18 -4.57 7.41 -10.52
C PRO A 18 -3.25 7.99 -11.04
N GLY A 19 -2.17 8.00 -10.23
CA GLY A 19 -0.93 8.55 -10.63
C GLY A 19 -0.07 8.11 -9.51
N SER A 20 1.17 7.70 -9.81
CA SER A 20 2.07 7.10 -8.86
C SER A 20 2.99 8.12 -8.26
N SER A 21 2.52 9.38 -8.15
CA SER A 21 3.32 10.55 -7.86
C SER A 21 3.91 10.47 -6.48
N GLY A 22 3.03 10.32 -5.47
CA GLY A 22 3.45 10.25 -4.09
C GLY A 22 3.94 8.87 -3.78
N CYS A 23 3.40 7.86 -4.50
CA CYS A 23 3.63 6.45 -4.23
C CYS A 23 5.08 6.10 -4.45
N ASP A 24 5.78 6.80 -5.37
CA ASP A 24 7.21 6.66 -5.58
C ASP A 24 7.94 6.85 -4.26
N THR A 25 7.77 8.02 -3.63
CA THR A 25 8.32 8.33 -2.34
C THR A 25 7.81 7.40 -1.24
N LEU A 26 6.48 7.13 -1.20
CA LEU A 26 5.86 6.38 -0.13
C LEU A 26 6.34 4.97 -0.11
N CYS A 27 6.46 4.36 -1.29
CA CYS A 27 6.92 2.99 -1.40
C CYS A 27 8.35 2.89 -0.93
N LYS A 28 9.19 3.89 -1.28
CA LYS A 28 10.59 3.87 -0.87
C LYS A 28 10.74 4.00 0.61
N GLU A 29 10.03 4.97 1.25
CA GLU A 29 10.21 5.26 2.66
C GLU A 29 9.68 4.16 3.54
N LYS A 30 8.77 3.32 3.00
CA LYS A 30 8.23 2.17 3.71
C LYS A 30 9.03 0.93 3.36
N GLY A 31 10.01 1.06 2.44
CA GLY A 31 11.01 0.04 2.24
C GLY A 31 10.61 -0.93 1.18
N GLY A 32 9.86 -0.45 0.16
CA GLY A 32 9.60 -1.23 -1.03
C GLY A 32 10.41 -0.57 -2.11
N THR A 33 10.63 -1.29 -3.23
CA THR A 33 11.57 -0.85 -4.23
C THR A 33 10.91 0.14 -5.15
N SER A 34 9.69 -0.19 -5.55
CA SER A 34 9.08 0.33 -6.73
C SER A 34 7.66 0.06 -6.39
N GLY A 35 6.74 0.89 -6.91
CA GLY A 35 5.37 0.87 -6.54
C GLY A 35 4.77 1.62 -7.67
N HIS A 36 3.44 1.62 -7.77
CA HIS A 36 2.67 2.27 -8.79
C HIS A 36 1.35 2.26 -8.10
N CYS A 37 0.26 2.77 -8.74
CA CYS A 37 -1.04 2.81 -8.11
C CYS A 37 -2.01 2.43 -9.17
N GLY A 38 -3.23 2.05 -8.73
CA GLY A 38 -4.30 1.61 -9.58
C GLY A 38 -4.90 0.52 -8.78
N PHE A 39 -6.11 0.71 -8.23
CA PHE A 39 -6.65 -0.13 -7.20
C PHE A 39 -8.06 0.25 -7.36
N LYS A 40 -9.01 -0.67 -7.09
CA LYS A 40 -10.42 -0.36 -7.12
C LYS A 40 -11.00 -1.31 -6.12
N VAL A 41 -10.82 -1.05 -4.82
CA VAL A 41 -11.54 -1.71 -3.77
C VAL A 41 -12.03 -0.46 -3.12
N GLY A 42 -13.30 -0.42 -2.67
CA GLY A 42 -13.97 0.83 -2.36
C GLY A 42 -13.64 1.30 -0.98
N HIS A 43 -12.35 1.58 -0.73
CA HIS A 43 -11.91 2.24 0.47
C HIS A 43 -11.41 3.58 0.02
N GLY A 44 -10.52 3.56 -0.98
CA GLY A 44 -9.67 4.64 -1.38
C GLY A 44 -8.90 3.87 -2.38
N LEU A 45 -7.73 4.37 -2.84
CA LEU A 45 -7.02 3.79 -3.92
C LEU A 45 -5.63 3.66 -3.36
N ALA A 46 -5.13 2.41 -3.26
CA ALA A 46 -3.95 2.08 -2.49
C ALA A 46 -2.71 2.21 -3.32
N CYS A 47 -1.53 1.90 -2.76
CA CYS A 47 -0.28 2.12 -3.46
C CYS A 47 0.22 0.72 -3.56
N TRP A 48 0.98 0.35 -4.60
CA TRP A 48 1.53 -0.97 -4.77
C TRP A 48 2.93 -0.88 -4.24
N CYS A 49 3.53 -2.01 -3.78
CA CYS A 49 4.94 -2.04 -3.49
C CYS A 49 5.39 -3.43 -3.81
N ASN A 50 6.68 -3.55 -4.18
CA ASN A 50 7.34 -4.82 -4.29
C ASN A 50 8.42 -4.77 -3.25
N ALA A 51 8.68 -5.94 -2.63
CA ALA A 51 9.77 -6.24 -1.73
C ALA A 51 9.64 -5.49 -0.44
N LEU A 52 8.50 -5.68 0.26
CA LEU A 52 8.31 -5.08 1.56
C LEU A 52 8.67 -6.14 2.54
N PRO A 53 9.58 -5.96 3.49
CA PRO A 53 9.84 -6.94 4.51
C PRO A 53 8.70 -6.96 5.49
N ASP A 54 8.65 -7.99 6.35
CA ASP A 54 7.47 -8.22 7.15
C ASP A 54 7.51 -7.45 8.45
N ASN A 55 7.85 -6.15 8.39
CA ASN A 55 7.60 -5.23 9.47
C ASN A 55 6.55 -4.28 8.99
N VAL A 56 6.18 -4.36 7.69
CA VAL A 56 5.31 -3.43 7.06
C VAL A 56 4.00 -4.14 7.05
N GLY A 57 2.87 -3.45 7.29
CA GLY A 57 1.57 -4.06 7.30
C GLY A 57 0.91 -3.48 6.10
N ILE A 58 0.04 -4.27 5.45
CA ILE A 58 -0.44 -3.96 4.13
C ILE A 58 -1.90 -4.29 4.15
N ILE A 59 -2.51 -4.49 2.94
CA ILE A 59 -3.92 -4.71 2.80
C ILE A 59 -4.24 -6.05 3.37
N VAL A 60 -5.30 -6.07 4.18
CA VAL A 60 -5.88 -7.20 4.83
C VAL A 60 -7.32 -6.84 4.54
N GLU A 61 -8.26 -7.81 4.59
CA GLU A 61 -9.66 -7.51 4.50
C GLU A 61 -10.14 -8.80 5.08
N GLY A 62 -11.41 -8.83 5.51
CA GLY A 62 -11.84 -9.70 6.59
C GLY A 62 -11.42 -8.99 7.84
N GLU A 63 -11.52 -7.65 7.79
CA GLU A 63 -10.96 -6.70 8.71
C GLU A 63 -11.51 -5.50 8.00
N LYS A 64 -11.00 -4.29 8.26
CA LYS A 64 -11.44 -3.07 7.65
C LYS A 64 -10.18 -2.29 7.89
N CYS A 65 -10.19 -0.97 7.68
CA CYS A 65 -9.09 -0.06 7.86
C CYS A 65 -8.90 0.09 9.34
N HIS A 66 -7.62 0.02 9.79
CA HIS A 66 -7.21 -0.25 11.15
C HIS A 66 -7.76 -1.57 11.59
N SER A 67 -8.36 -1.60 12.79
CA SER A 67 -9.00 -2.78 13.32
C SER A 67 -10.41 -2.95 12.71
N VAL A 1 8.96 -11.64 1.40
CA VAL A 1 8.21 -10.41 1.06
C VAL A 1 6.84 -10.78 0.53
N ARG A 2 6.01 -9.78 0.16
CA ARG A 2 4.77 -10.00 -0.51
C ARG A 2 4.63 -8.78 -1.36
N ASP A 3 3.53 -8.69 -2.13
CA ASP A 3 3.25 -7.57 -2.99
C ASP A 3 1.82 -7.45 -2.66
N GLY A 4 1.26 -6.25 -2.56
CA GLY A 4 -0.15 -6.10 -2.55
C GLY A 4 -0.25 -4.65 -2.87
N TYR A 5 -1.43 -4.07 -2.58
CA TYR A 5 -1.58 -2.65 -2.53
C TYR A 5 -1.09 -2.30 -1.17
N ILE A 6 -0.42 -1.15 -1.00
CA ILE A 6 0.01 -0.69 0.29
C ILE A 6 -1.10 0.19 0.83
N ALA A 7 -1.30 -0.01 2.15
CA ALA A 7 -2.24 0.61 3.03
C ALA A 7 -1.52 1.64 3.84
N GLN A 8 -2.22 2.13 4.87
CA GLN A 8 -1.69 2.99 5.89
C GLN A 8 -1.80 2.08 7.06
N PRO A 9 -1.10 2.31 8.18
CA PRO A 9 -1.50 1.76 9.45
C PRO A 9 -2.85 2.39 9.81
N GLU A 10 -3.88 1.65 10.27
CA GLU A 10 -3.81 0.29 10.78
C GLU A 10 -3.75 -0.71 9.66
N ASN A 11 -4.76 -0.69 8.79
CA ASN A 11 -4.98 -1.54 7.67
C ASN A 11 -6.03 -0.65 7.11
N CYS A 12 -6.17 -0.53 5.78
CA CYS A 12 -7.13 0.26 5.04
C CYS A 12 -6.40 0.32 3.75
N VAL A 13 -6.43 1.46 3.06
CA VAL A 13 -5.72 1.72 1.85
C VAL A 13 -4.92 2.95 2.14
N TYR A 14 -3.93 3.22 1.25
CA TYR A 14 -3.29 4.52 1.14
C TYR A 14 -4.14 5.27 0.17
N HIS A 15 -3.58 6.26 -0.51
CA HIS A 15 -4.20 6.88 -1.64
C HIS A 15 -2.97 7.04 -2.46
N CYS A 16 -3.11 7.56 -3.68
CA CYS A 16 -2.04 7.76 -4.60
C CYS A 16 -2.59 9.00 -5.20
N PHE A 17 -1.71 9.80 -5.82
CA PHE A 17 -2.03 11.00 -6.51
C PHE A 17 -1.62 10.53 -7.86
N PRO A 18 -2.47 10.34 -8.89
CA PRO A 18 -2.19 9.44 -9.99
C PRO A 18 -0.93 9.71 -10.77
N GLY A 19 0.16 8.98 -10.48
CA GLY A 19 1.45 9.20 -11.04
C GLY A 19 2.21 8.43 -10.03
N SER A 20 3.55 8.57 -9.98
CA SER A 20 4.35 7.85 -9.03
C SER A 20 4.40 8.61 -7.74
N SER A 21 4.56 9.95 -7.82
CA SER A 21 5.26 10.79 -6.88
C SER A 21 5.08 10.46 -5.42
N GLY A 22 3.89 10.70 -4.85
CA GLY A 22 3.70 10.56 -3.41
C GLY A 22 3.60 9.11 -3.02
N CYS A 23 3.06 8.27 -3.92
CA CYS A 23 2.82 6.87 -3.66
C CYS A 23 4.15 6.17 -3.63
N ASP A 24 5.00 6.40 -4.65
CA ASP A 24 6.27 5.75 -4.77
C ASP A 24 7.17 6.21 -3.65
N THR A 25 7.04 7.49 -3.21
CA THR A 25 7.74 7.97 -2.04
C THR A 25 7.33 7.20 -0.79
N LEU A 26 6.00 7.05 -0.55
CA LEU A 26 5.46 6.33 0.59
C LEU A 26 5.87 4.89 0.53
N CYS A 27 5.79 4.29 -0.68
CA CYS A 27 6.21 2.93 -0.95
C CYS A 27 7.66 2.74 -0.57
N LYS A 28 8.53 3.69 -0.99
CA LYS A 28 9.96 3.61 -0.79
C LYS A 28 10.29 3.64 0.67
N GLU A 29 9.66 4.55 1.44
CA GLU A 29 9.97 4.72 2.85
C GLU A 29 9.43 3.58 3.68
N LYS A 30 8.31 2.94 3.27
CA LYS A 30 7.75 1.80 3.97
C LYS A 30 8.49 0.54 3.59
N GLY A 31 9.23 0.58 2.46
CA GLY A 31 10.23 -0.40 2.16
C GLY A 31 9.70 -1.35 1.15
N GLY A 32 8.92 -0.83 0.18
CA GLY A 32 8.62 -1.53 -1.04
C GLY A 32 9.51 -0.86 -2.00
N THR A 33 10.15 -1.61 -2.91
CA THR A 33 11.29 -1.09 -3.63
C THR A 33 10.84 -0.24 -4.78
N SER A 34 9.67 -0.54 -5.34
CA SER A 34 9.06 0.29 -6.32
C SER A 34 7.66 -0.21 -6.19
N GLY A 35 6.74 0.29 -7.03
CA GLY A 35 5.36 0.08 -6.81
C GLY A 35 4.79 0.74 -7.99
N HIS A 36 3.50 1.08 -7.93
CA HIS A 36 2.73 1.58 -9.02
C HIS A 36 1.60 2.12 -8.20
N CYS A 37 0.42 2.34 -8.80
CA CYS A 37 -0.76 2.74 -8.08
C CYS A 37 -1.78 1.86 -8.70
N GLY A 38 -2.99 1.80 -8.13
CA GLY A 38 -4.03 1.03 -8.70
C GLY A 38 -5.14 1.30 -7.74
N PHE A 39 -6.30 0.64 -7.97
CA PHE A 39 -7.48 0.83 -7.16
C PHE A 39 -7.65 -0.50 -6.49
N LYS A 40 -8.02 -0.51 -5.19
CA LYS A 40 -8.37 -1.71 -4.47
C LYS A 40 -9.84 -1.56 -4.26
N VAL A 41 -10.63 -2.10 -5.21
CA VAL A 41 -12.06 -1.89 -5.27
C VAL A 41 -12.67 -2.60 -4.09
N GLY A 42 -13.44 -1.85 -3.27
CA GLY A 42 -13.97 -2.34 -2.04
C GLY A 42 -13.51 -1.36 -1.02
N HIS A 43 -12.21 -1.00 -1.06
CA HIS A 43 -11.65 -0.11 -0.07
C HIS A 43 -11.55 1.27 -0.68
N GLY A 44 -10.79 1.44 -1.79
CA GLY A 44 -10.60 2.76 -2.30
C GLY A 44 -9.46 2.68 -3.25
N LEU A 45 -8.97 3.86 -3.70
CA LEU A 45 -7.83 4.02 -4.58
C LEU A 45 -6.66 3.91 -3.64
N ALA A 46 -5.59 3.19 -4.00
CA ALA A 46 -4.62 2.77 -3.03
C ALA A 46 -3.28 3.03 -3.64
N CYS A 47 -2.19 2.62 -2.95
CA CYS A 47 -0.87 2.82 -3.51
C CYS A 47 -0.48 1.38 -3.70
N TRP A 48 0.42 1.03 -4.65
CA TRP A 48 0.78 -0.35 -4.88
C TRP A 48 2.24 -0.40 -4.61
N CYS A 49 2.76 -1.56 -4.13
CA CYS A 49 4.15 -1.73 -3.83
C CYS A 49 4.47 -3.11 -4.23
N ASN A 50 5.76 -3.36 -4.52
CA ASN A 50 6.28 -4.69 -4.73
C ASN A 50 7.40 -4.75 -3.75
N ALA A 51 7.59 -5.95 -3.15
CA ALA A 51 8.69 -6.32 -2.30
C ALA A 51 8.61 -5.64 -0.97
N LEU A 52 7.44 -5.76 -0.28
CA LEU A 52 7.30 -5.26 1.06
C LEU A 52 7.64 -6.43 1.95
N PRO A 53 8.49 -6.33 2.96
CA PRO A 53 8.74 -7.42 3.87
C PRO A 53 7.59 -7.61 4.82
N ASP A 54 7.66 -8.64 5.66
CA ASP A 54 6.59 -9.01 6.53
C ASP A 54 6.62 -8.24 7.84
N ASN A 55 7.32 -7.09 7.89
CA ASN A 55 7.27 -6.20 9.04
C ASN A 55 6.23 -5.15 8.75
N VAL A 56 5.71 -5.14 7.50
CA VAL A 56 4.72 -4.20 7.04
C VAL A 56 3.44 -5.00 7.10
N GLY A 57 2.27 -4.37 6.93
CA GLY A 57 1.02 -5.06 6.83
C GLY A 57 0.34 -4.09 5.94
N ILE A 58 -0.61 -4.59 5.12
CA ILE A 58 -0.98 -3.93 3.90
C ILE A 58 -2.48 -4.02 3.80
N ILE A 59 -3.03 -4.11 2.56
CA ILE A 59 -4.43 -4.00 2.24
C ILE A 59 -5.27 -5.07 2.86
N VAL A 60 -4.72 -6.26 3.15
CA VAL A 60 -5.43 -7.20 3.94
C VAL A 60 -4.30 -7.77 4.73
N GLU A 61 -4.66 -8.52 5.78
CA GLU A 61 -3.83 -9.03 6.82
C GLU A 61 -4.91 -9.88 7.42
N GLY A 62 -4.67 -10.53 8.59
CA GLY A 62 -5.74 -11.10 9.39
C GLY A 62 -6.18 -9.97 10.27
N GLU A 63 -6.82 -8.96 9.66
CA GLU A 63 -7.19 -7.72 10.27
C GLU A 63 -8.07 -7.24 9.15
N LYS A 64 -8.53 -5.98 9.19
CA LYS A 64 -9.45 -5.45 8.23
C LYS A 64 -9.26 -3.99 8.51
N CYS A 65 -9.86 -3.12 7.68
CA CYS A 65 -9.71 -1.68 7.66
C CYS A 65 -10.42 -1.09 8.83
N HIS A 66 -9.68 -0.30 9.63
CA HIS A 66 -10.20 0.47 10.73
C HIS A 66 -9.03 1.36 10.91
N SER A 67 -9.13 2.38 11.79
CA SER A 67 -8.08 3.23 12.23
C SER A 67 -8.95 4.12 13.11
N VAL A 1 10.02 -11.04 1.75
CA VAL A 1 9.14 -9.88 1.47
C VAL A 1 7.74 -10.32 1.15
N ARG A 2 6.78 -9.37 1.20
CA ARG A 2 5.49 -9.53 0.54
C ARG A 2 5.69 -8.83 -0.77
N ASP A 3 4.71 -8.95 -1.69
CA ASP A 3 4.54 -8.01 -2.76
C ASP A 3 3.08 -7.86 -2.50
N GLY A 4 2.55 -6.62 -2.45
CA GLY A 4 1.16 -6.52 -2.10
C GLY A 4 0.79 -5.17 -2.55
N TYR A 5 -0.48 -4.80 -2.30
CA TYR A 5 -0.89 -3.42 -2.34
C TYR A 5 -0.52 -2.93 -0.98
N ILE A 6 0.01 -1.70 -0.86
CA ILE A 6 0.37 -1.13 0.39
C ILE A 6 -0.85 -0.42 0.88
N ALA A 7 -1.07 -0.63 2.20
CA ALA A 7 -2.07 -0.04 3.02
C ALA A 7 -1.44 1.11 3.72
N GLN A 8 -1.88 1.33 4.96
CA GLN A 8 -1.28 2.18 5.94
C GLN A 8 -1.39 1.15 7.02
N PRO A 9 -0.46 0.97 7.96
CA PRO A 9 -0.57 -0.06 8.96
C PRO A 9 -1.65 0.34 9.93
N GLU A 10 -2.44 -0.60 10.51
CA GLU A 10 -2.18 -2.03 10.52
C GLU A 10 -2.97 -2.65 9.40
N ASN A 11 -4.03 -1.98 8.92
CA ASN A 11 -4.74 -2.39 7.77
C ASN A 11 -5.33 -1.05 7.48
N CYS A 12 -5.62 -0.78 6.21
CA CYS A 12 -6.15 0.43 5.64
C CYS A 12 -5.93 0.26 4.17
N VAL A 13 -5.85 1.37 3.42
CA VAL A 13 -5.31 1.43 2.10
C VAL A 13 -4.36 2.56 2.36
N TYR A 14 -3.36 2.80 1.48
CA TYR A 14 -2.69 4.08 1.48
C TYR A 14 -3.45 4.81 0.39
N HIS A 15 -3.21 6.13 0.21
CA HIS A 15 -3.96 6.86 -0.79
C HIS A 15 -3.00 7.15 -1.89
N CYS A 16 -3.30 6.58 -3.08
CA CYS A 16 -2.54 6.78 -4.27
C CYS A 16 -3.17 7.92 -4.97
N PHE A 17 -2.37 8.68 -5.72
CA PHE A 17 -2.78 9.82 -6.45
C PHE A 17 -2.39 9.34 -7.81
N PRO A 18 -3.25 9.21 -8.82
CA PRO A 18 -2.86 8.68 -10.11
C PRO A 18 -1.77 9.51 -10.74
N GLY A 19 -0.76 8.85 -11.33
CA GLY A 19 0.53 9.45 -11.57
C GLY A 19 1.41 8.56 -10.79
N SER A 20 1.12 8.45 -9.47
CA SER A 20 1.70 7.55 -8.49
C SER A 20 2.62 8.30 -7.58
N SER A 21 3.03 9.54 -7.96
CA SER A 21 4.15 10.28 -7.43
C SER A 21 4.26 10.29 -5.92
N GLY A 22 3.14 10.63 -5.25
CA GLY A 22 3.11 10.74 -3.81
C GLY A 22 3.21 9.40 -3.16
N CYS A 23 2.55 8.37 -3.71
CA CYS A 23 2.44 7.11 -3.00
C CYS A 23 3.59 6.21 -3.35
N ASP A 24 4.25 6.43 -4.51
CA ASP A 24 5.50 5.80 -4.84
C ASP A 24 6.53 6.29 -3.84
N THR A 25 6.50 7.59 -3.49
CA THR A 25 7.33 8.14 -2.44
C THR A 25 7.01 7.48 -1.10
N LEU A 26 5.72 7.32 -0.74
CA LEU A 26 5.30 6.66 0.49
C LEU A 26 5.74 5.21 0.54
N CYS A 27 5.63 4.52 -0.61
CA CYS A 27 6.08 3.16 -0.80
C CYS A 27 7.56 3.05 -0.47
N LYS A 28 8.38 4.02 -0.93
CA LYS A 28 9.81 3.98 -0.71
C LYS A 28 10.16 4.06 0.76
N GLU A 29 9.53 4.98 1.51
CA GLU A 29 9.82 5.18 2.91
C GLU A 29 9.30 4.06 3.79
N LYS A 30 8.50 3.13 3.22
CA LYS A 30 8.04 1.95 3.92
C LYS A 30 8.83 0.75 3.48
N GLY A 31 9.75 0.93 2.50
CA GLY A 31 10.71 -0.09 2.14
C GLY A 31 10.20 -0.93 1.03
N GLY A 32 9.34 -0.37 0.15
CA GLY A 32 8.96 -0.99 -1.08
C GLY A 32 9.75 -0.27 -2.11
N THR A 33 10.46 -1.02 -2.98
CA THR A 33 11.49 -0.50 -3.84
C THR A 33 10.92 0.37 -4.92
N SER A 34 9.73 0.01 -5.45
CA SER A 34 9.00 0.86 -6.33
C SER A 34 7.66 0.24 -6.19
N GLY A 35 6.66 0.87 -6.85
CA GLY A 35 5.28 0.57 -6.67
C GLY A 35 4.73 1.57 -7.62
N HIS A 36 3.39 1.64 -7.75
CA HIS A 36 2.71 2.53 -8.65
C HIS A 36 1.33 2.46 -8.07
N CYS A 37 0.33 3.11 -8.69
CA CYS A 37 -1.05 2.95 -8.27
C CYS A 37 -1.61 1.71 -8.92
N GLY A 38 -2.80 1.28 -8.47
CA GLY A 38 -3.56 0.23 -9.07
C GLY A 38 -4.78 0.40 -8.26
N PHE A 39 -5.84 -0.42 -8.42
CA PHE A 39 -7.02 -0.24 -7.63
C PHE A 39 -7.54 -1.62 -7.62
N LYS A 40 -7.94 -2.15 -6.44
CA LYS A 40 -8.55 -3.44 -6.35
C LYS A 40 -9.62 -3.24 -5.33
N VAL A 41 -10.29 -2.07 -5.42
CA VAL A 41 -11.25 -1.57 -4.48
C VAL A 41 -10.58 -1.49 -3.13
N GLY A 42 -11.26 -1.97 -2.09
CA GLY A 42 -10.77 -1.98 -0.75
C GLY A 42 -11.39 -0.78 -0.12
N HIS A 43 -10.55 0.12 0.41
CA HIS A 43 -10.98 1.19 1.28
C HIS A 43 -10.68 2.52 0.65
N GLY A 44 -10.19 2.55 -0.61
CA GLY A 44 -9.85 3.77 -1.25
C GLY A 44 -8.88 3.29 -2.27
N LEU A 45 -8.22 4.22 -3.00
CA LEU A 45 -7.37 3.87 -4.10
C LEU A 45 -6.00 3.62 -3.53
N ALA A 46 -5.68 2.32 -3.34
CA ALA A 46 -4.50 1.84 -2.67
C ALA A 46 -3.31 1.92 -3.57
N CYS A 47 -2.10 1.55 -3.07
CA CYS A 47 -0.93 1.72 -3.92
C CYS A 47 -0.29 0.39 -3.95
N TRP A 48 0.57 0.09 -4.94
CA TRP A 48 1.28 -1.16 -5.05
C TRP A 48 2.62 -0.89 -4.45
N CYS A 49 3.30 -1.95 -3.93
CA CYS A 49 4.69 -1.92 -3.61
C CYS A 49 5.11 -3.29 -4.02
N ASN A 50 6.31 -3.42 -4.62
CA ASN A 50 6.72 -4.66 -5.24
C ASN A 50 7.80 -5.32 -4.42
N ALA A 51 7.78 -5.05 -3.11
CA ALA A 51 8.53 -5.71 -2.10
C ALA A 51 7.91 -4.93 -1.00
N LEU A 52 7.74 -5.51 0.19
CA LEU A 52 7.69 -4.77 1.41
C LEU A 52 8.22 -5.83 2.31
N PRO A 53 9.03 -5.54 3.31
CA PRO A 53 9.49 -6.56 4.24
C PRO A 53 8.37 -6.95 5.17
N ASP A 54 8.58 -8.00 5.97
CA ASP A 54 7.54 -8.66 6.72
C ASP A 54 7.03 -7.87 7.90
N ASN A 55 7.64 -6.71 8.20
CA ASN A 55 7.28 -5.88 9.33
C ASN A 55 6.29 -4.83 8.89
N VAL A 56 5.84 -4.86 7.63
CA VAL A 56 4.96 -3.86 7.10
C VAL A 56 3.65 -4.58 6.98
N GLY A 57 2.54 -3.92 7.34
CA GLY A 57 1.23 -4.51 7.27
C GLY A 57 0.59 -3.82 6.13
N ILE A 58 -0.28 -4.55 5.40
CA ILE A 58 -0.73 -4.16 4.09
C ILE A 58 -2.21 -4.42 4.06
N ILE A 59 -2.82 -4.53 2.84
CA ILE A 59 -4.25 -4.63 2.67
C ILE A 59 -4.65 -6.01 3.10
N VAL A 60 -5.77 -6.05 3.84
CA VAL A 60 -6.49 -7.20 4.29
C VAL A 60 -7.85 -6.57 4.14
N GLU A 61 -8.93 -7.33 3.93
CA GLU A 61 -10.26 -6.81 4.02
C GLU A 61 -10.92 -8.11 4.34
N GLY A 62 -12.06 -8.04 5.04
CA GLY A 62 -12.62 -9.16 5.77
C GLY A 62 -12.77 -8.56 7.13
N GLU A 63 -11.71 -7.81 7.52
CA GLU A 63 -11.78 -6.79 8.53
C GLU A 63 -11.94 -5.54 7.69
N LYS A 64 -11.37 -4.40 8.11
CA LYS A 64 -11.55 -3.12 7.49
C LYS A 64 -10.30 -2.48 8.00
N CYS A 65 -10.13 -1.16 7.81
CA CYS A 65 -8.99 -0.36 8.20
C CYS A 65 -8.88 -0.34 9.70
N HIS A 66 -7.63 -0.27 10.20
CA HIS A 66 -7.39 0.03 11.58
C HIS A 66 -5.99 0.58 11.57
N SER A 67 -5.87 1.92 11.68
CA SER A 67 -4.64 2.64 11.68
C SER A 67 -3.84 2.31 12.97
N VAL A 1 10.49 -11.33 1.36
CA VAL A 1 9.69 -10.16 0.95
C VAL A 1 8.36 -10.61 0.37
N ARG A 2 7.43 -9.64 0.12
CA ARG A 2 6.19 -9.90 -0.56
C ARG A 2 6.04 -8.77 -1.54
N ASP A 3 4.96 -8.81 -2.35
CA ASP A 3 4.57 -7.72 -3.22
C ASP A 3 3.14 -7.64 -2.80
N GLY A 4 2.57 -6.43 -2.66
CA GLY A 4 1.19 -6.35 -2.32
C GLY A 4 0.73 -4.98 -2.65
N TYR A 5 -0.58 -4.71 -2.41
CA TYR A 5 -1.10 -3.38 -2.32
C TYR A 5 -0.70 -2.93 -0.96
N ILE A 6 -0.07 -1.75 -0.81
CA ILE A 6 0.37 -1.27 0.46
C ILE A 6 -0.76 -0.45 1.05
N ALA A 7 -0.88 -0.66 2.38
CA ALA A 7 -1.74 -0.02 3.33
C ALA A 7 -0.94 1.03 4.02
N GLN A 8 -1.47 1.48 5.17
CA GLN A 8 -0.87 2.40 6.08
C GLN A 8 -1.39 1.76 7.34
N PRO A 9 -0.98 2.14 8.54
CA PRO A 9 -1.54 1.59 9.76
C PRO A 9 -3.01 1.96 9.91
N GLU A 10 -3.86 1.16 10.60
CA GLU A 10 -3.54 -0.09 11.25
C GLU A 10 -3.61 -1.17 10.21
N ASN A 11 -4.72 -1.16 9.45
CA ASN A 11 -4.93 -1.94 8.27
C ASN A 11 -5.76 -0.86 7.66
N CYS A 12 -5.59 -0.61 6.36
CA CYS A 12 -6.22 0.47 5.64
C CYS A 12 -5.75 0.16 4.26
N VAL A 13 -5.75 1.17 3.36
CA VAL A 13 -5.06 1.14 2.11
C VAL A 13 -4.29 2.40 2.28
N TYR A 14 -3.12 2.57 1.60
CA TYR A 14 -2.48 3.86 1.49
C TYR A 14 -3.11 4.35 0.23
N HIS A 15 -3.24 5.67 0.01
CA HIS A 15 -3.94 6.15 -1.16
C HIS A 15 -2.89 6.55 -2.13
N CYS A 16 -3.31 7.17 -3.24
CA CYS A 16 -2.47 7.46 -4.34
C CYS A 16 -3.00 8.79 -4.67
N PHE A 17 -2.16 9.63 -5.30
CA PHE A 17 -2.55 10.85 -5.93
C PHE A 17 -2.19 10.45 -7.33
N PRO A 18 -3.07 10.44 -8.33
CA PRO A 18 -2.74 9.94 -9.65
C PRO A 18 -1.56 10.65 -10.27
N GLY A 19 -0.57 9.87 -10.75
CA GLY A 19 0.74 10.36 -11.07
C GLY A 19 1.62 9.36 -10.42
N SER A 20 1.30 9.03 -9.14
CA SER A 20 1.85 7.97 -8.33
C SER A 20 2.99 8.46 -7.50
N SER A 21 3.35 9.76 -7.52
CA SER A 21 4.51 10.29 -6.85
C SER A 21 4.37 10.23 -5.36
N GLY A 22 3.12 10.42 -4.88
CA GLY A 22 2.80 10.30 -3.47
C GLY A 22 2.93 8.88 -3.03
N CYS A 23 2.32 7.95 -3.81
CA CYS A 23 2.34 6.52 -3.57
C CYS A 23 3.77 6.04 -3.57
N ASP A 24 4.56 6.40 -4.60
CA ASP A 24 5.96 6.08 -4.74
C ASP A 24 6.75 6.50 -3.52
N THR A 25 6.55 7.73 -3.02
CA THR A 25 7.26 8.22 -1.86
C THR A 25 6.94 7.39 -0.63
N LEU A 26 5.64 7.07 -0.43
CA LEU A 26 5.17 6.35 0.73
C LEU A 26 5.58 4.91 0.66
N CYS A 27 5.57 4.35 -0.57
CA CYS A 27 6.06 3.04 -0.88
C CYS A 27 7.54 2.94 -0.60
N LYS A 28 8.31 3.95 -1.05
CA LYS A 28 9.76 3.95 -1.00
C LYS A 28 10.22 3.94 0.44
N GLU A 29 9.62 4.80 1.29
CA GLU A 29 10.00 4.91 2.68
C GLU A 29 9.64 3.69 3.49
N LYS A 30 8.73 2.84 2.96
CA LYS A 30 8.30 1.60 3.60
C LYS A 30 9.11 0.44 3.10
N GLY A 31 9.99 0.69 2.11
CA GLY A 31 11.00 -0.24 1.69
C GLY A 31 10.61 -0.92 0.42
N GLY A 32 9.58 -0.41 -0.29
CA GLY A 32 9.19 -0.97 -1.56
C GLY A 32 10.02 -0.31 -2.62
N THR A 33 10.69 -1.12 -3.47
CA THR A 33 11.68 -0.63 -4.39
C THR A 33 11.06 -0.41 -5.75
N SER A 34 9.74 -0.60 -5.88
CA SER A 34 9.01 -0.17 -7.03
C SER A 34 7.65 -0.16 -6.46
N GLY A 35 6.73 0.62 -7.07
CA GLY A 35 5.41 0.72 -6.59
C GLY A 35 4.81 1.44 -7.73
N HIS A 36 3.48 1.53 -7.75
CA HIS A 36 2.73 2.19 -8.78
C HIS A 36 1.42 2.22 -8.06
N CYS A 37 0.40 2.88 -8.61
CA CYS A 37 -0.90 2.90 -7.98
C CYS A 37 -1.71 1.81 -8.57
N GLY A 38 -2.80 1.41 -7.89
CA GLY A 38 -3.68 0.40 -8.37
C GLY A 38 -4.84 0.63 -7.46
N PHE A 39 -5.95 -0.09 -7.71
CA PHE A 39 -7.18 0.03 -6.99
C PHE A 39 -7.31 -1.34 -6.40
N LYS A 40 -7.73 -1.43 -5.11
CA LYS A 40 -7.81 -2.69 -4.38
C LYS A 40 -9.22 -3.19 -4.40
N VAL A 41 -10.14 -2.22 -4.48
CA VAL A 41 -11.56 -2.30 -4.24
C VAL A 41 -11.71 -2.51 -2.73
N GLY A 42 -12.96 -2.54 -2.20
CA GLY A 42 -13.22 -2.87 -0.82
C GLY A 42 -12.98 -1.68 0.05
N HIS A 43 -11.71 -1.26 0.11
CA HIS A 43 -11.30 -0.04 0.75
C HIS A 43 -11.33 1.00 -0.33
N GLY A 44 -10.65 0.75 -1.48
CA GLY A 44 -10.78 1.62 -2.62
C GLY A 44 -9.45 1.72 -3.27
N LEU A 45 -9.02 2.98 -3.50
CA LEU A 45 -7.80 3.41 -4.14
C LEU A 45 -6.67 3.07 -3.22
N ALA A 46 -5.64 2.35 -3.71
CA ALA A 46 -4.66 1.75 -2.86
C ALA A 46 -3.33 2.16 -3.38
N CYS A 47 -2.20 1.79 -2.71
CA CYS A 47 -0.91 2.08 -3.29
C CYS A 47 -0.38 0.68 -3.47
N TRP A 48 0.61 0.44 -4.35
CA TRP A 48 1.15 -0.89 -4.56
C TRP A 48 2.62 -0.74 -4.31
N CYS A 49 3.27 -1.83 -3.82
CA CYS A 49 4.70 -1.88 -3.65
C CYS A 49 5.11 -3.25 -4.07
N ASN A 50 6.37 -3.36 -4.54
CA ASN A 50 7.03 -4.61 -4.78
C ASN A 50 8.17 -4.60 -3.81
N ALA A 51 8.42 -5.76 -3.17
CA ALA A 51 9.59 -6.10 -2.40
C ALA A 51 9.52 -5.48 -1.03
N LEU A 52 8.38 -5.68 -0.34
CA LEU A 52 8.24 -5.18 1.00
C LEU A 52 8.71 -6.29 1.89
N PRO A 53 9.54 -6.09 2.90
CA PRO A 53 9.93 -7.15 3.80
C PRO A 53 8.82 -7.49 4.77
N ASP A 54 9.04 -8.52 5.59
CA ASP A 54 8.03 -9.10 6.44
C ASP A 54 7.79 -8.30 7.70
N ASN A 55 8.47 -7.16 7.88
CA ASN A 55 8.25 -6.28 9.01
C ASN A 55 7.30 -5.19 8.59
N VAL A 56 6.75 -5.29 7.36
CA VAL A 56 5.77 -4.39 6.85
C VAL A 56 4.54 -5.27 6.84
N GLY A 57 3.34 -4.69 6.65
CA GLY A 57 2.10 -5.42 6.67
C GLY A 57 1.33 -4.56 5.73
N ILE A 58 0.20 -5.07 5.20
CA ILE A 58 -0.43 -4.52 4.02
C ILE A 58 -1.87 -4.92 4.18
N ILE A 59 -2.68 -4.84 3.09
CA ILE A 59 -4.13 -4.86 3.14
C ILE A 59 -4.63 -6.18 3.65
N VAL A 60 -5.39 -6.11 4.76
CA VAL A 60 -6.17 -7.17 5.30
C VAL A 60 -7.57 -6.73 4.93
N GLU A 61 -8.54 -7.67 4.83
CA GLU A 61 -9.89 -7.33 4.53
C GLU A 61 -10.50 -8.58 5.10
N GLY A 62 -11.83 -8.60 5.27
CA GLY A 62 -12.47 -9.39 6.30
C GLY A 62 -12.39 -8.55 7.55
N GLU A 63 -12.29 -7.23 7.32
CA GLU A 63 -11.96 -6.18 8.23
C GLU A 63 -11.99 -5.11 7.17
N LYS A 64 -11.45 -3.90 7.44
CA LYS A 64 -11.41 -2.86 6.45
C LYS A 64 -10.42 -1.96 7.12
N CYS A 65 -10.49 -0.64 6.84
CA CYS A 65 -9.58 0.37 7.33
C CYS A 65 -10.03 0.75 8.71
N HIS A 66 -9.08 1.01 9.62
CA HIS A 66 -9.35 1.53 10.92
C HIS A 66 -8.03 2.15 11.25
N SER A 67 -8.05 3.19 12.12
CA SER A 67 -7.01 4.13 12.50
C SER A 67 -5.64 3.97 11.80
N VAL A 1 10.30 -10.89 1.46
CA VAL A 1 9.29 -9.82 1.22
C VAL A 1 7.92 -10.41 1.00
N ARG A 2 6.89 -9.53 0.94
CA ARG A 2 5.64 -9.85 0.32
C ARG A 2 5.56 -8.83 -0.77
N ASP A 3 4.52 -8.87 -1.62
CA ASP A 3 4.27 -7.82 -2.59
C ASP A 3 2.85 -7.65 -2.23
N GLY A 4 2.30 -6.43 -2.25
CA GLY A 4 0.90 -6.31 -1.98
C GLY A 4 0.54 -4.99 -2.54
N TYR A 5 -0.74 -4.61 -2.38
CA TYR A 5 -1.11 -3.22 -2.40
C TYR A 5 -0.68 -2.72 -1.04
N ILE A 6 -0.08 -1.53 -0.94
CA ILE A 6 0.33 -0.97 0.33
C ILE A 6 -0.81 -0.15 0.87
N ALA A 7 -1.03 -0.31 2.20
CA ALA A 7 -2.00 0.38 3.01
C ALA A 7 -1.27 1.33 3.89
N GLN A 8 -1.90 1.65 5.04
CA GLN A 8 -1.32 2.38 6.11
C GLN A 8 -1.56 1.33 7.15
N PRO A 9 -0.74 1.14 8.19
CA PRO A 9 -0.96 0.07 9.15
C PRO A 9 -2.21 0.37 9.95
N GLU A 10 -3.01 -0.64 10.36
CA GLU A 10 -2.74 -2.06 10.38
C GLU A 10 -3.15 -2.67 9.08
N ASN A 11 -4.33 -2.26 8.59
CA ASN A 11 -4.93 -2.65 7.37
C ASN A 11 -5.69 -1.38 7.26
N CYS A 12 -5.80 -0.83 6.05
CA CYS A 12 -6.49 0.36 5.65
C CYS A 12 -6.17 0.25 4.21
N VAL A 13 -6.08 1.37 3.49
CA VAL A 13 -5.46 1.46 2.21
C VAL A 13 -4.73 2.74 2.43
N TYR A 14 -4.02 3.21 1.40
CA TYR A 14 -3.48 4.55 1.32
C TYR A 14 -4.55 5.33 0.59
N HIS A 15 -4.19 6.39 -0.11
CA HIS A 15 -4.92 6.87 -1.24
C HIS A 15 -3.70 7.27 -2.01
N CYS A 16 -3.83 7.44 -3.32
CA CYS A 16 -2.73 7.75 -4.17
C CYS A 16 -3.55 8.28 -5.30
N PHE A 17 -3.03 8.30 -6.52
CA PHE A 17 -3.50 9.08 -7.60
C PHE A 17 -3.19 8.17 -8.75
N PRO A 18 -3.57 8.38 -10.00
CA PRO A 18 -3.08 7.58 -11.12
C PRO A 18 -1.63 7.91 -11.45
N GLY A 19 -0.70 7.65 -10.51
CA GLY A 19 0.70 7.79 -10.72
C GLY A 19 1.22 7.71 -9.33
N SER A 20 2.44 7.18 -9.13
CA SER A 20 3.06 7.09 -7.84
C SER A 20 3.73 8.39 -7.53
N SER A 21 2.98 9.51 -7.47
CA SER A 21 3.53 10.83 -7.30
C SER A 21 4.09 10.95 -5.90
N GLY A 22 3.21 10.88 -4.90
CA GLY A 22 3.63 10.91 -3.52
C GLY A 22 4.04 9.54 -3.10
N CYS A 23 3.56 8.50 -3.81
CA CYS A 23 3.84 7.16 -3.36
C CYS A 23 5.22 6.74 -3.76
N ASP A 24 5.95 7.48 -4.63
CA ASP A 24 7.34 7.18 -4.95
C ASP A 24 8.15 7.22 -3.68
N THR A 25 8.03 8.32 -2.92
CA THR A 25 8.81 8.50 -1.72
C THR A 25 8.28 7.58 -0.63
N LEU A 26 6.93 7.44 -0.50
CA LEU A 26 6.32 6.57 0.50
C LEU A 26 6.71 5.14 0.33
N CYS A 27 6.73 4.66 -0.92
CA CYS A 27 7.07 3.30 -1.21
C CYS A 27 8.50 3.06 -0.82
N LYS A 28 9.43 3.99 -1.15
CA LYS A 28 10.82 3.77 -0.81
C LYS A 28 11.05 3.85 0.67
N GLU A 29 10.46 4.84 1.39
CA GLU A 29 10.69 4.98 2.82
C GLU A 29 10.09 3.86 3.63
N LYS A 30 8.98 3.24 3.15
CA LYS A 30 8.39 2.10 3.82
C LYS A 30 9.03 0.82 3.34
N GLY A 31 9.95 0.88 2.36
CA GLY A 31 10.87 -0.19 2.10
C GLY A 31 10.37 -1.06 1.00
N GLY A 32 9.59 -0.47 0.07
CA GLY A 32 9.19 -1.13 -1.13
C GLY A 32 10.08 -0.57 -2.19
N THR A 33 10.36 -1.38 -3.21
CA THR A 33 11.40 -1.12 -4.16
C THR A 33 10.90 -0.12 -5.17
N SER A 34 9.72 -0.39 -5.75
CA SER A 34 9.13 0.46 -6.73
C SER A 34 7.73 -0.02 -6.63
N GLY A 35 6.81 0.61 -7.38
CA GLY A 35 5.44 0.34 -7.14
C GLY A 35 4.74 1.20 -8.12
N HIS A 36 3.40 1.21 -8.01
CA HIS A 36 2.48 1.76 -8.94
C HIS A 36 1.44 2.19 -7.96
N CYS A 37 0.32 2.76 -8.44
CA CYS A 37 -0.80 3.04 -7.61
C CYS A 37 -1.88 2.59 -8.50
N GLY A 38 -3.08 2.32 -7.94
CA GLY A 38 -4.16 1.77 -8.69
C GLY A 38 -5.16 1.62 -7.62
N PHE A 39 -6.36 1.11 -7.96
CA PHE A 39 -7.49 1.07 -7.06
C PHE A 39 -7.46 -0.29 -6.40
N LYS A 40 -7.96 -0.38 -5.14
CA LYS A 40 -8.17 -1.64 -4.48
C LYS A 40 -9.65 -1.68 -4.25
N VAL A 41 -10.34 -2.66 -4.88
CA VAL A 41 -11.77 -2.74 -4.84
C VAL A 41 -12.13 -3.33 -3.51
N GLY A 42 -13.05 -2.68 -2.77
CA GLY A 42 -13.41 -3.10 -1.44
C GLY A 42 -12.92 -2.06 -0.48
N HIS A 43 -11.99 -1.20 -0.95
CA HIS A 43 -11.44 -0.16 -0.15
C HIS A 43 -11.60 1.13 -0.89
N GLY A 44 -10.65 1.47 -1.79
CA GLY A 44 -10.62 2.76 -2.39
C GLY A 44 -9.33 2.75 -3.12
N LEU A 45 -8.82 3.95 -3.51
CA LEU A 45 -7.53 4.13 -4.15
C LEU A 45 -6.48 3.75 -3.13
N ALA A 46 -5.33 3.20 -3.56
CA ALA A 46 -4.43 2.52 -2.68
C ALA A 46 -3.12 2.69 -3.39
N CYS A 47 -1.99 2.10 -2.89
CA CYS A 47 -0.75 2.20 -3.62
C CYS A 47 -0.32 0.77 -3.69
N TRP A 48 0.66 0.41 -4.55
CA TRP A 48 1.19 -0.93 -4.68
C TRP A 48 2.65 -0.72 -4.49
N CYS A 49 3.32 -1.67 -3.82
CA CYS A 49 4.75 -1.64 -3.66
C CYS A 49 5.06 -3.06 -3.95
N ASN A 50 6.17 -3.31 -4.68
CA ASN A 50 6.45 -4.61 -5.24
C ASN A 50 7.52 -5.27 -4.43
N ALA A 51 7.54 -4.94 -3.13
CA ALA A 51 8.24 -5.61 -2.11
C ALA A 51 7.62 -4.81 -1.02
N LEU A 52 7.41 -5.39 0.15
CA LEU A 52 7.60 -4.71 1.38
C LEU A 52 8.21 -5.85 2.13
N PRO A 53 9.06 -5.65 3.11
CA PRO A 53 9.41 -6.69 4.04
C PRO A 53 8.27 -6.93 5.02
N ASP A 54 8.42 -7.96 5.85
CA ASP A 54 7.43 -8.49 6.76
C ASP A 54 7.00 -7.55 7.87
N ASN A 55 7.73 -6.43 8.07
CA ASN A 55 7.46 -5.51 9.15
C ASN A 55 6.48 -4.45 8.74
N VAL A 56 6.01 -4.47 7.47
CA VAL A 56 5.13 -3.46 6.94
C VAL A 56 3.83 -4.19 6.80
N GLY A 57 2.69 -3.53 7.07
CA GLY A 57 1.41 -4.17 7.02
C GLY A 57 0.69 -3.51 5.90
N ILE A 58 -0.28 -4.22 5.31
CA ILE A 58 -0.80 -3.92 4.01
C ILE A 58 -2.28 -4.23 4.07
N ILE A 59 -2.92 -4.52 2.90
CA ILE A 59 -4.35 -4.67 2.80
C ILE A 59 -4.67 -6.09 3.20
N VAL A 60 -5.91 -6.29 3.70
CA VAL A 60 -6.54 -7.53 3.98
C VAL A 60 -7.96 -7.02 3.97
N GLU A 61 -8.99 -7.87 4.07
CA GLU A 61 -10.34 -7.41 4.30
C GLU A 61 -10.89 -8.67 4.88
N GLY A 62 -12.00 -8.56 5.65
CA GLY A 62 -12.48 -9.56 6.56
C GLY A 62 -12.34 -8.87 7.88
N GLU A 63 -11.19 -8.16 8.00
CA GLU A 63 -10.97 -7.06 8.90
C GLU A 63 -11.36 -5.85 8.07
N LYS A 64 -10.81 -4.65 8.32
CA LYS A 64 -11.20 -3.45 7.65
C LYS A 64 -10.10 -2.55 8.12
N CYS A 65 -10.24 -1.23 7.90
CA CYS A 65 -9.26 -0.21 8.21
C CYS A 65 -9.21 -0.06 9.70
N HIS A 66 -8.01 -0.20 10.30
CA HIS A 66 -7.87 -0.07 11.72
C HIS A 66 -6.45 0.32 11.93
N SER A 67 -6.19 1.15 12.96
CA SER A 67 -4.90 1.70 13.27
C SER A 67 -5.23 2.06 14.72
N VAL A 1 10.40 -11.23 0.71
CA VAL A 1 9.59 -9.99 0.56
C VAL A 1 8.19 -10.34 0.12
N ARG A 2 7.28 -9.34 0.13
CA ARG A 2 5.93 -9.47 -0.35
C ARG A 2 5.77 -8.46 -1.43
N ASP A 3 4.64 -8.53 -2.19
CA ASP A 3 4.24 -7.50 -3.12
C ASP A 3 2.81 -7.46 -2.71
N GLY A 4 2.20 -6.27 -2.58
CA GLY A 4 0.78 -6.24 -2.34
C GLY A 4 0.36 -4.86 -2.67
N TYR A 5 -0.87 -4.52 -2.27
CA TYR A 5 -1.32 -3.15 -2.19
C TYR A 5 -0.79 -2.70 -0.86
N ILE A 6 -0.24 -1.48 -0.74
CA ILE A 6 0.19 -0.95 0.52
C ILE A 6 -0.96 -0.16 1.11
N ALA A 7 -1.06 -0.35 2.45
CA ALA A 7 -2.01 0.16 3.39
C ALA A 7 -1.48 1.41 4.04
N GLN A 8 -2.00 1.68 5.26
CA GLN A 8 -1.54 2.58 6.27
C GLN A 8 -1.66 1.63 7.41
N PRO A 9 -0.92 1.72 8.52
CA PRO A 9 -1.19 0.97 9.72
C PRO A 9 -2.51 1.46 10.29
N GLU A 10 -3.46 0.61 10.73
CA GLU A 10 -3.25 -0.77 11.11
C GLU A 10 -3.45 -1.68 9.94
N ASN A 11 -4.61 -1.59 9.28
CA ASN A 11 -4.94 -2.35 8.12
C ASN A 11 -5.80 -1.28 7.58
N CYS A 12 -5.66 -0.93 6.30
CA CYS A 12 -6.35 0.15 5.67
C CYS A 12 -5.89 0.03 4.27
N VAL A 13 -6.17 1.04 3.44
CA VAL A 13 -5.60 1.23 2.14
C VAL A 13 -4.78 2.45 2.37
N TYR A 14 -3.79 2.72 1.50
CA TYR A 14 -3.18 4.04 1.42
C TYR A 14 -4.13 4.89 0.60
N HIS A 15 -3.67 6.03 0.05
CA HIS A 15 -4.40 6.70 -0.98
C HIS A 15 -3.21 7.13 -1.76
N CYS A 16 -3.40 7.44 -3.06
CA CYS A 16 -2.34 7.61 -3.99
C CYS A 16 -2.72 8.89 -4.64
N PHE A 17 -1.78 9.46 -5.41
CA PHE A 17 -1.98 10.63 -6.19
C PHE A 17 -1.81 10.02 -7.56
N PRO A 18 -2.81 9.96 -8.44
CA PRO A 18 -2.69 9.31 -9.73
C PRO A 18 -1.58 9.90 -10.57
N GLY A 19 -0.65 9.05 -11.03
CA GLY A 19 0.63 9.47 -11.51
C GLY A 19 1.50 8.42 -10.88
N SER A 20 1.41 8.33 -9.54
CA SER A 20 2.01 7.36 -8.64
C SER A 20 2.93 8.10 -7.73
N SER A 21 3.60 9.14 -8.26
CA SER A 21 4.81 9.77 -7.79
C SER A 21 4.95 9.95 -6.31
N GLY A 22 3.92 10.53 -5.67
CA GLY A 22 3.95 10.80 -4.25
C GLY A 22 3.90 9.53 -3.47
N CYS A 23 3.04 8.57 -3.86
CA CYS A 23 2.81 7.40 -3.03
C CYS A 23 3.82 6.34 -3.35
N ASP A 24 4.41 6.40 -4.56
CA ASP A 24 5.55 5.61 -4.94
C ASP A 24 6.71 5.98 -4.05
N THR A 25 6.83 7.27 -3.70
CA THR A 25 7.83 7.75 -2.76
C THR A 25 7.49 7.25 -1.36
N LEU A 26 6.19 7.25 -0.96
CA LEU A 26 5.76 6.79 0.35
C LEU A 26 6.01 5.32 0.54
N CYS A 27 5.81 4.55 -0.55
CA CYS A 27 6.19 3.16 -0.66
C CYS A 27 7.66 2.98 -0.32
N LYS A 28 8.55 3.81 -0.90
CA LYS A 28 9.98 3.66 -0.73
C LYS A 28 10.42 3.89 0.69
N GLU A 29 9.86 4.92 1.37
CA GLU A 29 10.26 5.25 2.72
C GLU A 29 9.71 4.27 3.72
N LYS A 30 8.79 3.38 3.30
CA LYS A 30 8.26 2.31 4.13
C LYS A 30 8.91 1.02 3.73
N GLY A 31 9.91 1.07 2.83
CA GLY A 31 10.78 -0.04 2.57
C GLY A 31 10.29 -0.86 1.43
N GLY A 32 9.42 -0.31 0.55
CA GLY A 32 9.07 -0.96 -0.69
C GLY A 32 10.12 -0.59 -1.67
N THR A 33 10.45 -1.48 -2.63
CA THR A 33 11.63 -1.26 -3.44
C THR A 33 11.22 -0.44 -4.63
N SER A 34 9.98 -0.61 -5.12
CA SER A 34 9.40 0.24 -6.12
C SER A 34 7.97 -0.09 -5.90
N GLY A 35 7.02 0.47 -6.66
CA GLY A 35 5.65 0.26 -6.33
C GLY A 35 4.96 0.91 -7.44
N HIS A 36 3.63 1.06 -7.30
CA HIS A 36 2.76 1.48 -8.35
C HIS A 36 1.61 1.94 -7.53
N CYS A 37 0.41 2.04 -8.11
CA CYS A 37 -0.76 2.37 -7.37
C CYS A 37 -1.76 1.66 -8.20
N GLY A 38 -3.00 1.58 -7.71
CA GLY A 38 -4.03 0.83 -8.32
C GLY A 38 -5.13 1.16 -7.38
N PHE A 39 -6.26 0.46 -7.51
CA PHE A 39 -7.44 0.68 -6.70
C PHE A 39 -7.65 -0.70 -6.15
N LYS A 40 -8.22 -0.82 -4.93
CA LYS A 40 -8.59 -2.07 -4.36
C LYS A 40 -10.06 -1.91 -4.07
N VAL A 41 -10.92 -2.44 -4.97
CA VAL A 41 -12.34 -2.30 -4.84
C VAL A 41 -12.74 -3.22 -3.72
N GLY A 42 -13.39 -2.67 -2.69
CA GLY A 42 -13.55 -3.36 -1.44
C GLY A 42 -13.24 -2.34 -0.41
N HIS A 43 -12.20 -1.50 -0.64
CA HIS A 43 -11.85 -0.45 0.27
C HIS A 43 -11.86 0.83 -0.48
N GLY A 44 -10.99 0.99 -1.50
CA GLY A 44 -10.88 2.28 -2.13
C GLY A 44 -9.59 2.29 -2.87
N LEU A 45 -9.10 3.52 -3.14
CA LEU A 45 -7.85 3.85 -3.78
C LEU A 45 -6.78 3.45 -2.81
N ALA A 46 -5.60 2.99 -3.27
CA ALA A 46 -4.63 2.42 -2.39
C ALA A 46 -3.37 2.68 -3.13
N CYS A 47 -2.21 2.21 -2.60
CA CYS A 47 -1.02 2.29 -3.41
C CYS A 47 -0.59 0.88 -3.46
N TRP A 48 0.44 0.56 -4.26
CA TRP A 48 0.87 -0.78 -4.46
C TRP A 48 2.35 -0.70 -4.26
N CYS A 49 2.96 -1.79 -3.74
CA CYS A 49 4.40 -1.82 -3.54
C CYS A 49 4.84 -3.14 -4.06
N ASN A 50 6.09 -3.16 -4.58
CA ASN A 50 6.77 -4.36 -4.96
C ASN A 50 7.95 -4.41 -4.03
N ALA A 51 8.18 -5.61 -3.46
CA ALA A 51 9.29 -5.97 -2.62
C ALA A 51 9.32 -5.14 -1.38
N LEU A 52 8.35 -5.43 -0.47
CA LEU A 52 8.26 -4.92 0.89
C LEU A 52 8.73 -6.07 1.73
N PRO A 53 9.58 -5.93 2.74
CA PRO A 53 9.97 -7.03 3.58
C PRO A 53 8.86 -7.45 4.52
N ASP A 54 9.12 -8.52 5.29
CA ASP A 54 8.18 -9.07 6.24
C ASP A 54 8.11 -8.27 7.52
N ASN A 55 8.73 -7.07 7.57
CA ASN A 55 8.64 -6.21 8.73
C ASN A 55 7.56 -5.21 8.50
N VAL A 56 6.90 -5.26 7.32
CA VAL A 56 5.86 -4.34 6.95
C VAL A 56 4.63 -5.20 6.99
N GLY A 57 3.42 -4.61 6.88
CA GLY A 57 2.19 -5.33 6.84
C GLY A 57 1.45 -4.42 5.93
N ILE A 58 0.34 -4.91 5.34
CA ILE A 58 -0.26 -4.35 4.17
C ILE A 58 -1.65 -4.91 4.30
N ILE A 59 -2.46 -4.74 3.23
CA ILE A 59 -3.88 -4.87 3.22
C ILE A 59 -4.32 -6.30 3.26
N VAL A 60 -5.00 -6.66 4.36
CA VAL A 60 -5.85 -7.81 4.49
C VAL A 60 -7.23 -7.23 4.30
N GLU A 61 -8.26 -8.06 4.02
CA GLU A 61 -9.60 -7.55 3.99
C GLU A 61 -10.29 -8.73 4.56
N GLY A 62 -11.50 -8.53 5.10
CA GLY A 62 -12.15 -9.44 5.99
C GLY A 62 -12.35 -8.68 7.26
N GLU A 63 -11.42 -7.71 7.53
CA GLU A 63 -11.46 -6.85 8.68
C GLU A 63 -12.08 -5.54 8.22
N LYS A 64 -11.30 -4.46 8.08
CA LYS A 64 -11.84 -3.15 7.83
C LYS A 64 -10.62 -2.36 7.47
N CYS A 65 -10.75 -1.03 7.51
CA CYS A 65 -9.74 -0.06 7.24
C CYS A 65 -9.80 0.71 8.52
N HIS A 66 -8.68 0.77 9.26
CA HIS A 66 -8.61 1.46 10.51
C HIS A 66 -7.19 1.95 10.55
N SER A 67 -6.98 3.27 10.34
CA SER A 67 -5.67 3.85 10.40
C SER A 67 -5.40 4.11 11.89
N VAL A 1 10.30 -11.03 1.18
CA VAL A 1 9.43 -9.83 1.06
C VAL A 1 8.02 -10.25 0.74
N ARG A 2 7.09 -9.27 0.80
CA ARG A 2 5.72 -9.43 0.40
C ARG A 2 5.53 -8.50 -0.76
N ASP A 3 4.42 -8.67 -1.51
CA ASP A 3 4.02 -7.78 -2.55
C ASP A 3 2.57 -7.74 -2.22
N GLY A 4 1.93 -6.56 -2.15
CA GLY A 4 0.51 -6.52 -1.94
C GLY A 4 0.16 -5.15 -2.35
N TYR A 5 -1.08 -4.73 -2.05
CA TYR A 5 -1.42 -3.33 -1.99
C TYR A 5 -0.91 -2.89 -0.64
N ILE A 6 -0.36 -1.67 -0.55
CA ILE A 6 0.09 -1.07 0.69
C ILE A 6 -1.07 -0.28 1.25
N ALA A 7 -1.07 -0.18 2.59
CA ALA A 7 -1.97 0.49 3.47
C ALA A 7 -1.07 0.60 4.64
N GLN A 8 -1.56 1.27 5.71
CA GLN A 8 -0.91 1.33 7.00
C GLN A 8 -1.35 0.07 7.73
N PRO A 9 -0.62 -0.35 8.76
CA PRO A 9 -1.02 -1.43 9.65
C PRO A 9 -2.32 -1.06 10.37
N GLU A 10 -3.47 -1.70 10.09
CA GLU A 10 -3.72 -2.79 9.19
C GLU A 10 -4.90 -2.36 8.41
N ASN A 11 -4.84 -2.47 7.05
CA ASN A 11 -5.99 -2.27 6.17
C ASN A 11 -6.43 -0.83 6.17
N CYS A 12 -5.56 0.07 6.66
CA CYS A 12 -5.85 1.48 6.72
C CYS A 12 -5.22 2.03 5.49
N VAL A 13 -6.00 2.05 4.39
CA VAL A 13 -5.50 2.15 3.05
C VAL A 13 -4.69 3.38 2.77
N TYR A 14 -3.87 3.28 1.71
CA TYR A 14 -3.07 4.36 1.22
C TYR A 14 -3.91 4.96 0.12
N HIS A 15 -3.31 5.81 -0.71
CA HIS A 15 -3.95 6.31 -1.88
C HIS A 15 -2.72 6.49 -2.68
N CYS A 16 -2.85 6.93 -3.93
CA CYS A 16 -1.79 7.07 -4.85
C CYS A 16 -2.46 8.06 -5.71
N PHE A 17 -1.69 8.84 -6.47
CA PHE A 17 -2.20 9.90 -7.27
C PHE A 17 -1.79 9.43 -8.64
N PRO A 18 -2.67 9.22 -9.62
CA PRO A 18 -2.29 8.66 -10.91
C PRO A 18 -1.19 9.43 -11.59
N GLY A 19 -0.14 8.72 -12.03
CA GLY A 19 1.14 9.31 -12.32
C GLY A 19 2.06 8.49 -11.47
N SER A 20 1.66 8.34 -10.18
CA SER A 20 2.25 7.50 -9.16
C SER A 20 3.19 8.26 -8.29
N SER A 21 3.58 9.49 -8.72
CA SER A 21 4.65 10.29 -8.21
C SER A 21 4.77 10.38 -6.70
N GLY A 22 3.64 10.65 -6.01
CA GLY A 22 3.65 10.85 -4.58
C GLY A 22 3.81 9.56 -3.84
N CYS A 23 3.17 8.48 -4.35
CA CYS A 23 3.18 7.20 -3.67
C CYS A 23 4.51 6.55 -3.93
N ASP A 24 5.20 6.93 -5.04
CA ASP A 24 6.54 6.49 -5.33
C ASP A 24 7.46 6.86 -4.19
N THR A 25 7.39 8.12 -3.70
CA THR A 25 8.10 8.53 -2.51
C THR A 25 7.66 7.76 -1.28
N LEU A 26 6.33 7.62 -1.04
CA LEU A 26 5.81 6.99 0.16
C LEU A 26 6.21 5.53 0.24
N CYS A 27 6.12 4.83 -0.91
CA CYS A 27 6.48 3.45 -1.04
C CYS A 27 7.93 3.26 -0.69
N LYS A 28 8.82 4.15 -1.16
CA LYS A 28 10.23 4.04 -0.89
C LYS A 28 10.53 4.19 0.58
N GLU A 29 9.88 5.15 1.27
CA GLU A 29 10.19 5.40 2.67
C GLU A 29 9.56 4.36 3.57
N LYS A 30 8.51 3.65 3.09
CA LYS A 30 7.92 2.53 3.81
C LYS A 30 8.69 1.26 3.52
N GLY A 31 9.55 1.28 2.49
CA GLY A 31 10.55 0.26 2.26
C GLY A 31 10.15 -0.65 1.15
N GLY A 32 9.35 -0.17 0.18
CA GLY A 32 8.99 -0.92 -1.00
C GLY A 32 9.77 -0.31 -2.11
N THR A 33 10.40 -1.15 -2.96
CA THR A 33 11.38 -0.69 -3.90
C THR A 33 10.78 -0.65 -5.28
N SER A 34 9.45 -0.75 -5.38
CA SER A 34 8.72 -0.34 -6.53
C SER A 34 7.37 -0.20 -5.92
N GLY A 35 6.49 0.61 -6.52
CA GLY A 35 5.19 0.83 -6.01
C GLY A 35 4.65 1.65 -7.10
N HIS A 36 3.33 1.79 -7.20
CA HIS A 36 2.72 2.48 -8.31
C HIS A 36 1.29 2.48 -7.90
N CYS A 37 0.42 3.15 -8.68
CA CYS A 37 -1.00 3.13 -8.40
C CYS A 37 -1.57 1.92 -9.08
N GLY A 38 -2.74 1.47 -8.64
CA GLY A 38 -3.47 0.38 -9.20
C GLY A 38 -4.70 0.55 -8.37
N PHE A 39 -5.79 -0.19 -8.67
CA PHE A 39 -6.97 -0.17 -7.87
C PHE A 39 -7.48 -1.53 -8.23
N LYS A 40 -8.17 -2.17 -7.27
CA LYS A 40 -9.03 -3.31 -7.43
C LYS A 40 -9.50 -3.50 -6.02
N VAL A 41 -9.92 -2.38 -5.38
CA VAL A 41 -10.09 -2.32 -3.94
C VAL A 41 -11.54 -2.00 -3.72
N GLY A 42 -11.91 -1.71 -2.46
CA GLY A 42 -13.23 -1.36 -2.05
C GLY A 42 -12.99 -0.47 -0.89
N HIS A 43 -12.36 0.68 -1.18
CA HIS A 43 -11.97 1.67 -0.22
C HIS A 43 -11.83 2.80 -1.19
N GLY A 44 -11.19 3.92 -0.79
CA GLY A 44 -11.05 5.08 -1.66
C GLY A 44 -10.11 4.78 -2.77
N LEU A 45 -8.93 4.22 -2.43
CA LEU A 45 -7.97 3.72 -3.35
C LEU A 45 -7.08 3.05 -2.34
N ALA A 46 -5.92 2.50 -2.76
CA ALA A 46 -4.95 1.87 -1.92
C ALA A 46 -3.83 1.92 -2.90
N CYS A 47 -2.55 1.65 -2.53
CA CYS A 47 -1.48 1.89 -3.49
C CYS A 47 -0.78 0.58 -3.58
N TRP A 48 -0.03 0.28 -4.67
CA TRP A 48 0.68 -0.98 -4.76
C TRP A 48 2.06 -0.69 -4.24
N CYS A 49 2.73 -1.70 -3.62
CA CYS A 49 4.13 -1.61 -3.33
C CYS A 49 4.59 -2.99 -3.61
N ASN A 50 5.85 -3.14 -4.06
CA ASN A 50 6.41 -4.40 -4.43
C ASN A 50 7.64 -4.45 -3.60
N ALA A 51 7.93 -5.63 -3.02
CA ALA A 51 9.13 -5.93 -2.27
C ALA A 51 9.17 -5.14 -1.00
N LEU A 52 8.11 -5.28 -0.18
CA LEU A 52 8.05 -4.68 1.13
C LEU A 52 8.58 -5.76 2.04
N PRO A 53 9.45 -5.49 3.00
CA PRO A 53 9.92 -6.49 3.93
C PRO A 53 8.83 -6.83 4.89
N ASP A 54 8.96 -7.92 5.65
CA ASP A 54 7.87 -8.40 6.47
C ASP A 54 7.90 -7.73 7.82
N ASN A 55 8.17 -6.41 7.85
CA ASN A 55 8.01 -5.59 9.02
C ASN A 55 6.96 -4.57 8.71
N VAL A 56 6.41 -4.61 7.48
CA VAL A 56 5.42 -3.69 7.03
C VAL A 56 4.17 -4.49 7.12
N GLY A 57 3.02 -3.85 7.35
CA GLY A 57 1.75 -4.50 7.47
C GLY A 57 0.97 -3.62 6.58
N ILE A 58 -0.03 -4.20 5.89
CA ILE A 58 -0.59 -3.68 4.67
C ILE A 58 -2.05 -4.03 4.73
N ILE A 59 -2.63 -4.48 3.60
CA ILE A 59 -4.01 -4.90 3.52
C ILE A 59 -4.13 -6.24 4.22
N VAL A 60 -5.30 -6.44 4.85
CA VAL A 60 -5.86 -7.59 5.49
C VAL A 60 -7.27 -7.25 5.09
N GLU A 61 -8.26 -8.17 5.08
CA GLU A 61 -9.63 -7.75 4.91
C GLU A 61 -10.33 -8.97 5.36
N GLY A 62 -11.67 -8.93 5.37
CA GLY A 62 -12.50 -9.72 6.24
C GLY A 62 -12.65 -8.91 7.48
N GLU A 63 -12.48 -7.58 7.37
CA GLU A 63 -12.31 -6.66 8.46
C GLU A 63 -12.26 -5.41 7.65
N LYS A 64 -11.70 -4.32 8.22
CA LYS A 64 -11.64 -3.03 7.61
C LYS A 64 -10.44 -2.50 8.34
N CYS A 65 -10.18 -1.18 8.25
CA CYS A 65 -9.05 -0.48 8.85
C CYS A 65 -9.09 -0.66 10.33
N HIS A 66 -7.98 -1.12 10.93
CA HIS A 66 -7.90 -1.26 12.34
C HIS A 66 -6.45 -1.02 12.59
N SER A 67 -6.07 -0.65 13.82
CA SER A 67 -4.72 -0.43 14.17
C SER A 67 -4.95 -0.34 15.68
N VAL A 1 10.23 -11.28 1.63
CA VAL A 1 9.49 -10.11 1.10
C VAL A 1 8.17 -10.54 0.52
N ARG A 2 7.27 -9.57 0.25
CA ARG A 2 6.05 -9.82 -0.49
C ARG A 2 5.89 -8.67 -1.44
N ASP A 3 4.78 -8.64 -2.21
CA ASP A 3 4.42 -7.58 -3.10
C ASP A 3 3.00 -7.44 -2.70
N GLY A 4 2.44 -6.22 -2.67
CA GLY A 4 1.06 -6.09 -2.31
C GLY A 4 0.61 -4.76 -2.79
N TYR A 5 -0.70 -4.49 -2.59
CA TYR A 5 -1.21 -3.15 -2.51
C TYR A 5 -0.86 -2.75 -1.11
N ILE A 6 -0.18 -1.61 -0.91
CA ILE A 6 0.34 -1.24 0.38
C ILE A 6 -0.77 -0.48 1.04
N ALA A 7 -0.94 -0.87 2.34
CA ALA A 7 -1.87 -0.34 3.29
C ALA A 7 -1.19 0.70 4.12
N GLN A 8 -1.59 0.78 5.40
CA GLN A 8 -1.06 1.60 6.45
C GLN A 8 -1.40 0.66 7.57
N PRO A 9 -0.89 0.85 8.78
CA PRO A 9 -1.50 0.29 9.99
C PRO A 9 -2.85 0.94 10.17
N GLU A 10 -3.88 0.32 10.78
CA GLU A 10 -3.87 -0.94 11.48
C GLU A 10 -3.98 -2.05 10.48
N ASN A 11 -4.99 -1.94 9.61
CA ASN A 11 -5.10 -2.64 8.39
C ASN A 11 -5.77 -1.50 7.71
N CYS A 12 -5.54 -1.32 6.42
CA CYS A 12 -6.05 -0.16 5.76
C CYS A 12 -5.77 -0.34 4.31
N VAL A 13 -5.86 0.75 3.53
CA VAL A 13 -5.28 0.87 2.23
C VAL A 13 -4.51 2.11 2.49
N TYR A 14 -3.50 2.43 1.65
CA TYR A 14 -2.95 3.77 1.63
C TYR A 14 -3.91 4.59 0.81
N HIS A 15 -3.43 5.65 0.15
CA HIS A 15 -4.17 6.26 -0.90
C HIS A 15 -3.02 6.50 -1.80
N CYS A 16 -3.29 7.05 -2.99
CA CYS A 16 -2.31 7.23 -3.99
C CYS A 16 -2.73 8.59 -4.42
N PHE A 17 -1.82 9.26 -5.12
CA PHE A 17 -2.03 10.51 -5.77
C PHE A 17 -1.80 10.00 -7.15
N PRO A 18 -2.74 9.92 -8.09
CA PRO A 18 -2.50 9.28 -9.39
C PRO A 18 -1.57 10.05 -10.32
N GLY A 19 -0.39 10.49 -9.82
CA GLY A 19 0.68 11.01 -10.62
C GLY A 19 1.87 10.20 -10.23
N SER A 20 1.63 9.04 -9.58
CA SER A 20 2.57 8.01 -9.23
C SER A 20 3.45 8.41 -8.07
N SER A 21 4.09 9.60 -8.18
CA SER A 21 5.12 10.12 -7.31
C SER A 21 4.80 10.11 -5.84
N GLY A 22 3.56 10.46 -5.45
CA GLY A 22 3.23 10.55 -4.04
C GLY A 22 3.10 9.17 -3.42
N CYS A 23 2.65 8.18 -4.21
CA CYS A 23 2.51 6.80 -3.80
C CYS A 23 3.89 6.23 -3.77
N ASP A 24 4.67 6.45 -4.85
CA ASP A 24 6.04 5.99 -4.95
C ASP A 24 6.85 6.51 -3.79
N THR A 25 6.71 7.80 -3.41
CA THR A 25 7.40 8.35 -2.25
C THR A 25 7.10 7.58 -0.98
N LEU A 26 5.80 7.29 -0.70
CA LEU A 26 5.37 6.57 0.48
C LEU A 26 5.88 5.16 0.43
N CYS A 27 5.78 4.53 -0.76
CA CYS A 27 6.29 3.21 -1.01
C CYS A 27 7.76 3.13 -0.72
N LYS A 28 8.55 4.12 -1.19
CA LYS A 28 9.99 4.12 -1.05
C LYS A 28 10.37 4.26 0.40
N GLU A 29 9.71 5.17 1.15
CA GLU A 29 10.07 5.41 2.54
C GLU A 29 9.66 4.27 3.42
N LYS A 30 8.57 3.55 3.09
CA LYS A 30 8.14 2.38 3.83
C LYS A 30 9.00 1.20 3.47
N GLY A 31 9.45 1.12 2.20
CA GLY A 31 10.57 0.29 1.84
C GLY A 31 10.17 -0.72 0.82
N GLY A 32 9.37 -0.30 -0.19
CA GLY A 32 9.17 -1.06 -1.39
C GLY A 32 10.06 -0.44 -2.41
N THR A 33 10.71 -1.28 -3.25
CA THR A 33 11.78 -0.87 -4.12
C THR A 33 11.24 -0.58 -5.49
N SER A 34 9.94 -0.77 -5.70
CA SER A 34 9.27 -0.37 -6.88
C SER A 34 7.88 -0.37 -6.33
N GLY A 35 6.93 0.20 -7.07
CA GLY A 35 5.60 0.32 -6.60
C GLY A 35 4.90 0.60 -7.84
N HIS A 36 3.59 0.83 -7.73
CA HIS A 36 2.69 1.03 -8.82
C HIS A 36 1.64 1.73 -8.02
N CYS A 37 0.51 2.08 -8.61
CA CYS A 37 -0.55 2.80 -7.96
C CYS A 37 -1.65 2.04 -8.58
N GLY A 38 -2.80 1.89 -7.91
CA GLY A 38 -3.86 1.13 -8.47
C GLY A 38 -4.93 1.27 -7.45
N PHE A 39 -6.06 0.59 -7.68
CA PHE A 39 -7.22 0.62 -6.84
C PHE A 39 -7.28 -0.83 -6.43
N LYS A 40 -7.62 -1.13 -5.16
CA LYS A 40 -7.66 -2.51 -4.69
C LYS A 40 -9.04 -3.03 -4.83
N VAL A 41 -9.97 -2.08 -4.72
CA VAL A 41 -11.40 -2.20 -4.50
C VAL A 41 -11.50 -2.64 -3.05
N GLY A 42 -12.67 -3.11 -2.56
CA GLY A 42 -12.82 -3.61 -1.20
C GLY A 42 -12.87 -2.46 -0.23
N HIS A 43 -11.71 -1.80 -0.06
CA HIS A 43 -11.53 -0.64 0.76
C HIS A 43 -11.53 0.54 -0.18
N GLY A 44 -10.65 0.58 -1.20
CA GLY A 44 -10.64 1.72 -2.07
C GLY A 44 -9.37 1.79 -2.84
N LEU A 45 -8.85 3.04 -2.95
CA LEU A 45 -7.67 3.46 -3.68
C LEU A 45 -6.56 3.12 -2.74
N ALA A 46 -5.38 2.69 -3.25
CA ALA A 46 -4.38 2.15 -2.39
C ALA A 46 -3.12 2.52 -3.08
N CYS A 47 -1.95 2.15 -2.51
CA CYS A 47 -0.71 2.40 -3.20
C CYS A 47 -0.28 0.98 -3.41
N TRP A 48 0.71 0.67 -4.28
CA TRP A 48 1.13 -0.68 -4.49
C TRP A 48 2.62 -0.61 -4.33
N CYS A 49 3.25 -1.71 -3.87
CA CYS A 49 4.66 -1.79 -3.65
C CYS A 49 5.08 -3.17 -4.06
N ASN A 50 6.33 -3.29 -4.55
CA ASN A 50 6.96 -4.56 -4.84
C ASN A 50 8.13 -4.61 -3.90
N ALA A 51 8.36 -5.81 -3.33
CA ALA A 51 9.42 -6.15 -2.41
C ALA A 51 9.30 -5.34 -1.15
N LEU A 52 8.23 -5.60 -0.38
CA LEU A 52 8.10 -5.04 0.95
C LEU A 52 8.56 -6.13 1.85
N PRO A 53 9.32 -5.89 2.93
CA PRO A 53 9.52 -6.87 3.97
C PRO A 53 8.23 -7.07 4.76
N ASP A 54 8.17 -8.19 5.50
CA ASP A 54 6.99 -8.78 6.09
C ASP A 54 6.22 -7.88 7.01
N ASN A 55 6.89 -7.04 7.82
CA ASN A 55 6.22 -6.26 8.84
C ASN A 55 5.64 -5.00 8.25
N VAL A 56 5.93 -4.73 6.96
CA VAL A 56 5.40 -3.57 6.30
C VAL A 56 4.11 -4.06 5.70
N GLY A 57 2.99 -3.76 6.40
CA GLY A 57 1.74 -4.46 6.18
C GLY A 57 0.99 -3.91 5.02
N ILE A 58 -0.03 -4.68 4.58
CA ILE A 58 -0.66 -4.48 3.32
C ILE A 58 -2.06 -4.90 3.56
N ILE A 59 -2.91 -4.84 2.52
CA ILE A 59 -4.35 -4.92 2.61
C ILE A 59 -4.76 -6.31 3.01
N VAL A 60 -5.14 -6.46 4.29
CA VAL A 60 -5.81 -7.62 4.82
C VAL A 60 -7.27 -7.22 4.66
N GLU A 61 -8.24 -8.12 4.88
CA GLU A 61 -9.62 -7.76 4.84
C GLU A 61 -10.13 -8.84 5.72
N GLY A 62 -11.36 -8.69 6.23
CA GLY A 62 -11.86 -9.43 7.36
C GLY A 62 -12.18 -8.38 8.37
N GLU A 63 -11.36 -7.31 8.36
CA GLU A 63 -11.53 -6.13 9.18
C GLU A 63 -12.09 -5.07 8.28
N LYS A 64 -11.33 -3.97 8.03
CA LYS A 64 -11.79 -2.80 7.34
C LYS A 64 -10.48 -2.06 7.35
N CYS A 65 -10.55 -0.71 7.30
CA CYS A 65 -9.44 0.20 7.30
C CYS A 65 -9.69 1.03 8.51
N HIS A 66 -8.73 1.09 9.45
CA HIS A 66 -8.81 1.99 10.55
C HIS A 66 -7.38 2.27 10.83
N SER A 67 -7.06 3.47 11.34
CA SER A 67 -5.73 3.93 11.50
C SER A 67 -6.09 5.18 12.31
#